data_2D3J
#
_entry.id   2D3J
#
_entity_poly.entity_id   1
_entity_poly.type   'polypeptide(L)'
_entity_poly.pdbx_seq_one_letter_code
;GSHMLDQQEESLYLWIDAHQARVLIGFEEDILIVSEGKMAPFTHDFRKAQQRMPAIPVNIHSMNFTWQAAGQAEYFYEFL
SLRSLDKGIMADPTVNVPLLGTVPHKASVVQVGFPCLGKQDGVAAFEVDVIVMNSEGNTILQTPQNAIFFKTCLQAE
;
_entity_poly.pdbx_strand_id   A
#
# COMPACT_ATOMS: atom_id res chain seq x y z
N GLY A 1 -21.14 12.92 22.63
CA GLY A 1 -21.35 14.32 23.03
C GLY A 1 -21.51 14.34 24.54
N SER A 2 -20.56 14.94 25.26
CA SER A 2 -19.90 14.20 26.32
C SER A 2 -19.13 15.09 27.29
N HIS A 3 -18.61 14.38 28.29
CA HIS A 3 -17.69 14.71 29.37
C HIS A 3 -16.34 15.00 28.67
N MET A 4 -15.31 15.38 29.43
CA MET A 4 -13.96 15.51 28.83
C MET A 4 -13.71 14.28 27.93
N LEU A 5 -12.70 14.34 27.04
CA LEU A 5 -12.44 13.32 26.02
C LEU A 5 -12.57 11.87 26.51
N ASP A 6 -13.57 11.21 25.93
CA ASP A 6 -14.05 9.85 26.16
C ASP A 6 -12.98 8.85 25.71
N GLN A 7 -13.24 7.56 25.93
CA GLN A 7 -12.44 6.44 25.48
C GLN A 7 -13.41 5.53 24.73
N GLN A 8 -13.17 5.42 23.44
CA GLN A 8 -13.81 4.56 22.44
C GLN A 8 -12.68 3.93 21.61
N GLU A 9 -13.06 3.04 20.68
CA GLU A 9 -12.15 2.27 19.84
C GLU A 9 -11.14 3.15 19.10
N GLU A 10 -10.07 2.51 18.65
CA GLU A 10 -8.91 3.14 18.04
C GLU A 10 -9.19 3.64 16.62
N SER A 11 -8.18 4.31 16.06
CA SER A 11 -8.21 4.82 14.69
C SER A 11 -7.60 3.81 13.69
N LEU A 12 -7.67 4.18 12.41
CA LEU A 12 -7.27 3.42 11.22
C LEU A 12 -5.90 2.74 11.36
N TYR A 13 -5.81 1.47 10.97
CA TYR A 13 -4.59 0.67 10.89
C TYR A 13 -4.40 0.20 9.44
N LEU A 14 -3.18 0.24 8.90
CA LEU A 14 -2.84 -0.15 7.53
C LEU A 14 -1.40 -0.68 7.57
N TRP A 15 -1.15 -1.93 7.20
CA TRP A 15 0.19 -2.51 7.14
C TRP A 15 0.35 -3.34 5.86
N ILE A 16 1.58 -3.55 5.40
CA ILE A 16 1.86 -4.44 4.28
C ILE A 16 2.11 -5.78 4.94
N ASP A 17 1.27 -6.78 4.68
CA ASP A 17 1.34 -8.06 5.37
C ASP A 17 2.43 -8.99 4.84
N ALA A 18 3.07 -9.66 5.81
CA ALA A 18 4.24 -10.50 5.66
C ALA A 18 4.07 -11.72 4.75
N HIS A 19 2.84 -12.20 4.56
CA HIS A 19 2.55 -13.36 3.72
C HIS A 19 3.10 -13.11 2.31
N GLN A 20 2.95 -11.86 1.84
CA GLN A 20 3.39 -11.45 0.52
C GLN A 20 4.91 -11.49 0.42
N ALA A 21 5.61 -10.99 1.45
CA ALA A 21 7.04 -11.05 1.55
C ALA A 21 7.55 -12.47 1.49
N ARG A 22 6.84 -13.45 2.06
CA ARG A 22 7.24 -14.84 1.89
C ARG A 22 7.35 -15.12 0.39
N VAL A 23 6.29 -14.87 -0.40
CA VAL A 23 6.32 -15.07 -1.85
C VAL A 23 7.50 -14.31 -2.51
N LEU A 24 7.98 -13.22 -1.91
CA LEU A 24 9.17 -12.51 -2.37
C LEU A 24 10.48 -13.25 -2.16
N ILE A 25 10.72 -13.85 -0.98
CA ILE A 25 12.05 -14.46 -0.67
C ILE A 25 12.04 -15.66 0.29
N GLY A 26 10.88 -16.24 0.51
CA GLY A 26 10.57 -17.32 1.45
C GLY A 26 10.66 -16.93 2.93
N PHE A 27 11.03 -15.69 3.20
CA PHE A 27 11.19 -15.02 4.48
C PHE A 27 9.95 -14.14 4.71
N GLU A 28 9.52 -13.93 5.95
CA GLU A 28 8.28 -13.23 6.26
C GLU A 28 8.60 -11.89 6.93
N GLU A 29 8.14 -10.77 6.36
CA GLU A 29 8.41 -9.41 6.81
C GLU A 29 7.13 -8.55 6.67
N ASP A 30 6.53 -8.08 7.76
CA ASP A 30 5.39 -7.14 7.72
C ASP A 30 5.99 -5.73 7.76
N ILE A 31 5.20 -4.73 7.37
CA ILE A 31 5.62 -3.33 7.48
C ILE A 31 4.39 -2.54 7.91
N LEU A 32 4.40 -1.99 9.12
CA LEU A 32 3.28 -1.20 9.65
C LEU A 32 3.37 0.21 9.03
N ILE A 33 2.35 0.66 8.29
CA ILE A 33 2.31 2.00 7.69
C ILE A 33 1.60 2.97 8.65
N VAL A 34 0.32 2.73 8.88
CA VAL A 34 -0.59 3.56 9.63
C VAL A 34 -1.00 2.74 10.83
N SER A 35 -0.73 3.25 12.03
CA SER A 35 -1.15 2.66 13.28
C SER A 35 -1.99 3.76 13.92
N GLU A 36 -3.26 3.52 14.21
CA GLU A 36 -4.19 4.49 14.80
C GLU A 36 -4.11 5.88 14.13
N GLY A 37 -3.96 5.93 12.79
CA GLY A 37 -3.80 7.17 12.01
C GLY A 37 -2.47 7.92 12.25
N LYS A 38 -1.74 7.51 13.27
CA LYS A 38 -0.50 7.99 13.89
C LYS A 38 0.71 7.52 13.08
N MET A 39 0.58 7.50 11.74
CA MET A 39 1.54 6.95 10.79
C MET A 39 2.99 7.22 11.18
N ALA A 40 3.76 6.13 11.16
CA ALA A 40 5.19 6.13 11.37
C ALA A 40 5.84 6.89 10.21
N PRO A 41 7.12 7.27 10.32
CA PRO A 41 7.90 7.88 9.24
C PRO A 41 8.29 6.84 8.17
N PHE A 42 7.43 5.83 7.94
CA PHE A 42 7.61 4.66 7.09
C PHE A 42 8.01 5.02 5.66
N THR A 43 7.63 6.22 5.21
CA THR A 43 7.79 6.67 3.85
C THR A 43 9.26 6.83 3.48
N HIS A 44 10.10 7.19 4.45
CA HIS A 44 11.54 7.26 4.25
C HIS A 44 12.01 5.88 3.82
N ASP A 45 11.82 4.87 4.67
CA ASP A 45 12.16 3.49 4.39
C ASP A 45 11.51 2.94 3.14
N PHE A 46 10.23 3.26 2.88
CA PHE A 46 9.48 2.81 1.73
C PHE A 46 10.20 3.20 0.43
N ARG A 47 10.55 4.49 0.28
CA ARG A 47 11.16 4.97 -0.96
C ARG A 47 12.67 4.77 -0.98
N LYS A 48 13.32 4.67 0.19
CA LYS A 48 14.74 4.33 0.33
C LYS A 48 14.85 2.87 -0.13
N ALA A 49 16.05 2.36 -0.46
CA ALA A 49 16.11 0.94 -0.74
C ALA A 49 15.92 0.25 0.62
N GLN A 50 14.79 -0.45 0.79
CA GLN A 50 14.50 -1.28 1.96
C GLN A 50 14.84 -2.72 1.62
N GLN A 51 14.90 -3.58 2.64
CA GLN A 51 15.07 -5.00 2.45
C GLN A 51 13.91 -5.60 1.65
N ARG A 52 12.68 -5.03 1.73
CA ARG A 52 11.52 -5.66 1.09
C ARG A 52 10.49 -4.81 0.35
N MET A 53 10.42 -3.49 0.53
CA MET A 53 9.32 -2.72 -0.08
C MET A 53 9.50 -2.26 -1.53
N PRO A 54 10.58 -1.57 -1.91
CA PRO A 54 10.69 -1.01 -3.25
C PRO A 54 10.83 -2.05 -4.35
N ALA A 55 11.98 -2.73 -4.41
CA ALA A 55 12.35 -3.67 -5.47
C ALA A 55 11.51 -4.95 -5.39
N ILE A 56 10.68 -5.17 -6.41
CA ILE A 56 9.78 -6.29 -6.60
C ILE A 56 10.23 -6.99 -7.91
N PRO A 57 10.37 -8.32 -7.96
CA PRO A 57 10.75 -9.03 -9.18
C PRO A 57 9.55 -9.30 -10.08
N VAL A 58 9.80 -9.55 -11.37
CA VAL A 58 8.81 -9.96 -12.38
C VAL A 58 7.91 -11.08 -11.86
N ASN A 59 8.49 -12.05 -11.14
CA ASN A 59 7.83 -13.21 -10.55
C ASN A 59 6.67 -12.82 -9.62
N ILE A 60 6.81 -11.73 -8.87
CA ILE A 60 5.69 -11.25 -8.07
C ILE A 60 4.81 -10.53 -9.10
N HIS A 61 3.64 -11.11 -9.33
CA HIS A 61 2.64 -10.47 -10.16
C HIS A 61 1.97 -9.41 -9.30
N SER A 62 1.67 -9.72 -8.05
CA SER A 62 0.91 -8.85 -7.16
C SER A 62 1.48 -8.86 -5.75
N MET A 63 1.26 -7.75 -5.05
CA MET A 63 1.57 -7.55 -3.65
C MET A 63 0.25 -7.62 -2.88
N ASN A 64 0.32 -7.63 -1.56
CA ASN A 64 -0.81 -7.55 -0.66
C ASN A 64 -0.50 -6.40 0.28
N PHE A 65 -1.54 -5.76 0.77
CA PHE A 65 -1.59 -4.73 1.78
C PHE A 65 -2.78 -5.15 2.63
N THR A 66 -2.84 -4.73 3.88
CA THR A 66 -3.88 -5.15 4.80
C THR A 66 -4.24 -3.93 5.63
N TRP A 67 -5.53 -3.65 5.80
CA TRP A 67 -5.95 -2.52 6.61
C TRP A 67 -7.25 -2.81 7.32
N GLN A 68 -7.56 -1.96 8.30
CA GLN A 68 -8.79 -2.01 9.03
C GLN A 68 -8.99 -0.81 9.94
N ALA A 69 -10.24 -0.63 10.35
CA ALA A 69 -10.66 0.35 11.33
C ALA A 69 -10.69 -0.46 12.64
N ALA A 70 -11.17 0.14 13.70
CA ALA A 70 -11.42 -0.47 14.97
C ALA A 70 -12.93 -0.26 15.12
N GLY A 71 -13.52 -1.26 15.72
CA GLY A 71 -14.92 -1.62 16.01
C GLY A 71 -16.08 -0.87 15.34
N GLN A 72 -16.30 0.44 15.54
CA GLN A 72 -17.39 1.22 14.91
C GLN A 72 -16.91 2.34 13.96
N ALA A 73 -15.60 2.58 13.90
CA ALA A 73 -14.90 3.65 13.20
C ALA A 73 -14.61 3.50 11.68
N GLU A 74 -15.49 2.94 10.83
CA GLU A 74 -15.19 2.75 9.41
C GLU A 74 -14.76 4.09 8.79
N TYR A 75 -13.50 4.16 8.36
CA TYR A 75 -12.92 5.29 7.67
C TYR A 75 -13.29 5.15 6.20
N PHE A 76 -13.32 6.23 5.43
CA PHE A 76 -13.58 6.17 4.00
C PHE A 76 -12.22 6.41 3.36
N TYR A 77 -11.89 5.80 2.22
CA TYR A 77 -10.63 6.03 1.52
C TYR A 77 -10.89 6.36 0.05
N GLU A 78 -9.89 6.93 -0.62
CA GLU A 78 -9.93 7.18 -2.05
C GLU A 78 -8.49 7.25 -2.55
N PHE A 79 -8.22 6.57 -3.67
CA PHE A 79 -6.89 6.46 -4.25
C PHE A 79 -6.61 7.68 -5.14
N LEU A 80 -5.79 8.61 -4.64
CA LEU A 80 -5.33 9.80 -5.36
C LEU A 80 -4.37 9.38 -6.48
N SER A 81 -3.42 8.52 -6.15
CA SER A 81 -2.41 7.99 -7.06
C SER A 81 -2.34 6.48 -6.94
N LEU A 82 -2.22 5.83 -8.09
CA LEU A 82 -1.98 4.40 -8.26
C LEU A 82 -1.70 4.28 -9.76
N ARG A 83 -0.44 4.35 -10.22
CA ARG A 83 -0.09 4.36 -11.67
C ARG A 83 1.39 4.07 -11.88
N SER A 84 1.78 3.56 -13.05
CA SER A 84 3.20 3.38 -13.38
C SER A 84 3.82 4.72 -13.76
N LEU A 85 5.15 4.73 -13.79
CA LEU A 85 5.99 5.87 -14.15
C LEU A 85 6.99 5.52 -15.25
N ASP A 86 7.10 4.25 -15.69
CA ASP A 86 8.12 3.91 -16.69
C ASP A 86 7.59 4.08 -18.12
N LYS A 87 8.46 3.89 -19.11
CA LYS A 87 8.30 4.10 -20.53
C LYS A 87 8.56 2.82 -21.33
N GLY A 88 9.68 2.15 -21.02
CA GLY A 88 10.11 0.91 -21.64
C GLY A 88 9.64 -0.29 -20.81
N ILE A 89 10.00 -0.31 -19.52
CA ILE A 89 9.67 -1.37 -18.55
C ILE A 89 8.20 -1.17 -18.06
N MET A 90 7.45 -0.36 -18.79
CA MET A 90 6.07 0.05 -18.62
C MET A 90 5.20 -1.15 -18.25
N ALA A 91 4.26 -0.87 -17.36
CA ALA A 91 3.33 -1.75 -16.69
C ALA A 91 2.21 -0.85 -16.21
N ASP A 92 1.15 -1.40 -15.62
CA ASP A 92 0.10 -0.59 -15.00
C ASP A 92 -0.30 -1.28 -13.71
N PRO A 93 -0.06 -0.67 -12.54
CA PRO A 93 -0.46 -1.26 -11.28
C PRO A 93 -2.00 -1.18 -11.15
N THR A 94 -2.57 -2.18 -10.49
CA THR A 94 -4.00 -2.35 -10.30
C THR A 94 -4.26 -2.67 -8.83
N VAL A 95 -5.50 -2.52 -8.36
CA VAL A 95 -5.89 -2.82 -6.98
C VAL A 95 -7.07 -3.78 -6.96
N ASN A 96 -7.19 -4.54 -5.86
CA ASN A 96 -8.21 -5.58 -5.65
C ASN A 96 -9.53 -5.01 -5.11
N VAL A 97 -9.67 -3.69 -5.13
CA VAL A 97 -10.78 -2.93 -4.57
C VAL A 97 -11.09 -1.77 -5.51
N PRO A 98 -12.25 -1.10 -5.36
CA PRO A 98 -12.52 0.09 -6.14
C PRO A 98 -11.54 1.21 -5.75
N LEU A 99 -11.45 2.23 -6.60
CA LEU A 99 -10.62 3.41 -6.40
C LEU A 99 -11.07 4.24 -5.18
N LEU A 100 -12.24 3.96 -4.59
CA LEU A 100 -12.72 4.57 -3.36
C LEU A 100 -13.45 3.49 -2.56
N GLY A 101 -13.70 3.69 -1.28
CA GLY A 101 -14.36 2.68 -0.46
C GLY A 101 -14.23 3.01 1.01
N THR A 102 -14.45 2.03 1.89
CA THR A 102 -14.25 2.21 3.32
C THR A 102 -13.19 1.23 3.83
N VAL A 103 -12.53 1.60 4.91
CA VAL A 103 -11.57 0.77 5.63
C VAL A 103 -12.41 0.13 6.76
N PRO A 104 -12.62 -1.19 6.75
CA PRO A 104 -13.51 -1.86 7.69
C PRO A 104 -12.83 -2.35 8.95
N HIS A 105 -13.57 -2.57 10.03
CA HIS A 105 -12.95 -2.96 11.32
C HIS A 105 -12.30 -4.34 11.19
N LYS A 106 -12.73 -5.07 10.17
CA LYS A 106 -12.39 -6.41 9.79
C LYS A 106 -11.05 -6.31 9.05
N ALA A 107 -9.96 -6.86 9.60
CA ALA A 107 -8.66 -6.93 8.92
C ALA A 107 -8.89 -7.53 7.53
N SER A 108 -8.76 -6.69 6.48
CA SER A 108 -9.06 -7.07 5.11
C SER A 108 -7.84 -6.81 4.26
N VAL A 109 -7.55 -7.75 3.37
CA VAL A 109 -6.40 -7.74 2.48
C VAL A 109 -6.83 -7.04 1.19
N VAL A 110 -5.92 -6.26 0.63
CA VAL A 110 -6.03 -5.54 -0.62
C VAL A 110 -4.83 -5.97 -1.45
N GLN A 111 -5.07 -6.84 -2.42
CA GLN A 111 -4.05 -7.22 -3.38
C GLN A 111 -3.79 -5.98 -4.25
N VAL A 112 -2.57 -5.84 -4.77
CA VAL A 112 -2.18 -4.81 -5.72
C VAL A 112 -1.49 -5.59 -6.84
N GLY A 113 -2.04 -5.62 -8.06
CA GLY A 113 -1.54 -6.42 -9.16
C GLY A 113 -0.67 -5.58 -10.07
N PHE A 114 0.35 -6.16 -10.68
CA PHE A 114 1.32 -5.44 -11.50
C PHE A 114 1.53 -6.14 -12.85
N PRO A 115 0.56 -6.04 -13.78
CA PRO A 115 0.73 -6.54 -15.14
C PRO A 115 1.76 -5.64 -15.82
N CYS A 116 2.87 -6.22 -16.26
CA CYS A 116 3.92 -5.51 -16.96
C CYS A 116 3.74 -5.75 -18.45
N LEU A 117 4.06 -4.77 -19.30
CA LEU A 117 3.82 -4.86 -20.73
C LEU A 117 4.89 -5.74 -21.43
N GLY A 118 5.93 -6.16 -20.70
CA GLY A 118 6.97 -7.09 -21.13
C GLY A 118 7.72 -6.62 -22.38
N LYS A 119 8.18 -5.36 -22.40
CA LYS A 119 8.80 -4.80 -23.60
C LYS A 119 10.29 -4.55 -23.40
N GLN A 120 10.68 -3.60 -22.56
CA GLN A 120 12.08 -3.40 -22.22
C GLN A 120 12.33 -4.15 -20.91
N ASP A 121 13.58 -4.57 -20.72
CA ASP A 121 14.05 -5.27 -19.53
C ASP A 121 14.59 -4.20 -18.59
N GLY A 122 14.47 -4.39 -17.28
CA GLY A 122 14.95 -3.43 -16.30
C GLY A 122 13.98 -3.33 -15.14
N VAL A 123 13.94 -2.16 -14.51
CA VAL A 123 13.10 -1.90 -13.35
C VAL A 123 12.27 -0.65 -13.61
N ALA A 124 10.96 -0.81 -13.70
CA ALA A 124 10.02 0.30 -13.82
C ALA A 124 9.71 0.76 -12.40
N ALA A 125 9.07 1.91 -12.28
CA ALA A 125 8.58 2.44 -11.00
C ALA A 125 7.07 2.67 -11.11
N PHE A 126 6.38 2.74 -9.98
CA PHE A 126 4.96 3.10 -9.93
C PHE A 126 4.68 3.86 -8.63
N GLU A 127 3.75 4.81 -8.68
CA GLU A 127 3.36 5.71 -7.60
C GLU A 127 2.05 5.22 -6.96
N VAL A 128 1.89 5.49 -5.67
CA VAL A 128 0.69 5.27 -4.88
C VAL A 128 0.57 6.41 -3.87
N ASP A 129 -0.64 6.92 -3.66
CA ASP A 129 -0.95 7.92 -2.64
C ASP A 129 -2.46 7.85 -2.43
N VAL A 130 -2.95 7.74 -1.20
CA VAL A 130 -4.36 7.54 -0.91
C VAL A 130 -4.74 8.50 0.20
N ILE A 131 -5.90 9.10 0.07
CA ILE A 131 -6.47 9.96 1.09
C ILE A 131 -7.59 9.19 1.78
N VAL A 132 -8.01 9.71 2.92
CA VAL A 132 -8.96 9.10 3.81
C VAL A 132 -9.79 10.22 4.39
N MET A 133 -11.09 9.96 4.45
CA MET A 133 -12.09 10.90 4.92
C MET A 133 -13.09 10.17 5.81
N ASN A 134 -13.91 10.90 6.53
CA ASN A 134 -15.00 10.28 7.29
C ASN A 134 -16.13 10.11 6.25
N SER A 135 -17.19 9.36 6.53
CA SER A 135 -18.23 9.07 5.53
C SER A 135 -18.91 10.34 4.92
N GLU A 136 -18.86 11.50 5.59
CA GLU A 136 -19.38 12.76 5.04
C GLU A 136 -18.47 13.38 3.96
N GLY A 137 -17.24 12.86 3.77
CA GLY A 137 -16.25 13.40 2.85
C GLY A 137 -15.19 14.30 3.50
N ASN A 138 -15.28 14.59 4.81
CA ASN A 138 -14.27 15.41 5.49
C ASN A 138 -12.96 14.62 5.54
N THR A 139 -11.89 15.12 4.93
CA THR A 139 -10.58 14.49 4.91
C THR A 139 -10.01 14.51 6.34
N ILE A 140 -9.33 13.44 6.74
CA ILE A 140 -8.83 13.23 8.09
C ILE A 140 -7.43 12.60 8.15
N LEU A 141 -7.16 11.65 7.26
CA LEU A 141 -5.87 10.96 7.13
C LEU A 141 -5.46 11.05 5.66
N GLN A 142 -4.18 11.21 5.37
CA GLN A 142 -3.67 11.33 4.01
C GLN A 142 -2.30 10.69 3.99
N THR A 143 -2.10 9.81 3.02
CA THR A 143 -0.80 9.18 2.75
C THR A 143 0.16 10.32 2.38
N PRO A 144 1.43 10.30 2.83
CA PRO A 144 2.37 11.29 2.38
C PRO A 144 2.93 10.89 1.02
N GLN A 145 3.19 11.90 0.22
CA GLN A 145 3.59 11.68 -1.15
C GLN A 145 5.08 11.37 -1.12
N ASN A 146 5.43 10.13 -1.46
CA ASN A 146 6.72 9.46 -1.68
C ASN A 146 6.57 7.95 -1.89
N ALA A 147 5.41 7.36 -1.54
CA ALA A 147 5.17 5.93 -1.67
C ALA A 147 5.27 5.50 -3.14
N ILE A 148 6.44 4.98 -3.51
CA ILE A 148 6.83 4.56 -4.85
C ILE A 148 7.41 3.17 -4.69
N PHE A 149 7.07 2.26 -5.60
CA PHE A 149 7.64 0.92 -5.66
C PHE A 149 8.37 0.79 -6.99
N PHE A 150 9.11 -0.30 -7.15
CA PHE A 150 9.99 -0.54 -8.29
C PHE A 150 9.81 -1.99 -8.72
N LYS A 151 9.26 -2.25 -9.90
CA LYS A 151 8.95 -3.61 -10.35
C LYS A 151 9.88 -3.94 -11.50
N THR A 152 10.64 -5.00 -11.33
CA THR A 152 11.64 -5.49 -12.25
C THR A 152 10.92 -6.34 -13.27
N CYS A 153 10.95 -5.97 -14.55
CA CYS A 153 10.40 -6.76 -15.64
C CYS A 153 11.50 -7.14 -16.62
N LEU A 154 11.18 -8.09 -17.49
CA LEU A 154 11.98 -8.55 -18.60
C LEU A 154 11.07 -8.55 -19.82
N GLN A 155 11.63 -8.58 -21.02
CA GLN A 155 10.85 -8.70 -22.25
C GLN A 155 10.14 -10.05 -22.28
N ALA A 156 8.87 -10.03 -22.70
CA ALA A 156 8.05 -11.20 -22.94
C ALA A 156 6.82 -10.74 -23.74
N GLU A 157 6.73 -11.20 -24.98
CA GLU A 157 5.68 -11.06 -25.95
C GLU A 157 5.88 -12.24 -26.90
N GLY A 1 -15.62 0.85 31.89
CA GLY A 1 -16.55 1.98 31.73
C GLY A 1 -17.75 1.73 32.61
N SER A 2 -18.83 1.19 32.04
CA SER A 2 -19.66 0.22 32.75
C SER A 2 -18.80 -1.01 33.10
N HIS A 3 -19.33 -2.01 33.83
CA HIS A 3 -18.58 -3.23 34.04
C HIS A 3 -18.40 -3.83 32.64
N MET A 4 -17.16 -3.85 32.19
CA MET A 4 -16.64 -4.21 30.88
C MET A 4 -15.15 -4.48 31.10
N LEU A 5 -14.47 -4.90 30.04
CA LEU A 5 -13.03 -5.06 30.04
C LEU A 5 -12.65 -3.83 29.21
N ASP A 6 -11.97 -2.86 29.82
CA ASP A 6 -11.67 -1.59 29.18
C ASP A 6 -10.41 -1.75 28.33
N GLN A 7 -10.27 -0.92 27.30
CA GLN A 7 -9.24 -0.88 26.31
C GLN A 7 -9.19 0.60 25.94
N GLN A 8 -8.01 1.01 25.52
CA GLN A 8 -7.72 2.32 24.97
C GLN A 8 -8.29 2.44 23.55
N GLU A 9 -8.15 3.63 23.02
CA GLU A 9 -8.65 4.15 21.76
C GLU A 9 -8.20 3.29 20.57
N GLU A 10 -8.96 3.39 19.46
CA GLU A 10 -8.65 2.79 18.18
C GLU A 10 -9.01 3.80 17.09
N SER A 11 -8.58 3.52 15.86
CA SER A 11 -8.76 4.25 14.61
C SER A 11 -8.12 3.44 13.47
N LEU A 12 -8.22 3.89 12.22
CA LEU A 12 -7.75 3.22 11.01
C LEU A 12 -6.36 2.61 11.19
N TYR A 13 -6.24 1.30 10.95
CA TYR A 13 -4.99 0.54 10.94
C TYR A 13 -4.72 0.10 9.50
N LEU A 14 -3.48 0.23 9.01
CA LEU A 14 -3.06 -0.15 7.66
C LEU A 14 -1.62 -0.64 7.78
N TRP A 15 -1.33 -1.88 7.40
CA TRP A 15 0.01 -2.43 7.39
C TRP A 15 0.24 -3.20 6.08
N ILE A 16 1.49 -3.56 5.81
CA ILE A 16 1.86 -4.41 4.68
C ILE A 16 2.11 -5.75 5.32
N ASP A 17 1.29 -6.75 5.02
CA ASP A 17 1.46 -8.08 5.62
C ASP A 17 2.57 -8.84 4.90
N ALA A 18 3.23 -9.71 5.68
CA ALA A 18 4.40 -10.48 5.29
C ALA A 18 4.19 -11.49 4.18
N HIS A 19 2.95 -11.80 3.78
CA HIS A 19 2.69 -12.85 2.82
C HIS A 19 3.48 -12.70 1.52
N GLN A 20 3.56 -11.51 0.95
CA GLN A 20 4.32 -11.38 -0.29
C GLN A 20 5.82 -11.53 -0.04
N ALA A 21 6.32 -10.96 1.06
CA ALA A 21 7.71 -11.10 1.45
C ALA A 21 8.09 -12.56 1.68
N ARG A 22 7.19 -13.37 2.22
CA ARG A 22 7.41 -14.79 2.36
C ARG A 22 7.73 -15.33 0.97
N VAL A 23 6.86 -15.12 -0.01
CA VAL A 23 7.06 -15.53 -1.40
C VAL A 23 8.38 -14.98 -1.97
N LEU A 24 8.91 -13.87 -1.42
CA LEU A 24 10.21 -13.34 -1.79
C LEU A 24 11.40 -14.06 -1.19
N ILE A 25 11.37 -14.46 0.09
CA ILE A 25 12.55 -15.03 0.78
C ILE A 25 12.30 -16.11 1.84
N GLY A 26 11.09 -16.66 1.86
CA GLY A 26 10.57 -17.63 2.83
C GLY A 26 10.51 -17.11 4.27
N PHE A 27 10.72 -15.82 4.46
CA PHE A 27 10.83 -15.11 5.74
C PHE A 27 9.53 -14.39 6.05
N GLU A 28 9.43 -13.81 7.24
CA GLU A 28 8.24 -13.13 7.72
C GLU A 28 8.60 -11.71 8.15
N GLU A 29 7.94 -10.70 7.58
CA GLU A 29 8.14 -9.29 7.88
C GLU A 29 6.90 -8.45 7.52
N ASP A 30 6.21 -7.86 8.50
CA ASP A 30 5.11 -6.93 8.24
C ASP A 30 5.70 -5.51 8.29
N ILE A 31 4.94 -4.50 7.84
CA ILE A 31 5.33 -3.09 7.99
C ILE A 31 4.05 -2.38 8.41
N LEU A 32 4.02 -1.85 9.63
CA LEU A 32 2.88 -1.10 10.13
C LEU A 32 3.01 0.32 9.56
N ILE A 33 2.09 0.74 8.67
CA ILE A 33 2.12 2.06 8.05
C ILE A 33 1.34 3.05 8.91
N VAL A 34 0.10 2.70 9.21
CA VAL A 34 -0.87 3.54 9.90
C VAL A 34 -1.36 2.72 11.08
N SER A 35 -1.06 3.13 12.31
CA SER A 35 -1.60 2.51 13.51
C SER A 35 -2.54 3.56 14.05
N GLU A 36 -3.85 3.32 14.09
CA GLU A 36 -4.85 4.28 14.57
C GLU A 36 -4.66 5.72 14.03
N GLY A 37 -4.19 5.85 12.78
CA GLY A 37 -3.96 7.13 12.10
C GLY A 37 -2.59 7.78 12.41
N LYS A 38 -1.83 7.21 13.34
CA LYS A 38 -0.55 7.64 13.92
C LYS A 38 0.64 7.46 12.94
N MET A 39 0.45 7.70 11.65
CA MET A 39 1.42 7.46 10.58
C MET A 39 2.88 7.75 10.94
N ALA A 40 3.67 6.68 10.90
CA ALA A 40 5.11 6.71 11.06
C ALA A 40 5.72 7.30 9.78
N PRO A 41 6.99 7.72 9.79
CA PRO A 41 7.72 8.19 8.61
C PRO A 41 8.12 7.04 7.67
N PHE A 42 7.26 6.02 7.54
CA PHE A 42 7.48 4.76 6.81
C PHE A 42 7.91 4.97 5.37
N THR A 43 7.53 6.08 4.77
CA THR A 43 7.70 6.41 3.37
C THR A 43 9.18 6.41 2.96
N HIS A 44 10.07 6.81 3.87
CA HIS A 44 11.50 6.81 3.59
C HIS A 44 11.95 5.39 3.26
N ASP A 45 11.65 4.44 4.16
CA ASP A 45 12.10 3.07 3.99
C ASP A 45 11.27 2.32 2.94
N PHE A 46 9.99 2.68 2.78
CA PHE A 46 9.14 2.15 1.73
C PHE A 46 9.81 2.39 0.38
N ARG A 47 10.30 3.62 0.14
CA ARG A 47 11.05 3.92 -1.08
C ARG A 47 12.46 3.29 -1.05
N LYS A 48 13.16 3.25 0.09
CA LYS A 48 14.54 2.75 0.21
C LYS A 48 14.61 1.67 1.29
N ALA A 49 14.86 0.41 0.96
CA ALA A 49 14.91 -0.68 1.93
C ALA A 49 15.40 -1.93 1.22
N GLN A 50 15.56 -3.02 1.97
CA GLN A 50 15.89 -4.35 1.47
C GLN A 50 14.98 -4.58 0.25
N GLN A 51 15.51 -5.20 -0.81
CA GLN A 51 14.85 -5.40 -2.11
C GLN A 51 13.38 -5.83 -2.00
N ARG A 52 13.05 -6.62 -0.98
CA ARG A 52 11.73 -7.07 -0.56
C ARG A 52 10.63 -5.98 -0.49
N MET A 53 10.95 -4.69 -0.58
CA MET A 53 10.02 -3.56 -0.66
C MET A 53 10.12 -2.74 -1.96
N PRO A 54 11.22 -2.02 -2.25
CA PRO A 54 11.26 -1.14 -3.41
C PRO A 54 11.23 -1.89 -4.73
N ALA A 55 12.32 -2.59 -5.07
CA ALA A 55 12.45 -3.26 -6.36
C ALA A 55 11.76 -4.61 -6.29
N ILE A 56 10.68 -4.76 -7.05
CA ILE A 56 9.81 -5.92 -7.08
C ILE A 56 10.16 -6.65 -8.37
N PRO A 57 10.62 -7.91 -8.33
CA PRO A 57 11.02 -8.61 -9.53
C PRO A 57 9.77 -9.02 -10.31
N VAL A 58 9.91 -9.19 -11.63
CA VAL A 58 8.88 -9.64 -12.57
C VAL A 58 8.02 -10.79 -12.02
N ASN A 59 8.67 -11.77 -11.38
CA ASN A 59 8.07 -12.96 -10.79
C ASN A 59 7.02 -12.63 -9.73
N ILE A 60 7.29 -11.63 -8.88
CA ILE A 60 6.28 -11.19 -7.92
C ILE A 60 5.36 -10.35 -8.82
N HIS A 61 4.14 -10.85 -9.00
CA HIS A 61 3.20 -10.17 -9.87
C HIS A 61 2.49 -9.08 -9.09
N SER A 62 2.35 -9.26 -7.77
CA SER A 62 1.58 -8.42 -6.89
C SER A 62 2.19 -8.39 -5.49
N MET A 63 1.72 -7.50 -4.62
CA MET A 63 2.06 -7.40 -3.21
C MET A 63 0.75 -7.43 -2.42
N ASN A 64 0.81 -7.72 -1.13
CA ASN A 64 -0.33 -7.64 -0.25
C ASN A 64 -0.13 -6.46 0.67
N PHE A 65 -1.24 -5.82 1.03
CA PHE A 65 -1.39 -4.75 1.99
C PHE A 65 -2.64 -5.17 2.75
N THR A 66 -2.78 -4.75 4.00
CA THR A 66 -3.88 -5.14 4.86
C THR A 66 -4.30 -3.94 5.66
N TRP A 67 -5.60 -3.66 5.74
CA TRP A 67 -6.07 -2.53 6.51
C TRP A 67 -7.41 -2.82 7.15
N GLN A 68 -7.81 -2.00 8.12
CA GLN A 68 -9.10 -2.10 8.77
C GLN A 68 -9.45 -0.88 9.62
N ALA A 69 -10.74 -0.51 9.66
CA ALA A 69 -11.22 0.54 10.54
C ALA A 69 -11.36 -0.06 11.95
N ALA A 70 -11.80 0.76 12.90
CA ALA A 70 -11.90 0.44 14.30
C ALA A 70 -13.36 0.23 14.73
N GLY A 71 -13.85 -0.99 14.55
CA GLY A 71 -15.14 -1.53 14.98
C GLY A 71 -16.43 -0.85 14.51
N GLN A 72 -16.66 0.44 14.80
CA GLN A 72 -17.79 1.25 14.32
C GLN A 72 -17.33 2.45 13.45
N ALA A 73 -16.03 2.73 13.48
CA ALA A 73 -15.29 3.85 12.91
C ALA A 73 -15.05 3.87 11.39
N GLU A 74 -15.97 3.45 10.51
CA GLU A 74 -15.70 3.36 9.06
C GLU A 74 -14.98 4.62 8.54
N TYR A 75 -13.74 4.43 8.11
CA TYR A 75 -12.91 5.43 7.47
C TYR A 75 -13.05 5.23 5.96
N PHE A 76 -13.53 6.25 5.25
CA PHE A 76 -13.69 6.20 3.81
C PHE A 76 -12.30 6.45 3.23
N TYR A 77 -11.96 5.91 2.07
CA TYR A 77 -10.69 6.16 1.41
C TYR A 77 -10.89 6.43 -0.09
N GLU A 78 -9.89 7.05 -0.71
CA GLU A 78 -9.85 7.27 -2.14
C GLU A 78 -8.36 7.33 -2.55
N PHE A 79 -8.02 6.67 -3.66
CA PHE A 79 -6.66 6.59 -4.18
C PHE A 79 -6.30 7.86 -4.93
N LEU A 80 -5.49 8.74 -4.31
CA LEU A 80 -4.94 9.95 -4.91
C LEU A 80 -4.02 9.54 -6.07
N SER A 81 -3.15 8.56 -5.83
CA SER A 81 -2.23 8.03 -6.81
C SER A 81 -2.30 6.51 -6.86
N LEU A 82 -2.25 5.99 -8.07
CA LEU A 82 -2.17 4.57 -8.41
C LEU A 82 -1.88 4.59 -9.92
N ARG A 83 -0.61 4.56 -10.33
CA ARG A 83 -0.23 4.71 -11.75
C ARG A 83 1.23 4.32 -11.98
N SER A 84 1.58 3.89 -13.20
CA SER A 84 2.96 3.62 -13.57
C SER A 84 3.67 4.97 -13.74
N LEU A 85 5.00 4.94 -13.75
CA LEU A 85 5.82 6.13 -14.00
C LEU A 85 6.82 5.91 -15.13
N ASP A 86 7.20 4.68 -15.51
CA ASP A 86 8.08 4.49 -16.68
C ASP A 86 7.28 4.48 -18.00
N LYS A 87 7.97 4.51 -19.13
CA LYS A 87 7.50 4.40 -20.49
C LYS A 87 7.89 3.08 -21.15
N GLY A 88 9.15 2.69 -21.02
CA GLY A 88 9.65 1.42 -21.53
C GLY A 88 9.10 0.27 -20.69
N ILE A 89 9.60 0.13 -19.48
CA ILE A 89 9.32 -0.93 -18.49
C ILE A 89 7.95 -0.69 -17.82
N MET A 90 7.10 0.10 -18.46
CA MET A 90 5.77 0.52 -18.05
C MET A 90 5.03 -0.69 -17.48
N ALA A 91 4.46 -0.46 -16.30
CA ALA A 91 3.80 -1.44 -15.46
C ALA A 91 2.87 -0.68 -14.56
N ASP A 92 1.58 -0.90 -14.72
CA ASP A 92 0.58 -0.12 -13.98
C ASP A 92 0.12 -0.90 -12.77
N PRO A 93 0.04 -0.27 -11.59
CA PRO A 93 -0.52 -0.92 -10.43
C PRO A 93 -2.03 -1.09 -10.63
N THR A 94 -2.58 -2.08 -9.96
CA THR A 94 -4.00 -2.40 -9.87
C THR A 94 -4.27 -2.80 -8.41
N VAL A 95 -5.52 -2.69 -7.93
CA VAL A 95 -5.87 -3.09 -6.57
C VAL A 95 -7.04 -4.06 -6.52
N ASN A 96 -7.09 -4.85 -5.45
CA ASN A 96 -8.15 -5.80 -5.08
C ASN A 96 -9.43 -5.12 -4.59
N VAL A 97 -9.49 -3.79 -4.69
CA VAL A 97 -10.60 -2.95 -4.25
C VAL A 97 -10.79 -1.84 -5.29
N PRO A 98 -11.92 -1.10 -5.29
CA PRO A 98 -12.07 0.05 -6.17
C PRO A 98 -11.11 1.18 -5.78
N LEU A 99 -11.00 2.18 -6.67
CA LEU A 99 -10.21 3.40 -6.45
C LEU A 99 -10.74 4.26 -5.29
N LEU A 100 -11.93 3.97 -4.76
CA LEU A 100 -12.50 4.61 -3.58
C LEU A 100 -13.31 3.54 -2.84
N GLY A 101 -13.66 3.78 -1.58
CA GLY A 101 -14.44 2.83 -0.80
C GLY A 101 -14.30 3.13 0.68
N THR A 102 -14.62 2.17 1.55
CA THR A 102 -14.39 2.31 2.97
C THR A 102 -13.42 1.23 3.42
N VAL A 103 -12.66 1.52 4.47
CA VAL A 103 -11.75 0.55 5.08
C VAL A 103 -12.59 -0.20 6.13
N PRO A 104 -12.87 -1.51 5.99
CA PRO A 104 -13.78 -2.24 6.88
C PRO A 104 -13.16 -2.51 8.25
N HIS A 105 -13.98 -2.76 9.25
CA HIS A 105 -13.55 -2.89 10.63
C HIS A 105 -12.66 -4.07 10.95
N LYS A 106 -12.65 -5.11 10.10
CA LYS A 106 -11.73 -6.23 10.26
C LYS A 106 -10.77 -6.36 9.08
N ALA A 107 -9.54 -6.76 9.40
CA ALA A 107 -8.39 -6.86 8.53
C ALA A 107 -8.78 -7.48 7.18
N SER A 108 -8.80 -6.65 6.14
CA SER A 108 -9.06 -7.07 4.77
C SER A 108 -7.80 -6.79 3.97
N VAL A 109 -7.50 -7.69 3.03
CA VAL A 109 -6.27 -7.68 2.25
C VAL A 109 -6.49 -7.01 0.89
N VAL A 110 -5.76 -5.93 0.65
CA VAL A 110 -5.69 -5.22 -0.61
C VAL A 110 -4.47 -5.80 -1.31
N GLN A 111 -4.70 -6.67 -2.29
CA GLN A 111 -3.63 -7.18 -3.13
C GLN A 111 -3.42 -6.07 -4.16
N VAL A 112 -2.21 -5.51 -4.24
CA VAL A 112 -1.84 -4.55 -5.26
C VAL A 112 -1.19 -5.40 -6.35
N GLY A 113 -1.78 -5.51 -7.53
CA GLY A 113 -1.25 -6.24 -8.66
C GLY A 113 -0.45 -5.30 -9.54
N PHE A 114 0.56 -5.80 -10.26
CA PHE A 114 1.43 -4.95 -11.05
C PHE A 114 1.62 -5.54 -12.46
N PRO A 115 0.60 -5.46 -13.35
CA PRO A 115 0.74 -5.88 -14.73
C PRO A 115 1.78 -4.99 -15.43
N CYS A 116 2.89 -5.61 -15.86
CA CYS A 116 3.92 -4.97 -16.65
C CYS A 116 3.59 -5.20 -18.12
N LEU A 117 3.99 -4.29 -19.00
CA LEU A 117 3.70 -4.42 -20.43
C LEU A 117 4.55 -5.53 -21.08
N GLY A 118 5.56 -6.05 -20.36
CA GLY A 118 6.40 -7.20 -20.71
C GLY A 118 7.10 -7.14 -22.05
N LYS A 119 7.44 -5.95 -22.56
CA LYS A 119 8.20 -5.86 -23.82
C LYS A 119 9.54 -5.17 -23.69
N GLN A 120 9.70 -4.19 -22.80
CA GLN A 120 11.00 -3.60 -22.53
C GLN A 120 11.57 -4.32 -21.30
N ASP A 121 12.88 -4.48 -21.27
CA ASP A 121 13.62 -5.02 -20.13
C ASP A 121 14.12 -3.85 -19.29
N GLY A 122 14.24 -4.01 -17.98
CA GLY A 122 14.78 -2.98 -17.09
C GLY A 122 14.00 -2.89 -15.79
N VAL A 123 14.02 -1.72 -15.16
CA VAL A 123 13.31 -1.46 -13.90
C VAL A 123 12.51 -0.17 -14.04
N ALA A 124 11.19 -0.26 -13.90
CA ALA A 124 10.28 0.88 -13.87
C ALA A 124 10.02 1.30 -12.42
N ALA A 125 9.28 2.40 -12.27
CA ALA A 125 8.79 2.93 -11.01
C ALA A 125 7.28 3.09 -11.17
N PHE A 126 6.51 3.09 -10.07
CA PHE A 126 5.08 3.36 -10.05
C PHE A 126 4.71 3.97 -8.69
N GLU A 127 3.62 4.73 -8.63
CA GLU A 127 3.17 5.49 -7.48
C GLU A 127 1.86 4.95 -6.93
N VAL A 128 1.71 4.97 -5.60
CA VAL A 128 0.47 4.62 -4.90
C VAL A 128 0.38 5.54 -3.68
N ASP A 129 -0.67 6.36 -3.56
CA ASP A 129 -0.93 7.26 -2.44
C ASP A 129 -2.45 7.35 -2.24
N VAL A 130 -2.95 7.43 -0.99
CA VAL A 130 -4.36 7.38 -0.69
C VAL A 130 -4.71 8.39 0.39
N ILE A 131 -5.84 9.03 0.24
CA ILE A 131 -6.40 9.93 1.24
C ILE A 131 -7.59 9.22 1.86
N VAL A 132 -8.02 9.72 2.99
CA VAL A 132 -9.04 9.13 3.81
C VAL A 132 -9.88 10.25 4.39
N MET A 133 -11.18 10.01 4.38
CA MET A 133 -12.21 10.92 4.83
C MET A 133 -13.20 10.14 5.66
N ASN A 134 -14.14 10.84 6.27
CA ASN A 134 -15.24 10.18 6.97
C ASN A 134 -16.32 9.98 5.88
N SER A 135 -17.43 9.32 6.19
CA SER A 135 -18.47 9.01 5.20
C SER A 135 -19.17 10.30 4.68
N GLU A 136 -18.91 11.49 5.25
CA GLU A 136 -19.43 12.76 4.74
C GLU A 136 -18.53 13.30 3.62
N GLY A 137 -17.30 12.77 3.49
CA GLY A 137 -16.28 13.26 2.56
C GLY A 137 -15.32 14.25 3.22
N ASN A 138 -15.41 14.51 4.53
CA ASN A 138 -14.45 15.37 5.22
C ASN A 138 -13.16 14.58 5.45
N THR A 139 -12.07 15.02 4.85
CA THR A 139 -10.74 14.43 4.90
C THR A 139 -10.23 14.48 6.34
N ILE A 140 -9.53 13.42 6.77
CA ILE A 140 -9.05 13.23 8.14
C ILE A 140 -7.65 12.64 8.23
N LEU A 141 -7.33 11.69 7.36
CA LEU A 141 -6.06 10.96 7.32
C LEU A 141 -5.58 11.01 5.86
N GLN A 142 -4.28 11.16 5.62
CA GLN A 142 -3.73 11.30 4.28
C GLN A 142 -2.35 10.69 4.25
N THR A 143 -2.17 9.75 3.34
CA THR A 143 -0.88 9.12 3.07
C THR A 143 0.05 10.22 2.54
N PRO A 144 1.33 10.27 2.92
CA PRO A 144 2.22 11.27 2.38
C PRO A 144 2.70 10.85 0.99
N GLN A 145 2.79 11.84 0.13
CA GLN A 145 3.10 11.59 -1.24
C GLN A 145 4.60 11.41 -1.30
N ASN A 146 5.03 10.19 -1.60
CA ASN A 146 6.36 9.65 -1.88
C ASN A 146 6.33 8.12 -1.99
N ALA A 147 5.26 7.48 -1.53
CA ALA A 147 5.03 6.05 -1.59
C ALA A 147 5.10 5.56 -3.05
N ILE A 148 6.28 5.04 -3.40
CA ILE A 148 6.65 4.61 -4.74
C ILE A 148 7.33 3.27 -4.57
N PHE A 149 7.14 2.42 -5.57
CA PHE A 149 7.81 1.14 -5.67
C PHE A 149 8.41 1.09 -7.07
N PHE A 150 9.16 0.03 -7.35
CA PHE A 150 9.89 -0.18 -8.57
C PHE A 150 9.59 -1.59 -9.03
N LYS A 151 9.39 -1.84 -10.32
CA LYS A 151 9.16 -3.19 -10.82
C LYS A 151 10.20 -3.48 -11.89
N THR A 152 10.97 -4.53 -11.68
CA THR A 152 11.92 -5.04 -12.64
C THR A 152 11.12 -5.92 -13.59
N CYS A 153 11.08 -5.59 -14.88
CA CYS A 153 10.47 -6.42 -15.90
C CYS A 153 11.51 -6.85 -16.92
N LEU A 154 11.13 -7.84 -17.74
CA LEU A 154 11.89 -8.33 -18.86
C LEU A 154 10.89 -8.57 -19.99
N GLN A 155 11.37 -8.64 -21.22
CA GLN A 155 10.56 -8.95 -22.40
C GLN A 155 10.07 -10.40 -22.34
N ALA A 156 8.77 -10.64 -22.48
CA ALA A 156 8.18 -11.97 -22.53
C ALA A 156 6.94 -11.98 -23.44
N GLU A 157 7.03 -12.72 -24.54
CA GLU A 157 6.00 -13.03 -25.52
C GLU A 157 6.33 -14.44 -26.00
N GLY A 1 0.57 16.57 20.49
CA GLY A 1 1.47 17.72 20.27
C GLY A 1 2.89 17.21 20.07
N SER A 2 3.92 18.07 20.03
CA SER A 2 5.27 17.51 20.11
C SER A 2 5.54 17.23 21.59
N HIS A 3 5.64 15.96 21.93
CA HIS A 3 5.99 15.33 23.19
C HIS A 3 6.00 13.84 22.90
N MET A 4 6.36 13.00 23.86
CA MET A 4 6.22 11.57 23.70
C MET A 4 5.31 11.27 24.87
N LEU A 5 4.08 10.86 24.58
CA LEU A 5 3.03 10.40 25.47
C LEU A 5 1.96 10.05 24.46
N ASP A 6 1.62 8.78 24.31
CA ASP A 6 0.72 8.35 23.27
C ASP A 6 -0.16 7.28 23.88
N GLN A 7 -1.45 7.59 23.99
CA GLN A 7 -2.52 6.76 24.53
C GLN A 7 -3.81 7.50 24.20
N GLN A 8 -4.65 6.94 23.34
CA GLN A 8 -5.95 7.47 22.97
C GLN A 8 -6.77 6.28 22.43
N GLU A 9 -8.03 6.54 22.10
CA GLU A 9 -8.97 5.56 21.56
C GLU A 9 -8.42 5.02 20.22
N GLU A 10 -8.89 3.85 19.79
CA GLU A 10 -8.44 3.28 18.53
C GLU A 10 -8.93 4.12 17.32
N SER A 11 -8.37 3.81 16.15
CA SER A 11 -8.58 4.42 14.85
C SER A 11 -7.86 3.59 13.78
N LEU A 12 -8.00 3.97 12.51
CA LEU A 12 -7.54 3.28 11.31
C LEU A 12 -6.12 2.70 11.43
N TYR A 13 -5.99 1.41 11.08
CA TYR A 13 -4.74 0.67 10.98
C TYR A 13 -4.55 0.21 9.53
N LEU A 14 -3.32 0.17 9.01
CA LEU A 14 -2.96 -0.23 7.65
C LEU A 14 -1.53 -0.78 7.72
N TRP A 15 -1.27 -2.01 7.31
CA TRP A 15 0.07 -2.61 7.30
C TRP A 15 0.25 -3.46 6.04
N ILE A 16 1.50 -3.77 5.66
CA ILE A 16 1.79 -4.68 4.55
C ILE A 16 2.04 -6.04 5.23
N ASP A 17 1.65 -7.16 4.62
CA ASP A 17 1.73 -8.46 5.28
C ASP A 17 2.96 -9.29 4.93
N ALA A 18 3.23 -10.29 5.77
CA ALA A 18 4.28 -11.29 5.63
C ALA A 18 3.93 -12.41 4.66
N HIS A 19 2.67 -12.63 4.32
CA HIS A 19 2.30 -13.66 3.35
C HIS A 19 2.99 -13.38 2.02
N GLN A 20 3.03 -12.10 1.62
CA GLN A 20 3.65 -11.71 0.38
C GLN A 20 5.17 -11.94 0.40
N ALA A 21 5.84 -11.59 1.48
CA ALA A 21 7.26 -11.87 1.65
C ALA A 21 7.53 -13.37 1.69
N ARG A 22 6.61 -14.19 2.20
CA ARG A 22 6.81 -15.62 2.12
C ARG A 22 6.94 -15.97 0.63
N VAL A 23 5.96 -15.60 -0.18
CA VAL A 23 5.98 -15.77 -1.63
C VAL A 23 7.26 -15.20 -2.26
N LEU A 24 7.93 -14.24 -1.62
CA LEU A 24 9.21 -13.73 -2.07
C LEU A 24 10.38 -14.67 -1.80
N ILE A 25 10.52 -15.22 -0.58
CA ILE A 25 11.71 -16.02 -0.20
C ILE A 25 11.52 -17.04 0.94
N GLY A 26 10.29 -17.42 1.21
CA GLY A 26 9.87 -18.31 2.30
C GLY A 26 9.86 -17.67 3.68
N PHE A 27 10.27 -16.41 3.73
CA PHE A 27 10.51 -15.55 4.90
C PHE A 27 9.20 -14.99 5.43
N GLU A 28 9.30 -14.26 6.53
CA GLU A 28 8.20 -13.61 7.23
C GLU A 28 8.56 -12.13 7.36
N GLU A 29 7.68 -11.20 6.94
CA GLU A 29 7.91 -9.77 7.17
C GLU A 29 6.62 -8.94 7.07
N ASP A 30 6.13 -8.34 8.16
CA ASP A 30 5.01 -7.41 8.11
C ASP A 30 5.67 -6.02 8.10
N ILE A 31 4.93 -4.98 7.71
CA ILE A 31 5.43 -3.60 7.81
C ILE A 31 4.22 -2.78 8.23
N LEU A 32 4.26 -2.23 9.45
CA LEU A 32 3.16 -1.44 10.00
C LEU A 32 3.26 -0.03 9.38
N ILE A 33 2.24 0.44 8.65
CA ILE A 33 2.23 1.77 8.04
C ILE A 33 1.50 2.75 8.95
N VAL A 34 0.24 2.45 9.24
CA VAL A 34 -0.72 3.27 9.96
C VAL A 34 -1.30 2.47 11.11
N SER A 35 -1.52 3.14 12.23
CA SER A 35 -2.18 2.69 13.43
C SER A 35 -2.74 3.98 14.01
N GLU A 36 -3.98 4.03 14.48
CA GLU A 36 -4.67 5.23 14.94
C GLU A 36 -4.47 6.44 14.00
N GLY A 37 -4.36 6.22 12.68
CA GLY A 37 -4.12 7.28 11.69
C GLY A 37 -2.71 7.91 11.73
N LYS A 38 -1.88 7.51 12.68
CA LYS A 38 -0.51 7.91 13.02
C LYS A 38 0.56 7.61 11.95
N MET A 39 0.26 7.74 10.64
CA MET A 39 1.14 7.36 9.53
C MET A 39 2.60 7.66 9.87
N ALA A 40 3.36 6.58 10.00
CA ALA A 40 4.75 6.57 10.43
C ALA A 40 5.67 7.22 9.39
N PRO A 41 6.93 7.49 9.76
CA PRO A 41 7.96 7.98 8.84
C PRO A 41 8.44 6.85 7.90
N PHE A 42 7.70 5.75 7.78
CA PHE A 42 8.03 4.54 7.02
C PHE A 42 8.38 4.85 5.57
N THR A 43 7.84 5.96 5.05
CA THR A 43 7.92 6.39 3.68
C THR A 43 9.37 6.54 3.21
N HIS A 44 10.30 6.88 4.11
CA HIS A 44 11.70 7.00 3.76
C HIS A 44 12.26 5.64 3.31
N ASP A 45 12.12 4.61 4.13
CA ASP A 45 12.65 3.29 3.80
C ASP A 45 11.78 2.57 2.76
N PHE A 46 10.50 2.93 2.68
CA PHE A 46 9.60 2.43 1.65
C PHE A 46 10.17 2.88 0.30
N ARG A 47 10.60 4.15 0.19
CA ARG A 47 11.26 4.67 -0.99
C ARG A 47 12.64 4.05 -1.18
N LYS A 48 13.46 3.93 -0.12
CA LYS A 48 14.84 3.42 -0.21
C LYS A 48 15.02 2.28 0.78
N ALA A 49 15.23 1.05 0.31
CA ALA A 49 15.57 -0.12 1.11
C ALA A 49 15.78 -1.26 0.12
N GLN A 50 16.99 -1.81 -0.03
CA GLN A 50 17.07 -2.99 -0.88
C GLN A 50 16.72 -4.14 0.06
N GLN A 51 15.56 -4.79 -0.16
CA GLN A 51 15.10 -5.98 0.54
C GLN A 51 13.78 -6.43 -0.09
N ARG A 52 12.72 -5.62 0.05
CA ARG A 52 11.37 -6.00 -0.39
C ARG A 52 10.40 -4.83 -0.63
N MET A 53 10.67 -3.62 -0.14
CA MET A 53 9.68 -2.53 -0.25
C MET A 53 9.70 -1.83 -1.61
N PRO A 54 10.75 -1.11 -2.01
CA PRO A 54 10.77 -0.43 -3.30
C PRO A 54 10.97 -1.43 -4.43
N ALA A 55 12.17 -2.02 -4.51
CA ALA A 55 12.57 -2.91 -5.60
C ALA A 55 11.81 -4.23 -5.51
N ILE A 56 11.04 -4.54 -6.55
CA ILE A 56 10.19 -5.71 -6.71
C ILE A 56 10.63 -6.41 -8.01
N PRO A 57 10.88 -7.73 -8.02
CA PRO A 57 11.22 -8.43 -9.25
C PRO A 57 9.98 -8.71 -10.11
N VAL A 58 10.19 -8.90 -11.41
CA VAL A 58 9.20 -9.24 -12.43
C VAL A 58 8.19 -10.29 -11.96
N ASN A 59 8.68 -11.34 -11.28
CA ASN A 59 7.93 -12.51 -10.81
C ASN A 59 6.79 -12.15 -9.86
N ILE A 60 6.95 -11.12 -9.02
CA ILE A 60 5.88 -10.72 -8.12
C ILE A 60 4.80 -10.12 -9.04
N HIS A 61 3.66 -10.79 -9.13
CA HIS A 61 2.54 -10.33 -9.92
C HIS A 61 1.73 -9.30 -9.17
N SER A 62 1.75 -9.39 -7.85
CA SER A 62 0.96 -8.54 -6.96
C SER A 62 1.58 -8.57 -5.58
N MET A 63 1.18 -7.64 -4.72
CA MET A 63 1.54 -7.59 -3.32
C MET A 63 0.25 -7.52 -2.53
N ASN A 64 0.35 -7.88 -1.25
CA ASN A 64 -0.73 -7.83 -0.29
C ASN A 64 -0.46 -6.74 0.72
N PHE A 65 -1.48 -5.95 0.98
CA PHE A 65 -1.56 -4.93 2.00
C PHE A 65 -2.73 -5.38 2.87
N THR A 66 -2.91 -4.83 4.05
CA THR A 66 -4.00 -5.19 4.95
C THR A 66 -4.37 -3.97 5.77
N TRP A 67 -5.64 -3.71 5.96
CA TRP A 67 -6.07 -2.55 6.74
C TRP A 67 -7.38 -2.83 7.47
N GLN A 68 -7.73 -1.99 8.45
CA GLN A 68 -9.00 -2.06 9.14
C GLN A 68 -9.37 -0.77 9.90
N ALA A 69 -10.67 -0.41 9.95
CA ALA A 69 -11.13 0.72 10.77
C ALA A 69 -11.53 0.17 12.15
N ALA A 70 -11.22 0.87 13.24
CA ALA A 70 -11.42 0.40 14.61
C ALA A 70 -12.88 0.23 15.07
N GLY A 71 -13.48 -0.88 14.65
CA GLY A 71 -14.81 -1.36 15.04
C GLY A 71 -16.01 -0.52 14.64
N GLN A 72 -16.26 0.63 15.27
CA GLN A 72 -17.30 1.61 14.91
C GLN A 72 -16.71 2.97 14.48
N ALA A 73 -15.48 2.92 13.98
CA ALA A 73 -14.63 4.03 13.62
C ALA A 73 -14.62 4.23 12.10
N GLU A 74 -15.74 4.04 11.40
CA GLU A 74 -15.82 4.07 9.94
C GLU A 74 -14.93 5.17 9.33
N TYR A 75 -13.89 4.76 8.59
CA TYR A 75 -12.97 5.60 7.84
C TYR A 75 -13.20 5.26 6.37
N PHE A 76 -13.61 6.25 5.58
CA PHE A 76 -13.83 6.12 4.15
C PHE A 76 -12.45 6.30 3.50
N TYR A 77 -12.18 5.73 2.33
CA TYR A 77 -10.94 5.96 1.60
C TYR A 77 -11.22 6.22 0.13
N GLU A 78 -10.25 6.83 -0.56
CA GLU A 78 -10.30 7.02 -2.00
C GLU A 78 -8.86 7.11 -2.49
N PHE A 79 -8.56 6.42 -3.58
CA PHE A 79 -7.24 6.41 -4.19
C PHE A 79 -7.11 7.68 -5.04
N LEU A 80 -6.37 8.66 -4.52
CA LEU A 80 -6.02 9.89 -5.22
C LEU A 80 -5.21 9.50 -6.45
N SER A 81 -4.31 8.53 -6.31
CA SER A 81 -3.50 8.03 -7.40
C SER A 81 -3.01 6.61 -7.16
N LEU A 82 -2.92 5.85 -8.25
CA LEU A 82 -2.36 4.51 -8.34
C LEU A 82 -1.90 4.40 -9.80
N ARG A 83 -0.63 4.71 -10.15
CA ARG A 83 -0.18 4.66 -11.57
C ARG A 83 1.32 4.46 -11.67
N SER A 84 1.83 4.03 -12.84
CA SER A 84 3.25 3.94 -13.08
C SER A 84 3.78 5.32 -13.47
N LEU A 85 5.10 5.46 -13.36
CA LEU A 85 5.87 6.61 -13.79
C LEU A 85 6.83 6.25 -14.91
N ASP A 86 7.11 4.95 -15.18
CA ASP A 86 7.95 4.61 -16.32
C ASP A 86 6.99 4.28 -17.46
N LYS A 87 7.51 4.25 -18.68
CA LYS A 87 6.79 3.98 -19.91
C LYS A 87 7.57 3.08 -20.87
N GLY A 88 8.87 3.20 -20.86
CA GLY A 88 9.79 2.32 -21.58
C GLY A 88 9.62 0.92 -20.98
N ILE A 89 9.97 0.75 -19.70
CA ILE A 89 9.84 -0.45 -18.83
C ILE A 89 8.37 -0.61 -18.37
N MET A 90 7.42 -0.02 -19.09
CA MET A 90 6.01 0.06 -18.76
C MET A 90 5.44 -1.24 -18.23
N ALA A 91 4.74 -0.98 -17.16
CA ALA A 91 3.90 -1.72 -16.28
C ALA A 91 2.93 -0.65 -15.85
N ASP A 92 1.71 -1.03 -15.53
CA ASP A 92 0.77 -0.07 -14.97
C ASP A 92 0.01 -0.80 -13.87
N PRO A 93 0.19 -0.40 -12.60
CA PRO A 93 -0.38 -1.10 -11.47
C PRO A 93 -1.90 -1.01 -11.40
N THR A 94 -2.49 -1.97 -10.71
CA THR A 94 -3.92 -2.08 -10.44
C THR A 94 -4.14 -2.47 -8.98
N VAL A 95 -5.38 -2.41 -8.52
CA VAL A 95 -5.79 -2.88 -7.21
C VAL A 95 -6.96 -3.84 -7.39
N ASN A 96 -7.16 -4.74 -6.42
CA ASN A 96 -8.28 -5.68 -6.36
C ASN A 96 -9.35 -5.18 -5.38
N VAL A 97 -9.52 -3.86 -5.32
CA VAL A 97 -10.54 -3.14 -4.56
C VAL A 97 -11.00 -1.99 -5.47
N PRO A 98 -12.16 -1.38 -5.21
CA PRO A 98 -12.56 -0.20 -5.97
C PRO A 98 -11.65 0.97 -5.61
N LEU A 99 -11.58 1.97 -6.49
CA LEU A 99 -10.80 3.19 -6.30
C LEU A 99 -11.31 4.02 -5.12
N LEU A 100 -12.47 3.72 -4.54
CA LEU A 100 -13.01 4.35 -3.33
C LEU A 100 -13.69 3.27 -2.52
N GLY A 101 -13.96 3.51 -1.24
CA GLY A 101 -14.56 2.51 -0.38
C GLY A 101 -14.46 2.91 1.07
N THR A 102 -14.62 1.95 1.97
CA THR A 102 -14.44 2.15 3.40
C THR A 102 -13.43 1.13 3.89
N VAL A 103 -12.61 1.53 4.86
CA VAL A 103 -11.64 0.66 5.50
C VAL A 103 -12.48 -0.24 6.44
N PRO A 104 -12.52 -1.57 6.25
CA PRO A 104 -13.42 -2.44 7.01
C PRO A 104 -13.00 -2.68 8.44
N HIS A 105 -13.92 -3.11 9.31
CA HIS A 105 -13.60 -3.20 10.73
C HIS A 105 -12.72 -4.35 11.18
N LYS A 106 -12.54 -5.37 10.35
CA LYS A 106 -11.62 -6.44 10.63
C LYS A 106 -10.54 -6.42 9.55
N ALA A 107 -9.33 -6.89 9.92
CA ALA A 107 -8.15 -6.95 9.06
C ALA A 107 -8.55 -7.59 7.74
N SER A 108 -8.59 -6.81 6.67
CA SER A 108 -8.95 -7.27 5.34
C SER A 108 -7.81 -6.91 4.40
N VAL A 109 -7.49 -7.84 3.51
CA VAL A 109 -6.35 -7.74 2.61
C VAL A 109 -6.74 -6.84 1.44
N VAL A 110 -5.75 -6.18 0.84
CA VAL A 110 -5.85 -5.37 -0.36
C VAL A 110 -4.73 -5.87 -1.27
N GLN A 111 -5.08 -6.54 -2.37
CA GLN A 111 -4.11 -6.95 -3.37
C GLN A 111 -3.85 -5.75 -4.28
N VAL A 112 -2.58 -5.50 -4.59
CA VAL A 112 -2.12 -4.49 -5.54
C VAL A 112 -1.42 -5.29 -6.65
N GLY A 113 -1.91 -5.26 -7.88
CA GLY A 113 -1.39 -5.99 -9.02
C GLY A 113 -0.42 -5.14 -9.82
N PHE A 114 0.57 -5.77 -10.46
CA PHE A 114 1.59 -5.08 -11.24
C PHE A 114 1.80 -5.78 -12.60
N PRO A 115 0.87 -5.63 -13.56
CA PRO A 115 1.07 -6.15 -14.91
C PRO A 115 2.15 -5.28 -15.59
N CYS A 116 3.22 -5.93 -16.05
CA CYS A 116 4.28 -5.30 -16.84
C CYS A 116 4.10 -5.76 -18.29
N LEU A 117 4.52 -4.95 -19.27
CA LEU A 117 4.27 -5.28 -20.68
C LEU A 117 5.25 -6.33 -21.21
N GLY A 118 6.30 -6.65 -20.45
CA GLY A 118 7.25 -7.72 -20.73
C GLY A 118 7.97 -7.61 -22.07
N LYS A 119 8.25 -6.40 -22.57
CA LYS A 119 9.03 -6.24 -23.81
C LYS A 119 10.29 -5.39 -23.66
N GLN A 120 10.30 -4.44 -22.73
CA GLN A 120 11.50 -3.68 -22.40
C GLN A 120 12.11 -4.36 -21.17
N ASP A 121 13.39 -4.14 -20.91
CA ASP A 121 14.11 -4.65 -19.74
C ASP A 121 14.51 -3.44 -18.92
N GLY A 122 14.56 -3.58 -17.59
CA GLY A 122 14.99 -2.50 -16.70
C GLY A 122 14.16 -2.47 -15.43
N VAL A 123 14.10 -1.31 -14.78
CA VAL A 123 13.29 -1.10 -13.59
C VAL A 123 12.37 0.08 -13.85
N ALA A 124 11.06 -0.18 -13.90
CA ALA A 124 10.04 0.86 -14.01
C ALA A 124 9.70 1.27 -12.56
N ALA A 125 9.04 2.40 -12.38
CA ALA A 125 8.55 2.85 -11.06
C ALA A 125 7.04 3.06 -11.10
N PHE A 126 6.37 3.03 -9.96
CA PHE A 126 4.95 3.34 -9.82
C PHE A 126 4.68 3.84 -8.41
N GLU A 127 3.55 4.53 -8.20
CA GLU A 127 3.21 5.18 -6.96
C GLU A 127 1.74 5.02 -6.62
N VAL A 128 1.47 5.22 -5.32
CA VAL A 128 0.17 5.12 -4.66
C VAL A 128 0.02 6.36 -3.77
N ASP A 129 -1.17 6.98 -3.79
CA ASP A 129 -1.57 8.10 -2.93
C ASP A 129 -3.06 7.88 -2.66
N VAL A 130 -3.45 7.78 -1.39
CA VAL A 130 -4.82 7.51 -0.98
C VAL A 130 -5.14 8.47 0.15
N ILE A 131 -6.29 9.12 0.03
CA ILE A 131 -6.86 9.97 1.04
C ILE A 131 -7.88 9.12 1.78
N VAL A 132 -8.28 9.62 2.92
CA VAL A 132 -9.17 9.01 3.87
C VAL A 132 -9.99 10.14 4.45
N MET A 133 -11.29 9.89 4.52
CA MET A 133 -12.27 10.85 4.96
C MET A 133 -13.27 10.14 5.86
N ASN A 134 -14.19 10.88 6.46
CA ASN A 134 -15.28 10.29 7.21
C ASN A 134 -16.38 10.00 6.18
N SER A 135 -17.49 9.37 6.57
CA SER A 135 -18.52 8.93 5.62
C SER A 135 -19.11 10.10 4.81
N GLU A 136 -19.16 11.31 5.38
CA GLU A 136 -19.66 12.50 4.71
C GLU A 136 -18.61 13.15 3.79
N GLY A 137 -17.38 12.64 3.76
CA GLY A 137 -16.31 13.10 2.87
C GLY A 137 -15.36 14.11 3.51
N ASN A 138 -15.46 14.39 4.82
CA ASN A 138 -14.51 15.28 5.48
C ASN A 138 -13.16 14.57 5.57
N THR A 139 -12.15 15.10 4.88
CA THR A 139 -10.82 14.49 4.81
C THR A 139 -10.15 14.59 6.18
N ILE A 140 -9.42 13.54 6.56
CA ILE A 140 -8.79 13.41 7.87
C ILE A 140 -7.37 12.81 7.80
N LEU A 141 -7.15 11.84 6.93
CA LEU A 141 -5.88 11.12 6.81
C LEU A 141 -5.53 11.04 5.32
N GLN A 142 -4.23 11.07 4.96
CA GLN A 142 -3.76 10.94 3.59
C GLN A 142 -2.40 10.25 3.61
N THR A 143 -2.05 9.57 2.50
CA THR A 143 -0.83 8.79 2.34
C THR A 143 0.30 9.72 1.95
N PRO A 144 1.34 9.92 2.79
CA PRO A 144 2.36 10.91 2.49
C PRO A 144 3.07 10.55 1.19
N GLN A 145 3.41 11.59 0.43
CA GLN A 145 3.95 11.38 -0.87
C GLN A 145 5.44 11.06 -0.74
N ASN A 146 5.74 9.82 -1.08
CA ASN A 146 6.97 9.05 -1.27
C ASN A 146 6.72 7.56 -1.50
N ALA A 147 5.47 7.12 -1.27
CA ALA A 147 4.98 5.76 -1.48
C ALA A 147 5.06 5.38 -2.97
N ILE A 148 6.28 5.11 -3.41
CA ILE A 148 6.69 4.69 -4.74
C ILE A 148 7.33 3.32 -4.56
N PHE A 149 7.13 2.48 -5.56
CA PHE A 149 7.73 1.16 -5.67
C PHE A 149 8.40 1.11 -7.04
N PHE A 150 9.20 0.07 -7.27
CA PHE A 150 10.02 -0.08 -8.45
C PHE A 150 9.91 -1.52 -8.92
N LYS A 151 9.31 -1.77 -10.10
CA LYS A 151 9.20 -3.12 -10.62
C LYS A 151 10.30 -3.33 -11.64
N THR A 152 11.12 -4.35 -11.41
CA THR A 152 12.15 -4.78 -12.32
C THR A 152 11.43 -5.68 -13.31
N CYS A 153 11.37 -5.31 -14.59
CA CYS A 153 10.81 -6.14 -15.65
C CYS A 153 11.92 -6.55 -16.61
N LEU A 154 11.63 -7.55 -17.43
CA LEU A 154 12.48 -8.03 -18.50
C LEU A 154 11.60 -8.41 -19.68
N GLN A 155 12.20 -8.48 -20.87
CA GLN A 155 11.56 -8.93 -22.08
C GLN A 155 11.27 -10.44 -22.03
N ALA A 156 10.03 -10.85 -22.28
CA ALA A 156 9.62 -12.24 -22.36
C ALA A 156 8.36 -12.39 -23.21
N GLU A 157 8.47 -13.10 -24.33
CA GLU A 157 7.44 -13.51 -25.26
C GLU A 157 7.84 -14.90 -25.73
N GLY A 1 -14.86 8.21 24.54
CA GLY A 1 -16.30 7.96 24.47
C GLY A 1 -17.03 8.78 25.51
N SER A 2 -18.31 8.52 25.78
CA SER A 2 -18.92 9.06 26.98
C SER A 2 -18.74 8.01 28.08
N HIS A 3 -17.94 8.34 29.08
CA HIS A 3 -17.57 7.52 30.23
C HIS A 3 -16.68 8.40 31.12
N MET A 4 -16.27 7.90 32.28
CA MET A 4 -15.31 8.57 33.14
C MET A 4 -14.40 7.44 33.57
N LEU A 5 -13.15 7.48 33.10
CA LEU A 5 -12.05 6.57 33.33
C LEU A 5 -10.85 7.18 32.59
N ASP A 6 -9.67 6.56 32.72
CA ASP A 6 -8.49 6.94 31.96
C ASP A 6 -8.22 5.75 31.07
N GLN A 7 -8.37 5.90 29.76
CA GLN A 7 -8.24 4.95 28.67
C GLN A 7 -8.11 5.85 27.43
N GLN A 8 -7.90 5.19 26.32
CA GLN A 8 -7.85 5.69 24.95
C GLN A 8 -8.87 4.85 24.15
N GLU A 9 -9.11 5.21 22.89
CA GLU A 9 -9.99 4.49 21.97
C GLU A 9 -9.22 4.34 20.65
N GLU A 10 -9.69 3.45 19.78
CA GLU A 10 -9.01 3.06 18.54
C GLU A 10 -9.46 3.87 17.31
N SER A 11 -8.82 3.61 16.17
CA SER A 11 -9.00 4.23 14.85
C SER A 11 -8.24 3.40 13.79
N LEU A 12 -8.35 3.79 12.51
CA LEU A 12 -7.83 3.10 11.32
C LEU A 12 -6.41 2.55 11.47
N TYR A 13 -6.24 1.27 11.12
CA TYR A 13 -4.97 0.54 11.06
C TYR A 13 -4.72 0.09 9.61
N LEU A 14 -3.47 0.12 9.15
CA LEU A 14 -3.04 -0.21 7.79
C LEU A 14 -1.60 -0.74 7.90
N TRP A 15 -1.33 -1.99 7.54
CA TRP A 15 0.01 -2.57 7.61
C TRP A 15 0.26 -3.40 6.35
N ILE A 16 1.48 -3.39 5.82
CA ILE A 16 1.84 -4.22 4.68
C ILE A 16 2.18 -5.58 5.27
N ASP A 17 1.39 -6.61 4.98
CA ASP A 17 1.59 -7.93 5.55
C ASP A 17 2.72 -8.68 4.83
N ALA A 18 3.37 -9.57 5.59
CA ALA A 18 4.56 -10.33 5.23
C ALA A 18 4.36 -11.38 4.15
N HIS A 19 3.13 -11.68 3.75
CA HIS A 19 2.88 -12.77 2.82
C HIS A 19 3.69 -12.66 1.53
N GLN A 20 3.86 -11.44 1.00
CA GLN A 20 4.59 -11.31 -0.25
C GLN A 20 6.09 -11.50 -0.03
N ALA A 21 6.63 -10.97 1.07
CA ALA A 21 8.01 -11.17 1.48
C ALA A 21 8.30 -12.65 1.69
N ARG A 22 7.36 -13.41 2.26
CA ARG A 22 7.53 -14.84 2.40
C ARG A 22 7.82 -15.41 1.02
N VAL A 23 6.91 -15.20 0.06
CA VAL A 23 7.05 -15.62 -1.32
C VAL A 23 8.35 -15.10 -1.95
N LEU A 24 8.94 -14.00 -1.44
CA LEU A 24 10.23 -13.52 -1.89
C LEU A 24 11.41 -14.35 -1.43
N ILE A 25 11.47 -14.74 -0.15
CA ILE A 25 12.69 -15.42 0.38
C ILE A 25 12.46 -16.34 1.60
N GLY A 26 11.23 -16.74 1.83
CA GLY A 26 10.78 -17.52 2.98
C GLY A 26 10.88 -16.73 4.30
N PHE A 27 11.06 -15.42 4.22
CA PHE A 27 11.27 -14.51 5.35
C PHE A 27 9.95 -13.81 5.67
N GLU A 28 9.83 -13.27 6.88
CA GLU A 28 8.60 -12.66 7.35
C GLU A 28 8.89 -11.20 7.64
N GLU A 29 8.09 -10.28 7.11
CA GLU A 29 8.21 -8.86 7.42
C GLU A 29 6.87 -8.13 7.36
N ASP A 30 6.34 -7.63 8.47
CA ASP A 30 5.14 -6.79 8.42
C ASP A 30 5.73 -5.37 8.43
N ILE A 31 5.00 -4.41 7.89
CA ILE A 31 5.43 -3.01 7.98
C ILE A 31 4.18 -2.24 8.37
N LEU A 32 4.17 -1.68 9.58
CA LEU A 32 3.01 -1.00 10.12
C LEU A 32 3.03 0.42 9.52
N ILE A 33 2.04 0.77 8.69
CA ILE A 33 1.93 2.11 8.12
C ILE A 33 1.14 3.00 9.08
N VAL A 34 -0.11 2.63 9.35
CA VAL A 34 -1.07 3.41 10.12
C VAL A 34 -1.61 2.54 11.25
N SER A 35 -1.82 3.14 12.40
CA SER A 35 -2.45 2.58 13.58
C SER A 35 -3.09 3.78 14.23
N GLU A 36 -4.40 3.75 14.49
CA GLU A 36 -5.18 4.87 15.02
C GLU A 36 -4.88 6.23 14.33
N GLY A 37 -4.56 6.22 13.03
CA GLY A 37 -4.16 7.41 12.27
C GLY A 37 -2.79 8.00 12.66
N LYS A 38 -2.16 7.46 13.69
CA LYS A 38 -0.88 7.75 14.36
C LYS A 38 0.30 7.23 13.54
N MET A 39 0.21 7.33 12.19
CA MET A 39 1.16 6.77 11.23
C MET A 39 2.62 6.84 11.67
N ALA A 40 3.27 5.68 11.52
CA ALA A 40 4.70 5.52 11.73
C ALA A 40 5.42 6.25 10.60
N PRO A 41 6.73 6.54 10.76
CA PRO A 41 7.58 7.12 9.72
C PRO A 41 7.95 6.08 8.65
N PHE A 42 7.01 5.20 8.27
CA PHE A 42 7.18 4.07 7.38
C PHE A 42 7.77 4.48 6.02
N THR A 43 7.54 5.73 5.64
CA THR A 43 7.90 6.29 4.35
C THR A 43 9.41 6.24 4.14
N HIS A 44 10.19 6.27 5.23
CA HIS A 44 11.64 6.12 5.21
C HIS A 44 12.01 4.79 4.55
N ASP A 45 11.66 3.65 5.15
CA ASP A 45 11.99 2.33 4.62
C ASP A 45 11.21 1.97 3.36
N PHE A 46 10.03 2.56 3.15
CA PHE A 46 9.27 2.38 1.92
C PHE A 46 10.03 2.98 0.73
N ARG A 47 10.48 4.23 0.85
CA ARG A 47 11.15 4.93 -0.25
C ARG A 47 12.59 4.41 -0.37
N LYS A 48 13.29 4.19 0.74
CA LYS A 48 14.64 3.61 0.78
C LYS A 48 14.54 2.18 0.23
N ALA A 49 15.65 1.57 -0.20
CA ALA A 49 15.53 0.21 -0.68
C ALA A 49 15.47 -0.75 0.51
N GLN A 50 14.32 -1.39 0.69
CA GLN A 50 14.05 -2.46 1.63
C GLN A 50 14.20 -3.75 0.81
N GLN A 51 14.17 -4.92 1.45
CA GLN A 51 14.16 -6.20 0.74
C GLN A 51 12.85 -6.38 -0.06
N ARG A 52 11.75 -5.74 0.35
CA ARG A 52 10.43 -5.96 -0.27
C ARG A 52 9.64 -4.70 -0.65
N MET A 53 9.96 -3.50 -0.15
CA MET A 53 9.07 -2.36 -0.43
C MET A 53 9.17 -1.79 -1.86
N PRO A 54 10.29 -1.18 -2.31
CA PRO A 54 10.29 -0.57 -3.62
C PRO A 54 10.57 -1.58 -4.73
N ALA A 55 11.77 -2.15 -4.73
CA ALA A 55 12.27 -3.04 -5.77
C ALA A 55 11.54 -4.38 -5.73
N ILE A 56 10.89 -4.74 -6.83
CA ILE A 56 10.04 -5.92 -6.99
C ILE A 56 10.52 -6.62 -8.26
N PRO A 57 10.79 -7.93 -8.27
CA PRO A 57 11.17 -8.65 -9.48
C PRO A 57 9.95 -8.98 -10.34
N VAL A 58 10.16 -9.21 -11.64
CA VAL A 58 9.16 -9.65 -12.62
C VAL A 58 8.22 -10.71 -12.05
N ASN A 59 8.81 -11.74 -11.43
CA ASN A 59 8.13 -12.92 -10.88
C ASN A 59 7.10 -12.57 -9.81
N ILE A 60 7.39 -11.61 -8.92
CA ILE A 60 6.37 -11.17 -7.97
C ILE A 60 5.43 -10.37 -8.86
N HIS A 61 4.23 -10.91 -9.01
CA HIS A 61 3.20 -10.27 -9.80
C HIS A 61 2.53 -9.21 -8.98
N SER A 62 2.36 -9.46 -7.68
CA SER A 62 1.60 -8.59 -6.80
C SER A 62 2.23 -8.49 -5.42
N MET A 63 1.77 -7.54 -4.61
CA MET A 63 2.11 -7.37 -3.21
C MET A 63 0.81 -7.32 -2.45
N ASN A 64 0.84 -7.67 -1.17
CA ASN A 64 -0.32 -7.55 -0.30
C ASN A 64 -0.08 -6.38 0.65
N PHE A 65 -1.18 -5.75 1.03
CA PHE A 65 -1.34 -4.70 2.02
C PHE A 65 -2.57 -5.16 2.81
N THR A 66 -2.72 -4.74 4.04
CA THR A 66 -3.83 -5.15 4.88
C THR A 66 -4.27 -3.94 5.68
N TRP A 67 -5.57 -3.68 5.75
CA TRP A 67 -6.06 -2.58 6.56
C TRP A 67 -7.41 -2.90 7.16
N GLN A 68 -7.81 -2.11 8.15
CA GLN A 68 -9.12 -2.18 8.79
C GLN A 68 -9.31 -1.01 9.75
N ALA A 69 -10.57 -0.76 10.12
CA ALA A 69 -10.92 0.22 11.14
C ALA A 69 -11.32 -0.55 12.40
N ALA A 70 -11.50 0.13 13.53
CA ALA A 70 -11.76 -0.48 14.82
C ALA A 70 -13.27 -0.45 15.09
N GLY A 71 -13.85 -1.62 14.88
CA GLY A 71 -15.21 -2.12 15.09
C GLY A 71 -16.44 -1.28 14.69
N GLN A 72 -16.56 0.01 15.04
CA GLN A 72 -17.66 0.89 14.61
C GLN A 72 -17.24 2.10 13.74
N ALA A 73 -15.96 2.45 13.79
CA ALA A 73 -15.33 3.62 13.19
C ALA A 73 -14.90 3.54 11.71
N GLU A 74 -15.63 2.88 10.78
CA GLU A 74 -15.22 2.77 9.38
C GLU A 74 -14.84 4.15 8.83
N TYR A 75 -13.54 4.31 8.50
CA TYR A 75 -12.98 5.49 7.85
C TYR A 75 -13.20 5.35 6.35
N PHE A 76 -13.29 6.44 5.61
CA PHE A 76 -13.53 6.40 4.16
C PHE A 76 -12.14 6.52 3.52
N TYR A 77 -11.90 5.97 2.34
CA TYR A 77 -10.65 6.14 1.61
C TYR A 77 -10.92 6.46 0.14
N GLU A 78 -9.93 7.03 -0.55
CA GLU A 78 -10.01 7.25 -1.99
C GLU A 78 -8.59 7.35 -2.53
N PHE A 79 -8.37 6.80 -3.71
CA PHE A 79 -7.05 6.68 -4.33
C PHE A 79 -6.82 7.90 -5.21
N LEU A 80 -6.00 8.84 -4.73
CA LEU A 80 -5.61 10.06 -5.42
C LEU A 80 -4.64 9.69 -6.55
N SER A 81 -3.68 8.82 -6.25
CA SER A 81 -2.68 8.32 -7.19
C SER A 81 -2.50 6.82 -7.00
N LEU A 82 -2.42 6.10 -8.12
CA LEU A 82 -2.11 4.69 -8.28
C LEU A 82 -1.92 4.56 -9.78
N ARG A 83 -0.68 4.68 -10.29
CA ARG A 83 -0.41 4.70 -11.74
C ARG A 83 1.05 4.41 -12.04
N SER A 84 1.38 3.84 -13.21
CA SER A 84 2.77 3.67 -13.62
C SER A 84 3.45 4.99 -13.94
N LEU A 85 4.78 4.91 -14.08
CA LEU A 85 5.68 5.97 -14.45
C LEU A 85 6.58 5.62 -15.64
N ASP A 86 6.66 4.36 -16.12
CA ASP A 86 7.61 4.05 -17.21
C ASP A 86 6.96 3.95 -18.59
N LYS A 87 7.81 4.04 -19.62
CA LYS A 87 7.52 4.13 -21.04
C LYS A 87 7.83 2.82 -21.77
N GLY A 88 9.02 2.26 -21.53
CA GLY A 88 9.52 1.05 -22.17
C GLY A 88 9.22 -0.20 -21.34
N ILE A 89 9.55 -0.15 -20.05
CA ILE A 89 9.32 -1.22 -19.06
C ILE A 89 7.86 -1.16 -18.56
N MET A 90 7.02 -0.45 -19.32
CA MET A 90 5.62 -0.14 -19.14
C MET A 90 4.88 -1.38 -18.67
N ALA A 91 4.13 -1.13 -17.61
CA ALA A 91 3.35 -1.97 -16.73
C ALA A 91 2.41 -0.99 -16.03
N ASP A 92 1.39 -1.48 -15.35
CA ASP A 92 0.51 -0.63 -14.52
C ASP A 92 0.11 -1.37 -13.25
N PRO A 93 -0.04 -0.66 -12.13
CA PRO A 93 -0.54 -1.27 -10.91
C PRO A 93 -2.06 -1.42 -11.03
N THR A 94 -2.56 -2.50 -10.43
CA THR A 94 -3.99 -2.82 -10.32
C THR A 94 -4.27 -3.13 -8.85
N VAL A 95 -5.50 -2.95 -8.37
CA VAL A 95 -5.84 -3.11 -6.95
C VAL A 95 -7.01 -4.09 -6.76
N ASN A 96 -7.02 -4.76 -5.60
CA ASN A 96 -8.03 -5.74 -5.18
C ASN A 96 -9.30 -5.10 -4.61
N VAL A 97 -9.44 -3.79 -4.73
CA VAL A 97 -10.55 -3.00 -4.20
C VAL A 97 -10.88 -1.88 -5.18
N PRO A 98 -12.07 -1.26 -5.08
CA PRO A 98 -12.38 -0.09 -5.90
C PRO A 98 -11.46 1.07 -5.50
N LEU A 99 -11.36 2.07 -6.38
CA LEU A 99 -10.52 3.25 -6.19
C LEU A 99 -11.01 4.14 -5.03
N LEU A 100 -12.21 3.91 -4.49
CA LEU A 100 -12.73 4.58 -3.30
C LEU A 100 -13.49 3.54 -2.49
N GLY A 101 -13.77 3.82 -1.21
CA GLY A 101 -14.49 2.87 -0.37
C GLY A 101 -14.33 3.24 1.09
N THR A 102 -14.57 2.28 1.99
CA THR A 102 -14.33 2.47 3.41
C THR A 102 -13.31 1.45 3.87
N VAL A 103 -12.48 1.81 4.85
CA VAL A 103 -11.55 0.91 5.51
C VAL A 103 -12.47 0.20 6.51
N PRO A 104 -12.72 -1.11 6.36
CA PRO A 104 -13.69 -1.82 7.17
C PRO A 104 -13.18 -2.47 8.43
N HIS A 105 -14.10 -2.90 9.30
CA HIS A 105 -13.81 -3.55 10.58
C HIS A 105 -13.37 -5.00 10.46
N LYS A 106 -13.11 -5.41 9.22
CA LYS A 106 -12.61 -6.70 8.87
C LYS A 106 -11.24 -6.48 8.26
N ALA A 107 -10.18 -7.10 8.82
CA ALA A 107 -8.84 -7.07 8.26
C ALA A 107 -8.95 -7.55 6.81
N SER A 108 -8.86 -6.62 5.87
CA SER A 108 -9.07 -6.88 4.46
C SER A 108 -7.75 -6.65 3.75
N VAL A 109 -7.44 -7.57 2.85
CA VAL A 109 -6.18 -7.63 2.15
C VAL A 109 -6.36 -6.91 0.82
N VAL A 110 -5.67 -5.79 0.64
CA VAL A 110 -5.62 -5.07 -0.60
C VAL A 110 -4.39 -5.62 -1.29
N GLN A 111 -4.61 -6.49 -2.28
CA GLN A 111 -3.51 -6.95 -3.10
C GLN A 111 -3.36 -5.88 -4.18
N VAL A 112 -2.12 -5.56 -4.55
CA VAL A 112 -1.80 -4.66 -5.62
C VAL A 112 -1.06 -5.55 -6.64
N GLY A 113 -1.63 -5.77 -7.82
CA GLY A 113 -1.06 -6.56 -8.88
C GLY A 113 -0.34 -5.66 -9.87
N PHE A 114 0.70 -6.15 -10.54
CA PHE A 114 1.55 -5.37 -11.41
C PHE A 114 1.72 -6.06 -12.77
N PRO A 115 0.68 -6.06 -13.63
CA PRO A 115 0.80 -6.57 -14.99
C PRO A 115 1.80 -5.70 -15.74
N CYS A 116 2.87 -6.31 -16.26
CA CYS A 116 3.86 -5.64 -17.10
C CYS A 116 3.62 -6.03 -18.55
N LEU A 117 3.95 -5.14 -19.48
CA LEU A 117 3.75 -5.42 -20.90
C LEU A 117 4.90 -6.27 -21.48
N GLY A 118 5.96 -6.50 -20.70
CA GLY A 118 7.08 -7.37 -21.01
C GLY A 118 7.80 -7.00 -22.30
N LYS A 119 8.15 -5.71 -22.47
CA LYS A 119 8.74 -5.24 -23.73
C LYS A 119 10.19 -4.84 -23.55
N GLN A 120 10.47 -3.69 -22.95
CA GLN A 120 11.86 -3.34 -22.65
C GLN A 120 12.21 -4.02 -21.33
N ASP A 121 13.49 -4.32 -21.15
CA ASP A 121 14.06 -4.93 -19.96
C ASP A 121 14.53 -3.80 -19.07
N GLY A 122 14.38 -3.92 -17.76
CA GLY A 122 14.75 -2.84 -16.84
C GLY A 122 13.79 -2.78 -15.66
N VAL A 123 13.68 -1.60 -15.06
CA VAL A 123 12.85 -1.40 -13.88
C VAL A 123 11.92 -0.21 -14.13
N ALA A 124 10.62 -0.48 -14.20
CA ALA A 124 9.61 0.55 -14.29
C ALA A 124 9.30 0.96 -12.85
N ALA A 125 8.55 2.03 -12.69
CA ALA A 125 8.09 2.49 -11.38
C ALA A 125 6.61 2.81 -11.44
N PHE A 126 5.95 2.89 -10.28
CA PHE A 126 4.56 3.31 -10.16
C PHE A 126 4.40 4.10 -8.87
N GLU A 127 3.50 5.08 -8.88
CA GLU A 127 3.23 6.04 -7.82
C GLU A 127 1.93 5.67 -7.12
N VAL A 128 1.85 5.89 -5.80
CA VAL A 128 0.64 5.72 -5.01
C VAL A 128 0.47 6.89 -4.03
N ASP A 129 -0.78 7.32 -3.80
CA ASP A 129 -1.25 8.32 -2.85
C ASP A 129 -2.72 8.01 -2.61
N VAL A 130 -3.14 7.70 -1.39
CA VAL A 130 -4.52 7.40 -1.04
C VAL A 130 -4.83 8.26 0.18
N ILE A 131 -5.85 9.09 0.03
CA ILE A 131 -6.39 9.90 1.11
C ILE A 131 -7.41 9.05 1.86
N VAL A 132 -7.79 9.57 3.01
CA VAL A 132 -8.72 9.00 3.96
C VAL A 132 -9.49 10.18 4.53
N MET A 133 -10.80 10.02 4.58
CA MET A 133 -11.74 11.03 5.01
C MET A 133 -12.81 10.38 5.86
N ASN A 134 -13.69 11.19 6.42
CA ASN A 134 -14.86 10.70 7.14
C ASN A 134 -15.96 10.57 6.07
N SER A 135 -17.15 10.07 6.41
CA SER A 135 -18.21 9.85 5.42
C SER A 135 -18.79 11.16 4.85
N GLU A 136 -18.37 12.36 5.30
CA GLU A 136 -18.76 13.63 4.73
C GLU A 136 -17.75 14.07 3.65
N GLY A 137 -16.59 13.42 3.57
CA GLY A 137 -15.49 13.79 2.69
C GLY A 137 -14.48 14.69 3.39
N ASN A 138 -14.69 15.05 4.68
CA ASN A 138 -13.70 15.81 5.44
C ASN A 138 -12.49 14.93 5.65
N THR A 139 -11.37 15.33 5.07
CA THR A 139 -10.11 14.59 5.05
C THR A 139 -9.48 14.60 6.44
N ILE A 140 -8.78 13.52 6.81
CA ILE A 140 -8.11 13.38 8.09
C ILE A 140 -6.73 12.71 8.00
N LEU A 141 -6.56 11.76 7.09
CA LEU A 141 -5.36 10.93 6.96
C LEU A 141 -5.02 10.84 5.46
N GLN A 142 -3.74 10.76 5.09
CA GLN A 142 -3.31 10.61 3.70
C GLN A 142 -2.01 9.81 3.66
N THR A 143 -1.81 9.08 2.57
CA THR A 143 -0.58 8.33 2.32
C THR A 143 0.41 9.34 1.74
N PRO A 144 1.52 9.67 2.43
CA PRO A 144 2.40 10.73 1.99
C PRO A 144 3.08 10.39 0.67
N GLN A 145 3.30 11.44 -0.12
CA GLN A 145 3.91 11.28 -1.41
C GLN A 145 5.39 11.09 -1.14
N ASN A 146 5.84 9.88 -1.43
CA ASN A 146 7.13 9.18 -1.48
C ASN A 146 6.90 7.69 -1.74
N ALA A 147 5.66 7.21 -1.53
CA ALA A 147 5.20 5.87 -1.82
C ALA A 147 5.31 5.60 -3.33
N ILE A 148 6.53 5.23 -3.76
CA ILE A 148 6.82 4.85 -5.14
C ILE A 148 7.36 3.43 -5.04
N PHE A 149 6.92 2.56 -5.92
CA PHE A 149 7.40 1.20 -6.05
C PHE A 149 8.13 1.08 -7.40
N PHE A 150 8.93 0.03 -7.57
CA PHE A 150 9.79 -0.17 -8.72
C PHE A 150 9.72 -1.64 -9.13
N LYS A 151 9.16 -1.96 -10.29
CA LYS A 151 8.94 -3.34 -10.73
C LYS A 151 9.84 -3.63 -11.92
N THR A 152 10.67 -4.63 -11.73
CA THR A 152 11.71 -5.06 -12.66
C THR A 152 11.03 -5.99 -13.66
N CYS A 153 10.97 -5.63 -14.94
CA CYS A 153 10.46 -6.51 -15.99
C CYS A 153 11.60 -6.86 -16.94
N LEU A 154 11.35 -7.86 -17.77
CA LEU A 154 12.20 -8.30 -18.86
C LEU A 154 11.31 -8.50 -20.08
N GLN A 155 11.91 -8.55 -21.26
CA GLN A 155 11.22 -8.83 -22.51
C GLN A 155 10.64 -10.25 -22.47
N ALA A 156 9.32 -10.36 -22.61
CA ALA A 156 8.59 -11.63 -22.68
C ALA A 156 7.19 -11.39 -23.24
N GLU A 157 6.91 -11.93 -24.42
CA GLU A 157 5.65 -11.98 -25.13
C GLU A 157 5.67 -13.29 -25.92
N GLY A 1 -8.72 6.87 34.10
CA GLY A 1 -10.17 7.11 34.09
C GLY A 1 -10.70 6.88 35.49
N SER A 2 -11.06 5.64 35.79
CA SER A 2 -10.88 5.05 37.11
C SER A 2 -9.38 5.04 37.45
N HIS A 3 -9.02 4.58 38.67
CA HIS A 3 -7.62 4.37 39.08
C HIS A 3 -7.02 3.66 37.85
N MET A 4 -5.86 4.13 37.36
CA MET A 4 -5.33 3.61 36.11
C MET A 4 -5.38 2.09 35.91
N LEU A 5 -6.23 1.78 34.94
CA LEU A 5 -6.64 0.60 34.20
C LEU A 5 -7.60 1.33 33.27
N ASP A 6 -7.33 1.41 31.97
CA ASP A 6 -8.16 2.23 31.07
C ASP A 6 -8.19 1.62 29.68
N GLN A 7 -8.97 2.21 28.79
CA GLN A 7 -9.14 1.96 27.39
C GLN A 7 -9.14 3.38 26.81
N GLN A 8 -9.13 3.45 25.50
CA GLN A 8 -9.05 4.61 24.63
C GLN A 8 -9.98 4.42 23.44
N GLU A 9 -10.09 5.45 22.61
CA GLU A 9 -10.82 5.47 21.35
C GLU A 9 -10.11 4.58 20.31
N GLU A 10 -10.83 4.27 19.23
CA GLU A 10 -10.40 3.42 18.13
C GLU A 10 -9.88 4.26 16.96
N SER A 11 -9.33 3.61 15.93
CA SER A 11 -8.88 4.19 14.66
C SER A 11 -8.38 3.17 13.61
N LEU A 12 -8.04 3.68 12.43
CA LEU A 12 -7.58 3.00 11.20
C LEU A 12 -6.23 2.31 11.40
N TYR A 13 -6.08 1.09 10.87
CA TYR A 13 -4.85 0.29 10.82
C TYR A 13 -4.62 -0.13 9.36
N LEU A 14 -3.37 -0.09 8.88
CA LEU A 14 -3.00 -0.38 7.50
C LEU A 14 -1.56 -0.93 7.54
N TRP A 15 -1.34 -2.18 7.08
CA TRP A 15 -0.03 -2.80 7.02
C TRP A 15 0.15 -3.53 5.68
N ILE A 16 1.33 -4.09 5.41
CA ILE A 16 1.63 -4.92 4.25
C ILE A 16 1.92 -6.30 4.87
N ASP A 17 1.48 -7.40 4.23
CA ASP A 17 1.59 -8.72 4.86
C ASP A 17 2.86 -9.50 4.48
N ALA A 18 3.17 -10.44 5.37
CA ALA A 18 4.27 -11.37 5.24
C ALA A 18 4.00 -12.52 4.27
N HIS A 19 2.73 -12.78 3.88
CA HIS A 19 2.44 -13.82 2.91
C HIS A 19 3.16 -13.47 1.60
N GLN A 20 3.10 -12.19 1.21
CA GLN A 20 3.76 -11.71 0.02
C GLN A 20 5.28 -11.78 0.17
N ALA A 21 5.81 -11.26 1.28
CA ALA A 21 7.23 -11.26 1.56
C ALA A 21 7.82 -12.65 1.51
N ARG A 22 7.08 -13.67 1.95
CA ARG A 22 7.53 -15.03 1.85
C ARG A 22 7.86 -15.32 0.39
N VAL A 23 6.91 -15.14 -0.52
CA VAL A 23 7.12 -15.33 -1.96
C VAL A 23 8.33 -14.50 -2.46
N LEU A 24 8.69 -13.40 -1.80
CA LEU A 24 9.87 -12.62 -2.11
C LEU A 24 11.19 -13.29 -1.71
N ILE A 25 11.31 -13.88 -0.51
CA ILE A 25 12.61 -14.40 -0.03
C ILE A 25 12.55 -15.62 0.92
N GLY A 26 11.41 -16.29 0.97
CA GLY A 26 11.08 -17.41 1.85
C GLY A 26 11.02 -17.05 3.34
N PHE A 27 11.07 -15.76 3.66
CA PHE A 27 11.14 -15.18 5.00
C PHE A 27 9.78 -14.68 5.41
N GLU A 28 9.66 -14.20 6.64
CA GLU A 28 8.42 -13.67 7.20
C GLU A 28 8.65 -12.22 7.60
N GLU A 29 7.87 -11.27 7.05
CA GLU A 29 7.98 -9.84 7.35
C GLU A 29 6.68 -9.09 7.09
N ASP A 30 6.02 -8.55 8.12
CA ASP A 30 4.86 -7.68 7.94
C ASP A 30 5.46 -6.27 8.00
N ILE A 31 4.78 -5.27 7.46
CA ILE A 31 5.25 -3.89 7.59
C ILE A 31 4.05 -3.04 7.98
N LEU A 32 4.07 -2.50 9.20
CA LEU A 32 2.95 -1.76 9.77
C LEU A 32 3.09 -0.29 9.32
N ILE A 33 2.15 0.22 8.51
CA ILE A 33 2.18 1.60 8.01
C ILE A 33 1.45 2.51 9.00
N VAL A 34 0.15 2.27 9.18
CA VAL A 34 -0.78 3.06 9.96
C VAL A 34 -1.27 2.22 11.12
N SER A 35 -1.19 2.74 12.33
CA SER A 35 -1.73 2.12 13.52
C SER A 35 -2.49 3.27 14.17
N GLU A 36 -3.77 3.08 14.45
CA GLU A 36 -4.68 4.09 14.98
C GLU A 36 -4.52 5.47 14.28
N GLY A 37 -4.34 5.48 12.95
CA GLY A 37 -4.15 6.68 12.11
C GLY A 37 -2.75 7.33 12.21
N LYS A 38 -2.17 7.21 13.39
CA LYS A 38 -0.88 7.53 14.01
C LYS A 38 0.37 6.97 13.30
N MET A 39 0.37 6.94 11.96
CA MET A 39 1.40 6.32 11.11
C MET A 39 2.84 6.49 11.60
N ALA A 40 3.60 5.42 11.38
CA ALA A 40 5.03 5.39 11.63
C ALA A 40 5.69 6.26 10.54
N PRO A 41 6.92 6.73 10.74
CA PRO A 41 7.67 7.52 9.75
C PRO A 41 8.21 6.64 8.60
N PHE A 42 7.44 5.64 8.17
CA PHE A 42 7.80 4.61 7.20
C PHE A 42 8.28 5.19 5.86
N THR A 43 7.81 6.39 5.54
CA THR A 43 8.00 7.10 4.30
C THR A 43 9.48 7.24 3.91
N HIS A 44 10.33 7.50 4.91
CA HIS A 44 11.77 7.64 4.78
C HIS A 44 12.37 6.37 4.18
N ASP A 45 12.27 5.27 4.93
CA ASP A 45 12.90 4.01 4.57
C ASP A 45 12.20 3.37 3.38
N PHE A 46 10.91 3.62 3.17
CA PHE A 46 10.12 3.09 2.06
C PHE A 46 10.54 3.72 0.73
N ARG A 47 10.66 5.06 0.64
CA ARG A 47 11.10 5.68 -0.62
C ARG A 47 12.59 5.41 -0.82
N LYS A 48 13.37 5.32 0.26
CA LYS A 48 14.78 4.92 0.14
C LYS A 48 14.77 3.45 -0.34
N ALA A 49 15.90 2.91 -0.82
CA ALA A 49 15.89 1.49 -1.13
C ALA A 49 15.74 0.79 0.22
N GLN A 50 14.61 0.12 0.43
CA GLN A 50 14.31 -0.64 1.64
C GLN A 50 14.65 -2.09 1.34
N GLN A 51 14.60 -2.96 2.36
CA GLN A 51 14.84 -4.38 2.19
C GLN A 51 13.68 -5.10 1.48
N ARG A 52 12.41 -4.68 1.62
CA ARG A 52 11.28 -5.44 1.08
C ARG A 52 10.22 -4.68 0.28
N MET A 53 10.13 -3.35 0.36
CA MET A 53 9.03 -2.63 -0.29
C MET A 53 9.24 -2.11 -1.72
N PRO A 54 10.30 -1.34 -2.04
CA PRO A 54 10.42 -0.74 -3.36
C PRO A 54 10.68 -1.75 -4.48
N ALA A 55 11.86 -2.36 -4.50
CA ALA A 55 12.30 -3.24 -5.57
C ALA A 55 11.52 -4.56 -5.52
N ILE A 56 10.70 -4.81 -6.55
CA ILE A 56 9.82 -5.97 -6.72
C ILE A 56 10.28 -6.67 -8.00
N PRO A 57 10.58 -7.99 -7.99
CA PRO A 57 10.95 -8.72 -9.20
C PRO A 57 9.72 -9.01 -10.06
N VAL A 58 9.93 -9.23 -11.36
CA VAL A 58 8.94 -9.57 -12.37
C VAL A 58 7.93 -10.63 -11.89
N ASN A 59 8.44 -11.67 -11.21
CA ASN A 59 7.70 -12.84 -10.75
C ASN A 59 6.60 -12.50 -9.75
N ILE A 60 6.87 -11.58 -8.80
CA ILE A 60 5.84 -11.12 -7.90
C ILE A 60 4.90 -10.34 -8.81
N HIS A 61 3.69 -10.87 -8.97
CA HIS A 61 2.73 -10.25 -9.87
C HIS A 61 2.04 -9.10 -9.14
N SER A 62 1.95 -9.16 -7.82
CA SER A 62 1.21 -8.24 -6.98
C SER A 62 1.78 -8.20 -5.57
N MET A 63 1.37 -7.25 -4.73
CA MET A 63 1.72 -7.22 -3.31
C MET A 63 0.44 -7.11 -2.51
N ASN A 64 0.45 -7.64 -1.29
CA ASN A 64 -0.73 -7.68 -0.43
C ASN A 64 -0.61 -6.64 0.66
N PHE A 65 -1.47 -5.63 0.62
CA PHE A 65 -1.62 -4.64 1.65
C PHE A 65 -2.85 -5.10 2.42
N THR A 66 -2.95 -4.78 3.69
CA THR A 66 -4.04 -5.21 4.54
C THR A 66 -4.41 -4.01 5.38
N TRP A 67 -5.70 -3.72 5.51
CA TRP A 67 -6.12 -2.64 6.37
C TRP A 67 -7.44 -3.00 7.04
N GLN A 68 -7.74 -2.26 8.10
CA GLN A 68 -9.00 -2.35 8.79
C GLN A 68 -9.12 -1.26 9.85
N ALA A 69 -10.35 -0.96 10.19
CA ALA A 69 -10.72 -0.06 11.27
C ALA A 69 -10.74 -0.95 12.52
N ALA A 70 -11.18 -0.37 13.62
CA ALA A 70 -11.44 -0.98 14.89
C ALA A 70 -12.91 -0.61 15.11
N GLY A 71 -13.63 -1.63 15.54
CA GLY A 71 -15.05 -1.85 15.83
C GLY A 71 -16.11 -0.87 15.33
N GLN A 72 -16.04 0.43 15.61
CA GLN A 72 -17.04 1.44 15.23
C GLN A 72 -16.50 2.52 14.27
N ALA A 73 -15.18 2.62 14.15
CA ALA A 73 -14.39 3.62 13.44
C ALA A 73 -14.23 3.48 11.90
N GLU A 74 -15.21 3.05 11.09
CA GLU A 74 -15.00 2.93 9.64
C GLU A 74 -14.57 4.29 9.06
N TYR A 75 -13.33 4.35 8.57
CA TYR A 75 -12.77 5.49 7.85
C TYR A 75 -13.15 5.35 6.36
N PHE A 76 -13.18 6.44 5.61
CA PHE A 76 -13.47 6.40 4.17
C PHE A 76 -12.12 6.56 3.48
N TYR A 77 -11.92 6.00 2.30
CA TYR A 77 -10.68 6.19 1.53
C TYR A 77 -10.99 6.44 0.06
N GLU A 78 -10.02 7.00 -0.67
CA GLU A 78 -10.10 7.17 -2.11
C GLU A 78 -8.67 7.20 -2.67
N PHE A 79 -8.47 6.57 -3.82
CA PHE A 79 -7.17 6.49 -4.47
C PHE A 79 -7.00 7.72 -5.34
N LEU A 80 -6.22 8.69 -4.86
CA LEU A 80 -5.84 9.89 -5.60
C LEU A 80 -4.82 9.50 -6.67
N SER A 81 -3.88 8.62 -6.33
CA SER A 81 -2.86 8.12 -7.25
C SER A 81 -2.64 6.62 -7.06
N LEU A 82 -2.55 5.92 -8.20
CA LEU A 82 -2.21 4.51 -8.33
C LEU A 82 -1.91 4.39 -9.83
N ARG A 83 -0.66 4.54 -10.27
CA ARG A 83 -0.33 4.56 -11.70
C ARG A 83 1.14 4.24 -11.91
N SER A 84 1.53 3.71 -13.08
CA SER A 84 2.92 3.51 -13.40
C SER A 84 3.58 4.85 -13.71
N LEU A 85 4.92 4.78 -13.79
CA LEU A 85 5.79 5.86 -14.18
C LEU A 85 6.64 5.45 -15.38
N ASP A 86 6.86 4.15 -15.69
CA ASP A 86 7.57 3.81 -16.92
C ASP A 86 6.59 3.23 -17.96
N LYS A 87 6.99 3.44 -19.21
CA LYS A 87 6.47 3.11 -20.52
C LYS A 87 7.41 2.25 -21.36
N GLY A 88 8.68 2.30 -21.06
CA GLY A 88 9.70 1.44 -21.64
C GLY A 88 9.51 0.04 -21.05
N ILE A 89 9.85 -0.12 -19.77
CA ILE A 89 9.69 -1.28 -18.87
C ILE A 89 8.22 -1.40 -18.39
N MET A 90 7.31 -0.88 -19.20
CA MET A 90 5.90 -0.70 -18.99
C MET A 90 5.23 -1.90 -18.35
N ALA A 91 4.55 -1.53 -17.29
CA ALA A 91 3.65 -2.20 -16.40
C ALA A 91 2.68 -1.11 -16.02
N ASP A 92 1.45 -1.46 -15.70
CA ASP A 92 0.50 -0.47 -15.20
C ASP A 92 -0.27 -1.14 -14.07
N PRO A 93 -0.12 -0.67 -12.81
CA PRO A 93 -0.70 -1.32 -11.65
C PRO A 93 -2.22 -1.23 -11.55
N THR A 94 -2.77 -2.13 -10.73
CA THR A 94 -4.19 -2.25 -10.42
C THR A 94 -4.37 -2.51 -8.92
N VAL A 95 -5.61 -2.39 -8.41
CA VAL A 95 -5.94 -2.73 -7.02
C VAL A 95 -7.13 -3.71 -6.96
N ASN A 96 -7.20 -4.47 -5.87
CA ASN A 96 -8.23 -5.47 -5.54
C ASN A 96 -9.53 -4.85 -5.00
N VAL A 97 -9.66 -3.54 -5.07
CA VAL A 97 -10.78 -2.78 -4.51
C VAL A 97 -11.16 -1.65 -5.48
N PRO A 98 -12.36 -1.05 -5.32
CA PRO A 98 -12.71 0.12 -6.11
C PRO A 98 -11.80 1.29 -5.75
N LEU A 99 -11.78 2.31 -6.62
CA LEU A 99 -10.99 3.52 -6.45
C LEU A 99 -11.41 4.33 -5.22
N LEU A 100 -12.55 4.05 -4.59
CA LEU A 100 -12.98 4.65 -3.33
C LEU A 100 -13.70 3.59 -2.51
N GLY A 101 -13.91 3.83 -1.22
CA GLY A 101 -14.58 2.86 -0.36
C GLY A 101 -14.37 3.24 1.10
N THR A 102 -14.59 2.29 2.02
CA THR A 102 -14.30 2.50 3.42
C THR A 102 -13.29 1.46 3.90
N VAL A 103 -12.62 1.76 5.01
CA VAL A 103 -11.71 0.84 5.69
C VAL A 103 -12.58 0.16 6.77
N PRO A 104 -12.84 -1.16 6.66
CA PRO A 104 -13.76 -1.85 7.56
C PRO A 104 -13.08 -2.50 8.77
N HIS A 105 -13.83 -2.87 9.80
CA HIS A 105 -13.28 -3.37 11.08
C HIS A 105 -12.71 -4.79 10.99
N LYS A 106 -12.73 -5.39 9.80
CA LYS A 106 -12.20 -6.71 9.54
C LYS A 106 -11.03 -6.57 8.58
N ALA A 107 -9.85 -7.10 8.90
CA ALA A 107 -8.69 -7.14 8.02
C ALA A 107 -9.13 -7.51 6.61
N SER A 108 -9.04 -6.57 5.69
CA SER A 108 -9.35 -6.78 4.29
C SER A 108 -8.06 -6.54 3.51
N VAL A 109 -7.82 -7.41 2.53
CA VAL A 109 -6.57 -7.43 1.77
C VAL A 109 -6.75 -6.68 0.46
N VAL A 110 -6.02 -5.58 0.32
CA VAL A 110 -5.96 -4.83 -0.91
C VAL A 110 -4.73 -5.40 -1.59
N GLN A 111 -4.93 -6.25 -2.59
CA GLN A 111 -3.82 -6.73 -3.39
C GLN A 111 -3.61 -5.67 -4.46
N VAL A 112 -2.42 -5.09 -4.51
CA VAL A 112 -2.03 -4.16 -5.56
C VAL A 112 -1.41 -5.07 -6.63
N GLY A 113 -2.04 -5.18 -7.79
CA GLY A 113 -1.56 -5.96 -8.92
C GLY A 113 -0.59 -5.13 -9.74
N PHE A 114 0.38 -5.78 -10.39
CA PHE A 114 1.37 -5.11 -11.22
C PHE A 114 1.55 -5.92 -12.52
N PRO A 115 0.58 -5.87 -13.45
CA PRO A 115 0.76 -6.50 -14.76
C PRO A 115 1.83 -5.71 -15.51
N CYS A 116 2.96 -6.37 -15.77
CA CYS A 116 4.03 -5.82 -16.59
C CYS A 116 3.81 -6.36 -18.00
N LEU A 117 4.04 -5.54 -19.02
CA LEU A 117 3.84 -5.95 -20.41
C LEU A 117 5.04 -6.75 -20.92
N GLY A 118 6.15 -6.75 -20.16
CA GLY A 118 7.35 -7.53 -20.39
C GLY A 118 7.95 -7.25 -21.76
N LYS A 119 8.29 -5.98 -22.04
CA LYS A 119 8.87 -5.62 -23.34
C LYS A 119 10.30 -5.16 -23.17
N GLN A 120 10.55 -3.95 -22.68
CA GLN A 120 11.94 -3.56 -22.39
C GLN A 120 12.32 -4.24 -21.07
N ASP A 121 13.60 -4.55 -20.92
CA ASP A 121 14.18 -5.14 -19.72
C ASP A 121 14.69 -3.99 -18.87
N GLY A 122 14.57 -4.09 -17.54
CA GLY A 122 15.01 -3.03 -16.64
C GLY A 122 14.09 -2.94 -15.44
N VAL A 123 13.99 -1.74 -14.86
CA VAL A 123 13.18 -1.49 -13.69
C VAL A 123 12.28 -0.29 -13.96
N ALA A 124 10.97 -0.53 -14.01
CA ALA A 124 9.95 0.49 -14.13
C ALA A 124 9.61 0.91 -12.70
N ALA A 125 8.89 2.02 -12.54
CA ALA A 125 8.40 2.49 -11.24
C ALA A 125 6.90 2.75 -11.31
N PHE A 126 6.23 2.85 -10.17
CA PHE A 126 4.82 3.22 -10.07
C PHE A 126 4.61 4.02 -8.78
N GLU A 127 3.59 4.88 -8.76
CA GLU A 127 3.25 5.83 -7.72
C GLU A 127 1.93 5.45 -7.06
N VAL A 128 1.78 5.77 -5.77
CA VAL A 128 0.56 5.60 -4.99
C VAL A 128 0.34 6.80 -4.06
N ASP A 129 -0.92 7.20 -3.87
CA ASP A 129 -1.41 8.23 -2.95
C ASP A 129 -2.88 7.88 -2.70
N VAL A 130 -3.26 7.56 -1.48
CA VAL A 130 -4.63 7.27 -1.09
C VAL A 130 -4.89 8.20 0.06
N ILE A 131 -5.90 9.03 -0.10
CA ILE A 131 -6.35 9.89 0.98
C ILE A 131 -7.45 9.14 1.75
N VAL A 132 -7.70 9.62 2.95
CA VAL A 132 -8.66 9.06 3.89
C VAL A 132 -9.42 10.22 4.49
N MET A 133 -10.73 10.05 4.55
CA MET A 133 -11.67 11.06 5.01
C MET A 133 -12.71 10.39 5.90
N ASN A 134 -13.58 11.20 6.48
CA ASN A 134 -14.73 10.72 7.24
C ASN A 134 -15.86 10.62 6.20
N SER A 135 -17.04 10.12 6.57
CA SER A 135 -18.14 9.95 5.62
C SER A 135 -18.69 11.29 5.05
N GLU A 136 -18.22 12.46 5.50
CA GLU A 136 -18.59 13.76 4.93
C GLU A 136 -17.62 14.16 3.81
N GLY A 137 -16.47 13.48 3.70
CA GLY A 137 -15.39 13.83 2.79
C GLY A 137 -14.33 14.72 3.45
N ASN A 138 -14.47 15.07 4.73
CA ASN A 138 -13.44 15.82 5.44
C ASN A 138 -12.23 14.90 5.64
N THR A 139 -11.12 15.27 5.01
CA THR A 139 -9.87 14.51 4.99
C THR A 139 -9.25 14.53 6.38
N ILE A 140 -8.62 13.42 6.78
CA ILE A 140 -8.08 13.20 8.13
C ILE A 140 -6.74 12.46 8.14
N LEU A 141 -6.58 11.47 7.26
CA LEU A 141 -5.35 10.68 7.10
C LEU A 141 -5.01 10.70 5.61
N GLN A 142 -3.74 10.59 5.23
CA GLN A 142 -3.33 10.51 3.84
C GLN A 142 -2.06 9.70 3.72
N THR A 143 -1.92 9.00 2.61
CA THR A 143 -0.70 8.27 2.27
C THR A 143 0.23 9.37 1.74
N PRO A 144 1.34 9.69 2.42
CA PRO A 144 2.14 10.81 2.00
C PRO A 144 2.75 10.54 0.64
N GLN A 145 2.86 11.60 -0.17
CA GLN A 145 3.31 11.42 -1.52
C GLN A 145 4.80 11.20 -1.39
N ASN A 146 5.22 9.98 -1.71
CA ASN A 146 6.54 9.39 -1.58
C ASN A 146 6.47 7.92 -1.91
N ALA A 147 5.33 7.28 -1.62
CA ALA A 147 5.04 5.87 -1.85
C ALA A 147 5.19 5.57 -3.34
N ILE A 148 6.40 5.12 -3.70
CA ILE A 148 6.81 4.72 -5.03
C ILE A 148 7.36 3.32 -4.85
N PHE A 149 7.09 2.45 -5.80
CA PHE A 149 7.62 1.11 -5.86
C PHE A 149 8.32 0.97 -7.21
N PHE A 150 9.13 -0.07 -7.36
CA PHE A 150 9.97 -0.30 -8.52
C PHE A 150 9.80 -1.74 -8.96
N LYS A 151 9.23 -1.99 -10.14
CA LYS A 151 9.07 -3.36 -10.64
C LYS A 151 10.15 -3.61 -11.66
N THR A 152 10.95 -4.64 -11.41
CA THR A 152 11.96 -5.11 -12.32
C THR A 152 11.22 -6.03 -13.29
N CYS A 153 11.20 -5.71 -14.58
CA CYS A 153 10.63 -6.56 -15.61
C CYS A 153 11.71 -6.95 -16.61
N LEU A 154 11.41 -7.96 -17.43
CA LEU A 154 12.25 -8.45 -18.50
C LEU A 154 11.36 -8.73 -19.71
N GLN A 155 11.97 -8.82 -20.89
CA GLN A 155 11.29 -9.16 -22.13
C GLN A 155 10.71 -10.58 -22.05
N ALA A 156 9.42 -10.71 -22.36
CA ALA A 156 8.69 -11.96 -22.45
C ALA A 156 7.45 -11.73 -23.30
N GLU A 157 6.81 -12.81 -23.72
CA GLU A 157 5.55 -12.90 -24.43
C GLU A 157 5.03 -14.30 -24.09
N GLY A 1 2.10 8.49 28.40
CA GLY A 1 1.98 9.27 27.17
C GLY A 1 2.64 10.60 27.44
N SER A 2 1.85 11.67 27.58
CA SER A 2 2.15 12.68 28.60
C SER A 2 2.18 12.00 29.98
N HIS A 3 2.64 12.68 31.03
CA HIS A 3 2.55 12.08 32.37
C HIS A 3 1.05 12.11 32.71
N MET A 4 0.44 10.93 32.80
CA MET A 4 -0.97 10.67 33.03
C MET A 4 -1.12 9.15 33.13
N LEU A 5 -2.32 8.66 33.45
CA LEU A 5 -2.62 7.24 33.44
C LEU A 5 -3.06 7.03 31.99
N ASP A 6 -2.29 6.26 31.22
CA ASP A 6 -2.56 6.08 29.80
C ASP A 6 -3.74 5.13 29.59
N GLN A 7 -4.36 5.25 28.41
CA GLN A 7 -5.41 4.46 27.82
C GLN A 7 -5.37 4.94 26.36
N GLN A 8 -5.67 4.06 25.43
CA GLN A 8 -5.81 4.39 24.02
C GLN A 8 -6.81 3.42 23.40
N GLU A 9 -7.46 3.89 22.34
CA GLU A 9 -8.47 3.17 21.57
C GLU A 9 -7.90 2.89 20.18
N GLU A 10 -8.67 2.16 19.37
CA GLU A 10 -8.34 1.90 17.96
C GLU A 10 -8.43 3.23 17.16
N SER A 11 -7.90 3.22 15.94
CA SER A 11 -7.93 4.25 14.88
C SER A 11 -7.44 3.56 13.58
N LEU A 12 -7.43 4.21 12.41
CA LEU A 12 -7.11 3.60 11.10
C LEU A 12 -5.84 2.75 11.16
N TYR A 13 -5.92 1.47 10.77
CA TYR A 13 -4.76 0.58 10.66
C TYR A 13 -4.56 0.15 9.21
N LEU A 14 -3.30 -0.01 8.78
CA LEU A 14 -2.93 -0.44 7.43
C LEU A 14 -1.54 -1.10 7.55
N TRP A 15 -1.41 -2.38 7.21
CA TRP A 15 -0.16 -3.12 7.20
C TRP A 15 0.01 -3.87 5.87
N ILE A 16 1.15 -4.52 5.69
CA ILE A 16 1.43 -5.38 4.57
C ILE A 16 1.52 -6.76 5.21
N ASP A 17 0.58 -7.65 4.89
CA ASP A 17 0.59 -8.97 5.50
C ASP A 17 1.71 -9.82 4.93
N ALA A 18 2.20 -10.72 5.78
CA ALA A 18 3.37 -11.56 5.55
C ALA A 18 3.34 -12.39 4.28
N HIS A 19 2.18 -12.61 3.66
CA HIS A 19 2.13 -13.31 2.39
C HIS A 19 3.00 -12.61 1.34
N GLN A 20 3.11 -11.28 1.36
CA GLN A 20 4.02 -10.57 0.46
C GLN A 20 5.47 -11.00 0.71
N ALA A 21 5.95 -10.88 1.95
CA ALA A 21 7.26 -11.35 2.35
C ALA A 21 7.47 -12.81 2.00
N ARG A 22 6.45 -13.65 2.14
CA ARG A 22 6.56 -15.04 1.73
C ARG A 22 6.95 -15.09 0.26
N VAL A 23 6.15 -14.51 -0.64
CA VAL A 23 6.46 -14.44 -2.07
C VAL A 23 7.86 -13.84 -2.31
N LEU A 24 8.40 -13.04 -1.38
CA LEU A 24 9.74 -12.49 -1.48
C LEU A 24 10.85 -13.49 -1.12
N ILE A 25 10.69 -14.29 -0.05
CA ILE A 25 11.77 -15.16 0.46
C ILE A 25 11.34 -16.47 1.15
N GLY A 26 10.10 -16.88 0.95
CA GLY A 26 9.42 -18.03 1.55
C GLY A 26 9.22 -17.95 3.06
N PHE A 27 9.54 -16.82 3.66
CA PHE A 27 9.56 -16.50 5.09
C PHE A 27 8.31 -15.72 5.48
N GLU A 28 8.16 -15.43 6.77
CA GLU A 28 6.97 -14.78 7.33
C GLU A 28 7.37 -13.50 8.06
N GLU A 29 6.92 -12.34 7.57
CA GLU A 29 7.20 -11.00 8.11
C GLU A 29 6.11 -10.01 7.65
N ASP A 30 5.31 -9.48 8.57
CA ASP A 30 4.33 -8.41 8.27
C ASP A 30 5.10 -7.07 8.29
N ILE A 31 4.47 -6.00 7.79
CA ILE A 31 5.04 -4.66 7.90
C ILE A 31 3.88 -3.74 8.28
N LEU A 32 3.90 -3.17 9.48
CA LEU A 32 2.82 -2.30 9.95
C LEU A 32 3.13 -0.88 9.43
N ILE A 33 2.30 -0.34 8.53
CA ILE A 33 2.54 0.96 7.90
C ILE A 33 1.93 2.06 8.78
N VAL A 34 0.63 1.91 9.04
CA VAL A 34 -0.21 2.86 9.74
C VAL A 34 -0.83 2.06 10.87
N SER A 35 -0.50 2.36 12.12
CA SER A 35 -1.15 1.75 13.26
C SER A 35 -1.92 2.91 13.86
N GLU A 36 -3.22 2.77 14.10
CA GLU A 36 -4.05 3.77 14.75
C GLU A 36 -3.85 5.22 14.23
N GLY A 37 -3.58 5.39 12.93
CA GLY A 37 -3.31 6.67 12.24
C GLY A 37 -1.94 7.30 12.54
N LYS A 38 -1.16 6.71 13.45
CA LYS A 38 0.11 7.05 14.08
C LYS A 38 1.29 6.78 13.14
N MET A 39 1.10 7.05 11.84
CA MET A 39 2.01 6.75 10.74
C MET A 39 3.49 6.94 11.07
N ALA A 40 4.21 5.83 10.97
CA ALA A 40 5.65 5.76 11.10
C ALA A 40 6.30 6.47 9.89
N PRO A 41 7.59 6.81 9.95
CA PRO A 41 8.34 7.38 8.83
C PRO A 41 8.66 6.33 7.74
N PHE A 42 7.84 5.28 7.60
CA PHE A 42 8.05 4.14 6.70
C PHE A 42 8.25 4.56 5.25
N THR A 43 7.71 5.71 4.88
CA THR A 43 7.68 6.20 3.51
C THR A 43 9.09 6.48 3.00
N HIS A 44 10.01 6.86 3.90
CA HIS A 44 11.39 7.10 3.49
C HIS A 44 12.02 5.75 3.13
N ASP A 45 12.02 4.80 4.07
CA ASP A 45 12.57 3.45 3.88
C ASP A 45 11.91 2.68 2.74
N PHE A 46 10.68 3.03 2.40
CA PHE A 46 9.96 2.50 1.26
C PHE A 46 10.64 3.09 0.02
N ARG A 47 10.58 4.42 -0.18
CA ARG A 47 11.14 5.16 -1.31
C ARG A 47 12.66 4.96 -1.52
N LYS A 48 13.39 4.56 -0.48
CA LYS A 48 14.85 4.35 -0.38
C LYS A 48 15.30 3.23 -1.33
N ALA A 49 16.61 2.97 -1.40
CA ALA A 49 17.14 1.84 -2.16
C ALA A 49 16.57 0.52 -1.61
N GLN A 50 16.82 -0.60 -2.30
CA GLN A 50 16.29 -1.93 -2.00
C GLN A 50 16.36 -2.25 -0.50
N GLN A 51 15.19 -2.38 0.13
CA GLN A 51 15.08 -2.80 1.52
C GLN A 51 13.86 -3.70 1.68
N ARG A 52 12.63 -3.19 1.49
CA ARG A 52 11.42 -4.02 1.66
C ARG A 52 10.26 -3.70 0.71
N MET A 53 10.27 -2.53 0.05
CA MET A 53 9.18 -2.09 -0.82
C MET A 53 9.58 -1.41 -2.14
N PRO A 54 10.77 -0.80 -2.32
CA PRO A 54 11.06 -0.06 -3.55
C PRO A 54 11.27 -1.03 -4.71
N ALA A 55 12.46 -1.63 -4.83
CA ALA A 55 12.77 -2.56 -5.89
C ALA A 55 11.99 -3.86 -5.64
N ILE A 56 11.05 -4.17 -6.52
CA ILE A 56 10.17 -5.32 -6.53
C ILE A 56 10.55 -6.12 -7.78
N PRO A 57 11.04 -7.36 -7.65
CA PRO A 57 11.43 -8.15 -8.82
C PRO A 57 10.18 -8.64 -9.56
N VAL A 58 10.33 -8.97 -10.84
CA VAL A 58 9.32 -9.58 -11.70
C VAL A 58 8.51 -10.67 -10.99
N ASN A 59 9.21 -11.51 -10.22
CA ASN A 59 8.69 -12.60 -9.38
C ASN A 59 7.48 -12.18 -8.54
N ILE A 60 7.52 -10.99 -7.93
CA ILE A 60 6.39 -10.53 -7.17
C ILE A 60 5.36 -10.09 -8.21
N HIS A 61 4.25 -10.81 -8.27
CA HIS A 61 3.14 -10.45 -9.12
C HIS A 61 2.33 -9.36 -8.41
N SER A 62 2.26 -9.43 -7.09
CA SER A 62 1.42 -8.56 -6.29
C SER A 62 1.89 -8.52 -4.84
N MET A 63 1.56 -7.44 -4.15
CA MET A 63 1.77 -7.28 -2.72
C MET A 63 0.40 -7.53 -2.12
N ASN A 64 0.37 -7.88 -0.84
CA ASN A 64 -0.86 -8.02 -0.09
C ASN A 64 -0.78 -7.01 1.03
N PHE A 65 -1.63 -6.01 0.99
CA PHE A 65 -1.75 -5.05 2.06
C PHE A 65 -2.99 -5.51 2.82
N THR A 66 -3.10 -5.15 4.08
CA THR A 66 -4.25 -5.46 4.90
C THR A 66 -4.55 -4.19 5.67
N TRP A 67 -5.81 -3.80 5.76
CA TRP A 67 -6.17 -2.62 6.52
C TRP A 67 -7.49 -2.84 7.22
N GLN A 68 -7.79 -1.96 8.16
CA GLN A 68 -9.08 -1.94 8.83
C GLN A 68 -9.32 -0.63 9.56
N ALA A 69 -10.59 -0.22 9.65
CA ALA A 69 -10.97 0.92 10.45
C ALA A 69 -11.01 0.48 11.92
N ALA A 70 -11.47 1.37 12.79
CA ALA A 70 -11.49 1.26 14.23
C ALA A 70 -12.94 1.24 14.72
N GLY A 71 -13.42 0.03 14.93
CA GLY A 71 -14.74 -0.47 15.33
C GLY A 71 -16.02 0.21 14.82
N GLN A 72 -16.26 1.52 15.02
CA GLN A 72 -17.40 2.25 14.44
C GLN A 72 -17.01 3.38 13.47
N ALA A 73 -15.75 3.80 13.51
CA ALA A 73 -15.12 4.90 12.79
C ALA A 73 -14.86 4.67 11.29
N GLU A 74 -15.73 3.98 10.52
CA GLU A 74 -15.49 3.61 9.12
C GLU A 74 -14.77 4.75 8.37
N TYR A 75 -13.53 4.48 7.98
CA TYR A 75 -12.68 5.41 7.26
C TYR A 75 -12.97 5.21 5.80
N PHE A 76 -13.55 6.20 5.15
CA PHE A 76 -13.77 6.18 3.71
C PHE A 76 -12.40 6.41 3.10
N TYR A 77 -12.09 5.84 1.94
CA TYR A 77 -10.84 6.08 1.25
C TYR A 77 -11.10 6.35 -0.23
N GLU A 78 -10.14 6.98 -0.89
CA GLU A 78 -10.16 7.18 -2.33
C GLU A 78 -8.71 7.27 -2.80
N PHE A 79 -8.39 6.57 -3.89
CA PHE A 79 -7.06 6.53 -4.47
C PHE A 79 -6.85 7.77 -5.36
N LEU A 80 -6.09 8.74 -4.84
CA LEU A 80 -5.69 9.95 -5.55
C LEU A 80 -4.74 9.55 -6.68
N SER A 81 -3.82 8.62 -6.40
CA SER A 81 -2.84 8.11 -7.34
C SER A 81 -2.74 6.60 -7.26
N LEU A 82 -2.63 5.97 -8.43
CA LEU A 82 -2.38 4.55 -8.66
C LEU A 82 -2.11 4.47 -10.17
N ARG A 83 -0.85 4.53 -10.60
CA ARG A 83 -0.48 4.59 -12.03
C ARG A 83 0.98 4.21 -12.25
N SER A 84 1.35 3.75 -13.45
CA SER A 84 2.74 3.50 -13.79
C SER A 84 3.46 4.85 -13.97
N LEU A 85 4.79 4.82 -13.95
CA LEU A 85 5.63 5.98 -14.23
C LEU A 85 6.64 5.71 -15.33
N ASP A 86 6.95 4.47 -15.71
CA ASP A 86 7.90 4.24 -16.82
C ASP A 86 7.21 4.23 -18.19
N LYS A 87 7.99 4.13 -19.27
CA LYS A 87 7.62 4.05 -20.68
C LYS A 87 8.00 2.71 -21.31
N GLY A 88 9.24 2.27 -21.12
CA GLY A 88 9.72 1.00 -21.63
C GLY A 88 9.24 -0.15 -20.75
N ILE A 89 9.73 -0.19 -19.52
CA ILE A 89 9.52 -1.21 -18.49
C ILE A 89 8.12 -1.04 -17.86
N MET A 90 7.24 -0.29 -18.53
CA MET A 90 5.92 0.14 -18.11
C MET A 90 5.16 -1.03 -17.47
N ALA A 91 4.56 -0.73 -16.33
CA ALA A 91 3.91 -1.67 -15.45
C ALA A 91 2.91 -0.91 -14.61
N ASP A 92 1.63 -1.19 -14.77
CA ASP A 92 0.60 -0.43 -14.09
C ASP A 92 0.15 -1.18 -12.85
N PRO A 93 -0.01 -0.49 -11.70
CA PRO A 93 -0.55 -1.10 -10.52
C PRO A 93 -2.05 -1.32 -10.71
N THR A 94 -2.59 -2.30 -9.99
CA THR A 94 -4.01 -2.61 -9.92
C THR A 94 -4.35 -2.98 -8.48
N VAL A 95 -5.60 -2.88 -8.05
CA VAL A 95 -6.03 -3.20 -6.69
C VAL A 95 -7.19 -4.20 -6.64
N ASN A 96 -7.27 -4.94 -5.53
CA ASN A 96 -8.33 -5.89 -5.16
C ASN A 96 -9.63 -5.20 -4.70
N VAL A 97 -9.70 -3.89 -4.81
CA VAL A 97 -10.81 -3.06 -4.36
C VAL A 97 -11.04 -1.95 -5.40
N PRO A 98 -12.18 -1.25 -5.36
CA PRO A 98 -12.39 -0.10 -6.23
C PRO A 98 -11.43 1.03 -5.84
N LEU A 99 -11.34 2.02 -6.74
CA LEU A 99 -10.54 3.24 -6.55
C LEU A 99 -11.09 4.10 -5.40
N LEU A 100 -12.26 3.80 -4.82
CA LEU A 100 -12.82 4.45 -3.65
C LEU A 100 -13.59 3.40 -2.86
N GLY A 101 -13.92 3.67 -1.60
CA GLY A 101 -14.66 2.72 -0.77
C GLY A 101 -14.49 3.05 0.70
N THR A 102 -14.76 2.10 1.59
CA THR A 102 -14.49 2.28 3.00
C THR A 102 -13.52 1.17 3.44
N VAL A 103 -12.74 1.48 4.46
CA VAL A 103 -11.83 0.57 5.11
C VAL A 103 -12.66 -0.10 6.22
N PRO A 104 -12.96 -1.41 6.17
CA PRO A 104 -13.84 -2.05 7.14
C PRO A 104 -13.21 -2.22 8.50
N HIS A 105 -14.00 -2.38 9.56
CA HIS A 105 -13.45 -2.39 10.91
C HIS A 105 -12.52 -3.53 11.25
N LYS A 106 -12.63 -4.67 10.60
CA LYS A 106 -11.66 -5.76 10.78
C LYS A 106 -10.88 -6.09 9.52
N ALA A 107 -9.65 -6.58 9.73
CA ALA A 107 -8.61 -6.86 8.76
C ALA A 107 -9.15 -7.47 7.47
N SER A 108 -9.07 -6.69 6.39
CA SER A 108 -9.41 -7.12 5.04
C SER A 108 -8.20 -6.85 4.15
N VAL A 109 -7.95 -7.74 3.19
CA VAL A 109 -6.77 -7.74 2.34
C VAL A 109 -7.02 -7.00 1.02
N VAL A 110 -6.13 -6.07 0.69
CA VAL A 110 -6.08 -5.34 -0.56
C VAL A 110 -4.81 -5.85 -1.24
N GLN A 111 -4.98 -6.73 -2.24
CA GLN A 111 -3.86 -7.18 -3.03
C GLN A 111 -3.61 -6.07 -4.06
N VAL A 112 -2.38 -5.59 -4.18
CA VAL A 112 -2.00 -4.63 -5.21
C VAL A 112 -1.28 -5.50 -6.23
N GLY A 113 -1.84 -5.65 -7.44
CA GLY A 113 -1.28 -6.42 -8.51
C GLY A 113 -0.45 -5.51 -9.40
N PHE A 114 0.61 -6.03 -10.03
CA PHE A 114 1.51 -5.21 -10.82
C PHE A 114 1.73 -5.84 -12.21
N PRO A 115 0.75 -5.77 -13.13
CA PRO A 115 0.92 -6.21 -14.50
C PRO A 115 1.96 -5.34 -15.19
N CYS A 116 3.09 -5.97 -15.56
CA CYS A 116 4.13 -5.33 -16.35
C CYS A 116 3.81 -5.61 -17.81
N LEU A 117 4.11 -4.66 -18.71
CA LEU A 117 3.91 -4.87 -20.14
C LEU A 117 4.96 -5.83 -20.70
N GLY A 118 6.04 -6.06 -19.95
CA GLY A 118 7.09 -7.03 -20.21
C GLY A 118 7.82 -6.85 -21.53
N LYS A 119 7.84 -5.66 -22.14
CA LYS A 119 8.45 -5.51 -23.46
C LYS A 119 9.90 -5.06 -23.36
N GLN A 120 10.18 -4.05 -22.53
CA GLN A 120 11.55 -3.63 -22.25
C GLN A 120 11.99 -4.30 -20.95
N ASP A 121 13.29 -4.54 -20.84
CA ASP A 121 13.92 -5.05 -19.62
C ASP A 121 14.41 -3.85 -18.82
N GLY A 122 14.50 -3.96 -17.49
CA GLY A 122 15.01 -2.90 -16.64
C GLY A 122 14.19 -2.79 -15.37
N VAL A 123 14.15 -1.59 -14.79
CA VAL A 123 13.38 -1.31 -13.59
C VAL A 123 12.51 -0.08 -13.85
N ALA A 124 11.20 -0.28 -13.86
CA ALA A 124 10.20 0.78 -13.95
C ALA A 124 9.91 1.30 -12.56
N ALA A 125 9.08 2.35 -12.51
CA ALA A 125 8.54 2.95 -11.29
C ALA A 125 7.03 3.04 -11.46
N PHE A 126 6.28 3.09 -10.36
CA PHE A 126 4.84 3.33 -10.32
C PHE A 126 4.50 4.04 -9.01
N GLU A 127 3.42 4.81 -8.99
CA GLU A 127 3.00 5.67 -7.90
C GLU A 127 1.67 5.25 -7.30
N VAL A 128 1.52 5.43 -5.98
CA VAL A 128 0.26 5.21 -5.27
C VAL A 128 0.13 6.32 -4.20
N ASP A 129 -1.05 6.89 -4.03
CA ASP A 129 -1.38 7.89 -3.01
C ASP A 129 -2.88 7.79 -2.75
N VAL A 130 -3.32 7.70 -1.49
CA VAL A 130 -4.70 7.48 -1.12
C VAL A 130 -5.01 8.42 0.02
N ILE A 131 -6.12 9.13 -0.12
CA ILE A 131 -6.66 9.99 0.91
C ILE A 131 -7.75 9.19 1.61
N VAL A 132 -8.11 9.67 2.78
CA VAL A 132 -9.04 9.04 3.68
C VAL A 132 -9.86 10.16 4.30
N MET A 133 -11.16 9.91 4.32
CA MET A 133 -12.18 10.80 4.83
C MET A 133 -13.11 9.96 5.69
N ASN A 134 -14.07 10.60 6.34
CA ASN A 134 -15.10 9.86 7.07
C ASN A 134 -16.24 9.71 6.04
N SER A 135 -17.33 9.01 6.36
CA SER A 135 -18.42 8.81 5.39
C SER A 135 -19.15 10.12 5.01
N GLU A 136 -18.84 11.29 5.60
CA GLU A 136 -19.39 12.57 5.20
C GLU A 136 -18.57 13.17 4.05
N GLY A 137 -17.35 12.65 3.81
CA GLY A 137 -16.39 13.18 2.85
C GLY A 137 -15.40 14.14 3.51
N ASN A 138 -15.49 14.39 4.83
CA ASN A 138 -14.50 15.21 5.53
C ASN A 138 -13.19 14.43 5.61
N THR A 139 -12.16 14.95 4.96
CA THR A 139 -10.83 14.37 4.89
C THR A 139 -10.22 14.38 6.30
N ILE A 140 -9.47 13.34 6.65
CA ILE A 140 -8.91 13.14 7.99
C ILE A 140 -7.50 12.58 7.98
N LEU A 141 -7.19 11.69 7.03
CA LEU A 141 -5.87 11.06 6.88
C LEU A 141 -5.50 11.09 5.40
N GLN A 142 -4.22 11.18 5.07
CA GLN A 142 -3.71 11.17 3.70
C GLN A 142 -2.40 10.39 3.71
N THR A 143 -2.20 9.57 2.69
CA THR A 143 -0.96 8.84 2.48
C THR A 143 0.12 9.88 2.18
N PRO A 144 1.29 9.82 2.84
CA PRO A 144 2.31 10.82 2.58
C PRO A 144 2.90 10.57 1.20
N GLN A 145 3.22 11.66 0.52
CA GLN A 145 3.66 11.60 -0.84
C GLN A 145 5.16 11.34 -0.81
N ASN A 146 5.54 10.16 -1.27
CA ASN A 146 6.83 9.49 -1.55
C ASN A 146 6.59 8.02 -1.93
N ALA A 147 5.37 7.49 -1.76
CA ALA A 147 4.96 6.12 -2.04
C ALA A 147 5.07 5.79 -3.55
N ILE A 148 6.30 5.42 -3.94
CA ILE A 148 6.72 5.08 -5.28
C ILE A 148 7.35 3.69 -5.16
N PHE A 149 6.85 2.71 -5.90
CA PHE A 149 7.46 1.38 -5.96
C PHE A 149 8.21 1.30 -7.28
N PHE A 150 9.10 0.33 -7.43
CA PHE A 150 9.98 0.18 -8.58
C PHE A 150 9.95 -1.27 -9.02
N LYS A 151 9.41 -1.61 -10.20
CA LYS A 151 9.27 -3.00 -10.59
C LYS A 151 10.34 -3.35 -11.62
N THR A 152 11.13 -4.38 -11.33
CA THR A 152 12.12 -4.92 -12.24
C THR A 152 11.39 -5.88 -13.16
N CYS A 153 11.30 -5.57 -14.45
CA CYS A 153 10.74 -6.43 -15.48
C CYS A 153 11.81 -6.81 -16.50
N LEU A 154 11.49 -7.80 -17.32
CA LEU A 154 12.34 -8.38 -18.35
C LEU A 154 11.48 -8.60 -19.61
N GLN A 155 12.12 -8.72 -20.76
CA GLN A 155 11.48 -8.91 -22.06
C GLN A 155 10.85 -10.30 -22.18
N ALA A 156 9.53 -10.37 -22.33
CA ALA A 156 8.74 -11.55 -22.58
C ALA A 156 7.65 -11.21 -23.60
N GLU A 157 7.02 -12.24 -24.15
CA GLU A 157 5.89 -12.09 -25.03
C GLU A 157 4.64 -12.24 -24.17
N GLY A 1 1.47 10.74 10.97
CA GLY A 1 0.11 11.19 11.28
C GLY A 1 0.19 12.43 12.15
N SER A 2 -0.57 12.49 13.24
CA SER A 2 -0.41 13.44 14.33
C SER A 2 -0.72 12.68 15.63
N HIS A 3 -0.58 13.30 16.80
CA HIS A 3 -0.76 12.65 18.08
C HIS A 3 -1.88 13.38 18.83
N MET A 4 -2.73 12.61 19.49
CA MET A 4 -3.79 13.07 20.37
C MET A 4 -3.16 13.51 21.70
N LEU A 5 -3.97 14.05 22.62
CA LEU A 5 -3.50 14.36 23.96
C LEU A 5 -3.42 12.98 24.60
N ASP A 6 -2.23 12.56 25.07
CA ASP A 6 -1.97 11.22 25.57
C ASP A 6 -3.09 10.71 26.47
N GLN A 7 -3.78 9.68 25.99
CA GLN A 7 -4.96 8.98 26.44
C GLN A 7 -4.93 7.70 25.59
N GLN A 8 -5.88 6.82 25.86
CA GLN A 8 -6.14 5.60 25.11
C GLN A 8 -7.22 5.92 24.07
N GLU A 9 -6.86 5.87 22.79
CA GLU A 9 -7.72 6.09 21.63
C GLU A 9 -7.28 5.07 20.57
N GLU A 10 -8.09 4.91 19.52
CA GLU A 10 -7.78 4.09 18.36
C GLU A 10 -8.30 4.77 17.10
N SER A 11 -7.91 4.27 15.93
CA SER A 11 -8.18 4.76 14.58
C SER A 11 -7.60 3.78 13.55
N LEU A 12 -7.81 4.05 12.26
CA LEU A 12 -7.42 3.25 11.09
C LEU A 12 -6.00 2.67 11.21
N TYR A 13 -5.88 1.37 10.96
CA TYR A 13 -4.64 0.60 10.87
C TYR A 13 -4.50 0.08 9.43
N LEU A 14 -3.29 0.07 8.86
CA LEU A 14 -2.97 -0.37 7.51
C LEU A 14 -1.56 -0.92 7.59
N TRP A 15 -1.35 -2.21 7.31
CA TRP A 15 -0.03 -2.80 7.30
C TRP A 15 0.10 -3.72 6.08
N ILE A 16 1.28 -4.28 5.88
CA ILE A 16 1.53 -5.27 4.85
C ILE A 16 1.84 -6.47 5.74
N ASP A 17 1.00 -7.50 5.72
CA ASP A 17 1.19 -8.61 6.64
C ASP A 17 2.30 -9.54 6.17
N ALA A 18 3.02 -10.07 7.15
CA ALA A 18 4.20 -10.88 6.93
C ALA A 18 3.90 -12.17 6.17
N HIS A 19 2.67 -12.69 6.27
CA HIS A 19 2.31 -13.96 5.68
C HIS A 19 2.37 -13.81 4.17
N GLN A 20 1.94 -12.67 3.64
CA GLN A 20 2.07 -12.36 2.23
C GLN A 20 3.55 -12.31 1.88
N ALA A 21 4.36 -11.47 2.54
CA ALA A 21 5.78 -11.35 2.23
C ALA A 21 6.47 -12.72 2.19
N ARG A 22 6.16 -13.63 3.12
CA ARG A 22 6.66 -14.99 3.07
C ARG A 22 6.36 -15.56 1.69
N VAL A 23 5.09 -15.72 1.34
CA VAL A 23 4.64 -16.25 0.06
C VAL A 23 5.30 -15.51 -1.12
N LEU A 24 5.77 -14.28 -0.94
CA LEU A 24 6.41 -13.51 -1.97
C LEU A 24 7.90 -13.80 -2.14
N ILE A 25 8.62 -14.02 -1.03
CA ILE A 25 10.09 -14.16 -1.05
C ILE A 25 10.72 -15.16 -0.05
N GLY A 26 9.89 -16.00 0.54
CA GLY A 26 10.17 -16.96 1.61
C GLY A 26 10.64 -16.34 2.93
N PHE A 27 10.75 -15.02 2.96
CA PHE A 27 11.19 -14.16 4.04
C PHE A 27 9.91 -13.56 4.66
N GLU A 28 9.78 -13.53 5.98
CA GLU A 28 8.55 -13.11 6.65
C GLU A 28 8.82 -11.97 7.63
N GLU A 29 8.29 -10.77 7.33
CA GLU A 29 8.29 -9.55 8.13
C GLU A 29 7.04 -8.76 7.70
N ASP A 30 6.32 -8.15 8.65
CA ASP A 30 5.20 -7.24 8.36
C ASP A 30 5.79 -5.84 8.16
N ILE A 31 5.00 -4.92 7.63
CA ILE A 31 5.41 -3.53 7.52
C ILE A 31 4.17 -2.74 7.98
N LEU A 32 4.29 -2.06 9.12
CA LEU A 32 3.19 -1.31 9.71
C LEU A 32 3.23 0.09 9.08
N ILE A 33 2.22 0.46 8.29
CA ILE A 33 2.18 1.74 7.58
C ILE A 33 1.44 2.76 8.45
N VAL A 34 0.20 2.42 8.81
CA VAL A 34 -0.74 3.26 9.53
C VAL A 34 -1.19 2.47 10.75
N SER A 35 -1.19 3.13 11.90
CA SER A 35 -1.71 2.63 13.16
C SER A 35 -2.39 3.85 13.72
N GLU A 36 -3.66 3.77 14.12
CA GLU A 36 -4.47 4.88 14.64
C GLU A 36 -4.33 6.17 13.80
N GLY A 37 -4.18 6.06 12.47
CA GLY A 37 -3.92 7.20 11.57
C GLY A 37 -2.58 7.92 11.82
N LYS A 38 -1.85 7.50 12.84
CA LYS A 38 -0.63 8.02 13.42
C LYS A 38 0.60 7.59 12.60
N MET A 39 0.48 7.55 11.26
CA MET A 39 1.50 7.04 10.34
C MET A 39 2.92 7.39 10.77
N ALA A 40 3.71 6.33 10.92
CA ALA A 40 5.13 6.35 11.18
C ALA A 40 5.84 6.99 9.98
N PRO A 41 7.12 7.34 10.10
CA PRO A 41 7.95 7.83 8.99
C PRO A 41 8.29 6.72 7.97
N PHE A 42 7.43 5.70 7.82
CA PHE A 42 7.63 4.49 7.02
C PHE A 42 8.00 4.80 5.57
N THR A 43 7.57 5.96 5.08
CA THR A 43 7.70 6.38 3.69
C THR A 43 9.17 6.47 3.26
N HIS A 44 10.06 6.78 4.20
CA HIS A 44 11.50 6.84 4.00
C HIS A 44 11.98 5.50 3.44
N ASP A 45 11.87 4.43 4.23
CA ASP A 45 12.38 3.12 3.84
C ASP A 45 11.46 2.43 2.83
N PHE A 46 10.17 2.80 2.79
CA PHE A 46 9.25 2.30 1.75
C PHE A 46 9.79 2.73 0.39
N ARG A 47 10.21 3.99 0.26
CA ARG A 47 10.82 4.51 -0.96
C ARG A 47 12.21 3.87 -1.14
N LYS A 48 13.01 3.70 -0.09
CA LYS A 48 14.37 3.19 -0.17
C LYS A 48 14.55 1.98 0.75
N ALA A 49 14.76 0.78 0.20
CA ALA A 49 15.09 -0.43 0.95
C ALA A 49 15.30 -1.55 -0.06
N GLN A 50 16.51 -2.11 -0.23
CA GLN A 50 16.52 -3.28 -1.11
C GLN A 50 16.20 -4.39 -0.13
N GLN A 51 15.03 -5.01 -0.25
CA GLN A 51 14.59 -6.17 0.51
C GLN A 51 13.21 -6.58 -0.04
N ARG A 52 12.19 -5.73 0.17
CA ARG A 52 10.85 -6.01 -0.35
C ARG A 52 9.93 -4.83 -0.60
N MET A 53 10.18 -3.64 -0.06
CA MET A 53 9.20 -2.56 -0.21
C MET A 53 9.22 -1.88 -1.58
N PRO A 54 10.28 -1.16 -1.99
CA PRO A 54 10.27 -0.47 -3.27
C PRO A 54 10.56 -1.43 -4.41
N ALA A 55 11.75 -2.01 -4.43
CA ALA A 55 12.27 -2.86 -5.49
C ALA A 55 11.55 -4.21 -5.49
N ILE A 56 10.85 -4.51 -6.57
CA ILE A 56 10.00 -5.66 -6.78
C ILE A 56 10.47 -6.34 -8.06
N PRO A 57 10.98 -7.58 -8.02
CA PRO A 57 11.45 -8.27 -9.21
C PRO A 57 10.26 -8.68 -10.08
N VAL A 58 10.52 -8.86 -11.39
CA VAL A 58 9.57 -9.26 -12.43
C VAL A 58 8.60 -10.35 -11.98
N ASN A 59 9.12 -11.36 -11.28
CA ASN A 59 8.42 -12.54 -10.78
C ASN A 59 7.27 -12.23 -9.82
N ILE A 60 7.36 -11.17 -8.99
CA ILE A 60 6.24 -10.79 -8.14
C ILE A 60 5.18 -10.29 -9.12
N HIS A 61 4.09 -11.02 -9.24
CA HIS A 61 2.94 -10.62 -10.03
C HIS A 61 2.09 -9.65 -9.25
N SER A 62 2.02 -9.82 -7.93
CA SER A 62 1.15 -9.05 -7.07
C SER A 62 1.67 -9.10 -5.65
N MET A 63 1.29 -8.11 -4.85
CA MET A 63 1.55 -8.02 -3.42
C MET A 63 0.17 -7.81 -2.79
N ASN A 64 0.06 -7.95 -1.48
CA ASN A 64 -1.19 -7.79 -0.74
C ASN A 64 -0.88 -6.95 0.47
N PHE A 65 -1.69 -5.92 0.69
CA PHE A 65 -1.64 -5.07 1.88
C PHE A 65 -2.89 -5.45 2.68
N THR A 66 -2.94 -5.11 3.96
CA THR A 66 -4.02 -5.48 4.85
C THR A 66 -4.37 -4.25 5.68
N TRP A 67 -5.65 -3.94 5.81
CA TRP A 67 -6.06 -2.78 6.59
C TRP A 67 -7.37 -3.04 7.31
N GLN A 68 -7.67 -2.17 8.28
CA GLN A 68 -8.90 -2.17 9.01
C GLN A 68 -9.00 -0.94 9.90
N ALA A 69 -10.23 -0.58 10.28
CA ALA A 69 -10.48 0.49 11.23
C ALA A 69 -10.59 -0.09 12.64
N ALA A 70 -10.77 0.75 13.66
CA ALA A 70 -10.80 0.36 15.05
C ALA A 70 -12.26 0.27 15.50
N GLY A 71 -12.71 -0.97 15.55
CA GLY A 71 -13.97 -1.56 16.01
C GLY A 71 -15.31 -0.92 15.60
N GLN A 72 -15.58 0.38 15.82
CA GLN A 72 -16.79 1.08 15.37
C GLN A 72 -16.55 2.22 14.37
N ALA A 73 -15.32 2.74 14.33
CA ALA A 73 -14.83 3.89 13.57
C ALA A 73 -14.64 3.67 12.06
N GLU A 74 -15.46 2.90 11.33
CA GLU A 74 -15.25 2.56 9.91
C GLU A 74 -14.82 3.85 9.13
N TYR A 75 -13.57 3.88 8.63
CA TYR A 75 -13.01 5.00 7.86
C TYR A 75 -13.37 4.91 6.38
N PHE A 76 -13.25 6.01 5.63
CA PHE A 76 -13.56 6.04 4.20
C PHE A 76 -12.20 6.22 3.50
N TYR A 77 -11.99 5.71 2.28
CA TYR A 77 -10.78 5.93 1.51
C TYR A 77 -11.10 6.26 0.05
N GLU A 78 -10.14 6.84 -0.67
CA GLU A 78 -10.25 7.08 -2.10
C GLU A 78 -8.83 7.16 -2.67
N PHE A 79 -8.62 6.56 -3.85
CA PHE A 79 -7.33 6.45 -4.51
C PHE A 79 -7.10 7.68 -5.40
N LEU A 80 -6.24 8.60 -4.93
CA LEU A 80 -5.83 9.79 -5.66
C LEU A 80 -4.87 9.38 -6.79
N SER A 81 -3.88 8.54 -6.48
CA SER A 81 -2.91 7.99 -7.40
C SER A 81 -2.78 6.49 -7.24
N LEU A 82 -2.69 5.81 -8.39
CA LEU A 82 -2.42 4.39 -8.54
C LEU A 82 -2.15 4.27 -10.05
N ARG A 83 -0.90 4.36 -10.53
CA ARG A 83 -0.60 4.39 -11.99
C ARG A 83 0.88 4.13 -12.28
N SER A 84 1.24 3.61 -13.47
CA SER A 84 2.65 3.46 -13.85
C SER A 84 3.29 4.85 -14.05
N LEU A 85 4.62 4.86 -14.01
CA LEU A 85 5.46 6.02 -14.29
C LEU A 85 6.51 5.73 -15.36
N ASP A 86 6.63 4.50 -15.90
CA ASP A 86 7.72 4.22 -16.85
C ASP A 86 7.24 4.29 -18.31
N LYS A 87 8.19 4.28 -19.24
CA LYS A 87 8.08 4.45 -20.68
C LYS A 87 8.34 3.15 -21.43
N GLY A 88 9.43 2.46 -21.09
CA GLY A 88 9.87 1.24 -21.71
C GLY A 88 9.63 0.03 -20.82
N ILE A 89 10.01 0.12 -19.54
CA ILE A 89 9.85 -0.92 -18.52
C ILE A 89 8.39 -0.87 -17.99
N MET A 90 7.51 -0.17 -18.71
CA MET A 90 6.12 0.15 -18.41
C MET A 90 5.43 -1.08 -17.84
N ALA A 91 4.76 -0.86 -16.73
CA ALA A 91 4.13 -1.85 -15.90
C ALA A 91 3.05 -1.14 -15.11
N ASP A 92 1.80 -1.48 -15.37
CA ASP A 92 0.69 -0.77 -14.74
C ASP A 92 0.20 -1.49 -13.51
N PRO A 93 0.08 -0.79 -12.37
CA PRO A 93 -0.46 -1.36 -11.18
C PRO A 93 -1.98 -1.49 -11.30
N THR A 94 -2.52 -2.49 -10.64
CA THR A 94 -3.96 -2.74 -10.52
C THR A 94 -4.27 -3.00 -9.05
N VAL A 95 -5.50 -2.77 -8.59
CA VAL A 95 -5.93 -3.03 -7.22
C VAL A 95 -7.16 -3.93 -7.22
N ASN A 96 -7.33 -4.69 -6.13
CA ASN A 96 -8.42 -5.65 -5.93
C ASN A 96 -9.70 -5.02 -5.37
N VAL A 97 -9.78 -3.70 -5.35
CA VAL A 97 -10.87 -2.95 -4.73
C VAL A 97 -11.27 -1.79 -5.64
N PRO A 98 -12.45 -1.18 -5.41
CA PRO A 98 -12.83 0.01 -6.14
C PRO A 98 -11.89 1.17 -5.78
N LEU A 99 -11.89 2.21 -6.63
CA LEU A 99 -11.09 3.41 -6.46
C LEU A 99 -11.50 4.23 -5.22
N LEU A 100 -12.64 3.92 -4.60
CA LEU A 100 -13.08 4.53 -3.35
C LEU A 100 -13.77 3.45 -2.52
N GLY A 101 -13.98 3.67 -1.23
CA GLY A 101 -14.61 2.66 -0.38
C GLY A 101 -14.41 3.01 1.08
N THR A 102 -14.56 2.02 1.96
CA THR A 102 -14.33 2.20 3.37
C THR A 102 -13.28 1.20 3.87
N VAL A 103 -12.55 1.56 4.91
CA VAL A 103 -11.62 0.69 5.60
C VAL A 103 -12.45 0.13 6.76
N PRO A 104 -12.76 -1.18 6.77
CA PRO A 104 -13.67 -1.76 7.75
C PRO A 104 -12.92 -2.41 8.92
N HIS A 105 -13.57 -2.66 10.06
CA HIS A 105 -12.85 -3.17 11.25
C HIS A 105 -12.29 -4.57 11.10
N LYS A 106 -12.84 -5.29 10.14
CA LYS A 106 -12.55 -6.67 9.90
C LYS A 106 -11.35 -6.67 8.97
N ALA A 107 -10.19 -7.15 9.43
CA ALA A 107 -8.94 -7.12 8.67
C ALA A 107 -9.21 -7.62 7.25
N SER A 108 -9.10 -6.71 6.28
CA SER A 108 -9.42 -6.95 4.89
C SER A 108 -8.13 -6.77 4.11
N VAL A 109 -7.97 -7.60 3.07
CA VAL A 109 -6.76 -7.68 2.27
C VAL A 109 -7.04 -7.00 0.93
N VAL A 110 -6.07 -6.23 0.44
CA VAL A 110 -6.13 -5.51 -0.81
C VAL A 110 -4.95 -6.01 -1.64
N GLN A 111 -5.23 -6.86 -2.63
CA GLN A 111 -4.21 -7.30 -3.57
C GLN A 111 -3.92 -6.13 -4.50
N VAL A 112 -2.67 -6.03 -4.93
CA VAL A 112 -2.18 -5.03 -5.86
C VAL A 112 -1.39 -5.83 -6.90
N GLY A 113 -1.85 -5.88 -8.15
CA GLY A 113 -1.24 -6.65 -9.23
C GLY A 113 -0.42 -5.74 -10.11
N PHE A 114 0.69 -6.24 -10.68
CA PHE A 114 1.63 -5.43 -11.45
C PHE A 114 1.95 -6.08 -12.82
N PRO A 115 1.04 -6.04 -13.80
CA PRO A 115 1.32 -6.50 -15.16
C PRO A 115 2.39 -5.59 -15.78
N CYS A 116 3.55 -6.17 -16.10
CA CYS A 116 4.62 -5.48 -16.82
C CYS A 116 4.45 -5.76 -18.31
N LEU A 117 4.75 -4.78 -19.15
CA LEU A 117 4.61 -4.91 -20.59
C LEU A 117 5.80 -5.67 -21.20
N GLY A 118 6.87 -5.90 -20.41
CA GLY A 118 8.03 -6.71 -20.77
C GLY A 118 8.72 -6.29 -22.05
N LYS A 119 8.74 -4.98 -22.37
CA LYS A 119 9.33 -4.50 -23.62
C LYS A 119 10.78 -4.10 -23.39
N GLN A 120 11.05 -3.10 -22.56
CA GLN A 120 12.40 -2.74 -22.19
C GLN A 120 12.74 -3.41 -20.86
N ASP A 121 14.03 -3.64 -20.63
CA ASP A 121 14.58 -4.19 -19.40
C ASP A 121 14.97 -3.01 -18.50
N GLY A 122 14.97 -3.21 -17.19
CA GLY A 122 15.33 -2.16 -16.24
C GLY A 122 14.40 -2.19 -15.05
N VAL A 123 14.22 -1.03 -14.42
CA VAL A 123 13.33 -0.88 -13.27
C VAL A 123 12.37 0.27 -13.56
N ALA A 124 11.08 -0.05 -13.69
CA ALA A 124 10.01 0.90 -13.82
C ALA A 124 9.60 1.34 -12.43
N ALA A 125 8.72 2.33 -12.38
CA ALA A 125 8.10 2.82 -11.15
C ALA A 125 6.60 2.96 -11.37
N PHE A 126 5.82 3.00 -10.28
CA PHE A 126 4.39 3.28 -10.31
C PHE A 126 4.06 4.04 -9.02
N GLU A 127 3.18 5.03 -9.11
CA GLU A 127 2.80 5.92 -8.02
C GLU A 127 1.56 5.43 -7.30
N VAL A 128 1.49 5.69 -5.99
CA VAL A 128 0.34 5.44 -5.13
C VAL A 128 0.15 6.63 -4.17
N ASP A 129 -1.08 7.08 -4.00
CA ASP A 129 -1.51 8.10 -3.05
C ASP A 129 -2.99 7.82 -2.82
N VAL A 130 -3.39 7.55 -1.58
CA VAL A 130 -4.76 7.25 -1.22
C VAL A 130 -5.06 8.16 -0.03
N ILE A 131 -6.10 8.95 -0.17
CA ILE A 131 -6.63 9.79 0.87
C ILE A 131 -7.65 8.96 1.64
N VAL A 132 -8.03 9.47 2.79
CA VAL A 132 -8.90 8.85 3.76
C VAL A 132 -9.69 9.98 4.39
N MET A 133 -10.98 9.76 4.51
CA MET A 133 -11.94 10.72 5.02
C MET A 133 -12.92 10.02 5.94
N ASN A 134 -13.79 10.80 6.55
CA ASN A 134 -14.89 10.27 7.36
C ASN A 134 -16.05 10.01 6.38
N SER A 135 -17.17 9.45 6.83
CA SER A 135 -18.25 9.06 5.92
C SER A 135 -18.93 10.25 5.21
N GLU A 136 -18.72 11.48 5.66
CA GLU A 136 -19.25 12.68 5.05
C GLU A 136 -18.24 13.32 4.08
N GLY A 137 -17.03 12.77 3.98
CA GLY A 137 -16.00 13.21 3.04
C GLY A 137 -15.00 14.19 3.65
N ASN A 138 -15.01 14.41 4.97
CA ASN A 138 -13.99 15.26 5.60
C ASN A 138 -12.68 14.49 5.64
N THR A 139 -11.65 14.98 4.95
CA THR A 139 -10.36 14.32 4.85
C THR A 139 -9.64 14.41 6.21
N ILE A 140 -8.91 13.35 6.57
CA ILE A 140 -8.17 13.26 7.84
C ILE A 140 -6.79 12.61 7.68
N LEU A 141 -6.65 11.63 6.80
CA LEU A 141 -5.43 10.86 6.60
C LEU A 141 -5.15 10.82 5.10
N GLN A 142 -3.89 10.84 4.69
CA GLN A 142 -3.47 10.76 3.29
C GLN A 142 -2.14 9.99 3.25
N THR A 143 -1.94 9.25 2.17
CA THR A 143 -0.72 8.49 1.95
C THR A 143 0.34 9.48 1.49
N PRO A 144 1.39 9.76 2.26
CA PRO A 144 2.33 10.79 1.90
C PRO A 144 3.05 10.45 0.61
N GLN A 145 3.31 11.50 -0.17
CA GLN A 145 3.85 11.30 -1.48
C GLN A 145 5.35 11.09 -1.29
N ASN A 146 5.74 9.86 -1.59
CA ASN A 146 6.99 9.11 -1.72
C ASN A 146 6.70 7.63 -1.94
N ALA A 147 5.44 7.20 -1.70
CA ALA A 147 4.90 5.87 -1.97
C ALA A 147 4.91 5.59 -3.48
N ILE A 148 6.10 5.27 -3.98
CA ILE A 148 6.39 4.86 -5.33
C ILE A 148 6.89 3.43 -5.20
N PHE A 149 6.27 2.49 -5.91
CA PHE A 149 6.74 1.11 -5.97
C PHE A 149 7.64 1.04 -7.21
N PHE A 150 8.59 0.10 -7.25
CA PHE A 150 9.58 0.01 -8.32
C PHE A 150 9.63 -1.43 -8.82
N LYS A 151 9.24 -1.69 -10.07
CA LYS A 151 9.20 -3.05 -10.60
C LYS A 151 10.33 -3.23 -11.59
N THR A 152 11.18 -4.20 -11.33
CA THR A 152 12.26 -4.60 -12.21
C THR A 152 11.64 -5.54 -13.22
N CYS A 153 11.66 -5.19 -14.50
CA CYS A 153 11.21 -6.05 -15.59
C CYS A 153 12.38 -6.32 -16.53
N LEU A 154 12.18 -7.32 -17.40
CA LEU A 154 13.10 -7.70 -18.44
C LEU A 154 12.29 -7.84 -19.74
N GLN A 155 12.97 -7.78 -20.87
CA GLN A 155 12.42 -7.97 -22.20
C GLN A 155 11.97 -9.43 -22.38
N ALA A 156 10.71 -9.64 -22.74
CA ALA A 156 10.14 -10.94 -23.07
C ALA A 156 9.09 -10.73 -24.16
N GLU A 157 9.19 -11.47 -25.26
CA GLU A 157 8.24 -11.53 -26.36
C GLU A 157 8.25 -12.99 -26.82
N GLY A 1 -6.95 8.46 15.80
CA GLY A 1 -7.46 9.50 14.90
C GLY A 1 -6.84 10.83 15.25
N SER A 2 -7.51 11.94 14.92
CA SER A 2 -7.22 13.25 15.49
C SER A 2 -7.50 13.17 16.99
N HIS A 3 -6.56 13.56 17.85
CA HIS A 3 -6.67 13.45 19.30
C HIS A 3 -5.99 14.64 19.97
N MET A 4 -6.13 14.66 21.29
CA MET A 4 -5.58 15.50 22.35
C MET A 4 -5.36 14.51 23.51
N LEU A 5 -4.78 14.91 24.65
CA LEU A 5 -4.75 13.95 25.76
C LEU A 5 -6.24 13.91 26.13
N ASP A 6 -6.88 12.77 25.89
CA ASP A 6 -8.30 12.51 26.01
C ASP A 6 -8.50 11.00 25.71
N GLN A 7 -9.71 10.44 25.80
CA GLN A 7 -9.99 9.06 25.47
C GLN A 7 -11.16 8.96 24.49
N GLN A 8 -10.82 8.50 23.29
CA GLN A 8 -11.69 8.16 22.17
C GLN A 8 -11.43 6.70 21.79
N GLU A 9 -12.20 6.19 20.82
CA GLU A 9 -12.02 4.87 20.22
C GLU A 9 -10.71 4.85 19.40
N GLU A 10 -10.25 3.66 19.08
CA GLU A 10 -9.10 3.43 18.20
C GLU A 10 -9.45 3.85 16.77
N SER A 11 -8.50 3.78 15.86
CA SER A 11 -8.64 4.26 14.49
C SER A 11 -7.88 3.42 13.47
N LEU A 12 -8.01 3.78 12.19
CA LEU A 12 -7.53 3.11 11.00
C LEU A 12 -6.08 2.60 11.14
N TYR A 13 -5.91 1.30 10.87
CA TYR A 13 -4.65 0.56 10.80
C TYR A 13 -4.45 0.10 9.35
N LEU A 14 -3.21 0.13 8.85
CA LEU A 14 -2.84 -0.26 7.49
C LEU A 14 -1.41 -0.82 7.59
N TRP A 15 -1.17 -2.07 7.22
CA TRP A 15 0.15 -2.65 7.18
C TRP A 15 0.34 -3.44 5.89
N ILE A 16 1.57 -3.86 5.58
CA ILE A 16 1.90 -4.72 4.47
C ILE A 16 2.03 -6.07 5.14
N ASP A 17 1.15 -7.02 4.83
CA ASP A 17 1.14 -8.29 5.54
C ASP A 17 2.21 -9.26 5.06
N ALA A 18 2.83 -9.85 6.08
CA ALA A 18 3.98 -10.73 6.00
C ALA A 18 3.82 -11.98 5.15
N HIS A 19 2.59 -12.42 4.87
CA HIS A 19 2.35 -13.59 4.03
C HIS A 19 3.01 -13.38 2.66
N GLN A 20 2.93 -12.16 2.13
CA GLN A 20 3.54 -11.82 0.85
C GLN A 20 5.06 -11.91 0.95
N ALA A 21 5.65 -11.39 2.01
CA ALA A 21 7.07 -11.48 2.22
C ALA A 21 7.54 -12.91 2.39
N ARG A 22 6.74 -13.82 2.96
CA ARG A 22 7.13 -15.21 2.99
C ARG A 22 7.33 -15.64 1.53
N VAL A 23 6.31 -15.45 0.68
CA VAL A 23 6.40 -15.74 -0.76
C VAL A 23 7.61 -15.03 -1.41
N LEU A 24 8.12 -13.92 -0.84
CA LEU A 24 9.31 -13.26 -1.31
C LEU A 24 10.62 -13.96 -0.92
N ILE A 25 10.76 -14.50 0.29
CA ILE A 25 12.06 -15.05 0.77
C ILE A 25 11.99 -16.22 1.76
N GLY A 26 10.81 -16.83 1.88
CA GLY A 26 10.41 -17.88 2.81
C GLY A 26 10.40 -17.46 4.28
N PHE A 27 10.84 -16.24 4.55
CA PHE A 27 10.94 -15.53 5.81
C PHE A 27 9.76 -14.55 5.83
N GLU A 28 9.10 -14.37 6.96
CA GLU A 28 7.87 -13.59 7.08
C GLU A 28 8.19 -12.22 7.67
N GLU A 29 7.83 -11.13 6.98
CA GLU A 29 8.15 -9.74 7.32
C GLU A 29 6.90 -8.86 7.12
N ASP A 30 6.31 -8.29 8.16
CA ASP A 30 5.20 -7.33 8.00
C ASP A 30 5.81 -5.93 7.97
N ILE A 31 5.04 -4.95 7.49
CA ILE A 31 5.49 -3.56 7.55
C ILE A 31 4.30 -2.72 8.00
N LEU A 32 4.36 -2.13 9.19
CA LEU A 32 3.25 -1.38 9.76
C LEU A 32 3.33 0.06 9.20
N ILE A 33 2.33 0.51 8.44
CA ILE A 33 2.32 1.83 7.80
C ILE A 33 1.55 2.82 8.69
N VAL A 34 0.25 2.56 8.89
CA VAL A 34 -0.68 3.43 9.59
C VAL A 34 -1.18 2.65 10.80
N SER A 35 -1.21 3.29 11.95
CA SER A 35 -1.79 2.75 13.17
C SER A 35 -2.54 3.92 13.77
N GLU A 36 -3.84 3.76 14.04
CA GLU A 36 -4.78 4.78 14.51
C GLU A 36 -4.65 6.13 13.77
N GLY A 37 -4.31 6.12 12.47
CA GLY A 37 -4.03 7.32 11.67
C GLY A 37 -2.72 8.05 12.03
N LYS A 38 -2.05 7.63 13.09
CA LYS A 38 -0.82 8.12 13.72
C LYS A 38 0.42 7.62 12.95
N MET A 39 0.34 7.56 11.62
CA MET A 39 1.33 6.99 10.72
C MET A 39 2.78 7.26 11.12
N ALA A 40 3.58 6.19 11.05
CA ALA A 40 5.01 6.25 11.25
C ALA A 40 5.62 6.97 10.03
N PRO A 41 6.88 7.41 10.09
CA PRO A 41 7.60 7.99 8.95
C PRO A 41 8.04 6.87 7.97
N PHE A 42 7.19 5.87 7.77
CA PHE A 42 7.43 4.66 7.01
C PHE A 42 7.90 4.91 5.58
N THR A 43 7.56 6.05 4.99
CA THR A 43 7.81 6.38 3.61
C THR A 43 9.31 6.36 3.29
N HIS A 44 10.14 6.73 4.27
CA HIS A 44 11.59 6.70 4.16
C HIS A 44 12.06 5.29 3.83
N ASP A 45 11.83 4.34 4.74
CA ASP A 45 12.35 2.98 4.59
C ASP A 45 11.54 2.17 3.57
N PHE A 46 10.25 2.46 3.41
CA PHE A 46 9.41 1.87 2.38
C PHE A 46 10.03 2.13 1.01
N ARG A 47 10.27 3.40 0.68
CA ARG A 47 10.76 3.73 -0.65
C ARG A 47 12.27 3.47 -0.77
N LYS A 48 13.04 3.47 0.33
CA LYS A 48 14.46 3.09 0.31
C LYS A 48 14.71 2.01 1.36
N ALA A 49 15.05 0.78 0.99
CA ALA A 49 15.45 -0.28 1.92
C ALA A 49 15.93 -1.47 1.12
N GLN A 50 16.84 -2.26 1.69
CA GLN A 50 17.26 -3.50 1.06
C GLN A 50 16.44 -4.61 1.70
N GLN A 51 15.56 -5.24 0.93
CA GLN A 51 14.74 -6.41 1.26
C GLN A 51 14.03 -6.71 -0.06
N ARG A 52 13.12 -5.83 -0.50
CA ARG A 52 12.47 -5.91 -1.81
C ARG A 52 11.53 -4.70 -2.02
N MET A 53 11.13 -3.97 -0.97
CA MET A 53 10.14 -2.89 -1.08
C MET A 53 10.33 -1.96 -2.27
N PRO A 54 11.53 -1.36 -2.50
CA PRO A 54 11.75 -0.59 -3.70
C PRO A 54 11.79 -1.51 -4.93
N ALA A 55 12.91 -2.22 -5.16
CA ALA A 55 13.10 -3.02 -6.35
C ALA A 55 12.43 -4.40 -6.21
N ILE A 56 11.40 -4.62 -7.02
CA ILE A 56 10.54 -5.78 -7.09
C ILE A 56 10.87 -6.49 -8.42
N PRO A 57 11.11 -7.81 -8.45
CA PRO A 57 11.36 -8.50 -9.71
C PRO A 57 10.07 -8.77 -10.46
N VAL A 58 10.17 -8.96 -11.78
CA VAL A 58 9.10 -9.36 -12.69
C VAL A 58 8.20 -10.46 -12.10
N ASN A 59 8.83 -11.43 -11.42
CA ASN A 59 8.24 -12.62 -10.83
C ASN A 59 7.17 -12.31 -9.77
N ILE A 60 7.36 -11.28 -8.93
CA ILE A 60 6.29 -10.88 -8.02
C ILE A 60 5.33 -10.17 -8.97
N HIS A 61 4.16 -10.78 -9.15
CA HIS A 61 3.13 -10.18 -9.97
C HIS A 61 2.44 -9.10 -9.16
N SER A 62 2.24 -9.35 -7.87
CA SER A 62 1.49 -8.50 -6.97
C SER A 62 2.04 -8.61 -5.56
N MET A 63 1.74 -7.65 -4.70
CA MET A 63 2.07 -7.70 -3.29
C MET A 63 0.78 -7.46 -2.53
N ASN A 64 0.70 -7.99 -1.32
CA ASN A 64 -0.45 -7.79 -0.46
C ASN A 64 -0.17 -6.63 0.47
N PHE A 65 -1.24 -5.94 0.85
CA PHE A 65 -1.35 -4.88 1.82
C PHE A 65 -2.62 -5.26 2.58
N THR A 66 -2.73 -4.87 3.84
CA THR A 66 -3.84 -5.25 4.69
C THR A 66 -4.21 -4.03 5.51
N TRP A 67 -5.49 -3.73 5.63
CA TRP A 67 -5.93 -2.61 6.43
C TRP A 67 -7.26 -2.90 7.10
N GLN A 68 -7.59 -2.07 8.08
CA GLN A 68 -8.85 -2.16 8.80
C GLN A 68 -9.05 -1.00 9.77
N ALA A 69 -10.30 -0.76 10.10
CA ALA A 69 -10.71 0.20 11.11
C ALA A 69 -10.77 -0.54 12.46
N ALA A 70 -11.25 0.14 13.50
CA ALA A 70 -11.44 -0.38 14.83
C ALA A 70 -12.92 -0.27 15.15
N GLY A 71 -13.53 -1.44 15.23
CA GLY A 71 -14.89 -1.83 15.63
C GLY A 71 -16.09 -1.02 15.10
N GLN A 72 -16.16 0.29 15.35
CA GLN A 72 -17.26 1.18 14.92
C GLN A 72 -16.82 2.28 13.94
N ALA A 73 -15.55 2.63 14.01
CA ALA A 73 -14.81 3.70 13.34
C ALA A 73 -14.50 3.56 11.84
N GLU A 74 -15.34 3.01 10.95
CA GLU A 74 -15.00 2.89 9.53
C GLU A 74 -14.60 4.25 8.94
N TYR A 75 -13.32 4.37 8.54
CA TYR A 75 -12.77 5.52 7.84
C TYR A 75 -13.06 5.33 6.35
N PHE A 76 -13.36 6.40 5.62
CA PHE A 76 -13.63 6.32 4.19
C PHE A 76 -12.27 6.51 3.51
N TYR A 77 -12.01 5.93 2.34
CA TYR A 77 -10.77 6.14 1.58
C TYR A 77 -11.08 6.44 0.12
N GLU A 78 -10.10 7.03 -0.58
CA GLU A 78 -10.18 7.26 -2.02
C GLU A 78 -8.75 7.32 -2.56
N PHE A 79 -8.51 6.63 -3.68
CA PHE A 79 -7.17 6.53 -4.27
C PHE A 79 -6.92 7.71 -5.21
N LEU A 80 -6.13 8.67 -4.72
CA LEU A 80 -5.76 9.87 -5.46
C LEU A 80 -4.74 9.47 -6.53
N SER A 81 -3.79 8.59 -6.18
CA SER A 81 -2.76 8.11 -7.07
C SER A 81 -2.51 6.61 -6.90
N LEU A 82 -2.46 5.91 -8.02
CA LEU A 82 -2.11 4.50 -8.12
C LEU A 82 -1.79 4.38 -9.62
N ARG A 83 -0.52 4.54 -10.04
CA ARG A 83 -0.18 4.56 -11.49
C ARG A 83 1.30 4.28 -11.71
N SER A 84 1.70 3.78 -12.89
CA SER A 84 3.13 3.65 -13.19
C SER A 84 3.64 4.99 -13.68
N LEU A 85 4.94 5.20 -13.47
CA LEU A 85 5.68 6.37 -13.91
C LEU A 85 6.59 6.05 -15.09
N ASP A 86 6.80 4.77 -15.47
CA ASP A 86 7.56 4.48 -16.68
C ASP A 86 6.53 4.06 -17.73
N LYS A 87 6.94 4.08 -19.00
CA LYS A 87 6.13 3.78 -20.17
C LYS A 87 6.90 2.94 -21.19
N GLY A 88 8.19 3.16 -21.28
CA GLY A 88 9.08 2.33 -22.09
C GLY A 88 9.01 0.91 -21.50
N ILE A 89 9.26 0.75 -20.20
CA ILE A 89 9.24 -0.48 -19.38
C ILE A 89 7.85 -0.69 -18.76
N MET A 90 6.86 -0.15 -19.43
CA MET A 90 5.46 -0.08 -19.03
C MET A 90 4.96 -1.38 -18.45
N ALA A 91 4.30 -1.12 -17.35
CA ALA A 91 3.51 -1.86 -16.43
C ALA A 91 2.55 -0.81 -15.95
N ASP A 92 1.39 -1.23 -15.48
CA ASP A 92 0.46 -0.28 -14.88
C ASP A 92 -0.24 -1.00 -13.74
N PRO A 93 -0.02 -0.58 -12.48
CA PRO A 93 -0.53 -1.28 -11.32
C PRO A 93 -2.04 -1.24 -11.19
N THR A 94 -2.57 -2.21 -10.45
CA THR A 94 -3.98 -2.35 -10.11
C THR A 94 -4.13 -2.63 -8.60
N VAL A 95 -5.35 -2.50 -8.06
CA VAL A 95 -5.66 -2.86 -6.68
C VAL A 95 -6.86 -3.82 -6.63
N ASN A 96 -6.95 -4.60 -5.56
CA ASN A 96 -7.99 -5.60 -5.26
C ASN A 96 -9.30 -4.99 -4.75
N VAL A 97 -9.42 -3.66 -4.81
CA VAL A 97 -10.57 -2.92 -4.29
C VAL A 97 -10.94 -1.80 -5.27
N PRO A 98 -12.15 -1.22 -5.16
CA PRO A 98 -12.53 -0.06 -5.96
C PRO A 98 -11.64 1.15 -5.57
N LEU A 99 -11.61 2.15 -6.47
CA LEU A 99 -10.83 3.38 -6.30
C LEU A 99 -11.31 4.22 -5.11
N LEU A 100 -12.45 3.92 -4.49
CA LEU A 100 -12.94 4.56 -3.27
C LEU A 100 -13.68 3.50 -2.45
N GLY A 101 -13.93 3.76 -1.17
CA GLY A 101 -14.64 2.82 -0.32
C GLY A 101 -14.43 3.15 1.15
N THR A 102 -14.68 2.21 2.04
CA THR A 102 -14.39 2.39 3.46
C THR A 102 -13.34 1.36 3.87
N VAL A 103 -12.53 1.70 4.87
CA VAL A 103 -11.58 0.81 5.49
C VAL A 103 -12.43 0.12 6.56
N PRO A 104 -12.70 -1.20 6.47
CA PRO A 104 -13.60 -1.88 7.37
C PRO A 104 -12.88 -2.49 8.56
N HIS A 105 -13.53 -2.71 9.69
CA HIS A 105 -12.84 -3.18 10.91
C HIS A 105 -12.26 -4.58 10.74
N LYS A 106 -12.75 -5.28 9.72
CA LYS A 106 -12.49 -6.64 9.37
C LYS A 106 -11.22 -6.59 8.53
N ALA A 107 -10.10 -7.16 9.02
CA ALA A 107 -8.81 -7.11 8.31
C ALA A 107 -9.00 -7.58 6.88
N SER A 108 -8.88 -6.67 5.93
CA SER A 108 -9.13 -6.93 4.52
C SER A 108 -7.82 -6.71 3.76
N VAL A 109 -7.57 -7.59 2.80
CA VAL A 109 -6.33 -7.65 2.05
C VAL A 109 -6.51 -6.93 0.71
N VAL A 110 -5.80 -5.83 0.54
CA VAL A 110 -5.73 -5.10 -0.70
C VAL A 110 -4.48 -5.65 -1.38
N GLN A 111 -4.67 -6.51 -2.39
CA GLN A 111 -3.55 -6.97 -3.18
C GLN A 111 -3.35 -5.89 -4.24
N VAL A 112 -2.13 -5.36 -4.33
CA VAL A 112 -1.72 -4.42 -5.36
C VAL A 112 -1.09 -5.29 -6.45
N GLY A 113 -1.70 -5.35 -7.63
CA GLY A 113 -1.20 -6.07 -8.77
C GLY A 113 -0.27 -5.18 -9.58
N PHE A 114 0.73 -5.77 -10.22
CA PHE A 114 1.68 -5.05 -11.06
C PHE A 114 1.83 -5.81 -12.40
N PRO A 115 0.84 -5.74 -13.30
CA PRO A 115 0.97 -6.31 -14.63
C PRO A 115 1.95 -5.45 -15.43
N CYS A 116 3.04 -6.08 -15.91
CA CYS A 116 4.00 -5.44 -16.79
C CYS A 116 3.72 -5.93 -18.21
N LEU A 117 4.00 -5.11 -19.22
CA LEU A 117 3.82 -5.54 -20.60
C LEU A 117 4.99 -6.40 -21.07
N GLY A 118 6.11 -6.32 -20.33
CA GLY A 118 7.31 -7.12 -20.47
C GLY A 118 8.03 -6.99 -21.79
N LYS A 119 7.80 -5.97 -22.62
CA LYS A 119 8.43 -6.00 -23.95
C LYS A 119 9.77 -5.27 -23.94
N GLN A 120 9.92 -4.26 -23.09
CA GLN A 120 11.18 -3.58 -22.87
C GLN A 120 11.78 -4.25 -21.62
N ASP A 121 13.10 -4.21 -21.48
CA ASP A 121 13.81 -4.71 -20.30
C ASP A 121 14.17 -3.47 -19.49
N GLY A 122 14.14 -3.56 -18.16
CA GLY A 122 14.56 -2.44 -17.32
C GLY A 122 13.84 -2.45 -15.98
N VAL A 123 13.77 -1.29 -15.34
CA VAL A 123 13.04 -1.13 -14.09
C VAL A 123 12.09 0.06 -14.28
N ALA A 124 10.79 -0.22 -14.27
CA ALA A 124 9.76 0.80 -14.30
C ALA A 124 9.46 1.16 -12.84
N ALA A 125 8.79 2.28 -12.60
CA ALA A 125 8.38 2.70 -11.25
C ALA A 125 6.88 2.90 -11.20
N PHE A 126 6.29 2.96 -10.01
CA PHE A 126 4.87 3.29 -9.85
C PHE A 126 4.65 4.00 -8.51
N GLU A 127 3.64 4.86 -8.47
CA GLU A 127 3.29 5.76 -7.39
C GLU A 127 1.97 5.33 -6.76
N VAL A 128 1.83 5.61 -5.45
CA VAL A 128 0.62 5.42 -4.66
C VAL A 128 0.41 6.62 -3.74
N ASP A 129 -0.83 7.10 -3.62
CA ASP A 129 -1.29 8.14 -2.71
C ASP A 129 -2.78 7.93 -2.51
N VAL A 130 -3.25 7.78 -1.28
CA VAL A 130 -4.64 7.53 -0.96
C VAL A 130 -4.98 8.45 0.20
N ILE A 131 -6.05 9.21 0.03
CA ILE A 131 -6.59 10.06 1.06
C ILE A 131 -7.68 9.29 1.78
N VAL A 132 -8.05 9.79 2.94
CA VAL A 132 -8.96 9.18 3.85
C VAL A 132 -9.79 10.30 4.47
N MET A 133 -11.08 10.06 4.54
CA MET A 133 -12.08 11.02 4.99
C MET A 133 -13.07 10.30 5.90
N ASN A 134 -13.99 11.05 6.48
CA ASN A 134 -15.09 10.47 7.23
C ASN A 134 -16.21 10.25 6.20
N SER A 135 -17.34 9.66 6.57
CA SER A 135 -18.42 9.39 5.61
C SER A 135 -19.08 10.66 5.03
N GLU A 136 -18.73 11.87 5.46
CA GLU A 136 -19.20 13.12 4.87
C GLU A 136 -18.28 13.56 3.73
N GLY A 137 -17.06 13.01 3.67
CA GLY A 137 -16.02 13.43 2.73
C GLY A 137 -15.04 14.41 3.37
N ASN A 138 -15.20 14.76 4.65
CA ASN A 138 -14.23 15.62 5.34
C ASN A 138 -12.96 14.80 5.57
N THR A 139 -11.87 15.24 4.96
CA THR A 139 -10.57 14.57 4.94
C THR A 139 -9.98 14.61 6.36
N ILE A 140 -9.28 13.54 6.75
CA ILE A 140 -8.73 13.35 8.09
C ILE A 140 -7.35 12.71 8.12
N LEU A 141 -7.08 11.78 7.22
CA LEU A 141 -5.80 11.08 7.06
C LEU A 141 -5.44 11.16 5.58
N GLN A 142 -4.15 11.30 5.25
CA GLN A 142 -3.67 11.35 3.88
C GLN A 142 -2.32 10.65 3.84
N THR A 143 -2.17 9.74 2.89
CA THR A 143 -0.90 9.06 2.64
C THR A 143 0.10 10.14 2.22
N PRO A 144 1.32 10.20 2.79
CA PRO A 144 2.25 11.21 2.34
C PRO A 144 2.76 10.82 0.95
N GLN A 145 2.98 11.83 0.13
CA GLN A 145 3.36 11.57 -1.23
C GLN A 145 4.86 11.32 -1.19
N ASN A 146 5.25 10.08 -1.47
CA ASN A 146 6.56 9.47 -1.66
C ASN A 146 6.54 7.95 -1.79
N ALA A 147 5.40 7.32 -1.45
CA ALA A 147 5.20 5.88 -1.56
C ALA A 147 5.29 5.49 -3.04
N ILE A 148 6.46 5.02 -3.44
CA ILE A 148 6.80 4.61 -4.79
C ILE A 148 7.51 3.27 -4.66
N PHE A 149 7.35 2.43 -5.68
CA PHE A 149 8.00 1.15 -5.83
C PHE A 149 8.59 1.08 -7.23
N PHE A 150 9.40 0.06 -7.49
CA PHE A 150 10.15 -0.11 -8.73
C PHE A 150 10.01 -1.55 -9.18
N LYS A 151 9.35 -1.82 -10.31
CA LYS A 151 9.20 -3.17 -10.83
C LYS A 151 10.21 -3.37 -11.95
N THR A 152 11.04 -4.37 -11.81
CA THR A 152 12.01 -4.80 -12.79
C THR A 152 11.22 -5.71 -13.73
N CYS A 153 11.13 -5.34 -15.01
CA CYS A 153 10.53 -6.16 -16.03
C CYS A 153 11.63 -6.59 -17.00
N LEU A 154 11.39 -7.68 -17.72
CA LEU A 154 12.30 -8.18 -18.74
C LEU A 154 11.47 -8.81 -19.86
N GLN A 155 12.10 -8.93 -21.03
CA GLN A 155 11.54 -9.36 -22.30
C GLN A 155 10.64 -10.60 -22.22
N ALA A 156 9.40 -10.42 -22.66
CA ALA A 156 8.33 -11.39 -22.86
C ALA A 156 7.63 -10.99 -24.16
N GLU A 157 6.84 -11.93 -24.69
CA GLU A 157 5.99 -11.80 -25.85
C GLU A 157 4.58 -12.14 -25.39
N GLY A 1 -20.85 -4.62 31.03
CA GLY A 1 -21.33 -6.01 30.95
C GLY A 1 -21.13 -6.64 32.30
N SER A 2 -20.01 -7.34 32.47
CA SER A 2 -19.17 -7.24 33.66
C SER A 2 -18.81 -5.77 33.95
N HIS A 3 -18.10 -5.55 35.06
CA HIS A 3 -17.55 -4.24 35.40
C HIS A 3 -16.63 -3.77 34.28
N MET A 4 -16.19 -2.51 34.32
CA MET A 4 -15.22 -1.97 33.38
C MET A 4 -13.91 -2.73 33.49
N LEU A 5 -13.14 -2.70 32.40
CA LEU A 5 -11.78 -3.21 32.23
C LEU A 5 -11.04 -2.05 31.56
N ASP A 6 -9.72 -2.12 31.57
CA ASP A 6 -8.82 -1.19 30.89
C ASP A 6 -8.72 -1.56 29.40
N GLN A 7 -8.52 -0.54 28.58
CA GLN A 7 -8.26 -0.49 27.16
C GLN A 7 -7.88 0.99 26.94
N GLN A 8 -7.51 1.29 25.71
CA GLN A 8 -7.22 2.60 25.16
C GLN A 8 -8.07 2.73 23.88
N GLU A 9 -8.19 3.95 23.36
CA GLU A 9 -8.88 4.26 22.11
C GLU A 9 -8.16 3.62 20.92
N GLU A 10 -8.84 3.62 19.76
CA GLU A 10 -8.41 2.97 18.53
C GLU A 10 -8.70 3.91 17.34
N SER A 11 -8.24 3.55 16.14
CA SER A 11 -8.40 4.24 14.84
C SER A 11 -7.78 3.39 13.72
N LEU A 12 -7.88 3.83 12.47
CA LEU A 12 -7.47 3.11 11.24
C LEU A 12 -6.09 2.45 11.39
N TYR A 13 -6.02 1.16 11.05
CA TYR A 13 -4.80 0.36 11.00
C TYR A 13 -4.55 -0.09 9.55
N LEU A 14 -3.33 0.05 9.05
CA LEU A 14 -2.91 -0.29 7.69
C LEU A 14 -1.49 -0.83 7.78
N TRP A 15 -1.26 -2.07 7.36
CA TRP A 15 0.07 -2.67 7.32
C TRP A 15 0.29 -3.37 5.99
N ILE A 16 1.50 -3.88 5.77
CA ILE A 16 1.88 -4.70 4.63
C ILE A 16 2.12 -6.05 5.27
N ASP A 17 1.33 -7.06 4.90
CA ASP A 17 1.38 -8.36 5.55
C ASP A 17 2.47 -9.29 5.02
N ALA A 18 2.96 -10.13 5.95
CA ALA A 18 4.06 -11.05 5.80
C ALA A 18 3.85 -12.13 4.75
N HIS A 19 2.63 -12.34 4.26
CA HIS A 19 2.40 -13.27 3.17
C HIS A 19 3.22 -12.87 1.95
N GLN A 20 3.41 -11.56 1.71
CA GLN A 20 4.18 -11.12 0.56
C GLN A 20 5.65 -11.51 0.70
N ALA A 21 6.22 -11.32 1.88
CA ALA A 21 7.57 -11.75 2.22
C ALA A 21 7.70 -13.27 2.09
N ARG A 22 6.68 -14.03 2.46
CA ARG A 22 6.72 -15.46 2.23
C ARG A 22 6.94 -15.70 0.74
N VAL A 23 6.05 -15.19 -0.11
CA VAL A 23 6.17 -15.25 -1.57
C VAL A 23 7.53 -14.73 -2.05
N LEU A 24 8.21 -13.88 -1.28
CA LEU A 24 9.55 -13.42 -1.61
C LEU A 24 10.61 -14.51 -1.39
N ILE A 25 10.67 -15.15 -0.22
CA ILE A 25 11.76 -16.10 0.12
C ILE A 25 11.41 -17.16 1.20
N GLY A 26 10.12 -17.44 1.40
CA GLY A 26 9.57 -18.31 2.43
C GLY A 26 9.55 -17.70 3.84
N PHE A 27 10.06 -16.48 3.95
CA PHE A 27 10.29 -15.70 5.17
C PHE A 27 8.99 -15.07 5.64
N GLU A 28 9.04 -14.40 6.77
CA GLU A 28 7.88 -13.84 7.44
C GLU A 28 8.26 -12.44 7.94
N GLU A 29 7.67 -11.38 7.39
CA GLU A 29 7.98 -10.00 7.76
C GLU A 29 6.83 -9.06 7.36
N ASP A 30 6.14 -8.42 8.31
CA ASP A 30 5.12 -7.39 8.07
C ASP A 30 5.79 -5.99 8.02
N ILE A 31 5.01 -4.95 7.73
CA ILE A 31 5.43 -3.54 7.78
C ILE A 31 4.20 -2.78 8.27
N LEU A 32 4.26 -2.19 9.47
CA LEU A 32 3.13 -1.49 10.04
C LEU A 32 3.20 -0.03 9.55
N ILE A 33 2.25 0.43 8.74
CA ILE A 33 2.26 1.78 8.16
C ILE A 33 1.50 2.73 9.09
N VAL A 34 0.21 2.45 9.28
CA VAL A 34 -0.73 3.26 10.01
C VAL A 34 -1.19 2.44 11.21
N SER A 35 -0.99 2.97 12.41
CA SER A 35 -1.49 2.39 13.65
C SER A 35 -2.27 3.52 14.27
N GLU A 36 -3.57 3.33 14.48
CA GLU A 36 -4.51 4.32 15.01
C GLU A 36 -4.36 5.70 14.31
N GLY A 37 -4.20 5.70 12.99
CA GLY A 37 -4.05 6.90 12.12
C GLY A 37 -2.67 7.60 12.20
N LYS A 38 -2.00 7.39 13.33
CA LYS A 38 -0.68 7.71 13.86
C LYS A 38 0.54 7.28 13.01
N MET A 39 0.45 7.39 11.69
CA MET A 39 1.50 7.00 10.74
C MET A 39 2.92 7.32 11.20
N ALA A 40 3.77 6.29 11.10
CA ALA A 40 5.20 6.37 11.33
C ALA A 40 5.80 7.12 10.12
N PRO A 41 7.07 7.54 10.19
CA PRO A 41 7.79 8.15 9.05
C PRO A 41 8.19 7.08 8.00
N PHE A 42 7.35 6.07 7.82
CA PHE A 42 7.56 4.87 6.99
C PHE A 42 7.90 5.18 5.54
N THR A 43 7.47 6.33 5.03
CA THR A 43 7.60 6.71 3.64
C THR A 43 9.05 6.82 3.19
N HIS A 44 9.95 7.21 4.10
CA HIS A 44 11.37 7.28 3.79
C HIS A 44 11.86 5.89 3.39
N ASP A 45 11.58 4.89 4.23
CA ASP A 45 12.03 3.53 3.98
C ASP A 45 11.20 2.84 2.89
N PHE A 46 9.94 3.20 2.73
CA PHE A 46 9.10 2.71 1.63
C PHE A 46 9.81 3.03 0.31
N ARG A 47 10.30 4.26 0.18
CA ARG A 47 11.02 4.68 -1.03
C ARG A 47 12.46 4.13 -1.07
N LYS A 48 13.17 4.02 0.06
CA LYS A 48 14.55 3.48 0.14
C LYS A 48 14.58 2.36 1.17
N ALA A 49 14.80 1.10 0.82
CA ALA A 49 14.90 -0.01 1.77
C ALA A 49 15.24 -1.29 1.01
N GLN A 50 15.42 -2.37 1.79
CA GLN A 50 15.63 -3.72 1.28
C GLN A 50 14.50 -4.02 0.27
N GLN A 51 14.73 -4.99 -0.61
CA GLN A 51 13.90 -5.38 -1.76
C GLN A 51 12.40 -5.45 -1.42
N ARG A 52 12.01 -5.82 -0.20
CA ARG A 52 10.62 -5.93 0.22
C ARG A 52 9.79 -4.63 0.10
N MET A 53 10.37 -3.45 -0.15
CA MET A 53 9.58 -2.24 -0.39
C MET A 53 9.78 -1.59 -1.76
N PRO A 54 10.95 -1.02 -2.13
CA PRO A 54 11.05 -0.31 -3.39
C PRO A 54 11.13 -1.23 -4.61
N ALA A 55 12.28 -1.91 -4.78
CA ALA A 55 12.54 -2.73 -5.95
C ALA A 55 11.79 -4.05 -5.86
N ILE A 56 10.82 -4.27 -6.75
CA ILE A 56 9.96 -5.43 -6.83
C ILE A 56 10.40 -6.18 -8.09
N PRO A 57 10.85 -7.44 -8.01
CA PRO A 57 11.24 -8.18 -9.20
C PRO A 57 10.00 -8.62 -9.96
N VAL A 58 10.17 -8.86 -11.26
CA VAL A 58 9.16 -9.39 -12.18
C VAL A 58 8.34 -10.54 -11.56
N ASN A 59 9.02 -11.44 -10.83
CA ASN A 59 8.46 -12.62 -10.15
C ASN A 59 7.34 -12.27 -9.18
N ILE A 60 7.49 -11.20 -8.39
CA ILE A 60 6.39 -10.76 -7.54
C ILE A 60 5.46 -10.11 -8.56
N HIS A 61 4.29 -10.73 -8.76
CA HIS A 61 3.30 -10.19 -9.68
C HIS A 61 2.60 -9.02 -9.01
N SER A 62 2.38 -9.13 -7.70
CA SER A 62 1.62 -8.20 -6.90
C SER A 62 2.18 -8.16 -5.48
N MET A 63 1.85 -7.11 -4.71
CA MET A 63 2.20 -7.04 -3.30
C MET A 63 0.87 -6.98 -2.57
N ASN A 64 0.83 -7.58 -1.39
CA ASN A 64 -0.31 -7.52 -0.49
C ASN A 64 -0.07 -6.37 0.48
N PHE A 65 -1.16 -5.73 0.87
CA PHE A 65 -1.30 -4.71 1.87
C PHE A 65 -2.55 -5.15 2.62
N THR A 66 -2.69 -4.79 3.89
CA THR A 66 -3.81 -5.20 4.70
C THR A 66 -4.22 -4.00 5.53
N TRP A 67 -5.51 -3.71 5.60
CA TRP A 67 -5.98 -2.60 6.42
C TRP A 67 -7.33 -2.92 7.04
N GLN A 68 -7.72 -2.10 8.02
CA GLN A 68 -9.00 -2.15 8.67
C GLN A 68 -9.23 -0.89 9.48
N ALA A 69 -10.49 -0.57 9.77
CA ALA A 69 -10.83 0.53 10.66
C ALA A 69 -11.09 -0.09 12.05
N ALA A 70 -11.19 0.74 13.07
CA ALA A 70 -11.31 0.33 14.45
C ALA A 70 -12.79 0.18 14.83
N GLY A 71 -13.22 -1.07 14.74
CA GLY A 71 -14.50 -1.69 15.10
C GLY A 71 -15.82 -1.04 14.67
N GLN A 72 -16.10 0.22 15.03
CA GLN A 72 -17.27 0.98 14.56
C GLN A 72 -16.96 2.25 13.74
N ALA A 73 -15.73 2.73 13.80
CA ALA A 73 -15.19 3.96 13.25
C ALA A 73 -14.89 3.95 11.72
N GLU A 74 -15.70 3.31 10.86
CA GLU A 74 -15.44 3.13 9.43
C GLU A 74 -14.81 4.41 8.84
N TYR A 75 -13.55 4.32 8.41
CA TYR A 75 -12.81 5.39 7.75
C TYR A 75 -13.04 5.26 6.25
N PHE A 76 -13.42 6.33 5.56
CA PHE A 76 -13.67 6.29 4.12
C PHE A 76 -12.31 6.47 3.45
N TYR A 77 -12.07 5.93 2.26
CA TYR A 77 -10.84 6.15 1.51
C TYR A 77 -11.14 6.39 0.04
N GLU A 78 -10.18 6.97 -0.68
CA GLU A 78 -10.24 7.14 -2.12
C GLU A 78 -8.82 7.21 -2.66
N PHE A 79 -8.58 6.55 -3.79
CA PHE A 79 -7.26 6.51 -4.40
C PHE A 79 -7.11 7.74 -5.29
N LEU A 80 -6.36 8.73 -4.81
CA LEU A 80 -6.00 9.95 -5.54
C LEU A 80 -5.00 9.56 -6.63
N SER A 81 -4.03 8.69 -6.31
CA SER A 81 -3.03 8.21 -7.22
C SER A 81 -2.77 6.72 -7.03
N LEU A 82 -2.69 6.01 -8.15
CA LEU A 82 -2.31 4.62 -8.29
C LEU A 82 -2.02 4.50 -9.79
N ARG A 83 -0.76 4.66 -10.22
CA ARG A 83 -0.44 4.69 -11.67
C ARG A 83 1.05 4.42 -11.90
N SER A 84 1.42 3.90 -13.07
CA SER A 84 2.83 3.76 -13.40
C SER A 84 3.43 5.12 -13.71
N LEU A 85 4.75 5.16 -13.72
CA LEU A 85 5.55 6.31 -14.11
C LEU A 85 6.46 5.96 -15.29
N ASP A 86 6.77 4.68 -15.56
CA ASP A 86 7.52 4.38 -16.78
C ASP A 86 6.54 3.89 -17.84
N LYS A 87 7.03 3.88 -19.06
CA LYS A 87 6.39 3.50 -20.29
C LYS A 87 7.30 2.64 -21.18
N GLY A 88 8.59 2.83 -21.01
CA GLY A 88 9.62 2.03 -21.64
C GLY A 88 9.50 0.62 -21.06
N ILE A 89 9.72 0.48 -19.76
CA ILE A 89 9.57 -0.71 -18.90
C ILE A 89 8.10 -0.89 -18.46
N MET A 90 7.17 -0.40 -19.27
CA MET A 90 5.74 -0.34 -19.00
C MET A 90 5.20 -1.63 -18.40
N ALA A 91 4.53 -1.32 -17.31
CA ALA A 91 3.73 -2.05 -16.38
C ALA A 91 2.77 -0.99 -15.93
N ASP A 92 1.54 -1.37 -15.62
CA ASP A 92 0.59 -0.38 -15.11
C ASP A 92 -0.14 -1.06 -13.96
N PRO A 93 -0.01 -0.54 -12.72
CA PRO A 93 -0.53 -1.18 -11.53
C PRO A 93 -2.07 -1.21 -11.46
N THR A 94 -2.57 -2.13 -10.63
CA THR A 94 -3.98 -2.41 -10.37
C THR A 94 -4.17 -2.65 -8.88
N VAL A 95 -5.40 -2.56 -8.36
CA VAL A 95 -5.74 -2.87 -6.97
C VAL A 95 -6.89 -3.89 -6.87
N ASN A 96 -6.94 -4.62 -5.76
CA ASN A 96 -7.95 -5.62 -5.39
C ASN A 96 -9.24 -5.00 -4.83
N VAL A 97 -9.39 -3.69 -4.91
CA VAL A 97 -10.52 -2.94 -4.35
C VAL A 97 -10.94 -1.84 -5.33
N PRO A 98 -12.16 -1.28 -5.19
CA PRO A 98 -12.56 -0.13 -6.00
C PRO A 98 -11.69 1.08 -5.64
N LEU A 99 -11.68 2.07 -6.53
CA LEU A 99 -10.93 3.31 -6.39
C LEU A 99 -11.40 4.16 -5.20
N LEU A 100 -12.54 3.87 -4.59
CA LEU A 100 -13.04 4.51 -3.38
C LEU A 100 -13.78 3.46 -2.55
N GLY A 101 -14.05 3.74 -1.29
CA GLY A 101 -14.76 2.82 -0.42
C GLY A 101 -14.52 3.17 1.04
N THR A 102 -14.76 2.24 1.94
CA THR A 102 -14.44 2.41 3.35
C THR A 102 -13.44 1.33 3.73
N VAL A 103 -12.56 1.66 4.66
CA VAL A 103 -11.62 0.72 5.25
C VAL A 103 -12.50 -0.01 6.29
N PRO A 104 -12.77 -1.31 6.14
CA PRO A 104 -13.71 -2.00 7.01
C PRO A 104 -13.11 -2.50 8.29
N HIS A 105 -13.97 -2.87 9.25
CA HIS A 105 -13.53 -3.26 10.59
C HIS A 105 -12.94 -4.64 10.69
N LYS A 106 -12.82 -5.33 9.55
CA LYS A 106 -12.15 -6.61 9.46
C LYS A 106 -10.95 -6.43 8.54
N ALA A 107 -9.80 -6.98 8.96
CA ALA A 107 -8.56 -6.98 8.20
C ALA A 107 -8.84 -7.50 6.80
N SER A 108 -8.75 -6.63 5.81
CA SER A 108 -9.01 -6.95 4.41
C SER A 108 -7.72 -6.68 3.64
N VAL A 109 -7.44 -7.57 2.69
CA VAL A 109 -6.19 -7.57 1.93
C VAL A 109 -6.38 -6.82 0.62
N VAL A 110 -5.68 -5.70 0.48
CA VAL A 110 -5.61 -4.93 -0.73
C VAL A 110 -4.36 -5.47 -1.43
N GLN A 111 -4.55 -6.29 -2.45
CA GLN A 111 -3.42 -6.74 -3.26
C GLN A 111 -3.29 -5.70 -4.36
N VAL A 112 -2.11 -5.12 -4.51
CA VAL A 112 -1.76 -4.22 -5.59
C VAL A 112 -1.10 -5.11 -6.62
N GLY A 113 -1.70 -5.31 -7.80
CA GLY A 113 -1.19 -6.14 -8.86
C GLY A 113 -0.40 -5.31 -9.85
N PHE A 114 0.67 -5.87 -10.42
CA PHE A 114 1.59 -5.14 -11.27
C PHE A 114 1.80 -5.89 -12.60
N PRO A 115 0.83 -5.89 -13.51
CA PRO A 115 1.02 -6.47 -14.83
C PRO A 115 2.03 -5.61 -15.58
N CYS A 116 3.14 -6.24 -16.02
CA CYS A 116 4.16 -5.63 -16.87
C CYS A 116 4.00 -6.18 -18.27
N LEU A 117 4.41 -5.43 -19.30
CA LEU A 117 4.18 -5.85 -20.69
C LEU A 117 5.24 -6.85 -21.16
N GLY A 118 6.31 -7.06 -20.37
CA GLY A 118 7.35 -8.04 -20.57
C GLY A 118 8.03 -8.00 -21.91
N LYS A 119 8.36 -6.83 -22.45
CA LYS A 119 9.13 -6.75 -23.70
C LYS A 119 10.37 -5.87 -23.59
N GLN A 120 10.36 -4.85 -22.74
CA GLN A 120 11.53 -4.06 -22.46
C GLN A 120 12.12 -4.67 -21.18
N ASP A 121 13.42 -4.53 -20.99
CA ASP A 121 14.14 -5.00 -19.80
C ASP A 121 14.54 -3.75 -19.02
N GLY A 122 14.51 -3.80 -17.70
CA GLY A 122 14.90 -2.67 -16.85
C GLY A 122 14.00 -2.55 -15.64
N VAL A 123 13.89 -1.35 -15.09
CA VAL A 123 13.12 -1.07 -13.89
C VAL A 123 12.20 0.12 -14.14
N ALA A 124 10.89 -0.12 -14.13
CA ALA A 124 9.87 0.92 -14.22
C ALA A 124 9.56 1.34 -12.77
N ALA A 125 8.83 2.44 -12.60
CA ALA A 125 8.35 2.90 -11.29
C ALA A 125 6.84 3.12 -11.34
N PHE A 126 6.17 3.15 -10.19
CA PHE A 126 4.76 3.48 -10.09
C PHE A 126 4.49 4.21 -8.77
N GLU A 127 3.46 5.05 -8.74
CA GLU A 127 3.09 5.95 -7.65
C GLU A 127 1.77 5.55 -7.00
N VAL A 128 1.64 5.85 -5.69
CA VAL A 128 0.42 5.66 -4.91
C VAL A 128 0.22 6.88 -3.98
N ASP A 129 -1.04 7.32 -3.82
CA ASP A 129 -1.51 8.35 -2.90
C ASP A 129 -2.99 8.04 -2.66
N VAL A 130 -3.39 7.78 -1.42
CA VAL A 130 -4.76 7.49 -1.06
C VAL A 130 -5.07 8.40 0.10
N ILE A 131 -6.14 9.18 -0.07
CA ILE A 131 -6.64 10.00 1.02
C ILE A 131 -7.70 9.20 1.76
N VAL A 132 -7.97 9.64 2.98
CA VAL A 132 -8.90 9.04 3.89
C VAL A 132 -9.70 10.17 4.52
N MET A 133 -11.00 9.96 4.60
CA MET A 133 -11.96 10.92 5.08
C MET A 133 -12.96 10.20 5.96
N ASN A 134 -13.86 10.94 6.59
CA ASN A 134 -14.95 10.36 7.33
C ASN A 134 -16.10 10.22 6.30
N SER A 135 -17.24 9.65 6.65
CA SER A 135 -18.33 9.45 5.70
C SER A 135 -18.96 10.77 5.20
N GLU A 136 -18.57 11.95 5.69
CA GLU A 136 -19.02 13.24 5.18
C GLU A 136 -18.09 13.74 4.06
N GLY A 137 -16.91 13.13 3.91
CA GLY A 137 -15.87 13.57 2.99
C GLY A 137 -14.84 14.49 3.67
N ASN A 138 -14.98 14.79 4.97
CA ASN A 138 -13.97 15.56 5.69
C ASN A 138 -12.72 14.69 5.84
N THR A 139 -11.63 15.14 5.22
CA THR A 139 -10.35 14.44 5.14
C THR A 139 -9.71 14.43 6.54
N ILE A 140 -9.03 13.34 6.88
CA ILE A 140 -8.46 13.10 8.20
C ILE A 140 -7.08 12.44 8.17
N LEU A 141 -6.86 11.52 7.24
CA LEU A 141 -5.60 10.78 7.06
C LEU A 141 -5.27 10.83 5.56
N GLN A 142 -3.99 10.83 5.19
CA GLN A 142 -3.58 10.77 3.78
C GLN A 142 -2.26 10.01 3.69
N THR A 143 -2.06 9.32 2.57
CA THR A 143 -0.82 8.62 2.29
C THR A 143 0.15 9.69 1.80
N PRO A 144 1.23 10.01 2.52
CA PRO A 144 2.08 11.11 2.13
C PRO A 144 2.79 10.81 0.83
N GLN A 145 2.99 11.87 0.05
CA GLN A 145 3.53 11.72 -1.27
C GLN A 145 5.03 11.51 -1.11
N ASN A 146 5.45 10.30 -1.44
CA ASN A 146 6.75 9.64 -1.59
C ASN A 146 6.58 8.14 -1.83
N ALA A 147 5.41 7.59 -1.46
CA ALA A 147 4.98 6.22 -1.66
C ALA A 147 5.04 5.85 -3.14
N ILE A 148 6.18 5.31 -3.56
CA ILE A 148 6.50 4.87 -4.90
C ILE A 148 7.18 3.53 -4.76
N PHE A 149 7.01 2.70 -5.76
CA PHE A 149 7.68 1.41 -5.87
C PHE A 149 8.32 1.35 -7.26
N PHE A 150 9.16 0.35 -7.48
CA PHE A 150 9.98 0.18 -8.66
C PHE A 150 9.85 -1.26 -9.10
N LYS A 151 9.26 -1.55 -10.28
CA LYS A 151 9.14 -2.94 -10.72
C LYS A 151 10.20 -3.21 -11.77
N THR A 152 11.04 -4.20 -11.52
CA THR A 152 12.03 -4.68 -12.44
C THR A 152 11.29 -5.66 -13.36
N CYS A 153 11.24 -5.38 -14.66
CA CYS A 153 10.69 -6.29 -15.64
C CYS A 153 11.80 -6.74 -16.58
N LEU A 154 11.52 -7.80 -17.35
CA LEU A 154 12.39 -8.32 -18.38
C LEU A 154 11.53 -8.75 -19.56
N GLN A 155 12.18 -8.89 -20.70
CA GLN A 155 11.66 -9.26 -22.00
C GLN A 155 11.34 -10.75 -22.06
N ALA A 156 10.11 -11.10 -22.46
CA ALA A 156 9.63 -12.44 -22.72
C ALA A 156 8.73 -12.43 -23.96
N GLU A 157 8.43 -13.62 -24.44
CA GLU A 157 7.53 -14.02 -25.51
C GLU A 157 7.01 -15.40 -25.07
N GLY A 1 -8.24 0.82 37.95
CA GLY A 1 -7.39 0.39 39.06
C GLY A 1 -7.48 1.45 40.13
N SER A 2 -6.47 2.33 40.18
CA SER A 2 -6.68 3.77 40.36
C SER A 2 -7.68 4.30 39.31
N HIS A 3 -8.01 5.59 39.41
CA HIS A 3 -8.83 6.28 38.41
C HIS A 3 -8.18 6.14 37.03
N MET A 4 -8.89 6.57 35.98
CA MET A 4 -8.34 6.60 34.63
C MET A 4 -7.10 7.50 34.61
N LEU A 5 -6.21 7.19 33.68
CA LEU A 5 -4.97 7.86 33.33
C LEU A 5 -4.92 7.90 31.79
N ASP A 6 -3.90 8.53 31.23
CA ASP A 6 -3.71 8.80 29.81
C ASP A 6 -4.05 7.55 28.98
N GLN A 7 -5.12 7.65 28.18
CA GLN A 7 -5.75 6.62 27.39
C GLN A 7 -6.63 7.42 26.43
N GLN A 8 -6.76 6.91 25.22
CA GLN A 8 -7.63 7.36 24.14
C GLN A 8 -8.07 6.14 23.33
N GLU A 9 -8.95 6.42 22.36
CA GLU A 9 -9.67 5.51 21.50
C GLU A 9 -8.77 4.91 20.40
N GLU A 10 -9.29 3.90 19.72
CA GLU A 10 -8.68 3.26 18.55
C GLU A 10 -8.97 4.09 17.28
N SER A 11 -8.42 3.70 16.13
CA SER A 11 -8.52 4.34 14.82
C SER A 11 -7.91 3.45 13.73
N LEU A 12 -8.00 3.89 12.47
CA LEU A 12 -7.59 3.19 11.25
C LEU A 12 -6.23 2.50 11.39
N TYR A 13 -6.17 1.21 11.05
CA TYR A 13 -4.96 0.41 10.98
C TYR A 13 -4.72 -0.02 9.53
N LEU A 14 -3.49 0.11 9.03
CA LEU A 14 -3.08 -0.25 7.67
C LEU A 14 -1.65 -0.77 7.77
N TRP A 15 -1.39 -2.00 7.37
CA TRP A 15 -0.04 -2.55 7.32
C TRP A 15 0.16 -3.28 6.00
N ILE A 16 1.39 -3.69 5.71
CA ILE A 16 1.71 -4.52 4.55
C ILE A 16 1.98 -5.87 5.19
N ASP A 17 1.13 -6.85 4.91
CA ASP A 17 1.19 -8.14 5.57
C ASP A 17 2.33 -9.03 5.06
N ALA A 18 2.84 -9.83 5.98
CA ALA A 18 3.99 -10.69 5.81
C ALA A 18 3.84 -11.75 4.73
N HIS A 19 2.62 -12.16 4.36
CA HIS A 19 2.41 -13.21 3.39
C HIS A 19 3.10 -12.85 2.07
N GLN A 20 3.05 -11.57 1.69
CA GLN A 20 3.68 -11.11 0.47
C GLN A 20 5.20 -11.15 0.59
N ALA A 21 5.74 -10.69 1.71
CA ALA A 21 7.17 -10.80 1.98
C ALA A 21 7.62 -12.24 2.01
N ARG A 22 6.79 -13.20 2.42
CA ARG A 22 7.15 -14.58 2.33
C ARG A 22 7.45 -14.89 0.86
N VAL A 23 6.52 -14.61 -0.05
CA VAL A 23 6.71 -14.75 -1.49
C VAL A 23 7.97 -14.00 -1.98
N LEU A 24 8.44 -12.97 -1.26
CA LEU A 24 9.68 -12.28 -1.57
C LEU A 24 10.94 -13.04 -1.12
N ILE A 25 10.97 -13.63 0.08
CA ILE A 25 12.21 -14.24 0.64
C ILE A 25 12.04 -15.50 1.53
N GLY A 26 10.87 -16.12 1.46
CA GLY A 26 10.42 -17.27 2.25
C GLY A 26 10.32 -17.03 3.76
N PHE A 27 10.53 -15.79 4.19
CA PHE A 27 10.62 -15.31 5.57
C PHE A 27 9.31 -14.66 5.97
N GLU A 28 9.19 -14.23 7.22
CA GLU A 28 7.97 -13.61 7.75
C GLU A 28 8.31 -12.25 8.36
N GLU A 29 7.77 -11.17 7.80
CA GLU A 29 7.89 -9.79 8.29
C GLU A 29 6.78 -8.92 7.68
N ASP A 30 5.99 -8.24 8.52
CA ASP A 30 4.98 -7.26 8.12
C ASP A 30 5.65 -5.87 8.15
N ILE A 31 4.95 -4.83 7.72
CA ILE A 31 5.40 -3.45 7.82
C ILE A 31 4.16 -2.63 8.19
N LEU A 32 4.14 -2.07 9.39
CA LEU A 32 3.00 -1.32 9.90
C LEU A 32 3.09 0.09 9.29
N ILE A 33 2.08 0.51 8.49
CA ILE A 33 2.04 1.85 7.90
C ILE A 33 1.30 2.79 8.87
N VAL A 34 0.01 2.54 9.05
CA VAL A 34 -0.91 3.37 9.82
C VAL A 34 -1.31 2.60 11.06
N SER A 35 -0.94 3.13 12.21
CA SER A 35 -1.34 2.61 13.52
C SER A 35 -2.24 3.70 14.07
N GLU A 36 -3.52 3.40 14.30
CA GLU A 36 -4.53 4.30 14.82
C GLU A 36 -4.50 5.69 14.15
N GLY A 37 -4.29 5.74 12.82
CA GLY A 37 -4.18 6.97 12.00
C GLY A 37 -2.83 7.71 12.15
N LYS A 38 -2.26 7.58 13.33
CA LYS A 38 -1.00 7.94 13.98
C LYS A 38 0.23 7.27 13.33
N MET A 39 0.22 7.16 11.98
CA MET A 39 1.20 6.44 11.16
C MET A 39 2.65 6.52 11.64
N ALA A 40 3.29 5.36 11.52
CA ALA A 40 4.70 5.14 11.77
C ALA A 40 5.51 5.85 10.68
N PRO A 41 6.83 6.04 10.89
CA PRO A 41 7.74 6.59 9.90
C PRO A 41 8.05 5.59 8.76
N PHE A 42 7.10 4.72 8.39
CA PHE A 42 7.22 3.63 7.42
C PHE A 42 7.78 4.12 6.09
N THR A 43 7.57 5.40 5.78
CA THR A 43 7.91 6.05 4.54
C THR A 43 9.41 5.91 4.27
N HIS A 44 10.23 5.84 5.31
CA HIS A 44 11.66 5.59 5.23
C HIS A 44 11.88 4.26 4.48
N ASP A 45 11.39 3.16 5.06
CA ASP A 45 11.62 1.81 4.56
C ASP A 45 10.91 1.56 3.24
N PHE A 46 9.84 2.30 2.97
CA PHE A 46 9.14 2.26 1.69
C PHE A 46 9.98 2.96 0.61
N ARG A 47 10.48 4.16 0.89
CA ARG A 47 11.19 5.01 -0.07
C ARG A 47 12.64 4.53 -0.30
N LYS A 48 13.25 3.80 0.65
CA LYS A 48 14.66 3.36 0.64
C LYS A 48 14.96 2.42 -0.55
N ALA A 49 16.23 2.02 -0.68
CA ALA A 49 16.69 1.02 -1.65
C ALA A 49 15.97 -0.33 -1.39
N GLN A 50 16.23 -1.34 -2.23
CA GLN A 50 15.56 -2.65 -2.22
C GLN A 50 15.43 -3.15 -0.77
N GLN A 51 14.20 -3.41 -0.34
CA GLN A 51 13.90 -3.92 0.98
C GLN A 51 12.59 -4.71 0.95
N ARG A 52 11.44 -4.05 0.71
CA ARG A 52 10.16 -4.77 0.61
C ARG A 52 9.09 -4.07 -0.24
N MET A 53 9.25 -2.77 -0.51
CA MET A 53 8.30 -1.94 -1.24
C MET A 53 8.91 -1.26 -2.48
N PRO A 54 10.18 -0.82 -2.49
CA PRO A 54 10.73 -0.06 -3.61
C PRO A 54 11.07 -1.00 -4.76
N ALA A 55 12.34 -1.40 -4.93
CA ALA A 55 12.75 -2.30 -6.00
C ALA A 55 12.14 -3.69 -5.77
N ILE A 56 11.42 -4.18 -6.77
CA ILE A 56 10.64 -5.41 -6.80
C ILE A 56 11.03 -6.16 -8.08
N PRO A 57 11.21 -7.49 -8.07
CA PRO A 57 11.47 -8.27 -9.27
C PRO A 57 10.19 -8.58 -10.04
N VAL A 58 10.32 -8.85 -11.35
CA VAL A 58 9.27 -9.28 -12.27
C VAL A 58 8.34 -10.34 -11.68
N ASN A 59 8.92 -11.30 -10.94
CA ASN A 59 8.26 -12.46 -10.35
C ASN A 59 7.13 -12.09 -9.39
N ILE A 60 7.27 -10.98 -8.66
CA ILE A 60 6.16 -10.51 -7.82
C ILE A 60 5.15 -9.99 -8.85
N HIS A 61 4.01 -10.66 -8.97
CA HIS A 61 2.97 -10.33 -9.93
C HIS A 61 1.93 -9.44 -9.25
N SER A 62 1.84 -9.53 -7.93
CA SER A 62 1.01 -8.69 -7.11
C SER A 62 1.70 -8.56 -5.76
N MET A 63 1.24 -7.61 -4.96
CA MET A 63 1.63 -7.38 -3.58
C MET A 63 0.34 -7.44 -2.77
N ASN A 64 0.48 -7.60 -1.47
CA ASN A 64 -0.64 -7.54 -0.54
C ASN A 64 -0.36 -6.38 0.38
N PHE A 65 -1.43 -5.77 0.87
CA PHE A 65 -1.52 -4.74 1.87
C PHE A 65 -2.74 -5.18 2.67
N THR A 66 -2.83 -4.82 3.95
CA THR A 66 -3.92 -5.25 4.79
C THR A 66 -4.33 -4.06 5.63
N TRP A 67 -5.63 -3.80 5.72
CA TRP A 67 -6.10 -2.70 6.55
C TRP A 67 -7.43 -3.03 7.20
N GLN A 68 -7.75 -2.28 8.24
CA GLN A 68 -9.02 -2.35 8.92
C GLN A 68 -9.20 -1.15 9.85
N ALA A 69 -10.44 -0.67 9.97
CA ALA A 69 -10.77 0.38 10.92
C ALA A 69 -11.07 -0.29 12.27
N ALA A 70 -11.34 0.49 13.30
CA ALA A 70 -11.51 0.06 14.66
C ALA A 70 -13.01 -0.04 15.00
N GLY A 71 -13.48 -1.27 14.93
CA GLY A 71 -14.78 -1.86 15.26
C GLY A 71 -16.07 -1.17 14.77
N GLN A 72 -16.31 0.11 15.08
CA GLN A 72 -17.44 0.88 14.54
C GLN A 72 -17.07 2.09 13.67
N ALA A 73 -15.82 2.54 13.76
CA ALA A 73 -15.24 3.73 13.15
C ALA A 73 -14.83 3.64 11.67
N GLU A 74 -15.56 2.95 10.77
CA GLU A 74 -15.17 2.80 9.37
C GLU A 74 -14.75 4.16 8.78
N TYR A 75 -13.46 4.26 8.44
CA TYR A 75 -12.86 5.40 7.76
C TYR A 75 -13.10 5.22 6.26
N PHE A 76 -13.29 6.30 5.52
CA PHE A 76 -13.51 6.24 4.08
C PHE A 76 -12.14 6.43 3.44
N TYR A 77 -11.87 5.87 2.26
CA TYR A 77 -10.61 6.07 1.55
C TYR A 77 -10.86 6.38 0.08
N GLU A 78 -9.87 6.97 -0.59
CA GLU A 78 -9.88 7.21 -2.03
C GLU A 78 -8.43 7.28 -2.50
N PHE A 79 -8.15 6.67 -3.65
CA PHE A 79 -6.81 6.58 -4.24
C PHE A 79 -6.57 7.83 -5.10
N LEU A 80 -5.77 8.76 -4.57
CA LEU A 80 -5.35 9.98 -5.27
C LEU A 80 -4.41 9.55 -6.40
N SER A 81 -3.51 8.59 -6.15
CA SER A 81 -2.55 8.10 -7.12
C SER A 81 -2.44 6.59 -7.08
N LEU A 82 -2.29 5.99 -8.26
CA LEU A 82 -2.03 4.59 -8.56
C LEU A 82 -1.76 4.56 -10.06
N ARG A 83 -0.50 4.67 -10.48
CA ARG A 83 -0.14 4.77 -11.91
C ARG A 83 1.34 4.43 -12.11
N SER A 84 1.74 3.88 -13.27
CA SER A 84 3.15 3.68 -13.54
C SER A 84 3.70 4.88 -14.27
N LEU A 85 4.86 5.32 -13.81
CA LEU A 85 5.62 6.41 -14.37
C LEU A 85 6.45 5.94 -15.56
N ASP A 86 6.86 4.65 -15.66
CA ASP A 86 7.54 4.24 -16.88
C ASP A 86 6.53 3.64 -17.86
N LYS A 87 6.80 3.91 -19.11
CA LYS A 87 6.18 3.56 -20.37
C LYS A 87 7.04 2.65 -21.24
N GLY A 88 8.33 2.71 -21.05
CA GLY A 88 9.31 1.83 -21.67
C GLY A 88 9.14 0.44 -21.03
N ILE A 89 9.51 0.30 -19.76
CA ILE A 89 9.38 -0.87 -18.87
C ILE A 89 7.93 -1.00 -18.34
N MET A 90 6.98 -0.46 -19.09
CA MET A 90 5.57 -0.32 -18.77
C MET A 90 5.02 -1.59 -18.13
N ALA A 91 4.45 -1.33 -16.98
CA ALA A 91 3.89 -2.22 -16.01
C ALA A 91 3.02 -1.29 -15.22
N ASP A 92 1.72 -1.46 -15.28
CA ASP A 92 0.80 -0.49 -14.65
C ASP A 92 0.07 -1.13 -13.50
N PRO A 93 0.08 -0.51 -12.29
CA PRO A 93 -0.49 -1.12 -11.11
C PRO A 93 -2.01 -1.17 -11.22
N THR A 94 -2.58 -2.13 -10.52
CA THR A 94 -4.02 -2.31 -10.36
C THR A 94 -4.31 -2.69 -8.91
N VAL A 95 -5.55 -2.57 -8.45
CA VAL A 95 -5.97 -3.03 -7.13
C VAL A 95 -7.17 -3.96 -7.24
N ASN A 96 -7.29 -4.89 -6.28
CA ASN A 96 -8.42 -5.80 -6.12
C ASN A 96 -9.53 -5.15 -5.28
N VAL A 97 -9.53 -3.83 -5.14
CA VAL A 97 -10.57 -3.04 -4.49
C VAL A 97 -10.89 -1.86 -5.43
N PRO A 98 -12.03 -1.17 -5.26
CA PRO A 98 -12.29 0.02 -6.04
C PRO A 98 -11.30 1.13 -5.65
N LEU A 99 -11.19 2.14 -6.52
CA LEU A 99 -10.36 3.32 -6.30
C LEU A 99 -10.85 4.16 -5.11
N LEU A 100 -12.05 3.92 -4.58
CA LEU A 100 -12.58 4.54 -3.38
C LEU A 100 -13.34 3.48 -2.60
N GLY A 101 -13.65 3.73 -1.33
CA GLY A 101 -14.38 2.77 -0.51
C GLY A 101 -14.23 3.10 0.96
N THR A 102 -14.49 2.14 1.84
CA THR A 102 -14.26 2.31 3.26
C THR A 102 -13.25 1.26 3.73
N VAL A 103 -12.55 1.57 4.81
CA VAL A 103 -11.63 0.67 5.49
C VAL A 103 -12.53 -0.04 6.52
N PRO A 104 -12.77 -1.36 6.39
CA PRO A 104 -13.72 -2.07 7.25
C PRO A 104 -13.13 -2.63 8.52
N HIS A 105 -13.95 -3.15 9.44
CA HIS A 105 -13.48 -3.59 10.75
C HIS A 105 -12.87 -4.97 10.81
N LYS A 106 -12.75 -5.63 9.66
CA LYS A 106 -12.06 -6.91 9.56
C LYS A 106 -10.87 -6.69 8.67
N ALA A 107 -9.69 -7.17 9.02
CA ALA A 107 -8.48 -7.15 8.20
C ALA A 107 -8.89 -7.60 6.79
N SER A 108 -8.85 -6.67 5.84
CA SER A 108 -9.16 -6.96 4.45
C SER A 108 -7.88 -6.69 3.67
N VAL A 109 -7.60 -7.60 2.75
CA VAL A 109 -6.37 -7.62 1.98
C VAL A 109 -6.59 -6.87 0.67
N VAL A 110 -5.81 -5.81 0.45
CA VAL A 110 -5.75 -5.04 -0.76
C VAL A 110 -4.61 -5.69 -1.53
N GLN A 111 -4.97 -6.49 -2.54
CA GLN A 111 -4.00 -7.07 -3.44
C GLN A 111 -3.74 -5.98 -4.50
N VAL A 112 -2.51 -5.51 -4.61
CA VAL A 112 -2.11 -4.57 -5.66
C VAL A 112 -1.54 -5.47 -6.77
N GLY A 113 -2.16 -5.55 -7.94
CA GLY A 113 -1.69 -6.33 -9.06
C GLY A 113 -0.73 -5.51 -9.89
N PHE A 114 0.32 -6.12 -10.44
CA PHE A 114 1.34 -5.42 -11.22
C PHE A 114 1.56 -6.11 -12.58
N PRO A 115 0.63 -5.99 -13.52
CA PRO A 115 0.82 -6.50 -14.87
C PRO A 115 1.90 -5.68 -15.58
N CYS A 116 2.98 -6.36 -16.00
CA CYS A 116 4.04 -5.77 -16.80
C CYS A 116 3.76 -6.18 -18.25
N LEU A 117 4.13 -5.33 -19.21
CA LEU A 117 3.92 -5.66 -20.63
C LEU A 117 4.97 -6.67 -21.11
N GLY A 118 6.04 -6.88 -20.32
CA GLY A 118 7.08 -7.87 -20.49
C GLY A 118 7.74 -7.89 -21.86
N LYS A 119 8.00 -6.75 -22.49
CA LYS A 119 8.76 -6.74 -23.75
C LYS A 119 10.01 -5.89 -23.69
N GLN A 120 10.02 -4.84 -22.86
CA GLN A 120 11.23 -4.05 -22.62
C GLN A 120 11.82 -4.63 -21.32
N ASP A 121 13.13 -4.58 -21.20
CA ASP A 121 13.86 -5.02 -20.00
C ASP A 121 14.26 -3.75 -19.24
N GLY A 122 14.35 -3.81 -17.91
CA GLY A 122 14.80 -2.69 -17.09
C GLY A 122 13.98 -2.58 -15.81
N VAL A 123 13.91 -1.38 -15.25
CA VAL A 123 13.17 -1.11 -14.02
C VAL A 123 12.24 0.08 -14.25
N ALA A 124 10.93 -0.17 -14.20
CA ALA A 124 9.91 0.87 -14.26
C ALA A 124 9.67 1.35 -12.83
N ALA A 125 9.00 2.49 -12.67
CA ALA A 125 8.59 3.04 -11.38
C ALA A 125 7.08 3.25 -11.40
N PHE A 126 6.37 3.05 -10.28
CA PHE A 126 4.95 3.34 -10.19
C PHE A 126 4.64 3.96 -8.83
N GLU A 127 3.71 4.91 -8.83
CA GLU A 127 3.32 5.75 -7.70
C GLU A 127 1.97 5.29 -7.12
N VAL A 128 1.83 5.41 -5.79
CA VAL A 128 0.56 5.16 -5.10
C VAL A 128 0.43 6.23 -4.00
N ASP A 129 -0.77 6.77 -3.82
CA ASP A 129 -1.11 7.76 -2.79
C ASP A 129 -2.61 7.64 -2.53
N VAL A 130 -3.04 7.53 -1.28
CA VAL A 130 -4.42 7.33 -0.89
C VAL A 130 -4.70 8.27 0.26
N ILE A 131 -5.79 9.02 0.13
CA ILE A 131 -6.32 9.88 1.16
C ILE A 131 -7.44 9.11 1.85
N VAL A 132 -7.83 9.62 3.00
CA VAL A 132 -8.78 9.03 3.90
C VAL A 132 -9.58 10.17 4.48
N MET A 133 -10.89 9.97 4.51
CA MET A 133 -11.88 10.94 4.95
C MET A 133 -12.91 10.23 5.80
N ASN A 134 -13.83 10.99 6.38
CA ASN A 134 -14.95 10.42 7.09
C ASN A 134 -16.06 10.27 6.02
N SER A 135 -17.22 9.70 6.36
CA SER A 135 -18.27 9.48 5.36
C SER A 135 -18.89 10.80 4.81
N GLU A 136 -18.51 11.98 5.31
CA GLU A 136 -18.94 13.27 4.76
C GLU A 136 -17.98 13.74 3.66
N GLY A 137 -16.78 13.13 3.57
CA GLY A 137 -15.72 13.55 2.67
C GLY A 137 -14.72 14.47 3.37
N ASN A 138 -14.89 14.80 4.66
CA ASN A 138 -13.91 15.59 5.40
C ASN A 138 -12.67 14.73 5.59
N THR A 139 -11.56 15.17 5.01
CA THR A 139 -10.28 14.48 4.97
C THR A 139 -9.68 14.50 6.39
N ILE A 140 -9.00 13.41 6.76
CA ILE A 140 -8.46 13.20 8.11
C ILE A 140 -7.08 12.53 8.11
N LEU A 141 -6.84 11.60 7.20
CA LEU A 141 -5.56 10.87 7.07
C LEU A 141 -5.16 10.93 5.60
N GLN A 142 -3.86 11.00 5.31
CA GLN A 142 -3.32 11.03 3.95
C GLN A 142 -2.01 10.25 3.95
N THR A 143 -1.84 9.42 2.93
CA THR A 143 -0.61 8.69 2.68
C THR A 143 0.45 9.74 2.33
N PRO A 144 1.63 9.77 2.97
CA PRO A 144 2.60 10.78 2.66
C PRO A 144 3.20 10.50 1.28
N GLN A 145 3.46 11.58 0.55
CA GLN A 145 3.90 11.49 -0.81
C GLN A 145 5.40 11.22 -0.76
N ASN A 146 5.77 10.02 -1.19
CA ASN A 146 7.05 9.32 -1.36
C ASN A 146 6.83 7.88 -1.77
N ALA A 147 5.63 7.32 -1.55
CA ALA A 147 5.27 5.94 -1.80
C ALA A 147 5.36 5.59 -3.30
N ILE A 148 6.58 5.26 -3.73
CA ILE A 148 6.84 4.81 -5.10
C ILE A 148 7.54 3.48 -5.02
N PHE A 149 7.07 2.58 -5.87
CA PHE A 149 7.58 1.24 -6.05
C PHE A 149 8.34 1.22 -7.37
N PHE A 150 9.19 0.23 -7.60
CA PHE A 150 9.99 0.11 -8.80
C PHE A 150 9.93 -1.35 -9.23
N LYS A 151 9.30 -1.67 -10.37
CA LYS A 151 9.18 -3.05 -10.82
C LYS A 151 10.25 -3.29 -11.86
N THR A 152 11.09 -4.27 -11.61
CA THR A 152 12.10 -4.73 -12.54
C THR A 152 11.38 -5.70 -13.47
N CYS A 153 11.25 -5.40 -14.76
CA CYS A 153 10.69 -6.33 -15.74
C CYS A 153 11.79 -6.79 -16.68
N LEU A 154 11.51 -7.85 -17.43
CA LEU A 154 12.34 -8.37 -18.48
C LEU A 154 11.44 -8.82 -19.63
N GLN A 155 12.00 -8.95 -20.82
CA GLN A 155 11.32 -9.37 -22.02
C GLN A 155 10.93 -10.85 -21.96
N ALA A 156 9.67 -11.15 -22.27
CA ALA A 156 9.08 -12.46 -22.42
C ALA A 156 8.05 -12.38 -23.55
N GLU A 157 7.56 -13.54 -23.97
CA GLU A 157 6.50 -13.79 -24.92
C GLU A 157 5.84 -15.09 -24.48
N GLY A 1 -10.04 12.28 20.78
CA GLY A 1 -10.88 12.23 19.58
C GLY A 1 -12.18 12.87 19.96
N SER A 2 -13.06 12.13 20.62
CA SER A 2 -14.00 12.73 21.54
C SER A 2 -13.22 13.34 22.73
N HIS A 3 -13.89 14.17 23.55
CA HIS A 3 -13.27 14.66 24.76
C HIS A 3 -13.43 13.51 25.76
N MET A 4 -12.32 12.91 26.16
CA MET A 4 -12.29 11.74 27.01
C MET A 4 -12.02 12.12 28.47
N LEU A 5 -12.06 11.06 29.27
CA LEU A 5 -11.76 10.83 30.68
C LEU A 5 -10.83 9.61 30.60
N ASP A 6 -10.26 9.09 31.70
CA ASP A 6 -9.27 8.02 31.59
C ASP A 6 -9.95 6.82 30.89
N GLN A 7 -9.49 6.53 29.67
CA GLN A 7 -9.93 5.56 28.71
C GLN A 7 -8.90 5.72 27.58
N GLN A 8 -9.03 4.88 26.58
CA GLN A 8 -8.31 4.90 25.32
C GLN A 8 -9.28 5.19 24.17
N GLU A 9 -8.74 5.30 22.97
CA GLU A 9 -9.43 5.45 21.70
C GLU A 9 -8.75 4.47 20.73
N GLU A 10 -9.30 4.37 19.52
CA GLU A 10 -8.74 3.62 18.39
C GLU A 10 -9.01 4.43 17.12
N SER A 11 -8.49 3.96 15.97
CA SER A 11 -8.59 4.53 14.63
C SER A 11 -7.90 3.59 13.62
N LEU A 12 -7.98 3.94 12.34
CA LEU A 12 -7.52 3.23 11.15
C LEU A 12 -6.12 2.61 11.31
N TYR A 13 -6.02 1.31 10.98
CA TYR A 13 -4.80 0.52 10.92
C TYR A 13 -4.54 0.11 9.46
N LEU A 14 -3.31 0.13 8.99
CA LEU A 14 -2.89 -0.23 7.63
C LEU A 14 -1.46 -0.77 7.74
N TRP A 15 -1.23 -2.03 7.39
CA TRP A 15 0.08 -2.65 7.36
C TRP A 15 0.29 -3.37 6.03
N ILE A 16 1.48 -3.93 5.83
CA ILE A 16 1.84 -4.73 4.68
C ILE A 16 2.04 -6.10 5.31
N ASP A 17 1.21 -7.07 4.97
CA ASP A 17 1.25 -8.37 5.62
C ASP A 17 2.40 -9.23 5.10
N ALA A 18 3.03 -9.91 6.05
CA ALA A 18 4.23 -10.72 5.89
C ALA A 18 4.10 -11.84 4.86
N HIS A 19 2.89 -12.33 4.60
CA HIS A 19 2.68 -13.47 3.72
C HIS A 19 3.28 -13.19 2.34
N GLN A 20 3.16 -11.94 1.89
CA GLN A 20 3.72 -11.53 0.62
C GLN A 20 5.25 -11.58 0.65
N ALA A 21 5.86 -11.15 1.75
CA ALA A 21 7.29 -11.26 1.94
C ALA A 21 7.71 -12.72 2.02
N ARG A 22 6.90 -13.61 2.59
CA ARG A 22 7.22 -15.03 2.55
C ARG A 22 7.35 -15.36 1.07
N VAL A 23 6.32 -15.11 0.27
CA VAL A 23 6.30 -15.32 -1.16
C VAL A 23 7.51 -14.66 -1.85
N LEU A 24 8.07 -13.59 -1.27
CA LEU A 24 9.28 -12.97 -1.79
C LEU A 24 10.53 -13.79 -1.57
N ILE A 25 10.77 -14.32 -0.37
CA ILE A 25 12.07 -15.01 -0.08
C ILE A 25 12.06 -16.07 1.03
N GLY A 26 10.88 -16.51 1.43
CA GLY A 26 10.66 -17.44 2.55
C GLY A 26 10.89 -16.80 3.92
N PHE A 27 10.98 -15.47 3.95
CA PHE A 27 11.27 -14.65 5.12
C PHE A 27 9.93 -14.08 5.59
N GLU A 28 9.70 -13.94 6.89
CA GLU A 28 8.40 -13.51 7.42
C GLU A 28 8.60 -12.33 8.40
N GLU A 29 8.03 -11.18 8.06
CA GLU A 29 7.91 -9.92 8.80
C GLU A 29 6.85 -9.06 8.09
N ASP A 30 5.97 -8.41 8.85
CA ASP A 30 4.97 -7.44 8.38
C ASP A 30 5.65 -6.06 8.35
N ILE A 31 4.92 -5.05 7.88
CA ILE A 31 5.38 -3.66 7.93
C ILE A 31 4.16 -2.84 8.35
N LEU A 32 4.18 -2.24 9.54
CA LEU A 32 3.05 -1.49 10.07
C LEU A 32 3.20 -0.04 9.61
N ILE A 33 2.28 0.47 8.78
CA ILE A 33 2.38 1.82 8.22
C ILE A 33 1.58 2.82 9.08
N VAL A 34 0.31 2.50 9.31
CA VAL A 34 -0.67 3.33 9.98
C VAL A 34 -1.27 2.53 11.12
N SER A 35 -1.32 3.08 12.32
CA SER A 35 -2.00 2.48 13.46
C SER A 35 -2.69 3.66 14.12
N GLU A 36 -3.96 3.53 14.47
CA GLU A 36 -4.79 4.60 15.00
C GLU A 36 -4.65 5.95 14.24
N GLY A 37 -4.42 5.89 12.91
CA GLY A 37 -4.18 7.07 12.06
C GLY A 37 -2.82 7.76 12.25
N LYS A 38 -2.03 7.30 13.22
CA LYS A 38 -0.73 7.76 13.73
C LYS A 38 0.43 7.60 12.72
N MET A 39 0.23 7.81 11.42
CA MET A 39 1.22 7.57 10.37
C MET A 39 2.65 7.91 10.78
N ALA A 40 3.46 6.86 10.85
CA ALA A 40 4.89 6.93 11.09
C ALA A 40 5.53 7.60 9.87
N PRO A 41 6.78 8.06 9.99
CA PRO A 41 7.57 8.60 8.88
C PRO A 41 8.04 7.48 7.93
N PHE A 42 7.17 6.50 7.65
CA PHE A 42 7.40 5.28 6.89
C PHE A 42 8.03 5.53 5.53
N THR A 43 7.81 6.73 4.96
CA THR A 43 8.36 7.17 3.69
C THR A 43 9.85 6.84 3.57
N HIS A 44 10.63 7.06 4.64
CA HIS A 44 12.06 6.82 4.64
C HIS A 44 12.36 5.35 4.35
N ASP A 45 11.96 4.47 5.27
CA ASP A 45 12.26 3.05 5.28
C ASP A 45 11.46 2.24 4.25
N PHE A 46 10.31 2.74 3.80
CA PHE A 46 9.51 2.15 2.73
C PHE A 46 10.13 2.46 1.37
N ARG A 47 10.31 3.76 1.05
CA ARG A 47 10.76 4.15 -0.29
C ARG A 47 12.22 3.73 -0.49
N LYS A 48 13.05 3.74 0.57
CA LYS A 48 14.42 3.24 0.56
C LYS A 48 14.35 2.03 1.49
N ALA A 49 14.54 0.81 1.00
CA ALA A 49 14.37 -0.37 1.84
C ALA A 49 15.10 -1.58 1.27
N GLN A 50 15.06 -2.67 2.03
CA GLN A 50 15.57 -3.96 1.60
C GLN A 50 14.65 -4.41 0.45
N GLN A 51 15.05 -5.40 -0.35
CA GLN A 51 14.33 -5.84 -1.55
C GLN A 51 12.82 -6.08 -1.35
N ARG A 52 12.37 -6.36 -0.12
CA ARG A 52 10.98 -6.60 0.26
C ARG A 52 9.99 -5.50 -0.18
N MET A 53 10.43 -4.29 -0.55
CA MET A 53 9.51 -3.18 -0.88
C MET A 53 9.81 -2.46 -2.20
N PRO A 54 10.94 -1.74 -2.38
CA PRO A 54 11.17 -0.95 -3.58
C PRO A 54 11.36 -1.84 -4.82
N ALA A 55 12.52 -2.49 -4.95
CA ALA A 55 12.86 -3.26 -6.14
C ALA A 55 12.10 -4.59 -6.10
N ILE A 56 11.18 -4.77 -7.04
CA ILE A 56 10.26 -5.88 -7.17
C ILE A 56 10.67 -6.60 -8.46
N PRO A 57 10.93 -7.92 -8.46
CA PRO A 57 11.23 -8.65 -9.67
C PRO A 57 9.95 -8.94 -10.46
N VAL A 58 10.09 -9.15 -11.77
CA VAL A 58 9.02 -9.57 -12.68
C VAL A 58 8.17 -10.71 -12.10
N ASN A 59 8.82 -11.65 -11.41
CA ASN A 59 8.24 -12.82 -10.75
C ASN A 59 7.15 -12.45 -9.75
N ILE A 60 7.32 -11.38 -8.97
CA ILE A 60 6.24 -10.92 -8.11
C ILE A 60 5.33 -10.21 -9.10
N HIS A 61 4.14 -10.79 -9.31
CA HIS A 61 3.14 -10.15 -10.12
C HIS A 61 2.44 -9.09 -9.29
N SER A 62 2.17 -9.42 -8.02
CA SER A 62 1.40 -8.60 -7.11
C SER A 62 2.02 -8.66 -5.72
N MET A 63 1.66 -7.69 -4.88
CA MET A 63 2.00 -7.64 -3.47
C MET A 63 0.69 -7.54 -2.70
N ASN A 64 0.75 -7.72 -1.38
CA ASN A 64 -0.39 -7.54 -0.50
C ASN A 64 -0.11 -6.36 0.41
N PHE A 65 -1.18 -5.77 0.89
CA PHE A 65 -1.31 -4.73 1.88
C PHE A 65 -2.55 -5.17 2.67
N THR A 66 -2.66 -4.83 3.93
CA THR A 66 -3.76 -5.24 4.77
C THR A 66 -4.16 -4.04 5.60
N TRP A 67 -5.46 -3.75 5.69
CA TRP A 67 -5.91 -2.64 6.51
C TRP A 67 -7.24 -2.94 7.15
N GLN A 68 -7.56 -2.16 8.18
CA GLN A 68 -8.85 -2.22 8.83
C GLN A 68 -9.08 -1.03 9.76
N ALA A 69 -10.35 -0.70 9.96
CA ALA A 69 -10.83 0.29 10.91
C ALA A 69 -10.95 -0.35 12.30
N ALA A 70 -11.50 0.41 13.25
CA ALA A 70 -11.60 0.05 14.65
C ALA A 70 -13.09 0.03 15.02
N GLY A 71 -13.62 -1.18 15.07
CA GLY A 71 -14.96 -1.61 15.49
C GLY A 71 -16.19 -0.92 14.90
N GLN A 72 -16.41 0.39 15.11
CA GLN A 72 -17.49 1.18 14.47
C GLN A 72 -16.98 2.31 13.56
N ALA A 73 -15.70 2.65 13.64
CA ALA A 73 -14.98 3.75 13.00
C ALA A 73 -14.63 3.59 11.50
N GLU A 74 -15.44 3.00 10.62
CA GLU A 74 -15.06 2.83 9.21
C GLU A 74 -14.65 4.19 8.61
N TYR A 75 -13.36 4.30 8.28
CA TYR A 75 -12.76 5.43 7.59
C TYR A 75 -12.97 5.25 6.10
N PHE A 76 -13.47 6.26 5.39
CA PHE A 76 -13.69 6.19 3.96
C PHE A 76 -12.31 6.44 3.34
N TYR A 77 -11.98 5.86 2.18
CA TYR A 77 -10.72 6.11 1.49
C TYR A 77 -10.96 6.37 0.01
N GLU A 78 -9.96 6.98 -0.64
CA GLU A 78 -9.95 7.18 -2.08
C GLU A 78 -8.49 7.26 -2.54
N PHE A 79 -8.16 6.60 -3.64
CA PHE A 79 -6.82 6.55 -4.23
C PHE A 79 -6.55 7.82 -5.03
N LEU A 80 -5.75 8.75 -4.48
CA LEU A 80 -5.30 9.96 -5.16
C LEU A 80 -4.34 9.54 -6.29
N SER A 81 -3.47 8.58 -6.03
CA SER A 81 -2.51 8.06 -6.99
C SER A 81 -2.49 6.54 -6.99
N LEU A 82 -2.37 5.97 -8.19
CA LEU A 82 -2.19 4.56 -8.49
C LEU A 82 -1.90 4.54 -10.00
N ARG A 83 -0.63 4.56 -10.42
CA ARG A 83 -0.26 4.68 -11.85
C ARG A 83 1.20 4.25 -12.08
N SER A 84 1.55 3.85 -13.31
CA SER A 84 2.93 3.56 -13.68
C SER A 84 3.65 4.89 -13.87
N LEU A 85 4.98 4.87 -13.85
CA LEU A 85 5.80 6.03 -14.15
C LEU A 85 6.76 5.78 -15.31
N ASP A 86 7.19 4.54 -15.60
CA ASP A 86 8.07 4.34 -16.76
C ASP A 86 7.28 4.23 -18.07
N LYS A 87 7.97 4.30 -19.20
CA LYS A 87 7.48 4.21 -20.57
C LYS A 87 7.93 2.93 -21.25
N GLY A 88 9.21 2.60 -21.19
CA GLY A 88 9.71 1.35 -21.71
C GLY A 88 9.15 0.17 -20.91
N ILE A 89 9.62 0.04 -19.66
CA ILE A 89 9.36 -1.03 -18.70
C ILE A 89 7.99 -0.83 -18.03
N MET A 90 7.12 -0.03 -18.64
CA MET A 90 5.81 0.40 -18.16
C MET A 90 5.07 -0.80 -17.56
N ALA A 91 4.49 -0.56 -16.39
CA ALA A 91 3.83 -1.54 -15.55
C ALA A 91 2.87 -0.78 -14.65
N ASP A 92 1.58 -1.00 -14.85
CA ASP A 92 0.57 -0.22 -14.13
C ASP A 92 0.10 -1.00 -12.91
N PRO A 93 0.03 -0.36 -11.73
CA PRO A 93 -0.54 -0.99 -10.57
C PRO A 93 -2.05 -1.14 -10.76
N THR A 94 -2.61 -2.14 -10.08
CA THR A 94 -4.03 -2.43 -9.98
C THR A 94 -4.31 -2.85 -8.54
N VAL A 95 -5.55 -2.74 -8.04
CA VAL A 95 -5.92 -3.13 -6.68
C VAL A 95 -7.09 -4.10 -6.62
N ASN A 96 -7.12 -4.89 -5.54
CA ASN A 96 -8.18 -5.83 -5.15
C ASN A 96 -9.44 -5.15 -4.61
N VAL A 97 -9.51 -3.83 -4.70
CA VAL A 97 -10.61 -3.00 -4.24
C VAL A 97 -10.84 -1.88 -5.25
N PRO A 98 -11.98 -1.16 -5.22
CA PRO A 98 -12.17 -0.01 -6.08
C PRO A 98 -11.22 1.13 -5.70
N LEU A 99 -11.13 2.13 -6.59
CA LEU A 99 -10.37 3.36 -6.39
C LEU A 99 -10.90 4.18 -5.20
N LEU A 100 -12.07 3.88 -4.65
CA LEU A 100 -12.61 4.50 -3.44
C LEU A 100 -13.38 3.42 -2.67
N GLY A 101 -13.69 3.66 -1.40
CA GLY A 101 -14.41 2.69 -0.58
C GLY A 101 -14.28 3.02 0.90
N THR A 102 -14.54 2.05 1.78
CA THR A 102 -14.32 2.23 3.21
C THR A 102 -13.28 1.22 3.67
N VAL A 103 -12.54 1.58 4.71
CA VAL A 103 -11.59 0.70 5.38
C VAL A 103 -12.46 0.01 6.44
N PRO A 104 -12.69 -1.31 6.35
CA PRO A 104 -13.61 -2.00 7.25
C PRO A 104 -12.90 -2.52 8.48
N HIS A 105 -13.59 -2.82 9.58
CA HIS A 105 -12.96 -3.20 10.86
C HIS A 105 -12.38 -4.60 10.86
N LYS A 106 -12.44 -5.25 9.71
CA LYS A 106 -12.08 -6.62 9.48
C LYS A 106 -10.89 -6.61 8.53
N ALA A 107 -9.72 -7.11 8.96
CA ALA A 107 -8.49 -7.14 8.18
C ALA A 107 -8.80 -7.58 6.75
N SER A 108 -8.77 -6.63 5.83
CA SER A 108 -9.03 -6.88 4.42
C SER A 108 -7.73 -6.67 3.69
N VAL A 109 -7.45 -7.60 2.78
CA VAL A 109 -6.21 -7.67 2.05
C VAL A 109 -6.40 -6.97 0.71
N VAL A 110 -5.66 -5.89 0.51
CA VAL A 110 -5.60 -5.18 -0.74
C VAL A 110 -4.40 -5.79 -1.44
N GLN A 111 -4.67 -6.65 -2.42
CA GLN A 111 -3.64 -7.20 -3.27
C GLN A 111 -3.44 -6.12 -4.32
N VAL A 112 -2.24 -5.58 -4.43
CA VAL A 112 -1.86 -4.63 -5.46
C VAL A 112 -1.21 -5.49 -6.55
N GLY A 113 -1.82 -5.60 -7.73
CA GLY A 113 -1.27 -6.32 -8.85
C GLY A 113 -0.48 -5.37 -9.73
N PHE A 114 0.56 -5.84 -10.41
CA PHE A 114 1.43 -5.01 -11.20
C PHE A 114 1.63 -5.61 -12.61
N PRO A 115 0.62 -5.55 -13.50
CA PRO A 115 0.77 -5.98 -14.88
C PRO A 115 1.82 -5.09 -15.58
N CYS A 116 2.93 -5.71 -15.99
CA CYS A 116 3.97 -5.06 -16.78
C CYS A 116 3.68 -5.34 -18.25
N LEU A 117 4.01 -4.41 -19.15
CA LEU A 117 3.68 -4.56 -20.56
C LEU A 117 4.58 -5.60 -21.25
N GLY A 118 5.68 -6.01 -20.59
CA GLY A 118 6.58 -7.06 -21.02
C GLY A 118 7.31 -6.79 -22.33
N LYS A 119 7.66 -5.52 -22.63
CA LYS A 119 8.23 -5.18 -23.95
C LYS A 119 9.67 -4.69 -23.83
N GLN A 120 9.95 -3.73 -22.95
CA GLN A 120 11.31 -3.30 -22.70
C GLN A 120 11.79 -4.05 -21.46
N ASP A 121 13.08 -4.34 -21.44
CA ASP A 121 13.79 -4.96 -20.32
C ASP A 121 14.38 -3.84 -19.47
N GLY A 122 14.38 -3.98 -18.15
CA GLY A 122 14.90 -2.95 -17.25
C GLY A 122 14.11 -2.86 -15.96
N VAL A 123 14.11 -1.69 -15.32
CA VAL A 123 13.42 -1.44 -14.06
C VAL A 123 12.59 -0.16 -14.20
N ALA A 124 11.28 -0.29 -14.10
CA ALA A 124 10.32 0.80 -14.07
C ALA A 124 10.05 1.19 -12.63
N ALA A 125 9.27 2.26 -12.46
CA ALA A 125 8.76 2.74 -11.19
C ALA A 125 7.23 2.91 -11.34
N PHE A 126 6.50 2.85 -10.24
CA PHE A 126 5.07 3.12 -10.19
C PHE A 126 4.75 3.74 -8.84
N GLU A 127 3.63 4.47 -8.74
CA GLU A 127 3.22 5.25 -7.59
C GLU A 127 1.85 4.84 -7.08
N VAL A 128 1.65 5.00 -5.76
CA VAL A 128 0.38 4.81 -5.07
C VAL A 128 0.31 5.94 -4.02
N ASP A 129 -0.87 6.50 -3.76
CA ASP A 129 -1.12 7.49 -2.71
C ASP A 129 -2.62 7.51 -2.43
N VAL A 130 -3.05 7.53 -1.17
CA VAL A 130 -4.46 7.42 -0.82
C VAL A 130 -4.79 8.44 0.27
N ILE A 131 -5.95 9.06 0.14
CA ILE A 131 -6.51 9.96 1.13
C ILE A 131 -7.65 9.22 1.79
N VAL A 132 -8.05 9.75 2.94
CA VAL A 132 -9.04 9.16 3.80
C VAL A 132 -9.88 10.28 4.37
N MET A 133 -11.18 10.02 4.41
CA MET A 133 -12.21 10.94 4.85
C MET A 133 -13.21 10.19 5.70
N ASN A 134 -14.16 10.91 6.28
CA ASN A 134 -15.26 10.29 7.00
C ASN A 134 -16.34 10.06 5.93
N SER A 135 -17.48 9.42 6.26
CA SER A 135 -18.52 9.18 5.25
C SER A 135 -19.14 10.49 4.75
N GLU A 136 -18.93 11.61 5.44
CA GLU A 136 -19.37 12.95 5.07
C GLU A 136 -18.42 13.56 4.01
N GLY A 137 -17.35 12.86 3.64
CA GLY A 137 -16.37 13.29 2.64
C GLY A 137 -15.35 14.28 3.20
N ASN A 138 -15.36 14.54 4.50
CA ASN A 138 -14.39 15.46 5.12
C ASN A 138 -13.10 14.67 5.34
N THR A 139 -12.03 15.10 4.70
CA THR A 139 -10.71 14.48 4.74
C THR A 139 -10.17 14.57 6.17
N ILE A 140 -9.46 13.53 6.62
CA ILE A 140 -8.94 13.40 7.98
C ILE A 140 -7.54 12.81 8.04
N LEU A 141 -7.24 11.84 7.17
CA LEU A 141 -5.94 11.14 7.12
C LEU A 141 -5.50 11.17 5.65
N GLN A 142 -4.21 11.35 5.39
CA GLN A 142 -3.68 11.48 4.03
C GLN A 142 -2.30 10.87 3.98
N THR A 143 -2.12 9.94 3.04
CA THR A 143 -0.83 9.32 2.74
C THR A 143 0.05 10.42 2.13
N PRO A 144 1.36 10.47 2.42
CA PRO A 144 2.22 11.41 1.76
C PRO A 144 2.64 10.83 0.41
N GLN A 145 2.83 11.73 -0.56
CA GLN A 145 3.19 11.30 -1.89
C GLN A 145 4.66 10.94 -1.74
N ASN A 146 4.98 9.65 -1.87
CA ASN A 146 6.28 9.00 -1.67
C ASN A 146 6.20 7.49 -1.77
N ALA A 147 5.02 6.90 -1.55
CA ALA A 147 4.80 5.47 -1.63
C ALA A 147 4.97 5.04 -3.10
N ILE A 148 6.22 4.74 -3.46
CA ILE A 148 6.67 4.42 -4.80
C ILE A 148 7.42 3.11 -4.70
N PHE A 149 7.32 2.35 -5.78
CA PHE A 149 7.88 1.02 -5.91
C PHE A 149 8.57 0.96 -7.28
N PHE A 150 9.37 -0.08 -7.51
CA PHE A 150 10.20 -0.22 -8.70
C PHE A 150 10.08 -1.65 -9.22
N LYS A 151 9.50 -1.85 -10.41
CA LYS A 151 9.30 -3.20 -10.94
C LYS A 151 10.33 -3.47 -12.04
N THR A 152 11.11 -4.52 -11.84
CA THR A 152 12.06 -5.03 -12.80
C THR A 152 11.26 -5.92 -13.74
N CYS A 153 11.16 -5.56 -15.02
CA CYS A 153 10.53 -6.39 -16.03
C CYS A 153 11.56 -6.80 -17.09
N LEU A 154 11.17 -7.80 -17.89
CA LEU A 154 11.90 -8.26 -19.04
C LEU A 154 10.91 -8.41 -20.20
N GLN A 155 11.45 -8.48 -21.39
CA GLN A 155 10.78 -8.62 -22.67
C GLN A 155 10.26 -10.07 -22.81
N ALA A 156 8.94 -10.23 -22.84
CA ALA A 156 8.25 -11.51 -22.96
C ALA A 156 6.80 -11.28 -23.37
N GLU A 157 6.41 -11.82 -24.53
CA GLU A 157 5.09 -11.88 -25.11
C GLU A 157 5.04 -13.16 -25.93
N GLY A 1 0.51 5.06 19.82
CA GLY A 1 1.02 5.16 18.44
C GLY A 1 2.34 5.89 18.45
N SER A 2 2.49 6.93 17.62
CA SER A 2 3.54 7.93 17.79
C SER A 2 3.38 8.64 19.16
N HIS A 3 4.33 9.53 19.50
CA HIS A 3 4.42 10.20 20.80
C HIS A 3 3.09 10.83 21.19
N MET A 4 2.64 10.49 22.40
CA MET A 4 1.37 10.83 23.01
C MET A 4 1.61 10.99 24.51
N LEU A 5 0.55 11.38 25.21
CA LEU A 5 0.42 11.48 26.66
C LEU A 5 -0.60 10.35 26.84
N ASP A 6 -0.33 9.40 27.74
CA ASP A 6 -1.14 8.20 27.90
C ASP A 6 -2.65 8.41 27.92
N GLN A 7 -3.27 7.89 26.87
CA GLN A 7 -4.68 7.76 26.55
C GLN A 7 -4.62 6.97 25.24
N GLN A 8 -5.10 5.73 25.22
CA GLN A 8 -4.98 4.85 24.07
C GLN A 8 -6.38 4.47 23.63
N GLU A 9 -6.76 4.92 22.45
CA GLU A 9 -8.02 4.65 21.77
C GLU A 9 -7.65 4.11 20.38
N GLU A 10 -8.57 3.40 19.72
CA GLU A 10 -8.34 2.92 18.36
C GLU A 10 -8.45 4.06 17.33
N SER A 11 -8.07 3.76 16.09
CA SER A 11 -8.16 4.56 14.87
C SER A 11 -7.67 3.66 13.71
N LEU A 12 -7.73 4.12 12.45
CA LEU A 12 -7.41 3.37 11.23
C LEU A 12 -6.09 2.59 11.33
N TYR A 13 -6.08 1.35 10.87
CA TYR A 13 -4.90 0.48 10.80
C TYR A 13 -4.65 0.03 9.34
N LEU A 14 -3.40 0.04 8.87
CA LEU A 14 -3.01 -0.34 7.50
C LEU A 14 -1.59 -0.90 7.56
N TRP A 15 -1.35 -2.15 7.17
CA TRP A 15 -0.03 -2.78 7.23
C TRP A 15 0.14 -3.70 6.02
N ILE A 16 1.36 -3.85 5.50
CA ILE A 16 1.65 -4.80 4.44
C ILE A 16 1.86 -6.11 5.20
N ASP A 17 1.02 -7.11 4.93
CA ASP A 17 1.05 -8.35 5.71
C ASP A 17 2.10 -9.36 5.24
N ALA A 18 2.65 -10.03 6.25
CA ALA A 18 3.76 -10.96 6.14
C ALA A 18 3.37 -12.29 5.49
N HIS A 19 2.10 -12.69 5.58
CA HIS A 19 1.64 -13.99 5.13
C HIS A 19 1.86 -14.14 3.62
N GLN A 20 1.63 -13.05 2.89
CA GLN A 20 1.89 -12.99 1.46
C GLN A 20 3.39 -12.95 1.21
N ALA A 21 4.13 -12.07 1.90
CA ALA A 21 5.58 -11.95 1.74
C ALA A 21 6.27 -13.30 1.85
N ARG A 22 5.90 -14.17 2.80
CA ARG A 22 6.42 -15.52 2.86
C ARG A 22 6.27 -16.16 1.49
N VAL A 23 5.04 -16.36 1.03
CA VAL A 23 4.72 -16.99 -0.25
C VAL A 23 5.50 -16.33 -1.41
N LEU A 24 5.93 -15.07 -1.26
CA LEU A 24 6.68 -14.35 -2.25
C LEU A 24 8.18 -14.59 -2.22
N ILE A 25 8.78 -14.74 -1.02
CA ILE A 25 10.25 -14.82 -0.85
C ILE A 25 10.76 -15.76 0.25
N GLY A 26 9.89 -16.63 0.74
CA GLY A 26 10.02 -17.57 1.85
C GLY A 26 10.32 -16.94 3.22
N PHE A 27 10.46 -15.63 3.25
CA PHE A 27 10.81 -14.76 4.38
C PHE A 27 9.52 -14.10 4.87
N GLU A 28 9.34 -13.90 6.18
CA GLU A 28 8.09 -13.40 6.75
C GLU A 28 8.34 -12.27 7.74
N GLU A 29 7.88 -11.05 7.41
CA GLU A 29 7.88 -9.83 8.22
C GLU A 29 6.68 -9.01 7.75
N ASP A 30 6.01 -8.29 8.66
CA ASP A 30 4.93 -7.35 8.32
C ASP A 30 5.60 -5.97 8.26
N ILE A 31 4.91 -4.98 7.68
CA ILE A 31 5.39 -3.60 7.68
C ILE A 31 4.15 -2.80 8.02
N LEU A 32 4.13 -2.15 9.19
CA LEU A 32 2.92 -1.47 9.64
C LEU A 32 3.02 0.00 9.21
N ILE A 33 2.14 0.43 8.30
CA ILE A 33 2.16 1.76 7.69
C ILE A 33 1.44 2.73 8.64
N VAL A 34 0.16 2.46 8.87
CA VAL A 34 -0.75 3.30 9.61
C VAL A 34 -1.19 2.52 10.82
N SER A 35 -0.78 2.97 11.98
CA SER A 35 -1.22 2.44 13.25
C SER A 35 -2.05 3.56 13.82
N GLU A 36 -3.31 3.29 14.20
CA GLU A 36 -4.20 4.22 14.88
C GLU A 36 -4.21 5.63 14.22
N GLY A 37 -4.14 5.68 12.87
CA GLY A 37 -4.12 6.93 12.08
C GLY A 37 -3.00 7.91 12.49
N LYS A 38 -1.98 7.39 13.17
CA LYS A 38 -0.84 8.00 13.81
C LYS A 38 0.44 7.40 13.22
N MET A 39 0.40 7.15 11.90
CA MET A 39 1.34 6.46 11.02
C MET A 39 2.82 6.69 11.33
N ALA A 40 3.58 5.62 11.07
CA ALA A 40 5.03 5.57 11.15
C ALA A 40 5.63 6.31 9.94
N PRO A 41 6.91 6.69 9.99
CA PRO A 41 7.64 7.30 8.88
C PRO A 41 8.05 6.26 7.83
N PHE A 42 7.13 5.32 7.50
CA PHE A 42 7.34 4.17 6.62
C PHE A 42 7.90 4.55 5.25
N THR A 43 7.62 5.78 4.82
CA THR A 43 7.91 6.33 3.52
C THR A 43 9.41 6.28 3.22
N HIS A 44 10.27 6.34 4.24
CA HIS A 44 11.71 6.25 4.01
C HIS A 44 12.04 4.90 3.41
N ASP A 45 11.88 3.80 4.14
CA ASP A 45 12.27 2.49 3.65
C ASP A 45 11.44 1.97 2.48
N PHE A 46 10.22 2.46 2.33
CA PHE A 46 9.34 2.18 1.20
C PHE A 46 9.88 2.81 -0.09
N ARG A 47 10.28 4.09 -0.07
CA ARG A 47 10.69 4.82 -1.27
C ARG A 47 12.21 4.86 -1.54
N LYS A 48 13.03 4.73 -0.50
CA LYS A 48 14.50 4.75 -0.56
C LYS A 48 14.99 3.51 -1.31
N ALA A 49 16.31 3.39 -1.52
CA ALA A 49 16.89 2.18 -2.10
C ALA A 49 16.40 0.94 -1.34
N GLN A 50 16.52 -0.22 -1.97
CA GLN A 50 16.00 -1.50 -1.52
C GLN A 50 16.23 -1.76 -0.03
N GLN A 51 15.17 -2.23 0.61
CA GLN A 51 15.12 -2.70 1.99
C GLN A 51 14.30 -3.97 1.91
N ARG A 52 13.00 -3.87 1.59
CA ARG A 52 12.15 -5.06 1.51
C ARG A 52 11.08 -4.93 0.43
N MET A 53 10.81 -3.71 -0.04
CA MET A 53 9.74 -3.39 -0.98
C MET A 53 10.12 -2.46 -2.14
N PRO A 54 11.11 -1.53 -2.05
CA PRO A 54 11.37 -0.57 -3.12
C PRO A 54 11.53 -1.18 -4.50
N ALA A 55 12.62 -1.93 -4.73
CA ALA A 55 12.89 -2.62 -5.98
C ALA A 55 12.18 -3.97 -5.90
N ILE A 56 11.18 -4.17 -6.74
CA ILE A 56 10.36 -5.36 -6.86
C ILE A 56 10.84 -6.08 -8.11
N PRO A 57 11.36 -7.32 -8.03
CA PRO A 57 11.76 -8.05 -9.22
C PRO A 57 10.52 -8.54 -9.98
N VAL A 58 10.68 -8.74 -11.29
CA VAL A 58 9.67 -9.18 -12.26
C VAL A 58 8.75 -10.29 -11.70
N ASN A 59 9.34 -11.28 -11.02
CA ASN A 59 8.70 -12.48 -10.48
C ASN A 59 7.59 -12.16 -9.48
N ILE A 60 7.73 -11.09 -8.68
CA ILE A 60 6.65 -10.71 -7.78
C ILE A 60 5.58 -10.14 -8.69
N HIS A 61 4.45 -10.84 -8.75
CA HIS A 61 3.31 -10.35 -9.49
C HIS A 61 2.59 -9.32 -8.61
N SER A 62 2.49 -9.58 -7.31
CA SER A 62 1.71 -8.76 -6.40
C SER A 62 2.25 -8.82 -4.97
N MET A 63 1.86 -7.85 -4.15
CA MET A 63 2.12 -7.78 -2.70
C MET A 63 0.74 -7.58 -2.05
N ASN A 64 0.62 -7.83 -0.75
CA ASN A 64 -0.68 -7.76 -0.06
C ASN A 64 -0.61 -6.74 1.04
N PHE A 65 -1.36 -5.67 0.87
CA PHE A 65 -1.55 -4.66 1.88
C PHE A 65 -2.81 -5.13 2.59
N THR A 66 -2.96 -4.84 3.86
CA THR A 66 -4.06 -5.28 4.68
C THR A 66 -4.43 -4.09 5.54
N TRP A 67 -5.71 -3.80 5.69
CA TRP A 67 -6.13 -2.65 6.47
C TRP A 67 -7.46 -2.91 7.12
N GLN A 68 -7.79 -2.05 8.09
CA GLN A 68 -9.09 -2.08 8.72
C GLN A 68 -9.36 -0.81 9.52
N ALA A 69 -10.64 -0.43 9.61
CA ALA A 69 -11.04 0.66 10.48
C ALA A 69 -10.93 0.13 11.91
N ALA A 70 -11.21 1.01 12.86
CA ALA A 70 -11.31 0.74 14.24
C ALA A 70 -12.78 0.37 14.35
N GLY A 71 -13.01 -0.57 15.22
CA GLY A 71 -14.19 -1.34 15.59
C GLY A 71 -15.51 -1.01 14.89
N GLN A 72 -16.17 0.12 15.21
CA GLN A 72 -17.37 0.62 14.53
C GLN A 72 -17.25 1.99 13.81
N ALA A 73 -16.03 2.40 13.44
CA ALA A 73 -15.58 3.67 12.87
C ALA A 73 -15.15 3.77 11.38
N GLU A 74 -15.77 3.10 10.40
CA GLU A 74 -15.34 3.04 8.99
C GLU A 74 -14.82 4.37 8.45
N TYR A 75 -13.55 4.35 8.09
CA TYR A 75 -12.82 5.42 7.43
C TYR A 75 -13.10 5.27 5.94
N PHE A 76 -13.45 6.35 5.25
CA PHE A 76 -13.65 6.32 3.82
C PHE A 76 -12.25 6.50 3.21
N TYR A 77 -11.97 5.93 2.04
CA TYR A 77 -10.70 6.13 1.35
C TYR A 77 -10.92 6.42 -0.14
N GLU A 78 -9.91 7.01 -0.77
CA GLU A 78 -9.89 7.25 -2.21
C GLU A 78 -8.43 7.29 -2.65
N PHE A 79 -8.14 6.66 -3.79
CA PHE A 79 -6.79 6.52 -4.33
C PHE A 79 -6.45 7.76 -5.18
N LEU A 80 -5.62 8.64 -4.63
CA LEU A 80 -5.06 9.81 -5.29
C LEU A 80 -4.20 9.34 -6.47
N SER A 81 -3.39 8.30 -6.26
CA SER A 81 -2.52 7.73 -7.26
C SER A 81 -2.59 6.22 -7.29
N LEU A 82 -2.49 5.66 -8.50
CA LEU A 82 -2.40 4.25 -8.84
C LEU A 82 -2.11 4.27 -10.35
N ARG A 83 -0.83 4.24 -10.76
CA ARG A 83 -0.44 4.39 -12.18
C ARG A 83 1.05 4.05 -12.37
N SER A 84 1.43 3.59 -13.56
CA SER A 84 2.84 3.37 -13.91
C SER A 84 3.46 4.71 -14.26
N LEU A 85 4.59 5.04 -13.63
CA LEU A 85 5.33 6.24 -13.98
C LEU A 85 6.31 5.95 -15.12
N ASP A 86 6.80 4.72 -15.31
CA ASP A 86 7.63 4.47 -16.50
C ASP A 86 6.73 4.11 -17.67
N LYS A 87 7.21 4.42 -18.87
CA LYS A 87 6.61 4.21 -20.16
C LYS A 87 7.28 3.11 -20.96
N GLY A 88 8.59 2.99 -20.83
CA GLY A 88 9.37 1.89 -21.42
C GLY A 88 9.04 0.58 -20.71
N ILE A 89 9.58 0.41 -19.51
CA ILE A 89 9.47 -0.72 -18.57
C ILE A 89 8.07 -0.73 -17.90
N MET A 90 7.10 -0.05 -18.51
CA MET A 90 5.76 0.20 -18.03
C MET A 90 5.16 -1.06 -17.42
N ALA A 91 4.61 -0.86 -16.23
CA ALA A 91 4.04 -1.84 -15.33
C ALA A 91 3.04 -1.06 -14.51
N ASP A 92 1.77 -1.37 -14.70
CA ASP A 92 0.71 -0.58 -14.06
C ASP A 92 0.23 -1.32 -12.82
N PRO A 93 0.08 -0.63 -11.68
CA PRO A 93 -0.48 -1.24 -10.50
C PRO A 93 -1.97 -1.51 -10.74
N THR A 94 -2.47 -2.50 -10.03
CA THR A 94 -3.87 -2.89 -9.97
C THR A 94 -4.17 -3.19 -8.50
N VAL A 95 -5.41 -3.03 -8.05
CA VAL A 95 -5.81 -3.34 -6.67
C VAL A 95 -7.00 -4.29 -6.62
N ASN A 96 -7.09 -5.03 -5.50
CA ASN A 96 -8.18 -5.94 -5.15
C ASN A 96 -9.45 -5.22 -4.67
N VAL A 97 -9.50 -3.89 -4.77
CA VAL A 97 -10.61 -3.06 -4.34
C VAL A 97 -10.83 -1.94 -5.36
N PRO A 98 -11.98 -1.23 -5.35
CA PRO A 98 -12.18 -0.08 -6.21
C PRO A 98 -11.24 1.06 -5.78
N LEU A 99 -11.11 2.07 -6.67
CA LEU A 99 -10.28 3.26 -6.46
C LEU A 99 -10.81 4.15 -5.32
N LEU A 100 -12.02 3.91 -4.80
CA LEU A 100 -12.59 4.58 -3.63
C LEU A 100 -13.41 3.55 -2.87
N GLY A 101 -13.76 3.83 -1.62
CA GLY A 101 -14.56 2.91 -0.82
C GLY A 101 -14.41 3.23 0.65
N THR A 102 -14.75 2.27 1.52
CA THR A 102 -14.53 2.41 2.95
C THR A 102 -13.57 1.31 3.40
N VAL A 103 -12.81 1.59 4.45
CA VAL A 103 -11.91 0.65 5.08
C VAL A 103 -12.75 -0.08 6.15
N PRO A 104 -13.02 -1.40 6.02
CA PRO A 104 -13.86 -2.10 6.96
C PRO A 104 -13.14 -2.36 8.26
N HIS A 105 -13.85 -2.53 9.38
CA HIS A 105 -13.19 -2.62 10.70
C HIS A 105 -12.50 -3.96 10.94
N LYS A 106 -12.70 -4.90 10.03
CA LYS A 106 -12.24 -6.26 10.12
C LYS A 106 -11.25 -6.44 8.97
N ALA A 107 -10.02 -6.84 9.32
CA ALA A 107 -8.86 -6.96 8.43
C ALA A 107 -9.24 -7.51 7.07
N SER A 108 -9.14 -6.66 6.05
CA SER A 108 -9.38 -7.02 4.67
C SER A 108 -8.09 -6.78 3.90
N VAL A 109 -7.85 -7.65 2.92
CA VAL A 109 -6.61 -7.71 2.16
C VAL A 109 -6.78 -7.04 0.79
N VAL A 110 -6.01 -5.97 0.56
CA VAL A 110 -5.93 -5.29 -0.70
C VAL A 110 -4.66 -5.85 -1.35
N GLN A 111 -4.81 -6.76 -2.32
CA GLN A 111 -3.64 -7.21 -3.06
C GLN A 111 -3.37 -6.10 -4.07
N VAL A 112 -2.12 -5.66 -4.16
CA VAL A 112 -1.68 -4.71 -5.17
C VAL A 112 -0.96 -5.61 -6.16
N GLY A 113 -1.49 -5.77 -7.36
CA GLY A 113 -0.90 -6.52 -8.44
C GLY A 113 -0.16 -5.57 -9.35
N PHE A 114 0.91 -6.02 -10.01
CA PHE A 114 1.77 -5.17 -10.82
C PHE A 114 2.03 -5.84 -12.17
N PRO A 115 1.04 -5.88 -13.09
CA PRO A 115 1.25 -6.38 -14.45
C PRO A 115 2.25 -5.48 -15.18
N CYS A 116 3.40 -6.06 -15.56
CA CYS A 116 4.40 -5.39 -16.39
C CYS A 116 4.06 -5.70 -17.84
N LEU A 117 4.33 -4.75 -18.75
CA LEU A 117 3.99 -4.94 -20.16
C LEU A 117 4.95 -5.93 -20.84
N GLY A 118 6.07 -6.26 -20.18
CA GLY A 118 7.05 -7.26 -20.57
C GLY A 118 7.70 -7.08 -21.94
N LYS A 119 7.72 -5.88 -22.52
CA LYS A 119 8.44 -5.62 -23.78
C LYS A 119 9.77 -4.92 -23.61
N GLN A 120 9.88 -3.93 -22.74
CA GLN A 120 11.17 -3.31 -22.44
C GLN A 120 11.72 -3.95 -21.17
N ASP A 121 13.05 -4.07 -21.13
CA ASP A 121 13.82 -4.54 -19.98
C ASP A 121 14.27 -3.31 -19.19
N GLY A 122 14.48 -3.45 -17.87
CA GLY A 122 15.00 -2.37 -17.03
C GLY A 122 14.26 -2.30 -15.71
N VAL A 123 14.22 -1.12 -15.10
CA VAL A 123 13.51 -0.87 -13.85
C VAL A 123 12.58 0.32 -14.03
N ALA A 124 11.26 0.06 -13.97
CA ALA A 124 10.23 1.08 -14.00
C ALA A 124 9.97 1.57 -12.58
N ALA A 125 9.14 2.60 -12.48
CA ALA A 125 8.63 3.18 -11.25
C ALA A 125 7.11 3.24 -11.41
N PHE A 126 6.36 3.14 -10.32
CA PHE A 126 4.91 3.32 -10.31
C PHE A 126 4.49 3.93 -8.98
N GLU A 127 3.36 4.63 -8.97
CA GLU A 127 2.83 5.39 -7.84
C GLU A 127 1.54 4.77 -7.34
N VAL A 128 1.36 4.75 -6.01
CA VAL A 128 0.13 4.32 -5.34
C VAL A 128 0.06 5.21 -4.10
N ASP A 129 -0.92 6.10 -4.00
CA ASP A 129 -1.05 7.08 -2.91
C ASP A 129 -2.53 7.23 -2.63
N VAL A 130 -2.95 7.29 -1.36
CA VAL A 130 -4.36 7.30 -0.99
C VAL A 130 -4.61 8.33 0.09
N ILE A 131 -5.80 8.89 0.09
CA ILE A 131 -6.28 9.79 1.11
C ILE A 131 -7.46 9.11 1.78
N VAL A 132 -7.80 9.62 2.96
CA VAL A 132 -8.79 9.04 3.81
C VAL A 132 -9.59 10.18 4.41
N MET A 133 -10.90 9.98 4.41
CA MET A 133 -11.89 10.92 4.89
C MET A 133 -12.88 10.14 5.74
N ASN A 134 -13.82 10.83 6.35
CA ASN A 134 -14.91 10.17 7.05
C ASN A 134 -16.03 10.08 5.99
N SER A 135 -17.17 9.45 6.28
CA SER A 135 -18.23 9.29 5.29
C SER A 135 -18.88 10.64 4.86
N GLU A 136 -18.52 11.78 5.46
CA GLU A 136 -18.99 13.11 5.03
C GLU A 136 -18.09 13.65 3.91
N GLY A 137 -16.90 13.06 3.71
CA GLY A 137 -15.89 13.53 2.78
C GLY A 137 -14.86 14.44 3.48
N ASN A 138 -14.99 14.71 4.79
CA ASN A 138 -13.98 15.47 5.51
C ASN A 138 -12.74 14.62 5.64
N THR A 139 -11.64 15.07 5.03
CA THR A 139 -10.34 14.42 5.02
C THR A 139 -9.80 14.39 6.45
N ILE A 140 -9.13 13.31 6.84
CA ILE A 140 -8.66 13.07 8.19
C ILE A 140 -7.27 12.43 8.26
N LEU A 141 -6.97 11.52 7.33
CA LEU A 141 -5.71 10.79 7.25
C LEU A 141 -5.27 10.83 5.78
N GLN A 142 -3.96 10.90 5.52
CA GLN A 142 -3.44 11.02 4.16
C GLN A 142 -2.11 10.30 4.08
N THR A 143 -1.94 9.57 2.98
CA THR A 143 -0.67 8.92 2.66
C THR A 143 0.26 10.06 2.23
N PRO A 144 1.48 10.18 2.76
CA PRO A 144 2.37 11.21 2.28
C PRO A 144 2.87 10.81 0.91
N GLN A 145 3.04 11.81 0.05
CA GLN A 145 3.38 11.51 -1.31
C GLN A 145 4.87 11.21 -1.32
N ASN A 146 5.16 9.95 -1.59
CA ASN A 146 6.37 9.18 -1.84
C ASN A 146 6.10 7.68 -1.92
N ALA A 147 4.87 7.22 -1.67
CA ALA A 147 4.47 5.82 -1.85
C ALA A 147 4.60 5.44 -3.33
N ILE A 148 5.83 5.02 -3.68
CA ILE A 148 6.31 4.71 -5.01
C ILE A 148 7.04 3.39 -4.88
N PHE A 149 6.88 2.49 -5.84
CA PHE A 149 7.64 1.25 -5.91
C PHE A 149 8.35 1.24 -7.26
N PHE A 150 9.30 0.33 -7.45
CA PHE A 150 10.17 0.27 -8.60
C PHE A 150 10.14 -1.17 -9.11
N LYS A 151 9.58 -1.44 -10.29
CA LYS A 151 9.47 -2.83 -10.77
C LYS A 151 10.56 -3.08 -11.78
N THR A 152 11.41 -4.07 -11.51
CA THR A 152 12.43 -4.53 -12.44
C THR A 152 11.71 -5.50 -13.36
N CYS A 153 11.62 -5.21 -14.65
CA CYS A 153 11.05 -6.12 -15.65
C CYS A 153 12.12 -6.50 -16.68
N LEU A 154 11.81 -7.53 -17.45
CA LEU A 154 12.59 -8.00 -18.57
C LEU A 154 11.62 -8.33 -19.70
N GLN A 155 12.12 -8.37 -20.93
CA GLN A 155 11.34 -8.67 -22.11
C GLN A 155 10.95 -10.14 -22.14
N ALA A 156 9.67 -10.43 -22.41
CA ALA A 156 9.12 -11.76 -22.59
C ALA A 156 7.89 -11.66 -23.50
N GLU A 157 7.50 -12.79 -24.06
CA GLU A 157 6.33 -13.07 -24.86
C GLU A 157 6.00 -14.53 -24.59
N GLY A 1 -24.94 12.55 30.64
CA GLY A 1 -25.86 11.54 30.09
C GLY A 1 -25.45 10.21 30.69
N SER A 2 -24.86 9.31 29.89
CA SER A 2 -23.69 8.60 30.36
C SER A 2 -22.56 9.63 30.58
N HIS A 3 -21.42 9.18 31.09
CA HIS A 3 -20.23 10.00 31.24
C HIS A 3 -19.15 9.48 30.29
N MET A 4 -18.06 10.22 30.19
CA MET A 4 -16.84 9.90 29.46
C MET A 4 -15.67 10.45 30.28
N LEU A 5 -14.44 10.21 29.84
CA LEU A 5 -13.22 10.74 30.41
C LEU A 5 -12.26 10.97 29.24
N ASP A 6 -11.15 11.65 29.50
CA ASP A 6 -10.06 11.86 28.56
C ASP A 6 -9.48 10.47 28.25
N GLN A 7 -9.48 10.05 26.98
CA GLN A 7 -9.11 8.75 26.49
C GLN A 7 -8.94 8.97 24.98
N GLN A 8 -8.19 8.08 24.37
CA GLN A 8 -7.99 7.96 22.94
C GLN A 8 -8.41 6.54 22.57
N GLU A 9 -9.48 6.45 21.81
CA GLU A 9 -9.98 5.18 21.25
C GLU A 9 -9.08 4.75 20.10
N GLU A 10 -9.37 3.58 19.55
CA GLU A 10 -8.72 3.03 18.35
C GLU A 10 -8.91 4.01 17.16
N SER A 11 -8.20 3.77 16.04
CA SER A 11 -8.32 4.48 14.76
C SER A 11 -7.76 3.60 13.63
N LEU A 12 -7.84 4.02 12.37
CA LEU A 12 -7.42 3.29 11.15
C LEU A 12 -6.04 2.60 11.31
N TYR A 13 -5.97 1.29 11.02
CA TYR A 13 -4.76 0.49 10.99
C TYR A 13 -4.51 -0.01 9.54
N LEU A 14 -3.32 0.18 8.96
CA LEU A 14 -2.93 -0.20 7.60
C LEU A 14 -1.49 -0.71 7.65
N TRP A 15 -1.24 -1.97 7.31
CA TRP A 15 0.08 -2.57 7.25
C TRP A 15 0.27 -3.35 5.95
N ILE A 16 1.48 -3.80 5.67
CA ILE A 16 1.78 -4.67 4.54
C ILE A 16 2.06 -6.00 5.23
N ASP A 17 1.22 -7.01 4.99
CA ASP A 17 1.33 -8.28 5.70
C ASP A 17 2.38 -9.21 5.10
N ALA A 18 3.04 -9.91 6.01
CA ALA A 18 4.18 -10.78 5.76
C ALA A 18 3.90 -11.97 4.84
N HIS A 19 2.64 -12.34 4.61
CA HIS A 19 2.31 -13.45 3.72
C HIS A 19 2.89 -13.23 2.33
N GLN A 20 2.90 -11.97 1.87
CA GLN A 20 3.48 -11.64 0.58
C GLN A 20 5.01 -11.80 0.60
N ALA A 21 5.66 -11.25 1.63
CA ALA A 21 7.08 -11.42 1.83
C ALA A 21 7.47 -12.89 1.92
N ARG A 22 6.61 -13.77 2.44
CA ARG A 22 6.86 -15.19 2.43
C ARG A 22 7.10 -15.58 0.98
N VAL A 23 6.12 -15.34 0.10
CA VAL A 23 6.21 -15.60 -1.33
C VAL A 23 7.44 -14.92 -1.96
N LEU A 24 7.99 -13.86 -1.36
CA LEU A 24 9.22 -13.24 -1.82
C LEU A 24 10.46 -14.06 -1.51
N ILE A 25 10.62 -14.60 -0.29
CA ILE A 25 11.89 -15.29 0.11
C ILE A 25 11.75 -16.37 1.19
N GLY A 26 10.54 -16.87 1.41
CA GLY A 26 10.14 -17.82 2.45
C GLY A 26 10.21 -17.27 3.87
N PHE A 27 10.44 -15.97 4.02
CA PHE A 27 10.69 -15.26 5.27
C PHE A 27 9.42 -14.53 5.74
N GLU A 28 9.50 -13.92 6.91
CA GLU A 28 8.40 -13.20 7.53
C GLU A 28 8.83 -11.76 7.79
N GLU A 29 8.10 -10.78 7.22
CA GLU A 29 8.30 -9.36 7.46
C GLU A 29 6.98 -8.61 7.24
N ASP A 30 6.37 -8.03 8.27
CA ASP A 30 5.19 -7.16 8.15
C ASP A 30 5.78 -5.74 8.14
N ILE A 31 5.03 -4.77 7.68
CA ILE A 31 5.45 -3.37 7.77
C ILE A 31 4.20 -2.57 8.16
N LEU A 32 4.18 -2.00 9.36
CA LEU A 32 3.06 -1.23 9.84
C LEU A 32 3.18 0.19 9.26
N ILE A 33 2.26 0.61 8.39
CA ILE A 33 2.28 1.93 7.78
C ILE A 33 1.57 2.92 8.72
N VAL A 34 0.27 2.70 8.89
CA VAL A 34 -0.65 3.55 9.62
C VAL A 34 -1.12 2.74 10.81
N SER A 35 -0.77 3.16 12.03
CA SER A 35 -1.27 2.55 13.24
C SER A 35 -2.14 3.63 13.85
N GLU A 36 -3.45 3.41 13.95
CA GLU A 36 -4.41 4.36 14.51
C GLU A 36 -4.18 5.80 14.02
N GLY A 37 -3.99 5.94 12.70
CA GLY A 37 -3.75 7.22 12.00
C GLY A 37 -2.41 7.90 12.33
N LYS A 38 -1.70 7.35 13.30
CA LYS A 38 -0.46 7.75 13.99
C LYS A 38 0.75 7.30 13.14
N MET A 39 0.62 7.38 11.81
CA MET A 39 1.56 6.89 10.79
C MET A 39 3.04 7.04 11.16
N ALA A 40 3.77 5.95 10.99
CA ALA A 40 5.20 5.90 11.14
C ALA A 40 5.83 6.70 9.99
N PRO A 41 7.09 7.14 10.11
CA PRO A 41 7.84 7.82 9.05
C PRO A 41 8.32 6.84 7.95
N PHE A 42 7.51 5.81 7.64
CA PHE A 42 7.83 4.71 6.73
C PHE A 42 8.27 5.18 5.34
N THR A 43 7.80 6.36 4.96
CA THR A 43 7.91 7.03 3.68
C THR A 43 9.35 7.03 3.15
N HIS A 44 10.30 7.39 4.01
CA HIS A 44 11.70 7.55 3.65
C HIS A 44 12.26 6.23 3.11
N ASP A 45 12.18 5.20 3.93
CA ASP A 45 12.74 3.90 3.60
C ASP A 45 11.89 3.13 2.61
N PHE A 46 10.57 3.34 2.57
CA PHE A 46 9.71 2.74 1.55
C PHE A 46 10.17 3.22 0.17
N ARG A 47 10.34 4.54 -0.03
CA ARG A 47 10.80 5.04 -1.33
C ARG A 47 12.24 4.58 -1.58
N LYS A 48 13.14 4.63 -0.59
CA LYS A 48 14.52 4.18 -0.77
C LYS A 48 14.92 3.15 0.29
N ALA A 49 15.18 1.88 -0.04
CA ALA A 49 15.71 0.89 0.91
C ALA A 49 15.96 -0.43 0.21
N GLN A 50 17.03 -1.14 0.56
CA GLN A 50 17.22 -2.48 0.05
C GLN A 50 16.66 -3.30 1.21
N GLN A 51 15.54 -4.01 1.05
CA GLN A 51 15.05 -4.91 2.10
C GLN A 51 14.00 -5.88 1.56
N ARG A 52 12.81 -5.43 1.14
CA ARG A 52 11.72 -6.31 0.71
C ARG A 52 10.54 -5.55 0.07
N MET A 53 10.45 -4.22 0.26
CA MET A 53 9.29 -3.46 -0.20
C MET A 53 9.48 -2.83 -1.59
N PRO A 54 10.40 -1.86 -1.80
CA PRO A 54 10.50 -1.16 -3.07
C PRO A 54 10.86 -2.07 -4.24
N ALA A 55 12.06 -2.64 -4.24
CA ALA A 55 12.58 -3.43 -5.34
C ALA A 55 11.84 -4.78 -5.43
N ILE A 56 11.08 -4.98 -6.51
CA ILE A 56 10.20 -6.11 -6.75
C ILE A 56 10.60 -6.77 -8.08
N PRO A 57 10.76 -8.10 -8.15
CA PRO A 57 11.03 -8.80 -9.40
C PRO A 57 9.75 -9.00 -10.22
N VAL A 58 9.91 -9.20 -11.54
CA VAL A 58 8.85 -9.51 -12.51
C VAL A 58 7.84 -10.53 -12.01
N ASN A 59 8.35 -11.59 -11.36
CA ASN A 59 7.60 -12.75 -10.88
C ASN A 59 6.51 -12.39 -9.87
N ILE A 60 6.74 -11.38 -9.02
CA ILE A 60 5.68 -10.91 -8.13
C ILE A 60 4.72 -10.20 -9.07
N HIS A 61 3.53 -10.77 -9.23
CA HIS A 61 2.50 -10.22 -10.11
C HIS A 61 1.57 -9.33 -9.30
N SER A 62 1.49 -9.56 -8.00
CA SER A 62 0.73 -8.72 -7.08
C SER A 62 1.38 -8.83 -5.71
N MET A 63 1.10 -7.87 -4.83
CA MET A 63 1.50 -7.89 -3.44
C MET A 63 0.26 -7.70 -2.60
N ASN A 64 0.33 -8.15 -1.36
CA ASN A 64 -0.73 -7.94 -0.38
C ASN A 64 -0.38 -6.72 0.45
N PHE A 65 -1.42 -6.05 0.91
CA PHE A 65 -1.49 -4.95 1.84
C PHE A 65 -2.69 -5.34 2.69
N THR A 66 -2.74 -4.93 3.95
CA THR A 66 -3.81 -5.31 4.85
C THR A 66 -4.20 -4.07 5.61
N TRP A 67 -5.49 -3.77 5.67
CA TRP A 67 -5.94 -2.65 6.45
C TRP A 67 -7.27 -2.94 7.08
N GLN A 68 -7.61 -2.10 8.06
CA GLN A 68 -8.88 -2.13 8.70
C GLN A 68 -9.12 -0.88 9.54
N ALA A 69 -10.39 -0.56 9.74
CA ALA A 69 -10.81 0.50 10.62
C ALA A 69 -10.64 -0.03 12.05
N ALA A 70 -11.09 0.81 12.96
CA ALA A 70 -11.24 0.66 14.35
C ALA A 70 -12.74 0.46 14.49
N GLY A 71 -13.09 -0.50 15.30
CA GLY A 71 -14.36 -1.13 15.66
C GLY A 71 -15.68 -0.54 15.12
N GLN A 72 -16.01 0.74 15.35
CA GLN A 72 -17.26 1.38 14.85
C GLN A 72 -17.03 2.55 13.87
N ALA A 73 -15.80 2.75 13.41
CA ALA A 73 -15.27 3.84 12.59
C ALA A 73 -14.92 3.61 11.11
N GLU A 74 -15.63 2.83 10.29
CA GLU A 74 -15.23 2.56 8.90
C GLU A 74 -14.80 3.86 8.20
N TYR A 75 -13.50 3.93 7.87
CA TYR A 75 -12.83 5.09 7.32
C TYR A 75 -13.06 5.04 5.82
N PHE A 76 -13.66 6.07 5.24
CA PHE A 76 -13.87 6.08 3.81
C PHE A 76 -12.50 6.36 3.21
N TYR A 77 -12.16 5.79 2.06
CA TYR A 77 -10.90 6.07 1.37
C TYR A 77 -11.15 6.39 -0.10
N GLU A 78 -10.16 7.03 -0.73
CA GLU A 78 -10.16 7.29 -2.15
C GLU A 78 -8.71 7.37 -2.61
N PHE A 79 -8.38 6.72 -3.72
CA PHE A 79 -7.01 6.65 -4.24
C PHE A 79 -6.74 7.89 -5.09
N LEU A 80 -6.00 8.84 -4.50
CA LEU A 80 -5.54 10.06 -5.13
C LEU A 80 -4.59 9.70 -6.28
N SER A 81 -3.72 8.70 -6.07
CA SER A 81 -2.81 8.24 -7.09
C SER A 81 -2.53 6.76 -6.92
N LEU A 82 -2.41 6.07 -8.04
CA LEU A 82 -2.02 4.68 -8.18
C LEU A 82 -1.70 4.60 -9.66
N ARG A 83 -0.42 4.79 -10.06
CA ARG A 83 0.01 4.81 -11.46
C ARG A 83 1.53 4.70 -11.56
N SER A 84 2.00 4.37 -12.75
CA SER A 84 3.41 4.22 -13.09
C SER A 84 4.04 5.49 -13.63
N LEU A 85 5.36 5.53 -13.50
CA LEU A 85 6.21 6.61 -14.00
C LEU A 85 7.05 6.15 -15.18
N ASP A 86 7.38 4.85 -15.33
CA ASP A 86 8.29 4.48 -16.42
C ASP A 86 7.54 4.48 -17.76
N LYS A 87 8.26 4.37 -18.86
CA LYS A 87 7.79 4.49 -20.23
C LYS A 87 8.26 3.33 -21.09
N GLY A 88 9.54 3.00 -20.98
CA GLY A 88 10.14 1.84 -21.61
C GLY A 88 9.63 0.58 -20.91
N ILE A 89 10.08 0.35 -19.67
CA ILE A 89 9.78 -0.75 -18.75
C ILE A 89 8.32 -0.67 -18.21
N MET A 90 7.51 0.19 -18.82
CA MET A 90 6.15 0.56 -18.46
C MET A 90 5.33 -0.66 -18.07
N ALA A 91 4.51 -0.39 -17.07
CA ALA A 91 3.63 -1.22 -16.29
C ALA A 91 2.67 -0.25 -15.63
N ASP A 92 1.68 -0.75 -14.92
CA ASP A 92 0.76 0.05 -14.11
C ASP A 92 0.24 -0.77 -12.95
N PRO A 93 0.17 -0.20 -11.75
CA PRO A 93 -0.44 -0.87 -10.62
C PRO A 93 -1.95 -0.92 -10.83
N THR A 94 -2.58 -1.87 -10.16
CA THR A 94 -4.01 -2.08 -10.06
C THR A 94 -4.32 -2.53 -8.64
N VAL A 95 -5.56 -2.45 -8.19
CA VAL A 95 -6.00 -2.97 -6.90
C VAL A 95 -7.19 -3.90 -7.07
N ASN A 96 -7.31 -4.87 -6.15
CA ASN A 96 -8.44 -5.79 -6.04
C ASN A 96 -9.61 -5.16 -5.25
N VAL A 97 -9.59 -3.83 -5.08
CA VAL A 97 -10.67 -3.04 -4.49
C VAL A 97 -10.94 -1.89 -5.46
N PRO A 98 -12.08 -1.19 -5.36
CA PRO A 98 -12.31 -0.01 -6.18
C PRO A 98 -11.34 1.11 -5.77
N LEU A 99 -11.19 2.10 -6.65
CA LEU A 99 -10.38 3.30 -6.42
C LEU A 99 -10.96 4.16 -5.27
N LEU A 100 -12.13 3.84 -4.72
CA LEU A 100 -12.72 4.49 -3.56
C LEU A 100 -13.49 3.41 -2.79
N GLY A 101 -13.83 3.64 -1.53
CA GLY A 101 -14.55 2.65 -0.73
C GLY A 101 -14.43 2.96 0.74
N THR A 102 -14.68 1.96 1.59
CA THR A 102 -14.48 2.10 3.02
C THR A 102 -13.45 1.07 3.47
N VAL A 103 -12.66 1.43 4.47
CA VAL A 103 -11.71 0.56 5.15
C VAL A 103 -12.53 -0.09 6.26
N PRO A 104 -12.77 -1.41 6.23
CA PRO A 104 -13.64 -2.07 7.20
C PRO A 104 -12.92 -2.44 8.48
N HIS A 105 -13.61 -2.59 9.62
CA HIS A 105 -12.98 -2.83 10.93
C HIS A 105 -12.35 -4.23 11.03
N LYS A 106 -12.46 -4.99 9.94
CA LYS A 106 -12.10 -6.36 9.78
C LYS A 106 -10.94 -6.43 8.79
N ALA A 107 -9.75 -6.89 9.23
CA ALA A 107 -8.55 -7.01 8.41
C ALA A 107 -8.90 -7.55 7.03
N SER A 108 -8.82 -6.68 6.02
CA SER A 108 -9.10 -7.03 4.65
C SER A 108 -7.83 -6.79 3.85
N VAL A 109 -7.56 -7.72 2.94
CA VAL A 109 -6.36 -7.77 2.15
C VAL A 109 -6.59 -7.04 0.83
N VAL A 110 -5.82 -5.98 0.60
CA VAL A 110 -5.78 -5.24 -0.63
C VAL A 110 -4.64 -5.86 -1.43
N GLN A 111 -5.00 -6.66 -2.42
CA GLN A 111 -4.05 -7.22 -3.36
C GLN A 111 -3.81 -6.10 -4.38
N VAL A 112 -2.60 -5.57 -4.44
CA VAL A 112 -2.19 -4.59 -5.43
C VAL A 112 -1.58 -5.42 -6.56
N GLY A 113 -2.18 -5.46 -7.75
CA GLY A 113 -1.68 -6.17 -8.90
C GLY A 113 -0.76 -5.27 -9.72
N PHE A 114 0.29 -5.82 -10.32
CA PHE A 114 1.28 -5.05 -11.06
C PHE A 114 1.53 -5.65 -12.47
N PRO A 115 0.59 -5.47 -13.42
CA PRO A 115 0.80 -5.88 -14.80
C PRO A 115 1.89 -5.00 -15.42
N CYS A 116 2.90 -5.63 -16.04
CA CYS A 116 3.96 -4.95 -16.79
C CYS A 116 3.68 -5.17 -18.28
N LEU A 117 4.17 -4.29 -19.15
CA LEU A 117 3.98 -4.47 -20.60
C LEU A 117 4.86 -5.60 -21.14
N GLY A 118 5.88 -6.01 -20.38
CA GLY A 118 6.76 -7.13 -20.61
C GLY A 118 7.38 -7.18 -21.99
N LYS A 119 7.78 -6.05 -22.57
CA LYS A 119 8.51 -6.07 -23.85
C LYS A 119 9.85 -5.35 -23.77
N GLN A 120 9.96 -4.36 -22.88
CA GLN A 120 11.22 -3.71 -22.60
C GLN A 120 11.75 -4.42 -21.35
N ASP A 121 13.06 -4.39 -21.14
CA ASP A 121 13.73 -4.99 -19.98
C ASP A 121 14.22 -3.85 -19.11
N GLY A 122 14.31 -4.05 -17.78
CA GLY A 122 14.88 -3.07 -16.86
C GLY A 122 14.07 -2.98 -15.58
N VAL A 123 14.12 -1.83 -14.92
CA VAL A 123 13.38 -1.56 -13.69
C VAL A 123 12.53 -0.31 -13.88
N ALA A 124 11.20 -0.48 -13.86
CA ALA A 124 10.25 0.62 -13.90
C ALA A 124 9.98 1.05 -12.46
N ALA A 125 9.31 2.19 -12.28
CA ALA A 125 8.86 2.70 -10.99
C ALA A 125 7.39 3.11 -11.13
N PHE A 126 6.59 2.87 -10.09
CA PHE A 126 5.19 3.30 -9.98
C PHE A 126 4.93 3.67 -8.53
N GLU A 127 4.01 4.61 -8.23
CA GLU A 127 3.67 4.98 -6.89
C GLU A 127 2.16 4.98 -6.63
N VAL A 128 1.82 4.99 -5.34
CA VAL A 128 0.46 5.01 -4.83
C VAL A 128 0.36 6.10 -3.75
N ASP A 129 -0.82 6.73 -3.62
CA ASP A 129 -1.15 7.70 -2.59
C ASP A 129 -2.67 7.70 -2.40
N VAL A 130 -3.17 7.65 -1.17
CA VAL A 130 -4.60 7.52 -0.87
C VAL A 130 -4.92 8.47 0.26
N ILE A 131 -6.10 9.06 0.20
CA ILE A 131 -6.63 9.90 1.24
C ILE A 131 -7.79 9.16 1.87
N VAL A 132 -8.16 9.61 3.04
CA VAL A 132 -9.14 9.00 3.89
C VAL A 132 -9.97 10.11 4.50
N MET A 133 -11.27 9.85 4.52
CA MET A 133 -12.29 10.72 5.04
C MET A 133 -13.25 9.88 5.86
N ASN A 134 -14.21 10.52 6.51
CA ASN A 134 -15.28 9.80 7.19
C ASN A 134 -16.37 9.64 6.11
N SER A 135 -17.47 8.94 6.39
CA SER A 135 -18.50 8.73 5.37
C SER A 135 -19.23 10.03 4.94
N GLU A 136 -18.95 11.19 5.53
CA GLU A 136 -19.49 12.48 5.10
C GLU A 136 -18.61 13.09 4.01
N GLY A 137 -17.36 12.61 3.86
CA GLY A 137 -16.36 13.15 2.96
C GLY A 137 -15.39 14.11 3.68
N ASN A 138 -15.53 14.32 5.00
CA ASN A 138 -14.57 15.14 5.75
C ASN A 138 -13.27 14.35 5.89
N THR A 139 -12.21 14.85 5.29
CA THR A 139 -10.88 14.26 5.23
C THR A 139 -10.30 14.22 6.66
N ILE A 140 -9.56 13.16 6.98
CA ILE A 140 -9.02 12.90 8.31
C ILE A 140 -7.61 12.31 8.31
N LEU A 141 -7.29 11.44 7.35
CA LEU A 141 -5.98 10.79 7.21
C LEU A 141 -5.57 10.92 5.74
N GLN A 142 -4.27 11.11 5.47
CA GLN A 142 -3.74 11.24 4.13
C GLN A 142 -2.37 10.57 4.10
N THR A 143 -2.20 9.72 3.09
CA THR A 143 -0.92 9.06 2.80
C THR A 143 0.04 10.15 2.30
N PRO A 144 1.36 10.06 2.52
CA PRO A 144 2.26 11.01 1.94
C PRO A 144 2.71 10.53 0.56
N GLN A 145 2.89 11.49 -0.33
CA GLN A 145 3.18 11.17 -1.71
C GLN A 145 4.66 10.82 -1.73
N ASN A 146 5.01 9.56 -1.99
CA ASN A 146 6.36 8.98 -2.06
C ASN A 146 6.38 7.46 -2.21
N ALA A 147 5.29 6.77 -1.92
CA ALA A 147 5.23 5.31 -1.89
C ALA A 147 5.40 4.71 -3.30
N ILE A 148 6.66 4.64 -3.75
CA ILE A 148 7.13 4.01 -4.99
C ILE A 148 7.40 2.53 -4.72
N PHE A 149 7.17 1.75 -5.77
CA PHE A 149 7.43 0.36 -5.94
C PHE A 149 8.27 0.31 -7.23
N PHE A 150 9.42 -0.35 -7.20
CA PHE A 150 10.28 -0.49 -8.36
C PHE A 150 10.07 -1.89 -8.90
N LYS A 151 9.50 -2.04 -10.09
CA LYS A 151 9.26 -3.36 -10.66
C LYS A 151 10.32 -3.63 -11.71
N THR A 152 11.07 -4.70 -11.52
CA THR A 152 12.03 -5.18 -12.47
C THR A 152 11.21 -6.02 -13.45
N CYS A 153 11.11 -5.62 -14.72
CA CYS A 153 10.46 -6.42 -15.75
C CYS A 153 11.50 -6.87 -16.77
N LEU A 154 11.11 -7.83 -17.60
CA LEU A 154 11.88 -8.33 -18.72
C LEU A 154 10.92 -8.62 -19.87
N GLN A 155 11.45 -8.72 -21.07
CA GLN A 155 10.72 -9.03 -22.28
C GLN A 155 10.18 -10.46 -22.28
N ALA A 156 8.90 -10.61 -22.57
CA ALA A 156 8.15 -11.83 -22.76
C ALA A 156 7.12 -11.59 -23.87
N GLU A 157 6.49 -12.66 -24.32
CA GLU A 157 5.40 -12.75 -25.25
C GLU A 157 4.58 -13.97 -24.85
N GLY A 1 -5.10 10.34 17.73
CA GLY A 1 -5.07 10.26 16.27
C GLY A 1 -3.75 10.83 15.76
N SER A 2 -3.61 11.17 14.47
CA SER A 2 -2.44 11.94 14.06
C SER A 2 -2.56 13.32 14.71
N HIS A 3 -1.66 13.61 15.65
CA HIS A 3 -1.60 14.77 16.51
C HIS A 3 -0.17 14.86 17.05
N MET A 4 0.15 15.90 17.82
CA MET A 4 1.45 15.97 18.50
C MET A 4 1.43 14.75 19.46
N LEU A 5 2.60 14.28 19.92
CA LEU A 5 2.71 13.05 20.71
C LEU A 5 1.63 12.90 21.79
N ASP A 6 0.79 11.90 21.56
CA ASP A 6 -0.42 11.49 22.26
C ASP A 6 -0.62 9.98 22.08
N GLN A 7 -1.65 9.44 22.72
CA GLN A 7 -2.15 8.08 22.62
C GLN A 7 -3.66 8.27 22.78
N GLN A 8 -4.41 7.75 21.83
CA GLN A 8 -5.85 7.92 21.71
C GLN A 8 -6.54 6.55 21.60
N GLU A 9 -7.87 6.53 21.55
CA GLU A 9 -8.64 5.33 21.30
C GLU A 9 -8.29 4.76 19.91
N GLU A 10 -8.79 3.56 19.65
CA GLU A 10 -8.55 2.87 18.38
C GLU A 10 -9.09 3.70 17.20
N SER A 11 -8.55 3.42 16.02
CA SER A 11 -8.76 4.10 14.74
C SER A 11 -8.01 3.35 13.63
N LEU A 12 -8.13 3.78 12.37
CA LEU A 12 -7.62 3.14 11.15
C LEU A 12 -6.19 2.60 11.31
N TYR A 13 -6.07 1.29 11.07
CA TYR A 13 -4.82 0.52 11.02
C TYR A 13 -4.59 0.07 9.57
N LEU A 14 -3.35 0.11 9.08
CA LEU A 14 -2.94 -0.29 7.73
C LEU A 14 -1.52 -0.82 7.86
N TRP A 15 -1.26 -2.08 7.54
CA TRP A 15 0.07 -2.64 7.58
C TRP A 15 0.29 -3.55 6.38
N ILE A 16 1.53 -3.71 5.93
CA ILE A 16 1.88 -4.63 4.89
C ILE A 16 2.06 -5.94 5.65
N ASP A 17 1.40 -7.01 5.23
CA ASP A 17 1.40 -8.26 5.99
C ASP A 17 2.31 -9.31 5.35
N ALA A 18 3.07 -9.98 6.22
CA ALA A 18 4.09 -10.93 5.85
C ALA A 18 3.55 -12.19 5.17
N HIS A 19 2.27 -12.54 5.34
CA HIS A 19 1.74 -13.79 4.83
C HIS A 19 1.89 -13.88 3.33
N GLN A 20 1.73 -12.77 2.61
CA GLN A 20 1.94 -12.80 1.17
C GLN A 20 3.42 -12.94 0.86
N ALA A 21 4.28 -12.10 1.43
CA ALA A 21 5.72 -12.18 1.22
C ALA A 21 6.25 -13.60 1.46
N ARG A 22 5.77 -14.28 2.51
CA ARG A 22 6.08 -15.67 2.79
C ARG A 22 5.85 -16.46 1.51
N VAL A 23 4.57 -16.57 1.10
CA VAL A 23 4.12 -17.29 -0.08
C VAL A 23 4.89 -16.86 -1.34
N LEU A 24 5.46 -15.65 -1.36
CA LEU A 24 6.19 -15.12 -2.47
C LEU A 24 7.63 -15.62 -2.53
N ILE A 25 8.34 -15.67 -1.38
CA ILE A 25 9.78 -15.99 -1.36
C ILE A 25 10.33 -16.58 -0.04
N GLY A 26 9.46 -17.09 0.80
CA GLY A 26 9.77 -17.59 2.14
C GLY A 26 10.26 -16.49 3.09
N PHE A 27 9.99 -15.23 2.76
CA PHE A 27 10.45 -14.03 3.45
C PHE A 27 9.33 -13.55 4.38
N GLU A 28 9.62 -13.20 5.62
CA GLU A 28 8.61 -12.83 6.61
C GLU A 28 9.03 -11.52 7.25
N GLU A 29 8.24 -10.46 7.01
CA GLU A 29 8.38 -9.12 7.56
C GLU A 29 7.04 -8.40 7.37
N ASP A 30 6.45 -7.84 8.44
CA ASP A 30 5.25 -7.01 8.35
C ASP A 30 5.80 -5.58 8.33
N ILE A 31 5.03 -4.61 7.84
CA ILE A 31 5.43 -3.20 7.92
C ILE A 31 4.19 -2.44 8.37
N LEU A 32 4.22 -1.88 9.57
CA LEU A 32 3.10 -1.12 10.12
C LEU A 32 3.16 0.28 9.48
N ILE A 33 2.19 0.65 8.65
CA ILE A 33 2.16 1.95 7.97
C ILE A 33 1.34 2.93 8.80
N VAL A 34 0.08 2.61 9.09
CA VAL A 34 -0.89 3.48 9.75
C VAL A 34 -1.46 2.75 10.96
N SER A 35 -1.66 3.51 12.04
CA SER A 35 -2.30 3.09 13.27
C SER A 35 -2.87 4.40 13.79
N GLU A 36 -4.18 4.51 14.04
CA GLU A 36 -4.88 5.73 14.43
C GLU A 36 -4.48 6.98 13.62
N GLY A 37 -4.15 6.80 12.33
CA GLY A 37 -3.70 7.87 11.43
C GLY A 37 -2.26 8.36 11.69
N LYS A 38 -1.66 7.93 12.80
CA LYS A 38 -0.36 8.22 13.42
C LYS A 38 0.81 7.65 12.61
N MET A 39 0.72 7.70 11.27
CA MET A 39 1.65 7.10 10.33
C MET A 39 3.12 7.19 10.73
N ALA A 40 3.78 6.04 10.61
CA ALA A 40 5.20 5.90 10.79
C ALA A 40 5.90 6.75 9.72
N PRO A 41 7.17 7.16 9.94
CA PRO A 41 7.96 7.94 8.99
C PRO A 41 8.46 7.10 7.80
N PHE A 42 7.63 6.16 7.31
CA PHE A 42 7.91 5.17 6.29
C PHE A 42 8.49 5.78 5.01
N THR A 43 8.18 7.04 4.74
CA THR A 43 8.53 7.78 3.52
C THR A 43 9.97 7.53 3.08
N HIS A 44 10.93 7.71 3.98
CA HIS A 44 12.34 7.63 3.69
C HIS A 44 12.70 6.27 3.11
N ASP A 45 12.49 5.21 3.89
CA ASP A 45 12.89 3.86 3.53
C ASP A 45 11.97 3.19 2.51
N PHE A 46 10.68 3.50 2.50
CA PHE A 46 9.77 2.99 1.47
C PHE A 46 10.26 3.50 0.12
N ARG A 47 10.49 4.81 -0.03
CA ARG A 47 10.92 5.35 -1.32
C ARG A 47 12.34 4.85 -1.65
N LYS A 48 13.26 4.77 -0.67
CA LYS A 48 14.61 4.25 -0.87
C LYS A 48 14.97 3.14 0.14
N ALA A 49 15.17 1.87 -0.22
CA ALA A 49 15.66 0.84 0.73
C ALA A 49 15.90 -0.50 0.06
N GLN A 50 16.95 -1.22 0.45
CA GLN A 50 17.16 -2.57 -0.04
C GLN A 50 16.55 -3.39 1.10
N GLN A 51 15.43 -4.10 0.87
CA GLN A 51 14.78 -4.99 1.84
C GLN A 51 13.60 -5.69 1.18
N ARG A 52 12.54 -4.94 0.82
CA ARG A 52 11.36 -5.50 0.18
C ARG A 52 10.40 -4.42 -0.32
N MET A 53 10.52 -3.17 0.15
CA MET A 53 9.58 -2.12 -0.19
C MET A 53 9.65 -1.74 -1.67
N PRO A 54 10.76 -1.15 -2.17
CA PRO A 54 10.79 -0.69 -3.56
C PRO A 54 10.98 -1.83 -4.57
N ALA A 55 12.19 -2.39 -4.67
CA ALA A 55 12.57 -3.37 -5.68
C ALA A 55 11.76 -4.68 -5.62
N ILE A 56 11.04 -4.99 -6.69
CA ILE A 56 10.18 -6.16 -6.88
C ILE A 56 10.54 -6.76 -8.25
N PRO A 57 10.97 -8.03 -8.34
CA PRO A 57 11.36 -8.63 -9.61
C PRO A 57 10.12 -9.02 -10.43
N VAL A 58 10.29 -9.13 -11.75
CA VAL A 58 9.28 -9.45 -12.77
C VAL A 58 8.30 -10.55 -12.33
N ASN A 59 8.84 -11.65 -11.79
CA ASN A 59 8.12 -12.85 -11.40
C ASN A 59 7.09 -12.60 -10.29
N ILE A 60 7.38 -11.71 -9.33
CA ILE A 60 6.39 -11.35 -8.32
C ILE A 60 5.35 -10.58 -9.11
N HIS A 61 4.16 -11.14 -9.23
CA HIS A 61 3.09 -10.44 -9.89
C HIS A 61 2.48 -9.41 -8.94
N SER A 62 2.46 -9.71 -7.64
CA SER A 62 1.77 -8.86 -6.67
C SER A 62 2.35 -8.97 -5.27
N MET A 63 2.03 -8.00 -4.42
CA MET A 63 2.33 -7.95 -2.98
C MET A 63 0.97 -7.68 -2.31
N ASN A 64 0.84 -7.91 -1.00
CA ASN A 64 -0.41 -7.64 -0.29
C ASN A 64 -0.14 -6.63 0.79
N PHE A 65 -1.16 -5.84 1.08
CA PHE A 65 -1.26 -4.88 2.15
C PHE A 65 -2.54 -5.30 2.87
N THR A 66 -2.69 -4.95 4.13
CA THR A 66 -3.83 -5.35 4.94
C THR A 66 -4.23 -4.13 5.75
N TRP A 67 -5.52 -3.85 5.83
CA TRP A 67 -5.97 -2.72 6.63
C TRP A 67 -7.31 -3.02 7.29
N GLN A 68 -7.61 -2.26 8.33
CA GLN A 68 -8.89 -2.31 8.99
C GLN A 68 -9.13 -1.13 9.92
N ALA A 69 -10.40 -0.80 10.08
CA ALA A 69 -10.88 0.20 11.02
C ALA A 69 -10.99 -0.46 12.41
N ALA A 70 -11.54 0.30 13.36
CA ALA A 70 -11.66 -0.03 14.75
C ALA A 70 -13.13 -0.07 15.14
N GLY A 71 -13.65 -1.29 15.20
CA GLY A 71 -14.97 -1.75 15.66
C GLY A 71 -16.23 -1.03 15.15
N GLN A 72 -16.41 0.28 15.40
CA GLN A 72 -17.52 1.10 14.88
C GLN A 72 -17.09 2.25 13.94
N ALA A 73 -15.79 2.53 13.90
CA ALA A 73 -15.09 3.62 13.22
C ALA A 73 -14.73 3.45 11.74
N GLU A 74 -15.52 2.84 10.85
CA GLU A 74 -15.12 2.70 9.44
C GLU A 74 -14.73 4.07 8.88
N TYR A 75 -13.44 4.21 8.54
CA TYR A 75 -12.86 5.37 7.88
C TYR A 75 -13.08 5.18 6.38
N PHE A 76 -13.45 6.24 5.66
CA PHE A 76 -13.70 6.15 4.23
C PHE A 76 -12.32 6.33 3.57
N TYR A 77 -12.06 5.74 2.42
CA TYR A 77 -10.82 5.95 1.68
C TYR A 77 -11.11 6.20 0.20
N GLU A 78 -10.15 6.80 -0.50
CA GLU A 78 -10.22 6.98 -1.94
C GLU A 78 -8.80 7.09 -2.46
N PHE A 79 -8.51 6.37 -3.54
CA PHE A 79 -7.20 6.34 -4.17
C PHE A 79 -7.10 7.57 -5.07
N LEU A 80 -6.36 8.59 -4.62
CA LEU A 80 -6.03 9.78 -5.39
C LEU A 80 -5.17 9.33 -6.57
N SER A 81 -4.23 8.41 -6.36
CA SER A 81 -3.44 7.81 -7.41
C SER A 81 -2.92 6.43 -7.03
N LEU A 82 -2.83 5.58 -8.03
CA LEU A 82 -2.26 4.24 -7.99
C LEU A 82 -1.75 4.19 -9.43
N ARG A 83 -0.49 4.58 -9.72
CA ARG A 83 -0.07 4.67 -11.12
C ARG A 83 1.43 4.52 -11.34
N SER A 84 1.76 4.01 -12.53
CA SER A 84 3.12 3.89 -13.02
C SER A 84 3.72 5.25 -13.33
N LEU A 85 5.04 5.28 -13.35
CA LEU A 85 5.87 6.45 -13.59
C LEU A 85 6.81 6.23 -14.78
N ASP A 86 7.18 4.98 -15.11
CA ASP A 86 8.17 4.76 -16.17
C ASP A 86 7.49 4.90 -17.54
N LYS A 87 8.27 4.80 -18.60
CA LYS A 87 7.90 5.02 -19.98
C LYS A 87 8.39 3.88 -20.87
N GLY A 88 9.67 3.55 -20.75
CA GLY A 88 10.28 2.41 -21.42
C GLY A 88 9.77 1.10 -20.81
N ILE A 89 10.08 0.85 -19.53
CA ILE A 89 9.81 -0.35 -18.73
C ILE A 89 8.32 -0.38 -18.29
N MET A 90 7.46 0.27 -19.05
CA MET A 90 6.05 0.53 -18.85
C MET A 90 5.31 -0.71 -18.34
N ALA A 91 4.43 -0.42 -17.41
CA ALA A 91 3.62 -1.30 -16.58
C ALA A 91 2.58 -0.40 -15.93
N ASP A 92 1.63 -0.99 -15.23
CA ASP A 92 0.63 -0.36 -14.39
C ASP A 92 0.26 -1.22 -13.20
N PRO A 93 0.26 -0.62 -11.99
CA PRO A 93 -0.19 -1.30 -10.81
C PRO A 93 -1.72 -1.37 -10.81
N THR A 94 -2.25 -2.34 -10.09
CA THR A 94 -3.68 -2.61 -9.91
C THR A 94 -3.92 -2.92 -8.43
N VAL A 95 -5.16 -2.78 -7.94
CA VAL A 95 -5.54 -3.12 -6.56
C VAL A 95 -6.73 -4.07 -6.54
N ASN A 96 -6.86 -4.81 -5.43
CA ASN A 96 -7.91 -5.80 -5.15
C ASN A 96 -9.23 -5.18 -4.67
N VAL A 97 -9.36 -3.87 -4.77
CA VAL A 97 -10.51 -3.11 -4.27
C VAL A 97 -10.86 -1.99 -5.26
N PRO A 98 -12.07 -1.40 -5.17
CA PRO A 98 -12.43 -0.25 -5.97
C PRO A 98 -11.57 0.96 -5.58
N LEU A 99 -11.57 1.97 -6.45
CA LEU A 99 -10.84 3.23 -6.26
C LEU A 99 -11.33 4.02 -5.04
N LEU A 100 -12.48 3.71 -4.47
CA LEU A 100 -12.98 4.31 -3.23
C LEU A 100 -13.70 3.23 -2.42
N GLY A 101 -13.95 3.50 -1.14
CA GLY A 101 -14.66 2.55 -0.29
C GLY A 101 -14.46 2.92 1.18
N THR A 102 -14.74 2.00 2.09
CA THR A 102 -14.47 2.19 3.50
C THR A 102 -13.44 1.16 3.94
N VAL A 103 -12.62 1.51 4.91
CA VAL A 103 -11.67 0.63 5.54
C VAL A 103 -12.51 -0.12 6.60
N PRO A 104 -12.73 -1.43 6.46
CA PRO A 104 -13.63 -2.16 7.35
C PRO A 104 -12.93 -2.63 8.62
N HIS A 105 -13.64 -2.87 9.71
CA HIS A 105 -13.05 -3.25 11.01
C HIS A 105 -12.45 -4.65 11.02
N LYS A 106 -12.54 -5.32 9.88
CA LYS A 106 -12.18 -6.69 9.67
C LYS A 106 -11.01 -6.68 8.68
N ALA A 107 -9.82 -7.12 9.11
CA ALA A 107 -8.59 -7.16 8.31
C ALA A 107 -8.90 -7.64 6.90
N SER A 108 -8.86 -6.70 5.96
CA SER A 108 -9.10 -6.98 4.56
C SER A 108 -7.78 -6.77 3.85
N VAL A 109 -7.51 -7.69 2.95
CA VAL A 109 -6.25 -7.79 2.23
C VAL A 109 -6.41 -7.11 0.87
N VAL A 110 -5.69 -6.01 0.67
CA VAL A 110 -5.63 -5.33 -0.59
C VAL A 110 -4.39 -5.89 -1.29
N GLN A 111 -4.60 -6.77 -2.26
CA GLN A 111 -3.49 -7.24 -3.08
C GLN A 111 -3.24 -6.08 -4.04
N VAL A 112 -1.98 -5.80 -4.32
CA VAL A 112 -1.55 -4.82 -5.29
C VAL A 112 -0.84 -5.65 -6.36
N GLY A 113 -1.39 -5.73 -7.58
CA GLY A 113 -0.87 -6.49 -8.69
C GLY A 113 -0.11 -5.57 -9.64
N PHE A 114 0.92 -6.07 -10.33
CA PHE A 114 1.80 -5.25 -11.15
C PHE A 114 2.02 -5.85 -12.56
N PRO A 115 1.04 -5.78 -13.47
CA PRO A 115 1.24 -6.20 -14.85
C PRO A 115 2.23 -5.24 -15.54
N CYS A 116 3.29 -5.80 -16.13
CA CYS A 116 4.29 -5.06 -16.91
C CYS A 116 4.02 -5.34 -18.39
N LEU A 117 4.40 -4.43 -19.29
CA LEU A 117 4.21 -4.64 -20.73
C LEU A 117 5.23 -5.64 -21.29
N GLY A 118 6.24 -6.03 -20.51
CA GLY A 118 7.25 -7.05 -20.76
C GLY A 118 8.11 -6.86 -22.00
N LYS A 119 7.99 -5.74 -22.71
CA LYS A 119 8.72 -5.60 -23.98
C LYS A 119 10.07 -4.92 -23.83
N GLN A 120 10.20 -3.99 -22.88
CA GLN A 120 11.46 -3.35 -22.54
C GLN A 120 12.05 -4.09 -21.32
N ASP A 121 13.37 -3.97 -21.11
CA ASP A 121 14.10 -4.53 -19.98
C ASP A 121 14.48 -3.36 -19.07
N GLY A 122 14.55 -3.56 -17.76
CA GLY A 122 15.01 -2.55 -16.82
C GLY A 122 14.19 -2.57 -15.55
N VAL A 123 14.10 -1.41 -14.88
CA VAL A 123 13.30 -1.24 -13.67
C VAL A 123 12.40 -0.03 -13.85
N ALA A 124 11.08 -0.26 -13.90
CA ALA A 124 10.09 0.80 -13.93
C ALA A 124 9.73 1.10 -12.48
N ALA A 125 9.02 2.20 -12.25
CA ALA A 125 8.49 2.56 -10.94
C ALA A 125 7.01 2.91 -11.07
N PHE A 126 6.27 2.81 -9.97
CA PHE A 126 4.87 3.20 -9.82
C PHE A 126 4.72 3.64 -8.37
N GLU A 127 3.80 4.56 -8.07
CA GLU A 127 3.55 4.97 -6.74
C GLU A 127 2.06 5.11 -6.41
N VAL A 128 1.78 5.36 -5.13
CA VAL A 128 0.44 5.41 -4.57
C VAL A 128 0.21 6.69 -3.76
N ASP A 129 -1.03 7.20 -3.77
CA ASP A 129 -1.53 8.33 -3.00
C ASP A 129 -3.00 8.02 -2.68
N VAL A 130 -3.40 7.93 -1.41
CA VAL A 130 -4.75 7.59 -0.99
C VAL A 130 -5.11 8.50 0.15
N ILE A 131 -6.21 9.21 -0.02
CA ILE A 131 -6.79 10.04 1.01
C ILE A 131 -7.78 9.16 1.78
N VAL A 132 -8.16 9.65 2.93
CA VAL A 132 -9.03 9.02 3.90
C VAL A 132 -9.84 10.13 4.51
N MET A 133 -11.14 9.90 4.57
CA MET A 133 -12.13 10.86 5.02
C MET A 133 -13.13 10.15 5.91
N ASN A 134 -14.03 10.92 6.52
CA ASN A 134 -15.13 10.36 7.28
C ASN A 134 -16.26 10.13 6.25
N SER A 135 -17.39 9.54 6.66
CA SER A 135 -18.47 9.21 5.72
C SER A 135 -19.17 10.47 5.15
N GLU A 136 -18.85 11.69 5.63
CA GLU A 136 -19.35 12.94 5.06
C GLU A 136 -18.45 13.41 3.91
N GLY A 137 -17.24 12.84 3.77
CA GLY A 137 -16.23 13.25 2.82
C GLY A 137 -15.23 14.24 3.42
N ASN A 138 -15.30 14.56 4.72
CA ASN A 138 -14.30 15.41 5.35
C ASN A 138 -13.03 14.61 5.58
N THR A 139 -11.95 15.04 4.94
CA THR A 139 -10.63 14.39 4.94
C THR A 139 -10.02 14.47 6.34
N ILE A 140 -9.25 13.44 6.71
CA ILE A 140 -8.55 13.34 7.99
C ILE A 140 -7.14 12.75 7.87
N LEU A 141 -6.92 11.79 6.97
CA LEU A 141 -5.65 11.08 6.79
C LEU A 141 -5.36 11.04 5.28
N GLN A 142 -4.08 11.06 4.89
CA GLN A 142 -3.65 10.91 3.52
C GLN A 142 -2.32 10.16 3.50
N THR A 143 -2.09 9.42 2.42
CA THR A 143 -0.91 8.61 2.18
C THR A 143 -0.08 9.42 1.18
N PRO A 144 1.10 9.93 1.55
CA PRO A 144 1.86 10.83 0.71
C PRO A 144 2.53 10.11 -0.46
N GLN A 145 2.76 10.88 -1.53
CA GLN A 145 3.51 10.39 -2.67
C GLN A 145 4.91 10.27 -2.10
N ASN A 146 5.36 9.03 -1.99
CA ASN A 146 6.58 8.50 -1.38
C ASN A 146 6.47 6.99 -1.40
N ALA A 147 5.24 6.49 -1.32
CA ALA A 147 4.87 5.09 -1.45
C ALA A 147 5.12 4.62 -2.89
N ILE A 148 6.39 4.58 -3.29
CA ILE A 148 6.87 4.12 -4.59
C ILE A 148 7.28 2.67 -4.44
N PHE A 149 7.08 1.95 -5.54
CA PHE A 149 7.49 0.58 -5.74
C PHE A 149 8.22 0.57 -7.08
N PHE A 150 9.17 -0.34 -7.25
CA PHE A 150 10.04 -0.41 -8.40
C PHE A 150 9.96 -1.82 -8.93
N LYS A 151 9.38 -2.03 -10.12
CA LYS A 151 9.27 -3.35 -10.68
C LYS A 151 10.35 -3.53 -11.73
N THR A 152 11.18 -4.55 -11.56
CA THR A 152 12.18 -4.92 -12.54
C THR A 152 11.42 -5.79 -13.54
N CYS A 153 11.39 -5.40 -14.82
CA CYS A 153 10.82 -6.21 -15.89
C CYS A 153 11.94 -6.58 -16.84
N LEU A 154 11.73 -7.64 -17.62
CA LEU A 154 12.64 -8.07 -18.67
C LEU A 154 11.81 -8.58 -19.83
N GLN A 155 12.46 -8.63 -20.99
CA GLN A 155 11.92 -8.94 -22.30
C GLN A 155 11.24 -10.32 -22.31
N ALA A 156 9.94 -10.30 -22.53
CA ALA A 156 9.05 -11.44 -22.68
C ALA A 156 8.14 -11.18 -23.87
N GLU A 157 7.35 -12.20 -24.19
CA GLU A 157 6.32 -12.10 -25.21
C GLU A 157 5.12 -11.46 -24.53
N GLY A 1 -16.99 7.53 10.64
CA GLY A 1 -15.83 7.98 11.41
C GLY A 1 -16.23 8.19 12.86
N SER A 2 -15.37 8.83 13.66
CA SER A 2 -15.68 9.29 15.00
C SER A 2 -14.67 10.41 15.31
N HIS A 3 -14.97 11.24 16.32
CA HIS A 3 -14.06 12.27 16.82
C HIS A 3 -14.55 12.69 18.21
N MET A 4 -13.76 12.40 19.24
CA MET A 4 -13.97 12.81 20.63
C MET A 4 -12.65 12.56 21.37
N LEU A 5 -12.50 13.02 22.61
CA LEU A 5 -11.35 12.71 23.43
C LEU A 5 -11.95 12.26 24.75
N ASP A 6 -11.75 10.97 25.04
CA ASP A 6 -12.24 10.14 26.12
C ASP A 6 -11.55 8.78 25.89
N GLN A 7 -11.72 7.76 26.75
CA GLN A 7 -11.19 6.45 26.45
C GLN A 7 -12.05 6.08 25.23
N GLN A 8 -11.36 6.02 24.11
CA GLN A 8 -11.92 5.84 22.78
C GLN A 8 -11.77 4.43 22.21
N GLU A 9 -12.36 4.26 21.03
CA GLU A 9 -12.28 3.09 20.18
C GLU A 9 -10.90 3.11 19.49
N GLU A 10 -10.64 2.06 18.72
CA GLU A 10 -9.50 1.88 17.84
C GLU A 10 -9.45 3.07 16.85
N SER A 11 -8.43 3.15 16.00
CA SER A 11 -8.36 4.14 14.91
C SER A 11 -7.78 3.42 13.66
N LEU A 12 -7.73 4.07 12.49
CA LEU A 12 -7.32 3.42 11.22
C LEU A 12 -6.04 2.60 11.37
N TYR A 13 -6.05 1.37 10.86
CA TYR A 13 -4.91 0.46 10.84
C TYR A 13 -4.60 0.09 9.39
N LEU A 14 -3.34 0.20 8.97
CA LEU A 14 -2.89 -0.13 7.61
C LEU A 14 -1.47 -0.70 7.75
N TRP A 15 -1.25 -1.96 7.37
CA TRP A 15 0.05 -2.58 7.36
C TRP A 15 0.29 -3.28 6.01
N ILE A 16 1.49 -3.82 5.81
CA ILE A 16 1.85 -4.62 4.67
C ILE A 16 2.13 -5.99 5.28
N ASP A 17 1.37 -7.01 4.89
CA ASP A 17 1.46 -8.32 5.50
C ASP A 17 2.48 -9.22 4.82
N ALA A 18 3.12 -10.03 5.66
CA ALA A 18 4.22 -10.94 5.38
C ALA A 18 3.91 -12.02 4.35
N HIS A 19 2.69 -12.17 3.87
CA HIS A 19 2.38 -13.24 2.93
C HIS A 19 3.16 -13.09 1.63
N GLN A 20 3.43 -11.86 1.19
CA GLN A 20 4.24 -11.70 -0.01
C GLN A 20 5.69 -12.16 0.23
N ALA A 21 6.26 -11.82 1.39
CA ALA A 21 7.57 -12.27 1.83
C ALA A 21 7.58 -13.79 2.01
N ARG A 22 6.50 -14.40 2.49
CA ARG A 22 6.40 -15.84 2.57
C ARG A 22 6.61 -16.37 1.15
N VAL A 23 5.78 -15.95 0.20
CA VAL A 23 5.89 -16.28 -1.22
C VAL A 23 7.29 -15.99 -1.77
N LEU A 24 8.05 -15.07 -1.16
CA LEU A 24 9.43 -14.83 -1.53
C LEU A 24 10.40 -15.92 -1.11
N ILE A 25 10.36 -16.36 0.16
CA ILE A 25 11.37 -17.30 0.70
C ILE A 25 10.93 -18.14 1.92
N GLY A 26 9.63 -18.26 2.12
CA GLY A 26 8.99 -18.89 3.27
C GLY A 26 9.13 -18.10 4.57
N PHE A 27 9.62 -16.87 4.47
CA PHE A 27 9.95 -15.96 5.55
C PHE A 27 8.72 -15.16 5.98
N GLU A 28 8.90 -14.34 7.01
CA GLU A 28 7.86 -13.55 7.63
C GLU A 28 8.37 -12.12 7.83
N GLU A 29 7.71 -11.12 7.23
CA GLU A 29 8.02 -9.72 7.47
C GLU A 29 6.75 -8.86 7.32
N ASP A 30 6.26 -8.26 8.40
CA ASP A 30 5.15 -7.30 8.33
C ASP A 30 5.78 -5.91 8.32
N ILE A 31 5.02 -4.91 7.91
CA ILE A 31 5.45 -3.52 8.00
C ILE A 31 4.19 -2.77 8.42
N LEU A 32 4.17 -2.21 9.63
CA LEU A 32 3.01 -1.47 10.13
C LEU A 32 3.15 -0.02 9.64
N ILE A 33 2.26 0.44 8.76
CA ILE A 33 2.30 1.81 8.23
C ILE A 33 1.60 2.77 9.19
N VAL A 34 0.32 2.49 9.45
CA VAL A 34 -0.62 3.30 10.21
C VAL A 34 -1.16 2.43 11.33
N SER A 35 -0.87 2.72 12.61
CA SER A 35 -1.48 1.99 13.72
C SER A 35 -2.29 3.02 14.50
N GLU A 36 -3.60 2.84 14.59
CA GLU A 36 -4.51 3.81 15.19
C GLU A 36 -4.19 5.26 14.72
N GLY A 37 -4.11 5.44 13.40
CA GLY A 37 -3.90 6.73 12.70
C GLY A 37 -2.47 7.32 12.79
N LYS A 38 -1.65 6.77 13.67
CA LYS A 38 -0.29 7.09 14.12
C LYS A 38 0.80 6.87 13.05
N MET A 39 0.53 7.16 11.78
CA MET A 39 1.44 6.85 10.66
C MET A 39 2.91 7.05 11.02
N ALA A 40 3.63 5.93 10.99
CA ALA A 40 5.05 5.85 11.23
C ALA A 40 5.80 6.68 10.19
N PRO A 41 7.07 7.04 10.46
CA PRO A 41 7.94 7.73 9.51
C PRO A 41 8.44 6.78 8.40
N PHE A 42 7.68 5.73 8.06
CA PHE A 42 8.09 4.68 7.12
C PHE A 42 8.46 5.28 5.76
N THR A 43 7.87 6.46 5.46
CA THR A 43 8.02 7.27 4.27
C THR A 43 9.50 7.41 3.90
N HIS A 44 10.36 7.65 4.89
CA HIS A 44 11.79 7.87 4.66
C HIS A 44 12.44 6.61 4.09
N ASP A 45 12.30 5.48 4.76
CA ASP A 45 12.94 4.23 4.37
C ASP A 45 12.26 3.56 3.19
N PHE A 46 10.96 3.79 2.99
CA PHE A 46 10.22 3.33 1.84
C PHE A 46 10.69 4.07 0.58
N ARG A 47 10.96 5.38 0.69
CA ARG A 47 11.51 6.13 -0.44
C ARG A 47 12.94 5.60 -0.65
N LYS A 48 13.72 5.40 0.42
CA LYS A 48 15.06 4.81 0.39
C LYS A 48 14.94 3.36 -0.11
N ALA A 49 16.05 2.65 -0.31
CA ALA A 49 15.93 1.24 -0.66
C ALA A 49 15.59 0.50 0.63
N GLN A 50 14.38 -0.06 0.71
CA GLN A 50 13.91 -0.93 1.78
C GLN A 50 14.13 -2.36 1.27
N GLN A 51 13.94 -3.38 2.12
CA GLN A 51 14.19 -4.79 1.80
C GLN A 51 13.55 -5.19 0.45
N ARG A 52 12.22 -5.09 0.32
CA ARG A 52 11.51 -5.40 -0.92
C ARG A 52 10.54 -4.33 -1.39
N MET A 53 10.14 -3.39 -0.52
CA MET A 53 9.10 -2.42 -0.85
C MET A 53 9.33 -1.64 -2.15
N PRO A 54 10.49 -0.99 -2.38
CA PRO A 54 10.75 -0.32 -3.63
C PRO A 54 11.07 -1.33 -4.76
N ALA A 55 12.27 -1.90 -4.77
CA ALA A 55 12.74 -2.76 -5.84
C ALA A 55 12.12 -4.16 -5.76
N ILE A 56 11.31 -4.49 -6.76
CA ILE A 56 10.48 -5.69 -6.90
C ILE A 56 10.96 -6.37 -8.20
N PRO A 57 11.26 -7.68 -8.21
CA PRO A 57 11.60 -8.39 -9.44
C PRO A 57 10.34 -8.82 -10.19
N VAL A 58 10.45 -9.09 -11.50
CA VAL A 58 9.39 -9.63 -12.36
C VAL A 58 8.65 -10.83 -11.72
N ASN A 59 9.40 -11.65 -10.96
CA ASN A 59 8.91 -12.84 -10.28
C ASN A 59 7.79 -12.50 -9.28
N ILE A 60 7.84 -11.33 -8.63
CA ILE A 60 6.76 -10.88 -7.77
C ILE A 60 5.89 -10.06 -8.71
N HIS A 61 4.69 -10.56 -8.96
CA HIS A 61 3.72 -9.89 -9.82
C HIS A 61 2.95 -8.84 -9.02
N SER A 62 2.77 -9.10 -7.73
CA SER A 62 1.95 -8.29 -6.85
C SER A 62 2.52 -8.32 -5.43
N MET A 63 2.09 -7.40 -4.57
CA MET A 63 2.41 -7.39 -3.15
C MET A 63 1.07 -7.30 -2.43
N ASN A 64 0.99 -7.87 -1.24
CA ASN A 64 -0.19 -7.74 -0.40
C ASN A 64 0.03 -6.57 0.55
N PHE A 65 -1.06 -5.91 0.91
CA PHE A 65 -1.19 -4.86 1.90
C PHE A 65 -2.44 -5.28 2.67
N THR A 66 -2.61 -4.82 3.90
CA THR A 66 -3.73 -5.21 4.73
C THR A 66 -4.14 -3.97 5.50
N TRP A 67 -5.43 -3.68 5.55
CA TRP A 67 -5.90 -2.58 6.36
C TRP A 67 -7.24 -2.92 6.97
N GLN A 68 -7.65 -2.07 7.92
CA GLN A 68 -8.95 -2.16 8.52
C GLN A 68 -9.25 -0.89 9.31
N ALA A 69 -10.52 -0.49 9.32
CA ALA A 69 -10.94 0.61 10.17
C ALA A 69 -10.95 0.06 11.60
N ALA A 70 -11.44 0.90 12.49
CA ALA A 70 -11.60 0.79 13.89
C ALA A 70 -13.10 0.75 14.11
N GLY A 71 -13.52 -0.33 14.74
CA GLY A 71 -14.83 -0.80 15.20
C GLY A 71 -16.10 -0.19 14.58
N GLN A 72 -16.48 1.05 14.89
CA GLN A 72 -17.64 1.75 14.33
C GLN A 72 -17.24 3.00 13.51
N ALA A 73 -16.00 3.43 13.69
CA ALA A 73 -15.32 4.61 13.20
C ALA A 73 -15.03 4.67 11.70
N GLU A 74 -15.91 4.21 10.80
CA GLU A 74 -15.65 4.09 9.36
C GLU A 74 -14.84 5.25 8.76
N TYR A 75 -13.64 4.88 8.31
CA TYR A 75 -12.69 5.70 7.58
C TYR A 75 -12.96 5.40 6.11
N PHE A 76 -13.40 6.40 5.37
CA PHE A 76 -13.63 6.34 3.93
C PHE A 76 -12.23 6.49 3.31
N TYR A 77 -11.97 5.89 2.15
CA TYR A 77 -10.73 6.06 1.42
C TYR A 77 -11.03 6.39 -0.04
N GLU A 78 -10.08 7.00 -0.74
CA GLU A 78 -10.19 7.24 -2.17
C GLU A 78 -8.78 7.33 -2.74
N PHE A 79 -8.56 6.66 -3.86
CA PHE A 79 -7.25 6.56 -4.46
C PHE A 79 -7.08 7.74 -5.42
N LEU A 80 -6.32 8.73 -4.96
CA LEU A 80 -5.98 9.95 -5.69
C LEU A 80 -5.07 9.56 -6.85
N SER A 81 -4.12 8.66 -6.62
CA SER A 81 -3.21 8.19 -7.65
C SER A 81 -2.69 6.79 -7.32
N LEU A 82 -2.69 5.94 -8.34
CA LEU A 82 -2.14 4.60 -8.35
C LEU A 82 -1.77 4.45 -9.84
N ARG A 83 -0.54 4.74 -10.28
CA ARG A 83 -0.19 4.62 -11.72
C ARG A 83 1.31 4.44 -11.92
N SER A 84 1.75 3.88 -13.05
CA SER A 84 3.17 3.80 -13.37
C SER A 84 3.64 5.15 -13.90
N LEU A 85 4.94 5.39 -13.69
CA LEU A 85 5.67 6.54 -14.20
C LEU A 85 6.60 6.11 -15.33
N ASP A 86 6.92 4.81 -15.49
CA ASP A 86 7.71 4.42 -16.65
C ASP A 86 6.70 4.08 -17.75
N LYS A 87 7.16 4.03 -18.99
CA LYS A 87 6.37 3.75 -20.18
C LYS A 87 7.10 2.85 -21.17
N GLY A 88 8.41 2.95 -21.20
CA GLY A 88 9.28 2.07 -21.96
C GLY A 88 9.12 0.67 -21.36
N ILE A 89 9.51 0.48 -20.09
CA ILE A 89 9.40 -0.71 -19.22
C ILE A 89 7.94 -0.87 -18.73
N MET A 90 6.97 -0.29 -19.43
CA MET A 90 5.57 -0.21 -19.06
C MET A 90 5.02 -1.51 -18.51
N ALA A 91 4.39 -1.24 -17.39
CA ALA A 91 3.59 -1.98 -16.48
C ALA A 91 2.69 -0.91 -15.95
N ASP A 92 1.46 -1.25 -15.61
CA ASP A 92 0.58 -0.30 -14.97
C ASP A 92 -0.14 -1.01 -13.83
N PRO A 93 0.07 -0.58 -12.58
CA PRO A 93 -0.43 -1.27 -11.41
C PRO A 93 -1.95 -1.24 -11.27
N THR A 94 -2.47 -2.20 -10.51
CA THR A 94 -3.88 -2.38 -10.18
C THR A 94 -4.00 -2.70 -8.69
N VAL A 95 -5.20 -2.59 -8.12
CA VAL A 95 -5.49 -2.96 -6.73
C VAL A 95 -6.67 -3.93 -6.66
N ASN A 96 -6.76 -4.65 -5.54
CA ASN A 96 -7.78 -5.66 -5.21
C ASN A 96 -9.10 -5.05 -4.72
N VAL A 97 -9.27 -3.75 -4.84
CA VAL A 97 -10.42 -3.01 -4.33
C VAL A 97 -10.84 -1.92 -5.33
N PRO A 98 -12.06 -1.37 -5.19
CA PRO A 98 -12.46 -0.23 -6.00
C PRO A 98 -11.60 0.98 -5.64
N LEU A 99 -11.54 1.97 -6.53
CA LEU A 99 -10.73 3.18 -6.36
C LEU A 99 -11.23 4.06 -5.21
N LEU A 100 -12.41 3.81 -4.63
CA LEU A 100 -12.92 4.50 -3.46
C LEU A 100 -13.75 3.52 -2.63
N GLY A 101 -14.03 3.83 -1.37
CA GLY A 101 -14.85 2.97 -0.53
C GLY A 101 -14.60 3.27 0.93
N THR A 102 -14.99 2.38 1.83
CA THR A 102 -14.67 2.51 3.25
C THR A 102 -13.75 1.36 3.64
N VAL A 103 -12.83 1.64 4.55
CA VAL A 103 -11.90 0.64 5.08
C VAL A 103 -12.71 -0.20 6.09
N PRO A 104 -12.82 -1.54 5.93
CA PRO A 104 -13.66 -2.35 6.83
C PRO A 104 -13.04 -2.49 8.20
N HIS A 105 -13.84 -2.59 9.27
CA HIS A 105 -13.32 -2.58 10.63
C HIS A 105 -12.40 -3.73 11.00
N LYS A 106 -12.49 -4.88 10.33
CA LYS A 106 -11.53 -5.97 10.54
C LYS A 106 -10.72 -6.28 9.28
N ALA A 107 -9.50 -6.76 9.51
CA ALA A 107 -8.44 -7.02 8.55
C ALA A 107 -8.92 -7.59 7.22
N SER A 108 -8.72 -6.80 6.15
CA SER A 108 -8.98 -7.20 4.78
C SER A 108 -7.72 -6.89 3.98
N VAL A 109 -7.40 -7.78 3.04
CA VAL A 109 -6.18 -7.76 2.25
C VAL A 109 -6.41 -7.03 0.93
N VAL A 110 -5.63 -5.98 0.70
CA VAL A 110 -5.61 -5.23 -0.55
C VAL A 110 -4.33 -5.68 -1.26
N GLN A 111 -4.46 -6.54 -2.28
CA GLN A 111 -3.30 -6.89 -3.08
C GLN A 111 -3.14 -5.74 -4.07
N VAL A 112 -1.89 -5.37 -4.35
CA VAL A 112 -1.51 -4.39 -5.35
C VAL A 112 -0.82 -5.24 -6.42
N GLY A 113 -1.38 -5.34 -7.61
CA GLY A 113 -0.85 -6.09 -8.73
C GLY A 113 -0.06 -5.17 -9.64
N PHE A 114 0.94 -5.71 -10.34
CA PHE A 114 1.79 -4.93 -11.22
C PHE A 114 1.88 -5.67 -12.57
N PRO A 115 0.83 -5.68 -13.41
CA PRO A 115 0.90 -6.30 -14.73
C PRO A 115 1.88 -5.49 -15.59
N CYS A 116 2.88 -6.18 -16.16
CA CYS A 116 3.87 -5.56 -17.03
C CYS A 116 3.55 -5.99 -18.47
N LEU A 117 4.00 -5.22 -19.47
CA LEU A 117 3.73 -5.54 -20.86
C LEU A 117 4.70 -6.61 -21.39
N GLY A 118 5.73 -6.96 -20.63
CA GLY A 118 6.68 -8.04 -20.90
C GLY A 118 7.44 -7.94 -22.21
N LYS A 119 7.69 -6.75 -22.75
CA LYS A 119 8.47 -6.63 -24.01
C LYS A 119 9.71 -5.76 -23.88
N GLN A 120 9.71 -4.74 -23.02
CA GLN A 120 10.91 -3.95 -22.74
C GLN A 120 11.52 -4.55 -21.47
N ASP A 121 12.83 -4.39 -21.30
CA ASP A 121 13.59 -4.89 -20.16
C ASP A 121 14.02 -3.67 -19.36
N GLY A 122 14.15 -3.80 -18.05
CA GLY A 122 14.61 -2.72 -17.19
C GLY A 122 13.81 -2.66 -15.91
N VAL A 123 13.77 -1.49 -15.27
CA VAL A 123 13.01 -1.27 -14.06
C VAL A 123 12.04 -0.13 -14.31
N ALA A 124 10.74 -0.42 -14.32
CA ALA A 124 9.71 0.61 -14.42
C ALA A 124 9.38 1.04 -12.98
N ALA A 125 8.86 2.25 -12.79
CA ALA A 125 8.45 2.77 -11.47
C ALA A 125 6.95 3.04 -11.44
N PHE A 126 6.32 3.09 -10.27
CA PHE A 126 4.93 3.47 -10.10
C PHE A 126 4.73 4.13 -8.75
N GLU A 127 3.77 5.04 -8.64
CA GLU A 127 3.51 5.85 -7.48
C GLU A 127 2.09 5.67 -7.00
N VAL A 128 1.91 5.96 -5.70
CA VAL A 128 0.64 5.80 -4.99
C VAL A 128 0.38 7.00 -4.07
N ASP A 129 -0.88 7.46 -4.01
CA ASP A 129 -1.42 8.49 -3.12
C ASP A 129 -2.89 8.13 -2.91
N VAL A 130 -3.33 7.90 -1.67
CA VAL A 130 -4.69 7.56 -1.31
C VAL A 130 -5.00 8.39 -0.10
N ILE A 131 -6.02 9.23 -0.22
CA ILE A 131 -6.53 10.02 0.88
C ILE A 131 -7.53 9.13 1.62
N VAL A 132 -7.86 9.60 2.80
CA VAL A 132 -8.79 8.99 3.72
C VAL A 132 -9.56 10.16 4.34
N MET A 133 -10.87 9.98 4.37
CA MET A 133 -11.82 10.90 4.94
C MET A 133 -12.72 10.10 5.86
N ASN A 134 -13.63 10.75 6.56
CA ASN A 134 -14.64 10.04 7.34
C ASN A 134 -15.85 10.03 6.39
N SER A 135 -16.76 9.06 6.51
CA SER A 135 -17.93 9.02 5.62
C SER A 135 -18.81 10.27 5.81
N GLU A 136 -18.61 11.00 6.90
CA GLU A 136 -19.22 12.27 7.22
C GLU A 136 -18.71 13.41 6.31
N GLY A 137 -17.71 13.17 5.44
CA GLY A 137 -17.24 14.12 4.42
C GLY A 137 -15.98 14.93 4.71
N ASN A 138 -15.11 14.53 5.65
CA ASN A 138 -13.96 15.32 6.09
C ASN A 138 -12.68 14.52 5.91
N THR A 139 -11.70 15.05 5.18
CA THR A 139 -10.38 14.42 5.04
C THR A 139 -9.70 14.43 6.41
N ILE A 140 -8.97 13.36 6.73
CA ILE A 140 -8.36 13.14 8.04
C ILE A 140 -6.96 12.53 7.97
N LEU A 141 -6.73 11.62 7.02
CA LEU A 141 -5.51 10.83 6.88
C LEU A 141 -5.20 10.75 5.38
N GLN A 142 -3.93 10.58 4.98
CA GLN A 142 -3.55 10.37 3.59
C GLN A 142 -2.22 9.62 3.56
N THR A 143 -2.07 8.74 2.57
CA THR A 143 -0.85 8.01 2.27
C THR A 143 0.12 9.09 1.78
N PRO A 144 1.22 9.39 2.50
CA PRO A 144 2.05 10.51 2.13
C PRO A 144 2.76 10.32 0.80
N GLN A 145 2.93 11.45 0.11
CA GLN A 145 3.57 11.48 -1.18
C GLN A 145 5.06 11.27 -0.93
N ASN A 146 5.54 10.12 -1.40
CA ASN A 146 6.88 9.54 -1.49
C ASN A 146 6.78 8.10 -1.97
N ALA A 147 5.64 7.45 -1.69
CA ALA A 147 5.36 6.04 -1.95
C ALA A 147 5.52 5.71 -3.44
N ILE A 148 6.76 5.38 -3.85
CA ILE A 148 7.06 4.92 -5.19
C ILE A 148 7.74 3.57 -5.06
N PHE A 149 7.30 2.68 -5.92
CA PHE A 149 7.76 1.30 -6.04
C PHE A 149 8.41 1.16 -7.42
N PHE A 150 9.17 0.09 -7.62
CA PHE A 150 9.97 -0.14 -8.82
C PHE A 150 9.87 -1.62 -9.17
N LYS A 151 9.25 -1.99 -10.30
CA LYS A 151 9.24 -3.38 -10.74
C LYS A 151 10.24 -3.54 -11.88
N THR A 152 11.11 -4.51 -11.73
CA THR A 152 12.06 -4.92 -12.73
C THR A 152 11.30 -5.88 -13.65
N CYS A 153 11.08 -5.51 -14.91
CA CYS A 153 10.49 -6.38 -15.91
C CYS A 153 11.57 -6.81 -16.91
N LEU A 154 11.25 -7.82 -17.71
CA LEU A 154 12.07 -8.31 -18.80
C LEU A 154 11.16 -8.72 -19.95
N GLN A 155 11.74 -8.82 -21.14
CA GLN A 155 11.12 -9.31 -22.36
C GLN A 155 10.81 -10.81 -22.24
N ALA A 156 9.55 -11.21 -22.40
CA ALA A 156 9.12 -12.60 -22.44
C ALA A 156 7.82 -12.72 -23.25
N GLU A 157 7.83 -13.56 -24.29
CA GLU A 157 6.73 -13.97 -25.15
C GLU A 157 7.00 -15.43 -25.49
N GLY A 1 2.41 6.55 26.85
CA GLY A 1 3.18 5.70 25.92
C GLY A 1 4.60 6.20 25.87
N SER A 2 4.95 7.01 24.87
CA SER A 2 5.86 8.13 25.07
C SER A 2 5.29 9.03 26.19
N HIS A 3 6.03 10.03 26.69
CA HIS A 3 5.42 10.94 27.66
C HIS A 3 4.31 11.69 26.90
N MET A 4 3.08 11.39 27.30
CA MET A 4 1.80 11.79 26.78
C MET A 4 0.79 11.16 27.76
N LEU A 5 -0.50 11.40 27.59
CA LEU A 5 -1.50 10.68 28.39
C LEU A 5 -1.40 9.19 27.99
N ASP A 6 -2.00 8.30 28.76
CA ASP A 6 -2.12 6.88 28.44
C ASP A 6 -3.58 6.54 28.63
N GLN A 7 -4.18 6.00 27.57
CA GLN A 7 -5.56 5.67 27.40
C GLN A 7 -5.54 4.77 26.15
N GLN A 8 -6.36 3.74 26.16
CA GLN A 8 -6.56 2.87 25.00
C GLN A 8 -7.50 3.59 24.02
N GLU A 9 -7.00 3.95 22.86
CA GLU A 9 -7.71 4.63 21.79
C GLU A 9 -7.43 3.83 20.51
N GLU A 10 -8.37 3.80 19.56
CA GLU A 10 -8.18 3.11 18.29
C GLU A 10 -8.57 4.05 17.13
N SER A 11 -8.22 3.64 15.90
CA SER A 11 -8.42 4.29 14.62
C SER A 11 -7.91 3.35 13.51
N LEU A 12 -8.06 3.76 12.25
CA LEU A 12 -7.65 3.04 11.05
C LEU A 12 -6.24 2.44 11.19
N TYR A 13 -6.12 1.14 10.90
CA TYR A 13 -4.86 0.40 10.84
C TYR A 13 -4.63 -0.01 9.38
N LEU A 14 -3.40 0.10 8.88
CA LEU A 14 -3.01 -0.26 7.52
C LEU A 14 -1.58 -0.80 7.62
N TRP A 15 -1.36 -2.07 7.30
CA TRP A 15 -0.05 -2.68 7.25
C TRP A 15 0.12 -3.41 5.91
N ILE A 16 1.31 -3.94 5.67
CA ILE A 16 1.62 -4.78 4.52
C ILE A 16 1.90 -6.14 5.15
N ASP A 17 1.12 -7.14 4.76
CA ASP A 17 1.18 -8.47 5.37
C ASP A 17 2.26 -9.38 4.81
N ALA A 18 2.80 -10.19 5.73
CA ALA A 18 3.92 -11.09 5.55
C ALA A 18 3.69 -12.21 4.55
N HIS A 19 2.45 -12.49 4.18
CA HIS A 19 2.14 -13.46 3.13
C HIS A 19 2.87 -13.06 1.85
N GLN A 20 3.00 -11.75 1.59
CA GLN A 20 3.66 -11.27 0.40
C GLN A 20 5.18 -11.40 0.50
N ALA A 21 5.76 -11.01 1.64
CA ALA A 21 7.18 -11.18 1.92
C ALA A 21 7.60 -12.64 1.75
N ARG A 22 6.73 -13.60 2.07
CA ARG A 22 7.03 -14.99 1.79
C ARG A 22 7.37 -15.14 0.31
N VAL A 23 6.46 -14.75 -0.59
CA VAL A 23 6.69 -14.82 -2.04
C VAL A 23 7.98 -14.08 -2.44
N LEU A 24 8.46 -13.12 -1.64
CA LEU A 24 9.73 -12.45 -1.85
C LEU A 24 10.95 -13.28 -1.46
N ILE A 25 10.95 -13.97 -0.31
CA ILE A 25 12.16 -14.69 0.20
C ILE A 25 11.91 -15.93 1.08
N GLY A 26 10.71 -16.47 1.04
CA GLY A 26 10.21 -17.62 1.81
C GLY A 26 10.04 -17.39 3.32
N PHE A 27 10.28 -16.16 3.75
CA PHE A 27 10.34 -15.67 5.11
C PHE A 27 9.04 -14.95 5.52
N GLU A 28 8.98 -14.53 6.77
CA GLU A 28 7.84 -13.87 7.39
C GLU A 28 8.25 -12.46 7.84
N GLU A 29 7.64 -11.41 7.29
CA GLU A 29 7.94 -10.01 7.59
C GLU A 29 6.69 -9.15 7.31
N ASP A 30 6.08 -8.55 8.33
CA ASP A 30 4.97 -7.58 8.13
C ASP A 30 5.60 -6.19 8.13
N ILE A 31 4.85 -5.18 7.68
CA ILE A 31 5.31 -3.79 7.74
C ILE A 31 4.11 -2.92 8.12
N LEU A 32 4.12 -2.31 9.29
CA LEU A 32 3.00 -1.50 9.79
C LEU A 32 3.16 -0.08 9.20
N ILE A 33 2.17 0.44 8.47
CA ILE A 33 2.19 1.79 7.89
C ILE A 33 1.46 2.75 8.85
N VAL A 34 0.16 2.52 9.01
CA VAL A 34 -0.77 3.35 9.75
C VAL A 34 -1.19 2.51 10.93
N SER A 35 -0.83 2.92 12.13
CA SER A 35 -1.26 2.29 13.37
C SER A 35 -2.19 3.31 13.98
N GLU A 36 -3.49 3.02 14.07
CA GLU A 36 -4.52 3.90 14.63
C GLU A 36 -4.41 5.34 14.14
N GLY A 37 -4.12 5.53 12.85
CA GLY A 37 -3.96 6.84 12.19
C GLY A 37 -2.68 7.60 12.58
N LYS A 38 -1.94 7.07 13.55
CA LYS A 38 -0.74 7.49 14.28
C LYS A 38 0.48 7.05 13.47
N MET A 39 0.39 7.15 12.14
CA MET A 39 1.34 6.67 11.12
C MET A 39 2.81 6.83 11.48
N ALA A 40 3.53 5.72 11.27
CA ALA A 40 4.97 5.63 11.41
C ALA A 40 5.63 6.40 10.26
N PRO A 41 6.90 6.80 10.40
CA PRO A 41 7.68 7.48 9.35
C PRO A 41 8.16 6.48 8.28
N PHE A 42 7.30 5.54 7.87
CA PHE A 42 7.59 4.43 6.96
C PHE A 42 8.18 4.89 5.62
N THR A 43 7.85 6.13 5.24
CA THR A 43 8.16 6.76 3.98
C THR A 43 9.66 6.70 3.66
N HIS A 44 10.55 6.75 4.66
CA HIS A 44 11.98 6.71 4.39
C HIS A 44 12.36 5.39 3.73
N ASP A 45 12.22 4.27 4.46
CA ASP A 45 12.60 2.97 3.92
C ASP A 45 11.85 2.56 2.68
N PHE A 46 10.58 2.94 2.60
CA PHE A 46 9.72 2.66 1.46
C PHE A 46 10.25 3.37 0.21
N ARG A 47 10.65 4.65 0.31
CA ARG A 47 11.09 5.43 -0.84
C ARG A 47 12.55 5.16 -1.22
N LYS A 48 13.36 4.81 -0.23
CA LYS A 48 14.80 4.49 -0.30
C LYS A 48 15.00 3.21 -1.10
N ALA A 49 16.26 2.82 -1.30
CA ALA A 49 16.61 1.54 -1.92
C ALA A 49 16.00 0.38 -1.10
N GLN A 50 16.16 -0.85 -1.60
CA GLN A 50 15.56 -2.07 -1.07
C GLN A 50 15.62 -2.17 0.47
N GLN A 51 14.49 -2.60 1.01
CA GLN A 51 14.26 -2.93 2.41
C GLN A 51 13.27 -4.09 2.35
N ARG A 52 12.04 -3.85 1.91
CA ARG A 52 11.03 -4.88 1.69
C ARG A 52 9.93 -4.44 0.74
N MET A 53 9.79 -3.12 0.50
CA MET A 53 8.70 -2.53 -0.27
C MET A 53 9.12 -1.97 -1.64
N PRO A 54 10.18 -1.16 -1.77
CA PRO A 54 10.49 -0.51 -3.06
C PRO A 54 10.78 -1.49 -4.19
N ALA A 55 11.94 -2.16 -4.15
CA ALA A 55 12.39 -3.02 -5.23
C ALA A 55 11.62 -4.35 -5.22
N ILE A 56 10.92 -4.64 -6.31
CA ILE A 56 10.03 -5.76 -6.54
C ILE A 56 10.55 -6.48 -7.79
N PRO A 57 10.78 -7.81 -7.76
CA PRO A 57 11.19 -8.56 -8.95
C PRO A 57 9.96 -8.99 -9.78
N VAL A 58 10.17 -9.33 -11.06
CA VAL A 58 9.16 -9.89 -11.96
C VAL A 58 8.35 -11.03 -11.31
N ASN A 59 9.01 -11.86 -10.50
CA ASN A 59 8.42 -12.98 -9.75
C ASN A 59 7.22 -12.53 -8.92
N ILE A 60 7.29 -11.34 -8.32
CA ILE A 60 6.14 -10.79 -7.63
C ILE A 60 5.32 -10.16 -8.76
N HIS A 61 4.15 -10.75 -9.01
CA HIS A 61 3.22 -10.18 -9.96
C HIS A 61 2.48 -9.05 -9.27
N SER A 62 2.12 -9.25 -8.00
CA SER A 62 1.31 -8.37 -7.20
C SER A 62 1.83 -8.36 -5.76
N MET A 63 1.53 -7.31 -4.99
CA MET A 63 1.85 -7.25 -3.57
C MET A 63 0.53 -7.15 -2.83
N ASN A 64 0.47 -7.71 -1.64
CA ASN A 64 -0.67 -7.59 -0.74
C ASN A 64 -0.40 -6.43 0.18
N PHE A 65 -1.47 -5.85 0.72
CA PHE A 65 -1.55 -4.83 1.74
C PHE A 65 -2.75 -5.28 2.56
N THR A 66 -2.84 -4.90 3.82
CA THR A 66 -3.92 -5.31 4.70
C THR A 66 -4.31 -4.10 5.53
N TRP A 67 -5.61 -3.83 5.65
CA TRP A 67 -6.06 -2.71 6.46
C TRP A 67 -7.38 -3.01 7.13
N GLN A 68 -7.70 -2.23 8.17
CA GLN A 68 -8.98 -2.29 8.83
C GLN A 68 -9.28 -1.07 9.68
N ALA A 69 -10.56 -0.67 9.76
CA ALA A 69 -10.97 0.39 10.68
C ALA A 69 -11.08 -0.21 12.09
N ALA A 70 -11.50 0.58 13.07
CA ALA A 70 -11.54 0.21 14.47
C ALA A 70 -13.00 0.19 14.94
N GLY A 71 -13.58 -0.99 14.92
CA GLY A 71 -14.91 -1.31 15.44
C GLY A 71 -16.08 -0.53 14.82
N GLN A 72 -16.44 0.64 15.37
CA GLN A 72 -17.45 1.58 14.84
C GLN A 72 -16.88 2.96 14.45
N ALA A 73 -15.59 3.01 14.12
CA ALA A 73 -14.83 4.18 13.68
C ALA A 73 -14.76 4.29 12.15
N GLU A 74 -15.83 3.95 11.40
CA GLU A 74 -15.86 3.88 9.94
C GLU A 74 -15.05 5.01 9.28
N TYR A 75 -13.95 4.63 8.61
CA TYR A 75 -13.08 5.49 7.82
C TYR A 75 -13.35 5.22 6.34
N PHE A 76 -13.57 6.26 5.55
CA PHE A 76 -13.78 6.19 4.12
C PHE A 76 -12.38 6.35 3.50
N TYR A 77 -12.09 5.79 2.34
CA TYR A 77 -10.83 5.99 1.63
C TYR A 77 -11.11 6.31 0.16
N GLU A 78 -10.14 6.91 -0.52
CA GLU A 78 -10.20 7.15 -1.95
C GLU A 78 -8.77 7.26 -2.47
N PHE A 79 -8.49 6.60 -3.59
CA PHE A 79 -7.19 6.58 -4.21
C PHE A 79 -7.08 7.83 -5.07
N LEU A 80 -6.33 8.83 -4.59
CA LEU A 80 -6.01 10.06 -5.31
C LEU A 80 -5.14 9.67 -6.52
N SER A 81 -4.25 8.70 -6.35
CA SER A 81 -3.42 8.20 -7.43
C SER A 81 -2.96 6.77 -7.17
N LEU A 82 -2.87 6.00 -8.25
CA LEU A 82 -2.34 4.66 -8.34
C LEU A 82 -1.94 4.55 -9.83
N ARG A 83 -0.67 4.83 -10.22
CA ARG A 83 -0.29 4.77 -11.66
C ARG A 83 1.21 4.49 -11.83
N SER A 84 1.61 4.00 -13.01
CA SER A 84 3.01 3.81 -13.36
C SER A 84 3.74 5.12 -13.63
N LEU A 85 5.08 5.02 -13.70
CA LEU A 85 6.00 6.08 -14.05
C LEU A 85 6.97 5.72 -15.20
N ASP A 86 7.05 4.47 -15.69
CA ASP A 86 8.10 4.20 -16.70
C ASP A 86 7.56 4.27 -18.14
N LYS A 87 8.46 4.24 -19.11
CA LYS A 87 8.28 4.41 -20.54
C LYS A 87 8.59 3.11 -21.27
N GLY A 88 9.78 2.56 -21.02
CA GLY A 88 10.24 1.31 -21.60
C GLY A 88 9.69 0.12 -20.84
N ILE A 89 9.96 0.03 -19.53
CA ILE A 89 9.58 -1.08 -18.64
C ILE A 89 8.09 -0.97 -18.23
N MET A 90 7.32 -0.31 -19.08
CA MET A 90 5.91 0.01 -19.00
C MET A 90 5.14 -1.21 -18.51
N ALA A 91 4.32 -0.91 -17.54
CA ALA A 91 3.48 -1.73 -16.70
C ALA A 91 2.53 -0.74 -16.06
N ASP A 92 1.39 -1.20 -15.55
CA ASP A 92 0.48 -0.34 -14.79
C ASP A 92 -0.06 -1.06 -13.57
N PRO A 93 0.10 -0.48 -12.37
CA PRO A 93 -0.40 -1.07 -11.16
C PRO A 93 -1.93 -1.02 -11.13
N THR A 94 -2.54 -2.07 -10.60
CA THR A 94 -4.00 -2.24 -10.47
C THR A 94 -4.31 -2.70 -9.05
N VAL A 95 -5.55 -2.58 -8.59
CA VAL A 95 -5.94 -2.89 -7.21
C VAL A 95 -7.10 -3.88 -7.13
N ASN A 96 -7.16 -4.62 -6.01
CA ASN A 96 -8.18 -5.61 -5.65
C ASN A 96 -9.48 -4.99 -5.11
N VAL A 97 -9.61 -3.66 -5.21
CA VAL A 97 -10.72 -2.90 -4.65
C VAL A 97 -11.07 -1.74 -5.58
N PRO A 98 -12.25 -1.12 -5.43
CA PRO A 98 -12.58 0.08 -6.19
C PRO A 98 -11.64 1.23 -5.76
N LEU A 99 -11.55 2.26 -6.61
CA LEU A 99 -10.75 3.45 -6.38
C LEU A 99 -11.26 4.28 -5.19
N LEU A 100 -12.42 3.95 -4.60
CA LEU A 100 -12.95 4.56 -3.38
C LEU A 100 -13.68 3.49 -2.58
N GLY A 101 -13.96 3.74 -1.31
CA GLY A 101 -14.64 2.76 -0.48
C GLY A 101 -14.49 3.09 0.99
N THR A 102 -14.72 2.12 1.87
CA THR A 102 -14.57 2.29 3.31
C THR A 102 -13.63 1.20 3.82
N VAL A 103 -12.74 1.55 4.73
CA VAL A 103 -11.80 0.62 5.34
C VAL A 103 -12.59 -0.24 6.33
N PRO A 104 -12.76 -1.56 6.13
CA PRO A 104 -13.61 -2.38 6.98
C PRO A 104 -12.94 -2.73 8.29
N HIS A 105 -13.68 -2.92 9.37
CA HIS A 105 -13.10 -3.12 10.71
C HIS A 105 -12.57 -4.53 10.95
N LYS A 106 -12.62 -5.37 9.92
CA LYS A 106 -12.03 -6.69 9.93
C LYS A 106 -10.94 -6.69 8.86
N ALA A 107 -9.72 -7.09 9.22
CA ALA A 107 -8.54 -7.12 8.39
C ALA A 107 -8.88 -7.68 7.02
N SER A 108 -8.84 -6.82 6.00
CA SER A 108 -9.11 -7.20 4.63
C SER A 108 -7.86 -6.90 3.81
N VAL A 109 -7.57 -7.81 2.90
CA VAL A 109 -6.36 -7.83 2.09
C VAL A 109 -6.64 -7.13 0.75
N VAL A 110 -5.95 -6.04 0.50
CA VAL A 110 -5.98 -5.30 -0.74
C VAL A 110 -4.72 -5.72 -1.49
N GLN A 111 -4.88 -6.56 -2.51
CA GLN A 111 -3.77 -6.90 -3.38
C GLN A 111 -3.65 -5.76 -4.39
N VAL A 112 -2.44 -5.49 -4.84
CA VAL A 112 -2.10 -4.52 -5.87
C VAL A 112 -1.36 -5.35 -6.92
N GLY A 113 -1.92 -5.51 -8.11
CA GLY A 113 -1.33 -6.26 -9.20
C GLY A 113 -0.46 -5.36 -10.04
N PHE A 114 0.62 -5.90 -10.62
CA PHE A 114 1.54 -5.13 -11.45
C PHE A 114 1.72 -5.85 -12.80
N PRO A 115 0.72 -5.80 -13.69
CA PRO A 115 0.85 -6.33 -15.05
C PRO A 115 1.84 -5.44 -15.79
N CYS A 116 2.91 -6.06 -16.32
CA CYS A 116 3.94 -5.41 -17.09
C CYS A 116 3.76 -5.77 -18.56
N LEU A 117 4.19 -4.89 -19.48
CA LEU A 117 4.12 -5.17 -20.91
C LEU A 117 5.15 -6.24 -21.33
N GLY A 118 6.13 -6.52 -20.46
CA GLY A 118 7.12 -7.57 -20.57
C GLY A 118 7.89 -7.54 -21.88
N LYS A 119 8.33 -6.37 -22.35
CA LYS A 119 9.15 -6.30 -23.58
C LYS A 119 10.46 -5.57 -23.39
N GLN A 120 10.51 -4.54 -22.55
CA GLN A 120 11.79 -3.92 -22.22
C GLN A 120 12.22 -4.59 -20.93
N ASP A 121 13.50 -4.84 -20.80
CA ASP A 121 14.12 -5.44 -19.63
C ASP A 121 14.59 -4.27 -18.76
N GLY A 122 14.45 -4.37 -17.44
CA GLY A 122 14.86 -3.31 -16.54
C GLY A 122 13.89 -3.17 -15.37
N VAL A 123 13.84 -1.99 -14.78
CA VAL A 123 13.04 -1.70 -13.60
C VAL A 123 12.18 -0.47 -13.85
N ALA A 124 10.86 -0.64 -13.90
CA ALA A 124 9.93 0.47 -13.99
C ALA A 124 9.64 0.91 -12.56
N ALA A 125 8.99 2.07 -12.41
CA ALA A 125 8.52 2.56 -11.12
C ALA A 125 7.03 2.86 -11.23
N PHE A 126 6.33 2.89 -10.10
CA PHE A 126 4.93 3.28 -9.99
C PHE A 126 4.73 3.90 -8.62
N GLU A 127 3.66 4.67 -8.42
CA GLU A 127 3.39 5.42 -7.22
C GLU A 127 1.91 5.39 -6.86
N VAL A 128 1.65 5.69 -5.58
CA VAL A 128 0.34 5.62 -4.93
C VAL A 128 0.17 6.85 -4.01
N ASP A 129 -1.07 7.33 -3.89
CA ASP A 129 -1.54 8.39 -2.99
C ASP A 129 -3.01 8.06 -2.68
N VAL A 130 -3.39 7.90 -1.42
CA VAL A 130 -4.73 7.57 -1.00
C VAL A 130 -5.05 8.46 0.18
N ILE A 131 -6.13 9.22 0.05
CA ILE A 131 -6.70 10.04 1.09
C ILE A 131 -7.71 9.16 1.82
N VAL A 132 -8.10 9.63 2.98
CA VAL A 132 -9.00 8.97 3.90
C VAL A 132 -9.80 10.10 4.53
N MET A 133 -11.11 9.87 4.61
CA MET A 133 -12.05 10.87 5.06
C MET A 133 -13.11 10.21 5.94
N ASN A 134 -13.86 11.00 6.69
CA ASN A 134 -15.00 10.45 7.43
C ASN A 134 -16.11 10.30 6.39
N SER A 135 -17.21 9.60 6.64
CA SER A 135 -18.21 9.33 5.59
C SER A 135 -18.87 10.58 4.98
N GLU A 136 -18.74 11.79 5.55
CA GLU A 136 -19.24 13.02 4.93
C GLU A 136 -18.29 13.56 3.84
N GLY A 137 -17.06 13.04 3.74
CA GLY A 137 -16.01 13.53 2.86
C GLY A 137 -14.96 14.40 3.54
N ASN A 138 -15.09 14.72 4.83
CA ASN A 138 -14.09 15.52 5.55
C ASN A 138 -12.80 14.70 5.66
N THR A 139 -11.72 15.18 5.06
CA THR A 139 -10.44 14.48 5.01
C THR A 139 -9.81 14.49 6.40
N ILE A 140 -9.14 13.41 6.77
CA ILE A 140 -8.55 13.21 8.09
C ILE A 140 -7.16 12.57 8.05
N LEU A 141 -6.94 11.62 7.14
CA LEU A 141 -5.69 10.86 7.00
C LEU A 141 -5.34 10.85 5.50
N GLN A 142 -4.06 10.85 5.14
CA GLN A 142 -3.59 10.73 3.75
C GLN A 142 -2.27 9.98 3.74
N THR A 143 -2.05 9.21 2.68
CA THR A 143 -0.82 8.48 2.43
C THR A 143 0.16 9.50 1.86
N PRO A 144 1.25 9.86 2.55
CA PRO A 144 2.12 10.93 2.09
C PRO A 144 2.76 10.57 0.76
N GLN A 145 2.99 11.60 -0.07
CA GLN A 145 3.48 11.31 -1.38
C GLN A 145 4.98 11.07 -1.21
N ASN A 146 5.34 9.81 -1.45
CA ASN A 146 6.62 9.11 -1.54
C ASN A 146 6.46 7.61 -1.63
N ALA A 147 5.22 7.11 -1.46
CA ALA A 147 4.85 5.72 -1.62
C ALA A 147 5.03 5.32 -3.10
N ILE A 148 6.28 5.05 -3.45
CA ILE A 148 6.75 4.66 -4.77
C ILE A 148 7.33 3.26 -4.61
N PHE A 149 7.20 2.51 -5.70
CA PHE A 149 7.67 1.14 -5.80
C PHE A 149 8.40 1.02 -7.14
N PHE A 150 9.16 -0.05 -7.30
CA PHE A 150 10.04 -0.29 -8.43
C PHE A 150 9.88 -1.74 -8.83
N LYS A 151 9.32 -2.03 -10.02
CA LYS A 151 9.05 -3.41 -10.44
C LYS A 151 9.96 -3.75 -11.60
N THR A 152 10.76 -4.78 -11.39
CA THR A 152 11.74 -5.28 -12.33
C THR A 152 11.00 -6.21 -13.28
N CYS A 153 10.95 -5.89 -14.57
CA CYS A 153 10.39 -6.75 -15.60
C CYS A 153 11.51 -7.20 -16.54
N LEU A 154 11.21 -8.21 -17.35
CA LEU A 154 12.07 -8.71 -18.40
C LEU A 154 11.20 -8.96 -19.64
N GLN A 155 11.87 -9.10 -20.77
CA GLN A 155 11.35 -9.32 -22.11
C GLN A 155 10.82 -10.76 -22.24
N ALA A 156 9.54 -10.91 -22.57
CA ALA A 156 8.84 -12.15 -22.82
C ALA A 156 7.78 -11.93 -23.90
N GLU A 157 7.21 -13.03 -24.35
CA GLU A 157 6.10 -13.23 -25.27
C GLU A 157 5.46 -14.55 -24.82
N GLY A 1 -1.59 1.12 35.68
CA GLY A 1 -0.43 1.86 36.26
C GLY A 1 -0.60 3.35 36.01
N SER A 2 -0.95 3.64 34.77
CA SER A 2 -2.15 4.34 34.34
C SER A 2 -3.41 3.86 35.10
N HIS A 3 -4.55 4.49 34.81
CA HIS A 3 -5.90 4.15 35.26
C HIS A 3 -6.18 2.64 35.12
N MET A 4 -7.36 2.18 35.56
CA MET A 4 -7.79 0.78 35.34
C MET A 4 -7.50 0.47 33.85
N LEU A 5 -7.48 -0.81 33.45
CA LEU A 5 -7.05 -1.20 32.10
C LEU A 5 -7.65 -0.30 31.01
N ASP A 6 -6.69 0.41 30.40
CA ASP A 6 -6.85 1.46 29.40
C ASP A 6 -7.11 0.85 28.02
N GLN A 7 -7.41 1.69 27.04
CA GLN A 7 -7.58 1.37 25.65
C GLN A 7 -7.40 2.71 24.93
N GLN A 8 -6.84 2.62 23.75
CA GLN A 8 -6.69 3.72 22.80
C GLN A 8 -8.06 4.02 22.18
N GLU A 9 -8.16 5.14 21.48
CA GLU A 9 -9.34 5.52 20.72
C GLU A 9 -9.44 4.61 19.49
N GLU A 10 -10.62 4.50 18.87
CA GLU A 10 -10.71 3.75 17.61
C GLU A 10 -10.03 4.59 16.54
N SER A 11 -9.58 3.92 15.48
CA SER A 11 -8.79 4.50 14.40
C SER A 11 -8.54 3.48 13.28
N LEU A 12 -7.90 3.96 12.21
CA LEU A 12 -7.49 3.26 11.00
C LEU A 12 -6.12 2.59 11.22
N TYR A 13 -5.95 1.35 10.77
CA TYR A 13 -4.68 0.61 10.78
C TYR A 13 -4.43 0.08 9.36
N LEU A 14 -3.19 0.13 8.87
CA LEU A 14 -2.80 -0.27 7.52
C LEU A 14 -1.37 -0.83 7.62
N TRP A 15 -1.16 -2.10 7.31
CA TRP A 15 0.15 -2.73 7.31
C TRP A 15 0.38 -3.49 5.99
N ILE A 16 1.60 -3.96 5.77
CA ILE A 16 1.98 -4.82 4.65
C ILE A 16 2.22 -6.16 5.29
N ASP A 17 1.73 -7.24 4.69
CA ASP A 17 1.81 -8.54 5.34
C ASP A 17 3.06 -9.33 4.95
N ALA A 18 3.37 -10.28 5.82
CA ALA A 18 4.44 -11.24 5.68
C ALA A 18 4.12 -12.38 4.71
N HIS A 19 2.88 -12.59 4.28
CA HIS A 19 2.58 -13.60 3.28
C HIS A 19 3.36 -13.30 2.01
N GLN A 20 3.46 -12.01 1.65
CA GLN A 20 4.19 -11.63 0.46
C GLN A 20 5.67 -11.98 0.56
N ALA A 21 6.30 -11.67 1.68
CA ALA A 21 7.69 -12.01 1.94
C ALA A 21 7.88 -13.52 2.05
N ARG A 22 6.90 -14.26 2.53
CA ARG A 22 6.98 -15.71 2.55
C ARG A 22 7.17 -16.16 1.10
N VAL A 23 6.24 -15.77 0.22
CA VAL A 23 6.31 -16.00 -1.22
C VAL A 23 7.64 -15.53 -1.83
N LEU A 24 8.34 -14.57 -1.20
CA LEU A 24 9.65 -14.15 -1.63
C LEU A 24 10.78 -15.11 -1.25
N ILE A 25 10.82 -15.59 -0.01
CA ILE A 25 11.98 -16.41 0.46
C ILE A 25 11.71 -17.39 1.61
N GLY A 26 10.44 -17.72 1.83
CA GLY A 26 9.96 -18.55 2.93
C GLY A 26 10.12 -17.89 4.31
N PHE A 27 10.36 -16.58 4.33
CA PHE A 27 10.62 -15.77 5.52
C PHE A 27 9.35 -15.02 5.90
N GLU A 28 9.38 -14.35 7.04
CA GLU A 28 8.22 -13.68 7.61
C GLU A 28 8.60 -12.23 7.90
N GLU A 29 7.82 -11.26 7.41
CA GLU A 29 8.08 -9.83 7.61
C GLU A 29 6.80 -8.98 7.51
N ASP A 30 6.30 -8.33 8.55
CA ASP A 30 5.16 -7.40 8.40
C ASP A 30 5.79 -6.00 8.27
N ILE A 31 5.02 -5.01 7.83
CA ILE A 31 5.48 -3.61 7.82
C ILE A 31 4.26 -2.79 8.24
N LEU A 32 4.30 -2.15 9.41
CA LEU A 32 3.17 -1.39 9.92
C LEU A 32 3.31 0.03 9.36
N ILE A 33 2.38 0.49 8.49
CA ILE A 33 2.47 1.80 7.86
C ILE A 33 1.69 2.82 8.70
N VAL A 34 0.44 2.51 8.99
CA VAL A 34 -0.51 3.38 9.66
C VAL A 34 -0.97 2.61 10.88
N SER A 35 -0.62 3.11 12.06
CA SER A 35 -1.08 2.58 13.33
C SER A 35 -1.95 3.68 13.90
N GLU A 36 -3.22 3.37 14.21
CA GLU A 36 -4.19 4.30 14.78
C GLU A 36 -4.16 5.68 14.09
N GLY A 37 -4.11 5.66 12.75
CA GLY A 37 -4.08 6.83 11.84
C GLY A 37 -2.91 7.80 12.09
N LYS A 38 -2.02 7.46 13.01
CA LYS A 38 -0.91 8.22 13.56
C LYS A 38 0.32 8.17 12.64
N MET A 39 0.10 8.19 11.31
CA MET A 39 1.12 8.00 10.27
C MET A 39 2.47 8.66 10.58
N ALA A 40 3.48 7.80 10.70
CA ALA A 40 4.86 8.23 10.85
C ALA A 40 5.34 8.65 9.45
N PRO A 41 6.41 9.44 9.34
CA PRO A 41 7.03 9.83 8.07
C PRO A 41 7.81 8.64 7.48
N PHE A 42 7.08 7.58 7.12
CA PHE A 42 7.58 6.29 6.67
C PHE A 42 8.40 6.34 5.38
N THR A 43 8.39 7.45 4.65
CA THR A 43 9.00 7.64 3.34
C THR A 43 10.39 7.03 3.24
N HIS A 44 11.27 7.31 4.20
CA HIS A 44 12.65 6.85 4.15
C HIS A 44 12.69 5.31 4.09
N ASP A 45 12.14 4.66 5.10
CA ASP A 45 12.20 3.21 5.27
C ASP A 45 11.27 2.45 4.33
N PHE A 46 10.21 3.06 3.83
CA PHE A 46 9.34 2.44 2.83
C PHE A 46 10.05 2.49 1.47
N ARG A 47 10.41 3.70 1.01
CA ARG A 47 10.98 3.90 -0.33
C ARG A 47 12.38 3.27 -0.43
N LYS A 48 13.12 3.10 0.67
CA LYS A 48 14.40 2.39 0.73
C LYS A 48 14.22 1.34 1.82
N ALA A 49 14.23 0.05 1.48
CA ALA A 49 13.96 -1.04 2.40
C ALA A 49 14.39 -2.35 1.78
N GLN A 50 14.23 -3.42 2.58
CA GLN A 50 14.42 -4.82 2.19
C GLN A 50 13.73 -5.00 0.82
N GLN A 51 14.25 -5.90 -0.01
CA GLN A 51 13.84 -6.12 -1.40
C GLN A 51 12.32 -6.15 -1.59
N ARG A 52 11.57 -6.66 -0.60
CA ARG A 52 10.11 -6.70 -0.58
C ARG A 52 9.43 -5.35 -0.83
N MET A 53 10.10 -4.20 -0.73
CA MET A 53 9.49 -2.88 -0.88
C MET A 53 9.93 -2.14 -2.15
N PRO A 54 11.21 -1.73 -2.33
CA PRO A 54 11.58 -0.92 -3.48
C PRO A 54 11.64 -1.75 -4.75
N ALA A 55 12.73 -2.50 -4.98
CA ALA A 55 12.96 -3.23 -6.20
C ALA A 55 12.22 -4.57 -6.14
N ILE A 56 11.22 -4.73 -6.98
CA ILE A 56 10.31 -5.87 -7.05
C ILE A 56 10.66 -6.59 -8.36
N PRO A 57 10.94 -7.89 -8.37
CA PRO A 57 11.24 -8.60 -9.60
C PRO A 57 9.95 -8.87 -10.38
N VAL A 58 10.06 -9.05 -11.70
CA VAL A 58 8.99 -9.42 -12.61
C VAL A 58 8.07 -10.51 -12.03
N ASN A 59 8.69 -11.54 -11.43
CA ASN A 59 8.06 -12.73 -10.87
C ASN A 59 7.08 -12.42 -9.74
N ILE A 60 7.37 -11.42 -8.90
CA ILE A 60 6.38 -11.00 -7.89
C ILE A 60 5.40 -10.23 -8.76
N HIS A 61 4.20 -10.78 -8.88
CA HIS A 61 3.15 -10.14 -9.65
C HIS A 61 2.52 -9.05 -8.80
N SER A 62 2.40 -9.29 -7.51
CA SER A 62 1.69 -8.41 -6.60
C SER A 62 2.34 -8.38 -5.23
N MET A 63 1.88 -7.45 -4.38
CA MET A 63 2.24 -7.33 -2.98
C MET A 63 0.93 -7.34 -2.24
N ASN A 64 0.96 -7.71 -0.96
CA ASN A 64 -0.26 -7.88 -0.17
C ASN A 64 -0.15 -6.94 1.02
N PHE A 65 -1.03 -5.95 1.02
CA PHE A 65 -1.22 -5.01 2.09
C PHE A 65 -2.45 -5.51 2.85
N THR A 66 -2.63 -5.04 4.06
CA THR A 66 -3.78 -5.37 4.89
C THR A 66 -4.16 -4.10 5.62
N TRP A 67 -5.44 -3.79 5.70
CA TRP A 67 -5.89 -2.66 6.49
C TRP A 67 -7.22 -2.95 7.15
N GLN A 68 -7.54 -2.16 8.16
CA GLN A 68 -8.82 -2.20 8.82
C GLN A 68 -8.98 -1.06 9.82
N ALA A 69 -10.23 -0.74 10.10
CA ALA A 69 -10.66 0.20 11.12
C ALA A 69 -10.71 -0.59 12.45
N ALA A 70 -11.20 0.06 13.48
CA ALA A 70 -11.49 -0.46 14.78
C ALA A 70 -13.01 -0.24 14.90
N GLY A 71 -13.61 -1.31 15.37
CA GLY A 71 -14.99 -1.67 15.70
C GLY A 71 -16.17 -0.88 15.12
N GLN A 72 -16.30 0.43 15.35
CA GLN A 72 -17.43 1.26 14.87
C GLN A 72 -17.01 2.37 13.89
N ALA A 73 -15.71 2.63 13.81
CA ALA A 73 -15.02 3.69 13.09
C ALA A 73 -14.68 3.50 11.59
N GLU A 74 -15.50 2.88 10.73
CA GLU A 74 -15.14 2.71 9.31
C GLU A 74 -14.73 4.06 8.71
N TYR A 75 -13.46 4.15 8.29
CA TYR A 75 -12.88 5.28 7.60
C TYR A 75 -13.22 5.12 6.11
N PHE A 76 -13.36 6.20 5.36
CA PHE A 76 -13.61 6.15 3.93
C PHE A 76 -12.26 6.43 3.28
N TYR A 77 -11.94 5.84 2.13
CA TYR A 77 -10.70 6.12 1.41
C TYR A 77 -10.96 6.38 -0.06
N GLU A 78 -10.00 7.02 -0.72
CA GLU A 78 -10.01 7.23 -2.16
C GLU A 78 -8.56 7.34 -2.63
N PHE A 79 -8.22 6.64 -3.72
CA PHE A 79 -6.89 6.61 -4.30
C PHE A 79 -6.70 7.84 -5.18
N LEU A 80 -5.83 8.76 -4.76
CA LEU A 80 -5.43 9.94 -5.50
C LEU A 80 -4.48 9.48 -6.62
N SER A 81 -3.48 8.67 -6.27
CA SER A 81 -2.53 8.08 -7.20
C SER A 81 -2.42 6.57 -7.02
N LEU A 82 -2.16 5.90 -8.15
CA LEU A 82 -1.86 4.49 -8.35
C LEU A 82 -1.54 4.39 -9.84
N ARG A 83 -0.26 4.51 -10.23
CA ARG A 83 0.09 4.56 -11.67
C ARG A 83 1.57 4.26 -11.88
N SER A 84 1.95 3.75 -13.06
CA SER A 84 3.37 3.57 -13.38
C SER A 84 3.92 4.86 -13.96
N LEU A 85 5.25 4.94 -14.01
CA LEU A 85 6.03 6.09 -14.41
C LEU A 85 7.02 5.77 -15.54
N ASP A 86 7.05 4.52 -16.04
CA ASP A 86 7.96 4.20 -17.14
C ASP A 86 7.25 4.21 -18.50
N LYS A 87 8.04 4.20 -19.57
CA LYS A 87 7.70 4.34 -20.97
C LYS A 87 7.78 3.01 -21.72
N GLY A 88 8.86 2.26 -21.50
CA GLY A 88 9.12 0.99 -22.14
C GLY A 88 8.91 -0.18 -21.18
N ILE A 89 9.41 -0.04 -19.94
CA ILE A 89 9.26 -1.02 -18.86
C ILE A 89 7.89 -0.77 -18.14
N MET A 90 7.05 0.03 -18.81
CA MET A 90 5.70 0.47 -18.50
C MET A 90 4.87 -0.72 -17.99
N ALA A 91 3.94 -0.40 -17.10
CA ALA A 91 3.09 -1.30 -16.36
C ALA A 91 1.91 -0.47 -15.83
N ASP A 92 0.97 -1.12 -15.18
CA ASP A 92 -0.13 -0.45 -14.49
C ASP A 92 -0.34 -1.14 -13.16
N PRO A 93 -0.09 -0.46 -12.02
CA PRO A 93 -0.42 -1.07 -10.75
C PRO A 93 -1.95 -1.16 -10.70
N THR A 94 -2.45 -2.12 -9.92
CA THR A 94 -3.87 -2.35 -9.70
C THR A 94 -4.08 -2.73 -8.24
N VAL A 95 -5.32 -2.65 -7.74
CA VAL A 95 -5.66 -3.08 -6.39
C VAL A 95 -6.82 -4.07 -6.38
N ASN A 96 -6.89 -4.88 -5.33
CA ASN A 96 -7.94 -5.85 -4.99
C ASN A 96 -9.23 -5.18 -4.50
N VAL A 97 -9.32 -3.87 -4.61
CA VAL A 97 -10.45 -3.05 -4.18
C VAL A 97 -10.67 -1.94 -5.22
N PRO A 98 -11.82 -1.23 -5.21
CA PRO A 98 -12.02 -0.10 -6.09
C PRO A 98 -11.11 1.07 -5.72
N LEU A 99 -11.04 2.07 -6.62
CA LEU A 99 -10.32 3.33 -6.42
C LEU A 99 -10.89 4.13 -5.23
N LEU A 100 -12.05 3.80 -4.70
CA LEU A 100 -12.62 4.41 -3.49
C LEU A 100 -13.33 3.32 -2.70
N GLY A 101 -13.64 3.56 -1.43
CA GLY A 101 -14.33 2.57 -0.60
C GLY A 101 -14.19 2.93 0.87
N THR A 102 -14.43 1.97 1.77
CA THR A 102 -14.19 2.18 3.19
C THR A 102 -13.13 1.20 3.68
N VAL A 103 -12.46 1.56 4.76
CA VAL A 103 -11.51 0.73 5.45
C VAL A 103 -12.39 0.08 6.54
N PRO A 104 -12.64 -1.23 6.48
CA PRO A 104 -13.57 -1.89 7.39
C PRO A 104 -12.89 -2.42 8.63
N HIS A 105 -13.61 -2.72 9.72
CA HIS A 105 -13.01 -3.11 11.02
C HIS A 105 -12.43 -4.53 10.99
N LYS A 106 -12.48 -5.16 9.82
CA LYS A 106 -12.13 -6.52 9.54
C LYS A 106 -10.91 -6.51 8.62
N ALA A 107 -9.76 -7.04 9.07
CA ALA A 107 -8.52 -7.09 8.28
C ALA A 107 -8.82 -7.57 6.86
N SER A 108 -8.79 -6.64 5.91
CA SER A 108 -9.02 -6.92 4.52
C SER A 108 -7.71 -6.74 3.78
N VAL A 109 -7.41 -7.69 2.91
CA VAL A 109 -6.15 -7.77 2.21
C VAL A 109 -6.29 -7.00 0.90
N VAL A 110 -5.56 -5.90 0.78
CA VAL A 110 -5.50 -5.15 -0.45
C VAL A 110 -4.28 -5.71 -1.16
N GLN A 111 -4.51 -6.55 -2.17
CA GLN A 111 -3.42 -7.05 -2.99
C GLN A 111 -3.20 -5.96 -4.04
N VAL A 112 -2.02 -5.37 -4.08
CA VAL A 112 -1.65 -4.42 -5.12
C VAL A 112 -1.01 -5.31 -6.19
N GLY A 113 -1.62 -5.45 -7.36
CA GLY A 113 -1.14 -6.22 -8.47
C GLY A 113 -0.34 -5.34 -9.40
N PHE A 114 0.67 -5.88 -10.08
CA PHE A 114 1.55 -5.12 -10.94
C PHE A 114 1.72 -5.80 -12.30
N PRO A 115 0.69 -5.77 -13.18
CA PRO A 115 0.83 -6.27 -14.54
C PRO A 115 1.78 -5.33 -15.27
N CYS A 116 2.95 -5.85 -15.65
CA CYS A 116 3.93 -5.11 -16.44
C CYS A 116 3.65 -5.40 -17.91
N LEU A 117 3.81 -4.41 -18.78
CA LEU A 117 3.53 -4.59 -20.20
C LEU A 117 4.61 -5.43 -20.89
N GLY A 118 5.74 -5.67 -20.21
CA GLY A 118 6.82 -6.55 -20.64
C GLY A 118 7.35 -6.23 -22.04
N LYS A 119 7.47 -4.95 -22.38
CA LYS A 119 7.92 -4.56 -23.72
C LYS A 119 9.43 -4.35 -23.70
N GLN A 120 9.91 -3.35 -22.96
CA GLN A 120 11.35 -3.13 -22.76
C GLN A 120 11.76 -3.79 -21.44
N ASP A 121 13.04 -4.15 -21.34
CA ASP A 121 13.67 -4.75 -20.17
C ASP A 121 14.26 -3.63 -19.34
N GLY A 122 14.29 -3.78 -18.01
CA GLY A 122 14.83 -2.76 -17.12
C GLY A 122 14.04 -2.70 -15.83
N VAL A 123 14.06 -1.55 -15.17
CA VAL A 123 13.34 -1.32 -13.92
C VAL A 123 12.49 -0.06 -14.09
N ALA A 124 11.17 -0.24 -14.07
CA ALA A 124 10.21 0.84 -14.08
C ALA A 124 9.95 1.25 -12.64
N ALA A 125 9.24 2.36 -12.47
CA ALA A 125 8.77 2.83 -11.17
C ALA A 125 7.26 3.00 -11.24
N PHE A 126 6.59 2.99 -10.09
CA PHE A 126 5.17 3.26 -9.99
C PHE A 126 4.92 3.90 -8.63
N GLU A 127 3.86 4.71 -8.54
CA GLU A 127 3.51 5.51 -7.40
C GLU A 127 2.12 5.16 -6.91
N VAL A 128 1.87 5.41 -5.62
CA VAL A 128 0.56 5.26 -4.99
C VAL A 128 0.42 6.41 -3.97
N ASP A 129 -0.79 6.94 -3.79
CA ASP A 129 -1.13 7.94 -2.78
C ASP A 129 -2.63 7.88 -2.54
N VAL A 130 -3.09 7.84 -1.29
CA VAL A 130 -4.49 7.65 -0.94
C VAL A 130 -4.83 8.61 0.18
N ILE A 131 -5.98 9.25 0.04
CA ILE A 131 -6.55 10.11 1.06
C ILE A 131 -7.68 9.33 1.71
N VAL A 132 -8.09 9.82 2.86
CA VAL A 132 -9.05 9.19 3.72
C VAL A 132 -9.91 10.28 4.32
N MET A 133 -11.20 10.00 4.38
CA MET A 133 -12.24 10.89 4.85
C MET A 133 -13.18 10.09 5.72
N ASN A 134 -14.15 10.77 6.31
CA ASN A 134 -15.22 10.11 7.05
C ASN A 134 -16.33 9.87 6.00
N SER A 135 -17.42 9.20 6.37
CA SER A 135 -18.48 8.88 5.40
C SER A 135 -19.21 10.14 4.88
N GLU A 136 -18.94 11.34 5.41
CA GLU A 136 -19.49 12.60 4.88
C GLU A 136 -18.61 13.14 3.75
N GLY A 137 -17.37 12.64 3.61
CA GLY A 137 -16.38 13.14 2.68
C GLY A 137 -15.42 14.14 3.32
N ASN A 138 -15.56 14.45 4.63
CA ASN A 138 -14.61 15.31 5.32
C ASN A 138 -13.30 14.55 5.49
N THR A 139 -12.24 15.04 4.86
CA THR A 139 -10.90 14.47 4.86
C THR A 139 -10.34 14.52 6.29
N ILE A 140 -9.61 13.47 6.68
CA ILE A 140 -9.09 13.29 8.05
C ILE A 140 -7.67 12.73 8.09
N LEU A 141 -7.36 11.79 7.20
CA LEU A 141 -6.07 11.10 7.13
C LEU A 141 -5.62 11.16 5.67
N GLN A 142 -4.33 11.35 5.40
CA GLN A 142 -3.82 11.51 4.05
C GLN A 142 -2.41 10.95 4.01
N THR A 143 -2.20 10.01 3.09
CA THR A 143 -0.90 9.42 2.81
C THR A 143 0.03 10.54 2.34
N PRO A 144 1.33 10.53 2.68
CA PRO A 144 2.21 11.54 2.11
C PRO A 144 2.51 11.12 0.68
N GLN A 145 2.57 12.10 -0.20
CA GLN A 145 2.84 11.82 -1.58
C GLN A 145 4.34 11.56 -1.57
N ASN A 146 4.76 10.33 -1.83
CA ASN A 146 6.14 9.85 -1.73
C ASN A 146 6.23 8.35 -1.98
N ALA A 147 5.18 7.59 -1.64
CA ALA A 147 5.14 6.13 -1.69
C ALA A 147 5.33 5.65 -3.14
N ILE A 148 6.54 5.15 -3.43
CA ILE A 148 6.94 4.72 -4.77
C ILE A 148 7.63 3.38 -4.61
N PHE A 149 7.48 2.55 -5.64
CA PHE A 149 8.04 1.22 -5.76
C PHE A 149 8.69 1.12 -7.14
N PHE A 150 9.44 0.05 -7.39
CA PHE A 150 10.23 -0.13 -8.60
C PHE A 150 10.07 -1.56 -9.09
N LYS A 151 9.45 -1.80 -10.25
CA LYS A 151 9.28 -3.16 -10.77
C LYS A 151 10.29 -3.40 -11.88
N THR A 152 11.08 -4.45 -11.71
CA THR A 152 12.02 -4.94 -12.69
C THR A 152 11.22 -5.82 -13.64
N CYS A 153 11.13 -5.45 -14.92
CA CYS A 153 10.48 -6.25 -15.94
C CYS A 153 11.49 -6.61 -17.03
N LEU A 154 11.10 -7.58 -17.86
CA LEU A 154 11.86 -8.05 -19.01
C LEU A 154 10.91 -8.12 -20.20
N GLN A 155 11.47 -8.16 -21.40
CA GLN A 155 10.74 -8.30 -22.65
C GLN A 155 10.10 -9.69 -22.73
N ALA A 156 8.82 -9.74 -23.09
CA ALA A 156 8.06 -10.95 -23.34
C ALA A 156 7.04 -10.64 -24.43
N GLU A 157 6.91 -11.50 -25.43
CA GLU A 157 5.98 -11.42 -26.55
C GLU A 157 5.65 -12.88 -26.87
N GLY A 1 -3.82 11.23 22.46
CA GLY A 1 -4.57 12.49 22.37
C GLY A 1 -3.66 13.67 22.63
N SER A 2 -4.16 14.68 23.35
CA SER A 2 -3.37 15.79 23.85
C SER A 2 -2.23 15.28 24.74
N HIS A 3 -1.24 16.14 25.03
CA HIS A 3 -0.18 15.80 25.97
C HIS A 3 -0.83 15.60 27.35
N MET A 4 -0.77 14.36 27.84
CA MET A 4 -1.39 13.82 29.03
C MET A 4 -0.56 12.59 29.42
N LEU A 5 -0.88 11.95 30.54
CA LEU A 5 -0.23 10.69 30.90
C LEU A 5 -0.54 9.66 29.81
N ASP A 6 0.24 8.59 29.77
CA ASP A 6 0.26 7.55 28.77
C ASP A 6 -1.14 6.98 28.52
N GLN A 7 -1.67 7.20 27.31
CA GLN A 7 -2.88 6.70 26.75
C GLN A 7 -2.68 6.89 25.24
N GLN A 8 -3.65 6.39 24.53
CA GLN A 8 -3.85 6.50 23.09
C GLN A 8 -5.36 6.37 22.85
N GLU A 9 -5.80 6.57 21.61
CA GLU A 9 -7.16 6.40 21.16
C GLU A 9 -7.07 5.64 19.84
N GLU A 10 -8.06 4.83 19.48
CA GLU A 10 -7.99 4.04 18.25
C GLU A 10 -8.39 4.86 17.03
N SER A 11 -8.08 4.30 15.86
CA SER A 11 -8.24 4.81 14.51
C SER A 11 -7.78 3.72 13.53
N LEU A 12 -7.92 3.97 12.24
CA LEU A 12 -7.53 3.14 11.11
C LEU A 12 -6.13 2.49 11.29
N TYR A 13 -6.00 1.21 10.93
CA TYR A 13 -4.75 0.45 10.89
C TYR A 13 -4.54 -0.09 9.45
N LEU A 14 -3.34 0.00 8.90
CA LEU A 14 -2.97 -0.37 7.53
C LEU A 14 -1.53 -0.91 7.58
N TRP A 15 -1.29 -2.15 7.18
CA TRP A 15 0.04 -2.74 7.12
C TRP A 15 0.19 -3.57 5.84
N ILE A 16 1.37 -4.10 5.60
CA ILE A 16 1.64 -5.03 4.51
C ILE A 16 1.95 -6.29 5.30
N ASP A 17 1.10 -7.30 5.20
CA ASP A 17 1.23 -8.50 6.01
C ASP A 17 2.29 -9.45 5.47
N ALA A 18 2.86 -10.23 6.38
CA ALA A 18 3.99 -11.12 6.13
C ALA A 18 3.74 -12.21 5.10
N HIS A 19 2.48 -12.55 4.79
CA HIS A 19 2.22 -13.50 3.72
C HIS A 19 2.76 -12.95 2.40
N GLN A 20 2.71 -11.63 2.21
CA GLN A 20 3.25 -11.02 1.01
C GLN A 20 4.77 -11.11 0.96
N ALA A 21 5.45 -10.75 2.05
CA ALA A 21 6.89 -10.90 2.13
C ALA A 21 7.31 -12.36 1.97
N ARG A 22 6.49 -13.33 2.36
CA ARG A 22 6.80 -14.72 2.09
C ARG A 22 6.97 -14.88 0.59
N VAL A 23 5.99 -14.50 -0.23
CA VAL A 23 6.08 -14.55 -1.69
C VAL A 23 7.33 -13.80 -2.20
N LEU A 24 7.86 -12.84 -1.44
CA LEU A 24 9.10 -12.16 -1.77
C LEU A 24 10.36 -12.98 -1.49
N ILE A 25 10.47 -13.69 -0.35
CA ILE A 25 11.72 -14.39 0.04
C ILE A 25 11.57 -15.65 0.92
N GLY A 26 10.37 -16.21 0.99
CA GLY A 26 9.95 -17.37 1.78
C GLY A 26 9.93 -17.15 3.30
N PHE A 27 10.21 -15.93 3.72
CA PHE A 27 10.41 -15.45 5.09
C PHE A 27 9.17 -14.74 5.62
N GLU A 28 9.21 -14.34 6.89
CA GLU A 28 8.13 -13.69 7.62
C GLU A 28 8.56 -12.26 8.00
N GLU A 29 7.87 -11.24 7.47
CA GLU A 29 8.12 -9.81 7.72
C GLU A 29 6.88 -8.98 7.37
N ASP A 30 6.23 -8.35 8.35
CA ASP A 30 5.13 -7.41 8.11
C ASP A 30 5.77 -6.01 8.07
N ILE A 31 5.04 -5.01 7.58
CA ILE A 31 5.47 -3.62 7.62
C ILE A 31 4.22 -2.83 8.01
N LEU A 32 4.25 -2.23 9.20
CA LEU A 32 3.12 -1.48 9.73
C LEU A 32 3.21 -0.06 9.16
N ILE A 33 2.24 0.35 8.33
CA ILE A 33 2.22 1.68 7.72
C ILE A 33 1.51 2.66 8.67
N VAL A 34 0.27 2.34 9.00
CA VAL A 34 -0.65 3.16 9.77
C VAL A 34 -1.15 2.32 10.93
N SER A 35 -0.96 2.77 12.17
CA SER A 35 -1.51 2.14 13.35
C SER A 35 -2.27 3.30 13.96
N GLU A 36 -3.55 3.14 14.29
CA GLU A 36 -4.38 4.17 14.91
C GLU A 36 -4.22 5.59 14.28
N GLY A 37 -4.03 5.65 12.95
CA GLY A 37 -3.77 6.90 12.21
C GLY A 37 -2.39 7.55 12.48
N LYS A 38 -1.65 7.06 13.46
CA LYS A 38 -0.30 7.31 13.97
C LYS A 38 0.78 6.92 12.95
N MET A 39 0.56 7.14 11.66
CA MET A 39 1.44 6.69 10.56
C MET A 39 2.92 6.78 10.91
N ALA A 40 3.54 5.60 10.87
CA ALA A 40 4.95 5.40 11.10
C ALA A 40 5.76 6.14 10.04
N PRO A 41 7.07 6.36 10.27
CA PRO A 41 7.98 6.94 9.29
C PRO A 41 8.32 5.94 8.14
N PHE A 42 7.39 5.04 7.80
CA PHE A 42 7.55 3.95 6.83
C PHE A 42 8.03 4.46 5.48
N THR A 43 7.69 5.72 5.19
CA THR A 43 7.89 6.42 3.94
C THR A 43 9.35 6.40 3.52
N HIS A 44 10.27 6.54 4.49
CA HIS A 44 11.70 6.50 4.23
C HIS A 44 12.04 5.13 3.62
N ASP A 45 11.87 4.07 4.41
CA ASP A 45 12.27 2.72 4.01
C ASP A 45 11.48 2.18 2.83
N PHE A 46 10.27 2.70 2.60
CA PHE A 46 9.45 2.39 1.43
C PHE A 46 10.09 2.99 0.17
N ARG A 47 10.49 4.26 0.22
CA ARG A 47 11.06 5.00 -0.92
C ARG A 47 12.55 4.66 -1.17
N LYS A 48 13.25 4.15 -0.15
CA LYS A 48 14.69 3.86 -0.08
C LYS A 48 15.09 2.77 -1.08
N ALA A 49 16.39 2.48 -1.15
CA ALA A 49 16.89 1.37 -1.96
C ALA A 49 16.30 0.05 -1.45
N GLN A 50 16.51 -1.03 -2.21
CA GLN A 50 15.96 -2.36 -1.96
C GLN A 50 16.16 -2.78 -0.51
N GLN A 51 15.06 -3.07 0.20
CA GLN A 51 15.11 -3.63 1.53
C GLN A 51 13.92 -4.57 1.68
N ARG A 52 12.68 -4.06 1.69
CA ARG A 52 11.51 -4.93 1.87
C ARG A 52 10.29 -4.57 1.02
N MET A 53 10.23 -3.35 0.48
CA MET A 53 9.08 -2.82 -0.25
C MET A 53 9.41 -2.16 -1.59
N PRO A 54 10.44 -1.30 -1.72
CA PRO A 54 10.68 -0.56 -2.96
C PRO A 54 10.91 -1.47 -4.17
N ALA A 55 12.06 -2.13 -4.24
CA ALA A 55 12.44 -2.96 -5.37
C ALA A 55 11.69 -4.30 -5.28
N ILE A 56 10.98 -4.64 -6.36
CA ILE A 56 10.09 -5.77 -6.52
C ILE A 56 10.58 -6.54 -7.75
N PRO A 57 10.76 -7.87 -7.70
CA PRO A 57 11.12 -8.64 -8.89
C PRO A 57 9.89 -8.95 -9.75
N VAL A 58 10.10 -9.24 -11.04
CA VAL A 58 9.09 -9.67 -12.00
C VAL A 58 8.19 -10.78 -11.44
N ASN A 59 8.79 -11.69 -10.65
CA ASN A 59 8.13 -12.82 -9.97
C ASN A 59 6.93 -12.39 -9.14
N ILE A 60 7.03 -11.26 -8.44
CA ILE A 60 5.88 -10.73 -7.73
C ILE A 60 5.03 -10.11 -8.83
N HIS A 61 3.87 -10.69 -9.09
CA HIS A 61 2.93 -10.11 -10.03
C HIS A 61 2.12 -9.05 -9.31
N SER A 62 1.82 -9.28 -8.03
CA SER A 62 0.97 -8.44 -7.21
C SER A 62 1.47 -8.50 -5.78
N MET A 63 1.22 -7.44 -5.02
CA MET A 63 1.50 -7.39 -3.59
C MET A 63 0.16 -7.31 -2.90
N ASN A 64 0.14 -7.58 -1.60
CA ASN A 64 -1.05 -7.68 -0.80
C ASN A 64 -0.78 -6.90 0.47
N PHE A 65 -1.53 -5.82 0.64
CA PHE A 65 -1.53 -4.99 1.83
C PHE A 65 -2.76 -5.46 2.62
N THR A 66 -2.89 -5.04 3.87
CA THR A 66 -4.01 -5.39 4.73
C THR A 66 -4.36 -4.14 5.53
N TRP A 67 -5.64 -3.82 5.64
CA TRP A 67 -6.07 -2.70 6.46
C TRP A 67 -7.39 -3.01 7.15
N GLN A 68 -7.72 -2.21 8.17
CA GLN A 68 -8.98 -2.25 8.87
C GLN A 68 -9.21 -1.00 9.72
N ALA A 69 -10.46 -0.76 10.11
CA ALA A 69 -10.83 0.30 11.03
C ALA A 69 -11.19 -0.34 12.39
N ALA A 70 -11.17 0.44 13.46
CA ALA A 70 -11.37 -0.02 14.82
C ALA A 70 -12.88 -0.14 15.15
N GLY A 71 -13.43 -1.28 14.77
CA GLY A 71 -14.78 -1.83 14.98
C GLY A 71 -16.05 -1.02 14.68
N GLN A 72 -16.16 0.25 15.08
CA GLN A 72 -17.37 1.07 14.96
C GLN A 72 -17.24 2.33 14.06
N ALA A 73 -16.08 2.57 13.44
CA ALA A 73 -15.72 3.77 12.68
C ALA A 73 -15.22 3.67 11.22
N GLU A 74 -15.70 2.78 10.33
CA GLU A 74 -15.15 2.57 8.99
C GLU A 74 -14.72 3.88 8.31
N TYR A 75 -13.40 3.99 8.08
CA TYR A 75 -12.73 5.17 7.55
C TYR A 75 -12.86 5.08 6.03
N PHE A 76 -13.43 6.09 5.38
CA PHE A 76 -13.65 6.07 3.95
C PHE A 76 -12.30 6.34 3.30
N TYR A 77 -11.99 5.79 2.13
CA TYR A 77 -10.74 6.06 1.42
C TYR A 77 -11.00 6.39 -0.05
N GLU A 78 -10.02 7.03 -0.69
CA GLU A 78 -10.04 7.29 -2.12
C GLU A 78 -8.59 7.40 -2.61
N PHE A 79 -8.30 6.80 -3.76
CA PHE A 79 -6.97 6.71 -4.35
C PHE A 79 -6.69 7.95 -5.21
N LEU A 80 -5.88 8.87 -4.68
CA LEU A 80 -5.45 10.09 -5.36
C LEU A 80 -4.47 9.68 -6.48
N SER A 81 -3.59 8.71 -6.23
CA SER A 81 -2.62 8.22 -7.21
C SER A 81 -2.56 6.70 -7.24
N LEU A 82 -2.36 6.15 -8.45
CA LEU A 82 -2.12 4.76 -8.80
C LEU A 82 -1.81 4.76 -10.31
N ARG A 83 -0.54 4.83 -10.73
CA ARG A 83 -0.16 4.97 -12.16
C ARG A 83 1.30 4.53 -12.40
N SER A 84 1.67 4.07 -13.60
CA SER A 84 3.07 3.76 -13.94
C SER A 84 3.85 5.04 -14.24
N LEU A 85 5.01 5.20 -13.59
CA LEU A 85 5.88 6.32 -13.92
C LEU A 85 6.93 5.92 -14.95
N ASP A 86 7.33 4.65 -15.07
CA ASP A 86 8.26 4.30 -16.15
C ASP A 86 7.43 4.22 -17.44
N LYS A 87 8.08 4.20 -18.59
CA LYS A 87 7.48 4.27 -19.92
C LYS A 87 7.98 3.14 -20.79
N GLY A 88 9.27 2.87 -20.72
CA GLY A 88 9.90 1.74 -21.37
C GLY A 88 9.50 0.45 -20.63
N ILE A 89 9.99 0.28 -19.40
CA ILE A 89 9.78 -0.83 -18.47
C ILE A 89 8.35 -0.76 -17.87
N MET A 90 7.46 0.04 -18.45
CA MET A 90 6.12 0.38 -18.00
C MET A 90 5.36 -0.85 -17.50
N ALA A 91 4.69 -0.61 -16.38
CA ALA A 91 3.97 -1.57 -15.59
C ALA A 91 2.95 -0.76 -14.82
N ASP A 92 1.68 -0.96 -15.12
CA ASP A 92 0.63 -0.14 -14.53
C ASP A 92 0.02 -0.87 -13.36
N PRO A 93 0.04 -0.26 -12.16
CA PRO A 93 -0.57 -0.90 -11.01
C PRO A 93 -2.07 -1.00 -11.21
N THR A 94 -2.67 -2.00 -10.58
CA THR A 94 -4.11 -2.22 -10.53
C THR A 94 -4.45 -2.58 -9.08
N VAL A 95 -5.72 -2.48 -8.68
CA VAL A 95 -6.17 -2.90 -7.36
C VAL A 95 -7.35 -3.86 -7.46
N ASN A 96 -7.44 -4.76 -6.47
CA ASN A 96 -8.53 -5.69 -6.26
C ASN A 96 -9.66 -5.06 -5.44
N VAL A 97 -9.64 -3.74 -5.28
CA VAL A 97 -10.67 -2.95 -4.64
C VAL A 97 -10.97 -1.77 -5.58
N PRO A 98 -12.10 -1.07 -5.43
CA PRO A 98 -12.34 0.11 -6.22
C PRO A 98 -11.35 1.22 -5.82
N LEU A 99 -11.22 2.25 -6.68
CA LEU A 99 -10.42 3.44 -6.44
C LEU A 99 -10.93 4.24 -5.23
N LEU A 100 -12.13 3.97 -4.71
CA LEU A 100 -12.67 4.56 -3.49
C LEU A 100 -13.40 3.47 -2.72
N GLY A 101 -13.69 3.67 -1.45
CA GLY A 101 -14.35 2.65 -0.64
C GLY A 101 -14.23 2.95 0.84
N THR A 102 -14.41 1.96 1.70
CA THR A 102 -14.19 2.11 3.12
C THR A 102 -13.16 1.09 3.60
N VAL A 103 -12.44 1.44 4.65
CA VAL A 103 -11.50 0.59 5.34
C VAL A 103 -12.40 -0.07 6.41
N PRO A 104 -12.63 -1.39 6.33
CA PRO A 104 -13.60 -2.06 7.21
C PRO A 104 -13.07 -2.65 8.50
N HIS A 105 -13.98 -3.09 9.35
CA HIS A 105 -13.67 -3.55 10.70
C HIS A 105 -13.03 -4.93 10.82
N LYS A 106 -12.83 -5.59 9.68
CA LYS A 106 -12.10 -6.84 9.64
C LYS A 106 -10.86 -6.60 8.81
N ALA A 107 -9.71 -7.14 9.22
CA ALA A 107 -8.48 -7.10 8.44
C ALA A 107 -8.83 -7.62 7.05
N SER A 108 -8.78 -6.74 6.05
CA SER A 108 -9.15 -7.07 4.68
C SER A 108 -7.96 -6.76 3.81
N VAL A 109 -7.69 -7.67 2.88
CA VAL A 109 -6.53 -7.65 2.03
C VAL A 109 -6.83 -6.77 0.81
N VAL A 110 -5.88 -5.91 0.45
CA VAL A 110 -5.90 -5.08 -0.74
C VAL A 110 -4.78 -5.64 -1.61
N GLN A 111 -5.13 -6.39 -2.64
CA GLN A 111 -4.14 -6.85 -3.60
C GLN A 111 -3.92 -5.73 -4.60
N VAL A 112 -2.68 -5.30 -4.77
CA VAL A 112 -2.25 -4.35 -5.78
C VAL A 112 -1.60 -5.24 -6.83
N GLY A 113 -2.17 -5.34 -8.03
CA GLY A 113 -1.60 -6.05 -9.15
C GLY A 113 -0.60 -5.15 -9.85
N PHE A 114 0.42 -5.72 -10.49
CA PHE A 114 1.41 -4.96 -11.25
C PHE A 114 1.65 -5.61 -12.61
N PRO A 115 0.71 -5.50 -13.56
CA PRO A 115 0.90 -5.97 -14.92
C PRO A 115 1.97 -5.10 -15.58
N CYS A 116 3.11 -5.73 -15.90
CA CYS A 116 4.20 -5.12 -16.65
C CYS A 116 3.93 -5.38 -18.12
N LEU A 117 4.39 -4.50 -19.01
CA LEU A 117 4.12 -4.64 -20.44
C LEU A 117 4.90 -5.82 -21.06
N GLY A 118 5.87 -6.39 -20.32
CA GLY A 118 6.62 -7.58 -20.65
C GLY A 118 7.40 -7.56 -21.96
N LYS A 119 7.74 -6.39 -22.50
CA LYS A 119 8.55 -6.32 -23.73
C LYS A 119 9.87 -5.58 -23.56
N GLN A 120 9.94 -4.63 -22.62
CA GLN A 120 11.17 -3.96 -22.26
C GLN A 120 11.73 -4.69 -21.04
N ASP A 121 13.03 -4.60 -20.79
CA ASP A 121 13.72 -5.15 -19.63
C ASP A 121 14.21 -3.97 -18.79
N GLY A 122 14.33 -4.13 -17.47
CA GLY A 122 14.90 -3.11 -16.59
C GLY A 122 14.14 -3.03 -15.27
N VAL A 123 14.21 -1.87 -14.62
CA VAL A 123 13.46 -1.60 -13.39
C VAL A 123 12.61 -0.35 -13.64
N ALA A 124 11.29 -0.52 -13.63
CA ALA A 124 10.32 0.56 -13.72
C ALA A 124 10.02 1.09 -12.32
N ALA A 125 9.25 2.18 -12.28
CA ALA A 125 8.72 2.80 -11.08
C ALA A 125 7.22 3.05 -11.33
N PHE A 126 6.40 3.00 -10.29
CA PHE A 126 4.98 3.35 -10.33
C PHE A 126 4.61 3.98 -8.99
N GLU A 127 3.61 4.86 -8.99
CA GLU A 127 3.22 5.66 -7.85
C GLU A 127 1.84 5.24 -7.33
N VAL A 128 1.63 5.37 -6.01
CA VAL A 128 0.35 5.16 -5.35
C VAL A 128 0.23 6.23 -4.26
N ASP A 129 -0.98 6.74 -4.00
CA ASP A 129 -1.27 7.68 -2.93
C ASP A 129 -2.77 7.62 -2.63
N VAL A 130 -3.19 7.58 -1.37
CA VAL A 130 -4.57 7.41 -0.97
C VAL A 130 -4.85 8.32 0.22
N ILE A 131 -5.94 9.06 0.11
CA ILE A 131 -6.45 9.90 1.18
C ILE A 131 -7.59 9.14 1.84
N VAL A 132 -7.98 9.61 3.01
CA VAL A 132 -8.96 8.97 3.86
C VAL A 132 -9.79 10.08 4.49
N MET A 133 -11.09 9.83 4.53
CA MET A 133 -12.10 10.73 5.02
C MET A 133 -13.09 9.94 5.87
N ASN A 134 -14.03 10.62 6.49
CA ASN A 134 -15.11 9.95 7.20
C ASN A 134 -16.21 9.77 6.13
N SER A 135 -17.34 9.12 6.45
CA SER A 135 -18.39 8.87 5.46
C SER A 135 -19.09 10.17 4.98
N GLU A 136 -18.77 11.36 5.50
CA GLU A 136 -19.29 12.63 5.01
C GLU A 136 -18.37 13.20 3.91
N GLY A 137 -17.14 12.68 3.78
CA GLY A 137 -16.12 13.19 2.90
C GLY A 137 -15.15 14.14 3.60
N ASN A 138 -15.31 14.39 4.91
CA ASN A 138 -14.35 15.20 5.67
C ASN A 138 -13.06 14.39 5.83
N THR A 139 -11.98 14.88 5.24
CA THR A 139 -10.66 14.25 5.21
C THR A 139 -10.12 14.20 6.65
N ILE A 140 -9.41 13.12 6.99
CA ILE A 140 -8.91 12.85 8.34
C ILE A 140 -7.50 12.26 8.37
N LEU A 141 -7.19 11.39 7.42
CA LEU A 141 -5.90 10.70 7.30
C LEU A 141 -5.47 10.82 5.83
N GLN A 142 -4.18 10.95 5.54
CA GLN A 142 -3.69 11.12 4.17
C GLN A 142 -2.31 10.49 4.07
N THR A 143 -2.16 9.61 3.09
CA THR A 143 -0.87 8.96 2.80
C THR A 143 0.11 10.04 2.34
N PRO A 144 1.40 9.98 2.68
CA PRO A 144 2.34 10.95 2.14
C PRO A 144 2.68 10.57 0.71
N GLN A 145 2.83 11.59 -0.12
CA GLN A 145 3.22 11.38 -1.50
C GLN A 145 4.72 11.17 -1.43
N ASN A 146 5.12 9.94 -1.75
CA ASN A 146 6.46 9.35 -1.70
C ASN A 146 6.39 7.85 -2.01
N ALA A 147 5.20 7.24 -1.90
CA ALA A 147 4.98 5.81 -2.06
C ALA A 147 5.11 5.43 -3.54
N ILE A 148 6.37 5.32 -3.97
CA ILE A 148 6.79 4.86 -5.27
C ILE A 148 7.25 3.42 -5.05
N PHE A 149 6.76 2.49 -5.86
CA PHE A 149 7.19 1.11 -5.88
C PHE A 149 8.06 0.97 -7.12
N PHE A 150 8.97 0.00 -7.16
CA PHE A 150 9.94 -0.15 -8.24
C PHE A 150 9.92 -1.60 -8.70
N LYS A 151 9.47 -1.89 -9.93
CA LYS A 151 9.30 -3.27 -10.40
C LYS A 151 10.34 -3.57 -11.46
N THR A 152 11.11 -4.63 -11.21
CA THR A 152 12.10 -5.17 -12.12
C THR A 152 11.33 -6.07 -13.06
N CYS A 153 11.27 -5.73 -14.35
CA CYS A 153 10.65 -6.55 -15.38
C CYS A 153 11.71 -7.02 -16.38
N LEU A 154 11.34 -8.00 -17.18
CA LEU A 154 12.11 -8.52 -18.29
C LEU A 154 11.14 -8.83 -19.42
N GLN A 155 11.64 -8.91 -20.65
CA GLN A 155 10.87 -9.27 -21.82
C GLN A 155 10.44 -10.74 -21.74
N ALA A 156 9.14 -11.01 -21.92
CA ALA A 156 8.56 -12.34 -21.95
C ALA A 156 7.22 -12.33 -22.71
N GLU A 157 7.14 -13.09 -23.80
CA GLU A 157 5.99 -13.37 -24.63
C GLU A 157 6.15 -14.84 -25.04
N GLY A 1 3.69 13.33 26.14
CA GLY A 1 4.75 12.69 25.35
C GLY A 1 5.40 13.76 24.51
N SER A 2 5.15 13.78 23.19
CA SER A 2 4.73 15.05 22.62
C SER A 2 3.43 15.39 23.36
N HIS A 3 3.22 16.64 23.79
CA HIS A 3 2.05 16.92 24.62
C HIS A 3 0.85 17.32 23.77
N MET A 4 -0.09 16.40 23.85
CA MET A 4 -1.44 16.18 23.38
C MET A 4 -1.96 15.15 24.41
N LEU A 5 -3.22 14.74 24.34
CA LEU A 5 -3.70 13.66 25.22
C LEU A 5 -2.79 12.46 24.95
N ASP A 6 -2.00 12.04 25.94
CA ASP A 6 -1.17 10.85 25.87
C ASP A 6 -2.11 9.68 26.09
N GLN A 7 -2.30 8.86 25.06
CA GLN A 7 -3.09 7.68 25.02
C GLN A 7 -2.74 7.03 23.67
N GLN A 8 -3.23 5.83 23.54
CA GLN A 8 -3.24 4.96 22.38
C GLN A 8 -4.70 4.53 22.27
N GLU A 9 -5.36 4.96 21.20
CA GLU A 9 -6.78 4.78 20.96
C GLU A 9 -6.97 3.94 19.71
N GLU A 10 -8.20 3.52 19.44
CA GLU A 10 -8.43 2.86 18.17
C GLU A 10 -8.58 3.96 17.11
N SER A 11 -8.19 3.63 15.89
CA SER A 11 -8.30 4.37 14.63
C SER A 11 -7.76 3.49 13.50
N LEU A 12 -7.83 3.95 12.25
CA LEU A 12 -7.42 3.23 11.04
C LEU A 12 -6.08 2.51 11.24
N TYR A 13 -6.02 1.22 10.95
CA TYR A 13 -4.82 0.40 10.97
C TYR A 13 -4.56 -0.08 9.53
N LEU A 14 -3.35 0.11 8.99
CA LEU A 14 -2.95 -0.29 7.64
C LEU A 14 -1.54 -0.83 7.73
N TRP A 15 -1.31 -2.09 7.35
CA TRP A 15 0.01 -2.68 7.34
C TRP A 15 0.18 -3.56 6.11
N ILE A 16 1.38 -4.10 5.89
CA ILE A 16 1.63 -5.07 4.84
C ILE A 16 1.96 -6.28 5.69
N ASP A 17 1.11 -7.31 5.64
CA ASP A 17 1.26 -8.46 6.51
C ASP A 17 2.40 -9.38 6.04
N ALA A 18 2.99 -10.03 7.03
CA ALA A 18 4.18 -10.84 6.85
C ALA A 18 3.91 -12.13 6.07
N HIS A 19 2.68 -12.66 6.12
CA HIS A 19 2.34 -13.94 5.52
C HIS A 19 2.47 -13.80 4.01
N GLN A 20 1.94 -12.68 3.48
CA GLN A 20 2.09 -12.35 2.08
C GLN A 20 3.58 -12.30 1.76
N ALA A 21 4.37 -11.48 2.47
CA ALA A 21 5.80 -11.39 2.19
C ALA A 21 6.47 -12.76 2.19
N ARG A 22 6.15 -13.69 3.10
CA ARG A 22 6.69 -15.03 3.01
C ARG A 22 6.40 -15.60 1.63
N VAL A 23 5.13 -15.74 1.27
CA VAL A 23 4.69 -16.26 -0.03
C VAL A 23 5.41 -15.54 -1.19
N LEU A 24 5.88 -14.31 -0.99
CA LEU A 24 6.57 -13.54 -1.98
C LEU A 24 8.08 -13.81 -2.07
N ILE A 25 8.75 -13.99 -0.92
CA ILE A 25 10.22 -14.09 -0.85
C ILE A 25 10.81 -15.08 0.18
N GLY A 26 9.98 -15.95 0.71
CA GLY A 26 10.20 -16.92 1.78
C GLY A 26 10.58 -16.34 3.15
N PHE A 27 10.70 -15.02 3.22
CA PHE A 27 11.08 -14.18 4.34
C PHE A 27 9.79 -13.56 4.89
N GLU A 28 9.62 -13.47 6.20
CA GLU A 28 8.39 -13.04 6.85
C GLU A 28 8.69 -11.97 7.90
N GLU A 29 8.22 -10.74 7.68
CA GLU A 29 8.25 -9.57 8.56
C GLU A 29 7.01 -8.75 8.15
N ASP A 30 6.28 -8.12 9.07
CA ASP A 30 5.18 -7.21 8.72
C ASP A 30 5.79 -5.81 8.57
N ILE A 31 5.04 -4.87 8.00
CA ILE A 31 5.46 -3.48 7.93
C ILE A 31 4.19 -2.69 8.28
N LEU A 32 4.21 -2.02 9.42
CA LEU A 32 3.08 -1.26 9.94
C LEU A 32 3.17 0.15 9.34
N ILE A 33 2.20 0.53 8.50
CA ILE A 33 2.17 1.84 7.85
C ILE A 33 1.42 2.81 8.76
N VAL A 34 0.15 2.52 9.02
CA VAL A 34 -0.78 3.36 9.75
C VAL A 34 -1.17 2.60 11.00
N SER A 35 -0.79 3.12 12.16
CA SER A 35 -1.19 2.62 13.46
C SER A 35 -2.12 3.66 14.03
N GLU A 36 -3.40 3.34 14.24
CA GLU A 36 -4.43 4.26 14.76
C GLU A 36 -4.41 5.64 14.05
N GLY A 37 -4.14 5.68 12.74
CA GLY A 37 -4.01 6.92 11.94
C GLY A 37 -2.68 7.68 12.19
N LYS A 38 -2.10 7.42 13.34
CA LYS A 38 -0.87 7.81 14.04
C LYS A 38 0.37 7.23 13.32
N MET A 39 0.36 7.21 11.97
CA MET A 39 1.36 6.59 11.11
C MET A 39 2.80 6.70 11.60
N ALA A 40 3.48 5.57 11.49
CA ALA A 40 4.90 5.43 11.75
C ALA A 40 5.66 6.21 10.66
N PRO A 41 6.94 6.52 10.86
CA PRO A 41 7.81 7.15 9.86
C PRO A 41 8.20 6.15 8.74
N PHE A 42 7.31 5.23 8.37
CA PHE A 42 7.54 4.14 7.43
C PHE A 42 8.04 4.63 6.07
N THR A 43 7.70 5.88 5.74
CA THR A 43 7.93 6.53 4.47
C THR A 43 9.42 6.62 4.15
N HIS A 44 10.25 6.80 5.19
CA HIS A 44 11.69 6.87 5.08
C HIS A 44 12.20 5.58 4.45
N ASP A 45 12.03 4.45 5.16
CA ASP A 45 12.48 3.16 4.66
C ASP A 45 11.80 2.74 3.38
N PHE A 46 10.49 2.95 3.25
CA PHE A 46 9.71 2.57 2.08
C PHE A 46 10.29 3.18 0.80
N ARG A 47 10.57 4.49 0.79
CA ARG A 47 11.10 5.14 -0.42
C ARG A 47 12.62 4.91 -0.53
N LYS A 48 13.34 4.77 0.58
CA LYS A 48 14.76 4.42 0.59
C LYS A 48 14.86 2.96 0.14
N ALA A 49 16.06 2.43 -0.12
CA ALA A 49 16.15 1.01 -0.41
C ALA A 49 15.87 0.29 0.92
N GLN A 50 14.75 -0.41 1.01
CA GLN A 50 14.39 -1.27 2.13
C GLN A 50 14.80 -2.69 1.75
N GLN A 51 14.63 -3.65 2.67
CA GLN A 51 14.85 -5.08 2.46
C GLN A 51 14.24 -5.56 1.14
N ARG A 52 13.01 -5.17 0.80
CA ARG A 52 12.41 -5.51 -0.49
C ARG A 52 11.32 -4.55 -0.98
N MET A 53 10.75 -3.67 -0.15
CA MET A 53 9.62 -2.84 -0.56
C MET A 53 9.71 -2.18 -1.94
N PRO A 54 10.67 -1.27 -2.21
CA PRO A 54 10.71 -0.56 -3.48
C PRO A 54 10.96 -1.47 -4.68
N ALA A 55 12.17 -2.06 -4.74
CA ALA A 55 12.63 -2.88 -5.86
C ALA A 55 11.88 -4.22 -5.86
N ILE A 56 11.09 -4.44 -6.90
CA ILE A 56 10.22 -5.59 -7.09
C ILE A 56 10.69 -6.27 -8.38
N PRO A 57 11.13 -7.54 -8.36
CA PRO A 57 11.49 -8.25 -9.56
C PRO A 57 10.23 -8.67 -10.32
N VAL A 58 10.38 -8.90 -11.64
CA VAL A 58 9.37 -9.38 -12.57
C VAL A 58 8.48 -10.50 -11.97
N ASN A 59 9.12 -11.44 -11.27
CA ASN A 59 8.50 -12.62 -10.65
C ASN A 59 7.38 -12.28 -9.68
N ILE A 60 7.49 -11.19 -8.92
CA ILE A 60 6.39 -10.76 -8.08
C ILE A 60 5.38 -10.23 -9.10
N HIS A 61 4.25 -10.91 -9.25
CA HIS A 61 3.18 -10.40 -10.08
C HIS A 61 2.38 -9.40 -9.28
N SER A 62 2.16 -9.69 -8.00
CA SER A 62 1.30 -8.91 -7.13
C SER A 62 1.85 -8.93 -5.71
N MET A 63 1.32 -8.02 -4.90
CA MET A 63 1.52 -7.87 -3.48
C MET A 63 0.12 -7.87 -2.88
N ASN A 64 0.04 -7.92 -1.56
CA ASN A 64 -1.19 -7.79 -0.80
C ASN A 64 -0.82 -6.94 0.40
N PHE A 65 -1.69 -6.00 0.73
CA PHE A 65 -1.62 -5.16 1.92
C PHE A 65 -2.78 -5.63 2.80
N THR A 66 -2.83 -5.18 4.03
CA THR A 66 -3.89 -5.53 4.96
C THR A 66 -4.26 -4.25 5.69
N TRP A 67 -5.54 -3.93 5.75
CA TRP A 67 -5.98 -2.79 6.53
C TRP A 67 -7.32 -3.08 7.18
N GLN A 68 -7.67 -2.23 8.14
CA GLN A 68 -8.96 -2.26 8.77
C GLN A 68 -9.18 -1.01 9.62
N ALA A 69 -10.44 -0.69 9.84
CA ALA A 69 -10.83 0.38 10.74
C ALA A 69 -10.68 -0.15 12.17
N ALA A 70 -11.12 0.70 13.07
CA ALA A 70 -11.27 0.60 14.47
C ALA A 70 -12.76 0.45 14.65
N GLY A 71 -13.13 -0.52 15.44
CA GLY A 71 -14.41 -1.11 15.80
C GLY A 71 -15.71 -0.40 15.36
N GLN A 72 -15.94 0.88 15.67
CA GLN A 72 -17.15 1.63 15.29
C GLN A 72 -16.88 2.84 14.35
N ALA A 73 -15.68 2.93 13.81
CA ALA A 73 -15.09 4.01 13.00
C ALA A 73 -14.73 3.77 11.52
N GLU A 74 -15.47 3.02 10.69
CA GLU A 74 -15.07 2.81 9.29
C GLU A 74 -14.64 4.14 8.65
N TYR A 75 -13.34 4.22 8.31
CA TYR A 75 -12.73 5.35 7.64
C TYR A 75 -12.98 5.19 6.15
N PHE A 76 -13.38 6.23 5.45
CA PHE A 76 -13.66 6.17 4.03
C PHE A 76 -12.29 6.34 3.35
N TYR A 77 -12.03 5.71 2.21
CA TYR A 77 -10.78 5.90 1.46
C TYR A 77 -11.08 6.19 -0.01
N GLU A 78 -10.11 6.77 -0.72
CA GLU A 78 -10.20 6.97 -2.15
C GLU A 78 -8.78 7.03 -2.69
N PHE A 79 -8.53 6.33 -3.80
CA PHE A 79 -7.24 6.23 -4.45
C PHE A 79 -7.06 7.42 -5.39
N LEU A 80 -6.25 8.40 -4.97
CA LEU A 80 -5.88 9.55 -5.78
C LEU A 80 -4.97 9.05 -6.91
N SER A 81 -3.90 8.35 -6.53
CA SER A 81 -2.93 7.76 -7.43
C SER A 81 -2.66 6.30 -7.08
N LEU A 82 -2.51 5.53 -8.14
CA LEU A 82 -2.10 4.14 -8.20
C LEU A 82 -1.77 4.14 -9.69
N ARG A 83 -0.53 4.40 -10.09
CA ARG A 83 -0.22 4.55 -11.53
C ARG A 83 1.24 4.31 -11.84
N SER A 84 1.51 3.76 -13.03
CA SER A 84 2.87 3.58 -13.52
C SER A 84 3.42 4.89 -14.07
N LEU A 85 4.76 4.98 -14.09
CA LEU A 85 5.47 6.17 -14.51
C LEU A 85 6.39 5.91 -15.69
N ASP A 86 6.90 4.70 -15.93
CA ASP A 86 7.84 4.53 -17.06
C ASP A 86 7.12 4.40 -18.40
N LYS A 87 7.84 4.65 -19.48
CA LYS A 87 7.53 4.56 -20.89
C LYS A 87 8.18 3.35 -21.55
N GLY A 88 9.45 3.08 -21.24
CA GLY A 88 10.17 1.90 -21.71
C GLY A 88 9.59 0.64 -21.09
N ILE A 89 9.87 0.41 -19.81
CA ILE A 89 9.52 -0.72 -18.94
C ILE A 89 8.05 -0.61 -18.49
N MET A 90 7.24 0.07 -19.30
CA MET A 90 5.82 0.36 -19.12
C MET A 90 5.10 -0.88 -18.62
N ALA A 91 4.18 -0.62 -17.71
CA ALA A 91 3.38 -1.51 -16.92
C ALA A 91 2.25 -0.65 -16.36
N ASP A 92 1.31 -1.24 -15.65
CA ASP A 92 0.25 -0.54 -14.92
C ASP A 92 -0.10 -1.29 -13.65
N PRO A 93 0.15 -0.70 -12.47
CA PRO A 93 -0.27 -1.32 -11.23
C PRO A 93 -1.80 -1.25 -11.16
N THR A 94 -2.39 -2.23 -10.50
CA THR A 94 -3.84 -2.41 -10.37
C THR A 94 -4.14 -2.79 -8.93
N VAL A 95 -5.39 -2.64 -8.49
CA VAL A 95 -5.84 -3.06 -7.15
C VAL A 95 -7.06 -3.97 -7.29
N ASN A 96 -7.26 -4.84 -6.31
CA ASN A 96 -8.41 -5.75 -6.20
C ASN A 96 -9.54 -5.14 -5.36
N VAL A 97 -9.62 -3.82 -5.30
CA VAL A 97 -10.69 -3.07 -4.64
C VAL A 97 -11.12 -1.93 -5.58
N PRO A 98 -12.30 -1.32 -5.36
CA PRO A 98 -12.69 -0.16 -6.13
C PRO A 98 -11.76 1.02 -5.78
N LEU A 99 -11.74 2.03 -6.64
CA LEU A 99 -10.95 3.25 -6.47
C LEU A 99 -11.41 4.05 -5.23
N LEU A 100 -12.55 3.75 -4.62
CA LEU A 100 -13.01 4.37 -3.38
C LEU A 100 -13.73 3.29 -2.56
N GLY A 101 -13.98 3.54 -1.28
CA GLY A 101 -14.69 2.60 -0.44
C GLY A 101 -14.50 2.95 1.03
N THR A 102 -14.77 2.02 1.93
CA THR A 102 -14.51 2.20 3.35
C THR A 102 -13.50 1.14 3.77
N VAL A 103 -12.65 1.50 4.73
CA VAL A 103 -11.70 0.61 5.37
C VAL A 103 -12.55 -0.08 6.44
N PRO A 104 -12.81 -1.39 6.36
CA PRO A 104 -13.72 -2.07 7.27
C PRO A 104 -13.02 -2.48 8.56
N HIS A 105 -13.72 -2.62 9.69
CA HIS A 105 -13.11 -2.88 11.02
C HIS A 105 -12.51 -4.28 11.15
N LYS A 106 -12.58 -5.04 10.07
CA LYS A 106 -12.22 -6.42 9.95
C LYS A 106 -11.04 -6.51 8.99
N ALA A 107 -9.87 -7.02 9.43
CA ALA A 107 -8.66 -7.14 8.62
C ALA A 107 -9.02 -7.67 7.23
N SER A 108 -8.93 -6.78 6.24
CA SER A 108 -9.24 -7.10 4.86
C SER A 108 -7.98 -6.90 4.06
N VAL A 109 -7.76 -7.82 3.13
CA VAL A 109 -6.55 -7.91 2.33
C VAL A 109 -6.83 -7.21 0.99
N VAL A 110 -5.90 -6.39 0.53
CA VAL A 110 -6.00 -5.64 -0.70
C VAL A 110 -4.84 -6.08 -1.59
N GLN A 111 -5.13 -6.89 -2.61
CA GLN A 111 -4.14 -7.27 -3.59
C GLN A 111 -3.84 -6.05 -4.47
N VAL A 112 -2.58 -5.90 -4.85
CA VAL A 112 -2.08 -4.90 -5.78
C VAL A 112 -1.35 -5.72 -6.83
N GLY A 113 -1.83 -5.77 -8.08
CA GLY A 113 -1.26 -6.53 -9.15
C GLY A 113 -0.44 -5.63 -10.06
N PHE A 114 0.62 -6.15 -10.67
CA PHE A 114 1.56 -5.35 -11.46
C PHE A 114 1.83 -6.00 -12.83
N PRO A 115 0.88 -5.96 -13.78
CA PRO A 115 1.11 -6.42 -15.14
C PRO A 115 2.09 -5.45 -15.82
N CYS A 116 3.15 -5.99 -16.43
CA CYS A 116 4.14 -5.23 -17.20
C CYS A 116 3.87 -5.51 -18.68
N LEU A 117 4.25 -4.59 -19.57
CA LEU A 117 4.14 -4.83 -21.02
C LEU A 117 5.16 -5.86 -21.50
N GLY A 118 6.15 -6.19 -20.65
CA GLY A 118 7.15 -7.22 -20.80
C GLY A 118 8.09 -7.07 -21.98
N LYS A 119 8.03 -5.98 -22.77
CA LYS A 119 8.85 -5.93 -23.98
C LYS A 119 10.18 -5.23 -23.81
N GLN A 120 10.29 -4.22 -22.93
CA GLN A 120 11.57 -3.59 -22.62
C GLN A 120 12.12 -4.25 -21.35
N ASP A 121 13.44 -4.34 -21.28
CA ASP A 121 14.17 -4.82 -20.11
C ASP A 121 14.57 -3.59 -19.30
N GLY A 122 14.56 -3.68 -17.97
CA GLY A 122 14.96 -2.57 -17.10
C GLY A 122 14.07 -2.49 -15.88
N VAL A 123 13.95 -1.29 -15.29
CA VAL A 123 13.19 -1.07 -14.08
C VAL A 123 12.28 0.14 -14.28
N ALA A 124 10.96 -0.08 -14.27
CA ALA A 124 9.98 0.99 -14.30
C ALA A 124 9.67 1.37 -12.86
N ALA A 125 8.98 2.49 -12.66
CA ALA A 125 8.49 2.92 -11.35
C ALA A 125 6.98 3.12 -11.41
N PHE A 126 6.29 3.07 -10.27
CA PHE A 126 4.87 3.37 -10.13
C PHE A 126 4.64 4.03 -8.78
N GLU A 127 3.66 4.91 -8.69
CA GLU A 127 3.34 5.74 -7.53
C GLU A 127 2.01 5.32 -6.91
N VAL A 128 1.81 5.65 -5.62
CA VAL A 128 0.55 5.45 -4.91
C VAL A 128 0.31 6.65 -3.97
N ASP A 129 -0.93 7.12 -3.91
CA ASP A 129 -1.44 8.15 -3.01
C ASP A 129 -2.91 7.83 -2.79
N VAL A 130 -3.32 7.55 -1.55
CA VAL A 130 -4.69 7.27 -1.19
C VAL A 130 -5.00 8.21 -0.04
N ILE A 131 -6.05 8.98 -0.23
CA ILE A 131 -6.59 9.85 0.79
C ILE A 131 -7.63 9.03 1.55
N VAL A 132 -8.00 9.55 2.69
CA VAL A 132 -8.92 8.94 3.63
C VAL A 132 -9.71 10.08 4.24
N MET A 133 -11.01 9.87 4.34
CA MET A 133 -11.97 10.84 4.82
C MET A 133 -12.96 10.14 5.74
N ASN A 134 -13.84 10.91 6.36
CA ASN A 134 -14.94 10.35 7.15
C ASN A 134 -16.09 10.18 6.14
N SER A 135 -17.24 9.60 6.52
CA SER A 135 -18.33 9.42 5.57
C SER A 135 -18.92 10.77 5.08
N GLU A 136 -18.61 11.87 5.76
CA GLU A 136 -19.00 13.23 5.40
C GLU A 136 -18.06 13.79 4.31
N GLY A 137 -17.04 13.03 3.90
CA GLY A 137 -16.09 13.41 2.85
C GLY A 137 -14.99 14.35 3.36
N ASN A 138 -14.93 14.61 4.66
CA ASN A 138 -13.89 15.47 5.23
C ASN A 138 -12.65 14.63 5.41
N THR A 139 -11.56 15.02 4.74
CA THR A 139 -10.29 14.32 4.71
C THR A 139 -9.67 14.35 6.12
N ILE A 140 -9.00 13.27 6.50
CA ILE A 140 -8.42 13.06 7.83
C ILE A 140 -7.05 12.39 7.81
N LEU A 141 -6.84 11.43 6.90
CA LEU A 141 -5.58 10.69 6.73
C LEU A 141 -5.26 10.72 5.22
N GLN A 142 -3.98 10.69 4.85
CA GLN A 142 -3.52 10.64 3.47
C GLN A 142 -2.21 9.87 3.43
N THR A 143 -1.95 9.19 2.32
CA THR A 143 -0.72 8.44 2.10
C THR A 143 0.34 9.46 1.69
N PRO A 144 1.39 9.71 2.49
CA PRO A 144 2.32 10.78 2.17
C PRO A 144 2.99 10.53 0.83
N GLN A 145 3.14 11.61 0.08
CA GLN A 145 3.62 11.50 -1.27
C GLN A 145 5.11 11.26 -1.14
N ASN A 146 5.50 10.05 -1.54
CA ASN A 146 6.81 9.42 -1.46
C ASN A 146 6.68 7.97 -1.91
N ALA A 147 5.53 7.36 -1.59
CA ALA A 147 5.21 5.96 -1.79
C ALA A 147 5.30 5.59 -3.28
N ILE A 148 6.49 5.17 -3.69
CA ILE A 148 6.80 4.70 -5.04
C ILE A 148 7.40 3.32 -4.88
N PHE A 149 7.17 2.50 -5.90
CA PHE A 149 7.72 1.16 -6.03
C PHE A 149 8.37 1.10 -7.40
N PHE A 150 9.22 0.08 -7.61
CA PHE A 150 10.03 -0.06 -8.80
C PHE A 150 9.90 -1.49 -9.30
N LYS A 151 9.30 -1.72 -10.47
CA LYS A 151 9.18 -3.07 -10.99
C LYS A 151 10.24 -3.28 -12.05
N THR A 152 11.09 -4.26 -11.83
CA THR A 152 12.10 -4.70 -12.77
C THR A 152 11.38 -5.67 -13.71
N CYS A 153 11.27 -5.35 -14.99
CA CYS A 153 10.75 -6.26 -16.00
C CYS A 153 11.88 -6.67 -16.93
N LEU A 154 11.67 -7.75 -17.68
CA LEU A 154 12.58 -8.23 -18.70
C LEU A 154 11.73 -8.67 -19.89
N GLN A 155 12.38 -8.74 -21.04
CA GLN A 155 11.83 -9.02 -22.36
C GLN A 155 11.24 -10.42 -22.43
N ALA A 156 9.92 -10.51 -22.61
CA ALA A 156 9.17 -11.74 -22.77
C ALA A 156 7.89 -11.44 -23.57
N GLU A 157 7.37 -12.49 -24.18
CA GLU A 157 6.14 -12.66 -24.92
C GLU A 157 5.76 -14.13 -24.73
N GLY A 1 -11.30 4.90 30.59
CA GLY A 1 -12.10 4.43 31.73
C GLY A 1 -12.75 5.61 32.43
N SER A 2 -13.90 5.41 33.08
CA SER A 2 -14.87 6.44 33.49
C SER A 2 -14.21 7.69 34.07
N HIS A 3 -14.35 8.77 33.31
CA HIS A 3 -13.81 10.11 33.39
C HIS A 3 -14.62 10.93 32.37
N MET A 4 -14.39 12.25 32.24
CA MET A 4 -15.00 13.08 31.17
C MET A 4 -14.88 12.28 29.84
N LEU A 5 -15.41 12.73 28.68
CA LEU A 5 -15.46 11.92 27.44
C LEU A 5 -14.13 11.19 27.23
N ASP A 6 -14.33 9.87 27.36
CA ASP A 6 -13.39 8.77 27.39
C ASP A 6 -12.85 8.31 26.05
N GLN A 7 -11.93 7.35 26.13
CA GLN A 7 -11.32 6.63 25.06
C GLN A 7 -12.43 5.91 24.31
N GLN A 8 -12.55 6.43 23.12
CA GLN A 8 -13.39 5.96 22.03
C GLN A 8 -12.66 4.76 21.39
N GLU A 9 -13.28 4.12 20.41
CA GLU A 9 -12.64 3.06 19.65
C GLU A 9 -11.35 3.61 19.01
N GLU A 10 -10.45 2.68 18.69
CA GLU A 10 -9.21 2.90 17.97
C GLU A 10 -9.50 3.39 16.54
N SER A 11 -8.44 3.69 15.79
CA SER A 11 -8.52 4.27 14.46
C SER A 11 -7.77 3.45 13.42
N LEU A 12 -7.85 3.89 12.16
CA LEU A 12 -7.36 3.25 10.95
C LEU A 12 -5.96 2.65 11.10
N TYR A 13 -5.85 1.35 10.82
CA TYR A 13 -4.64 0.52 10.76
C TYR A 13 -4.43 0.08 9.30
N LEU A 14 -3.19 0.03 8.82
CA LEU A 14 -2.82 -0.35 7.45
C LEU A 14 -1.40 -0.93 7.51
N TRP A 15 -1.18 -2.17 7.08
CA TRP A 15 0.14 -2.80 7.02
C TRP A 15 0.31 -3.59 5.72
N ILE A 16 1.49 -4.16 5.47
CA ILE A 16 1.79 -5.05 4.35
C ILE A 16 2.03 -6.39 5.03
N ASP A 17 1.46 -7.49 4.52
CA ASP A 17 1.56 -8.75 5.23
C ASP A 17 2.91 -9.45 5.03
N ALA A 18 3.17 -10.39 5.94
CA ALA A 18 4.40 -11.14 6.00
C ALA A 18 4.45 -12.26 4.96
N HIS A 19 3.30 -12.77 4.54
CA HIS A 19 3.17 -13.89 3.63
C HIS A 19 3.77 -13.50 2.29
N GLN A 20 3.48 -12.28 1.86
CA GLN A 20 3.99 -11.71 0.63
C GLN A 20 5.50 -11.61 0.69
N ALA A 21 6.04 -11.14 1.81
CA ALA A 21 7.47 -11.07 2.01
C ALA A 21 8.11 -12.45 1.92
N ARG A 22 7.44 -13.52 2.38
CA ARG A 22 7.97 -14.86 2.19
C ARG A 22 8.21 -15.04 0.69
N VAL A 23 7.18 -14.87 -0.14
CA VAL A 23 7.28 -15.00 -1.59
C VAL A 23 8.38 -14.08 -2.17
N LEU A 24 8.75 -12.99 -1.49
CA LEU A 24 9.84 -12.12 -1.89
C LEU A 24 11.22 -12.65 -1.56
N ILE A 25 11.43 -13.28 -0.39
CA ILE A 25 12.78 -13.67 0.06
C ILE A 25 12.90 -14.92 0.96
N GLY A 26 11.84 -15.69 1.01
CA GLY A 26 11.62 -16.86 1.86
C GLY A 26 11.58 -16.55 3.37
N PHE A 27 11.74 -15.29 3.73
CA PHE A 27 11.77 -14.70 5.05
C PHE A 27 10.40 -14.07 5.28
N GLU A 28 9.83 -14.15 6.48
CA GLU A 28 8.47 -13.72 6.75
C GLU A 28 8.43 -12.73 7.93
N GLU A 29 8.07 -11.48 7.67
CA GLU A 29 7.83 -10.38 8.61
C GLU A 29 6.88 -9.40 7.90
N ASP A 30 5.87 -8.88 8.59
CA ASP A 30 4.94 -7.83 8.16
C ASP A 30 5.66 -6.48 8.12
N ILE A 31 4.97 -5.44 7.65
CA ILE A 31 5.47 -4.07 7.69
C ILE A 31 4.27 -3.19 8.05
N LEU A 32 4.29 -2.56 9.21
CA LEU A 32 3.18 -1.75 9.71
C LEU A 32 3.35 -0.33 9.13
N ILE A 33 2.33 0.24 8.47
CA ILE A 33 2.38 1.57 7.87
C ILE A 33 1.65 2.60 8.75
N VAL A 34 0.37 2.33 9.03
CA VAL A 34 -0.54 3.23 9.74
C VAL A 34 -1.08 2.43 10.92
N SER A 35 -1.07 3.02 12.11
CA SER A 35 -1.65 2.46 13.31
C SER A 35 -2.42 3.60 13.95
N GLU A 36 -3.73 3.48 14.15
CA GLU A 36 -4.60 4.52 14.68
C GLU A 36 -4.30 5.91 14.07
N GLY A 37 -4.21 5.92 12.73
CA GLY A 37 -3.98 7.10 11.89
C GLY A 37 -2.67 7.85 12.18
N LYS A 38 -1.75 7.28 12.96
CA LYS A 38 -0.51 7.87 13.46
C LYS A 38 0.60 8.00 12.40
N MET A 39 0.27 8.34 11.14
CA MET A 39 1.22 8.36 10.01
C MET A 39 2.59 8.89 10.43
N ALA A 40 3.55 7.96 10.36
CA ALA A 40 4.93 8.11 10.74
C ALA A 40 5.76 8.44 9.50
N PRO A 41 7.04 8.80 9.67
CA PRO A 41 7.97 9.02 8.57
C PRO A 41 8.39 7.69 7.90
N PHE A 42 7.55 6.65 7.96
CA PHE A 42 7.78 5.31 7.39
C PHE A 42 8.12 5.38 5.91
N THR A 43 7.67 6.44 5.24
CA THR A 43 7.75 6.64 3.81
C THR A 43 9.21 6.68 3.36
N HIS A 44 10.12 7.12 4.22
CA HIS A 44 11.55 7.07 3.94
C HIS A 44 11.97 5.61 3.73
N ASP A 45 11.83 4.80 4.77
CA ASP A 45 12.22 3.38 4.78
C ASP A 45 11.38 2.52 3.82
N PHE A 46 10.17 2.96 3.46
CA PHE A 46 9.35 2.29 2.45
C PHE A 46 10.07 2.49 1.10
N ARG A 47 10.37 3.75 0.77
CA ARG A 47 10.93 4.17 -0.52
C ARG A 47 12.41 3.82 -0.68
N LYS A 48 13.15 3.66 0.42
CA LYS A 48 14.54 3.21 0.56
C LYS A 48 14.47 1.99 1.46
N ALA A 49 14.78 0.79 0.98
CA ALA A 49 14.59 -0.41 1.81
C ALA A 49 15.31 -1.61 1.21
N GLN A 50 15.25 -2.71 1.95
CA GLN A 50 15.74 -4.01 1.53
C GLN A 50 14.80 -4.46 0.38
N GLN A 51 15.16 -5.48 -0.41
CA GLN A 51 14.39 -5.88 -1.60
C GLN A 51 12.92 -6.21 -1.30
N ARG A 52 12.57 -6.50 -0.03
CA ARG A 52 11.23 -6.73 0.49
C ARG A 52 10.21 -5.60 0.22
N MET A 53 10.58 -4.39 -0.25
CA MET A 53 9.59 -3.36 -0.61
C MET A 53 9.82 -2.64 -1.94
N PRO A 54 10.89 -1.83 -2.13
CA PRO A 54 11.06 -1.03 -3.34
C PRO A 54 11.15 -1.87 -4.61
N ALA A 55 12.26 -2.59 -4.78
CA ALA A 55 12.51 -3.37 -5.98
C ALA A 55 11.71 -4.67 -5.92
N ILE A 56 10.73 -4.82 -6.81
CA ILE A 56 9.78 -5.91 -6.86
C ILE A 56 10.06 -6.67 -8.16
N PRO A 57 10.52 -7.93 -8.11
CA PRO A 57 10.91 -8.65 -9.31
C PRO A 57 9.69 -9.08 -10.11
N VAL A 58 9.85 -9.35 -11.41
CA VAL A 58 8.83 -9.89 -12.30
C VAL A 58 8.07 -11.07 -11.66
N ASN A 59 8.78 -11.93 -10.91
CA ASN A 59 8.24 -13.07 -10.17
C ASN A 59 7.10 -12.67 -9.23
N ILE A 60 7.24 -11.55 -8.51
CA ILE A 60 6.17 -11.03 -7.69
C ILE A 60 5.29 -10.30 -8.71
N HIS A 61 4.09 -10.82 -8.93
CA HIS A 61 3.12 -10.16 -9.77
C HIS A 61 2.42 -9.08 -8.94
N SER A 62 2.14 -9.37 -7.67
CA SER A 62 1.36 -8.53 -6.78
C SER A 62 1.93 -8.57 -5.37
N MET A 63 1.56 -7.60 -4.53
CA MET A 63 1.88 -7.56 -3.11
C MET A 63 0.56 -7.64 -2.34
N ASN A 64 0.61 -8.04 -1.07
CA ASN A 64 -0.56 -8.04 -0.21
C ASN A 64 -0.43 -6.95 0.82
N PHE A 65 -1.29 -5.95 0.74
CA PHE A 65 -1.42 -4.91 1.73
C PHE A 65 -2.65 -5.35 2.52
N THR A 66 -2.82 -4.86 3.74
CA THR A 66 -3.92 -5.24 4.59
C THR A 66 -4.28 -4.03 5.41
N TRP A 67 -5.56 -3.73 5.57
CA TRP A 67 -5.96 -2.60 6.39
C TRP A 67 -7.28 -2.89 7.06
N GLN A 68 -7.59 -2.00 8.01
CA GLN A 68 -8.84 -2.02 8.73
C GLN A 68 -9.03 -0.83 9.66
N ALA A 69 -10.30 -0.45 9.83
CA ALA A 69 -10.65 0.56 10.82
C ALA A 69 -10.72 -0.28 12.12
N ALA A 70 -11.13 0.31 13.22
CA ALA A 70 -11.38 -0.37 14.46
C ALA A 70 -12.89 -0.29 14.61
N GLY A 71 -13.43 -1.45 14.91
CA GLY A 71 -14.80 -1.81 15.23
C GLY A 71 -15.90 -1.09 14.45
N GLN A 72 -16.47 0.02 14.95
CA GLN A 72 -17.44 0.91 14.29
C GLN A 72 -16.98 2.36 14.03
N ALA A 73 -15.68 2.58 13.94
CA ALA A 73 -14.98 3.81 13.59
C ALA A 73 -14.86 4.07 12.06
N GLU A 74 -15.86 3.75 11.22
CA GLU A 74 -15.77 3.83 9.76
C GLU A 74 -14.98 5.04 9.20
N TYR A 75 -13.84 4.72 8.55
CA TYR A 75 -12.96 5.62 7.81
C TYR A 75 -13.24 5.37 6.34
N PHE A 76 -13.34 6.42 5.53
CA PHE A 76 -13.57 6.36 4.10
C PHE A 76 -12.19 6.53 3.45
N TYR A 77 -11.93 5.97 2.27
CA TYR A 77 -10.69 6.19 1.54
C TYR A 77 -10.97 6.45 0.07
N GLU A 78 -10.01 7.05 -0.62
CA GLU A 78 -10.05 7.26 -2.07
C GLU A 78 -8.61 7.34 -2.55
N PHE A 79 -8.31 6.65 -3.64
CA PHE A 79 -6.99 6.63 -4.26
C PHE A 79 -6.87 7.90 -5.11
N LEU A 80 -6.11 8.88 -4.60
CA LEU A 80 -5.77 10.11 -5.29
C LEU A 80 -4.91 9.73 -6.51
N SER A 81 -3.95 8.83 -6.32
CA SER A 81 -3.10 8.32 -7.38
C SER A 81 -2.73 6.86 -7.08
N LEU A 82 -2.51 6.09 -8.13
CA LEU A 82 -2.10 4.69 -8.18
C LEU A 82 -1.78 4.48 -9.64
N ARG A 83 -0.52 4.64 -10.07
CA ARG A 83 -0.16 4.57 -11.49
C ARG A 83 1.34 4.34 -11.70
N SER A 84 1.71 3.90 -12.89
CA SER A 84 3.08 3.73 -13.29
C SER A 84 3.69 5.02 -13.82
N LEU A 85 5.02 5.04 -13.85
CA LEU A 85 5.85 6.19 -14.18
C LEU A 85 6.86 5.88 -15.29
N ASP A 86 6.93 4.65 -15.85
CA ASP A 86 7.98 4.33 -16.84
C ASP A 86 7.52 4.41 -18.30
N LYS A 87 8.50 4.51 -19.21
CA LYS A 87 8.39 4.65 -20.64
C LYS A 87 8.38 3.28 -21.31
N GLY A 88 9.44 2.51 -21.10
CA GLY A 88 9.68 1.23 -21.74
C GLY A 88 9.25 0.05 -20.88
N ILE A 89 9.58 0.05 -19.58
CA ILE A 89 9.27 -1.03 -18.64
C ILE A 89 7.81 -0.89 -18.15
N MET A 90 7.00 -0.24 -18.98
CA MET A 90 5.59 0.10 -18.87
C MET A 90 4.83 -1.11 -18.32
N ALA A 91 4.00 -0.80 -17.34
CA ALA A 91 3.19 -1.62 -16.48
C ALA A 91 2.23 -0.66 -15.80
N ASP A 92 1.30 -1.16 -15.00
CA ASP A 92 0.41 -0.37 -14.15
C ASP A 92 0.01 -1.11 -12.90
N PRO A 93 0.02 -0.45 -11.73
CA PRO A 93 -0.47 -1.04 -10.51
C PRO A 93 -1.99 -1.10 -10.59
N THR A 94 -2.57 -2.05 -9.86
CA THR A 94 -4.00 -2.24 -9.68
C THR A 94 -4.27 -2.70 -8.25
N VAL A 95 -5.50 -2.59 -7.76
CA VAL A 95 -5.89 -3.02 -6.42
C VAL A 95 -7.08 -3.99 -6.43
N ASN A 96 -7.18 -4.79 -5.37
CA ASN A 96 -8.26 -5.73 -5.05
C ASN A 96 -9.54 -5.05 -4.56
N VAL A 97 -9.62 -3.73 -4.66
CA VAL A 97 -10.74 -2.91 -4.22
C VAL A 97 -10.96 -1.79 -5.24
N PRO A 98 -12.12 -1.09 -5.21
CA PRO A 98 -12.33 0.06 -6.07
C PRO A 98 -11.38 1.20 -5.68
N LEU A 99 -11.27 2.20 -6.57
CA LEU A 99 -10.49 3.42 -6.36
C LEU A 99 -11.04 4.26 -5.19
N LEU A 100 -12.21 3.94 -4.61
CA LEU A 100 -12.75 4.57 -3.41
C LEU A 100 -13.48 3.50 -2.60
N GLY A 101 -13.77 3.77 -1.33
CA GLY A 101 -14.45 2.81 -0.46
C GLY A 101 -14.30 3.21 0.99
N THR A 102 -14.51 2.27 1.90
CA THR A 102 -14.29 2.47 3.32
C THR A 102 -13.25 1.45 3.80
N VAL A 103 -12.44 1.81 4.79
CA VAL A 103 -11.42 0.94 5.34
C VAL A 103 -12.17 -0.06 6.24
N PRO A 104 -12.20 -1.37 5.91
CA PRO A 104 -13.02 -2.32 6.64
C PRO A 104 -12.38 -2.78 7.94
N HIS A 105 -13.08 -2.55 9.05
CA HIS A 105 -12.60 -2.79 10.41
C HIS A 105 -12.32 -4.26 10.66
N LYS A 106 -12.92 -5.09 9.85
CA LYS A 106 -12.76 -6.50 9.84
C LYS A 106 -11.60 -6.61 8.82
N ALA A 107 -10.42 -7.02 9.29
CA ALA A 107 -9.15 -7.07 8.53
C ALA A 107 -9.34 -7.57 7.11
N SER A 108 -9.04 -6.73 6.11
CA SER A 108 -9.18 -7.12 4.72
C SER A 108 -7.88 -6.86 3.96
N VAL A 109 -7.56 -7.77 3.03
CA VAL A 109 -6.32 -7.80 2.27
C VAL A 109 -6.55 -7.08 0.94
N VAL A 110 -5.85 -5.98 0.72
CA VAL A 110 -5.85 -5.28 -0.56
C VAL A 110 -4.65 -5.85 -1.29
N GLN A 111 -4.89 -6.74 -2.25
CA GLN A 111 -3.82 -7.24 -3.10
C GLN A 111 -3.57 -6.12 -4.09
N VAL A 112 -2.35 -5.61 -4.18
CA VAL A 112 -1.95 -4.63 -5.15
C VAL A 112 -1.28 -5.44 -6.25
N GLY A 113 -1.83 -5.51 -7.46
CA GLY A 113 -1.30 -6.28 -8.57
C GLY A 113 -0.56 -5.39 -9.52
N PHE A 114 0.51 -5.87 -10.16
CA PHE A 114 1.37 -5.07 -11.01
C PHE A 114 1.56 -5.76 -12.37
N PRO A 115 0.54 -5.77 -13.25
CA PRO A 115 0.66 -6.28 -14.60
C PRO A 115 1.65 -5.40 -15.37
N CYS A 116 2.66 -6.02 -15.99
CA CYS A 116 3.65 -5.35 -16.82
C CYS A 116 3.36 -5.66 -18.28
N LEU A 117 3.67 -4.73 -19.19
CA LEU A 117 3.48 -4.96 -20.62
C LEU A 117 4.58 -5.85 -21.19
N GLY A 118 5.68 -6.02 -20.45
CA GLY A 118 6.77 -6.92 -20.74
C GLY A 118 7.41 -6.61 -22.09
N LYS A 119 7.79 -5.36 -22.34
CA LYS A 119 8.39 -4.99 -23.63
C LYS A 119 9.85 -4.62 -23.50
N GLN A 120 10.20 -3.66 -22.65
CA GLN A 120 11.59 -3.34 -22.37
C GLN A 120 11.95 -4.12 -21.10
N ASP A 121 13.21 -4.50 -21.01
CA ASP A 121 13.79 -5.19 -19.86
C ASP A 121 14.37 -4.10 -18.97
N GLY A 122 14.21 -4.22 -17.66
CA GLY A 122 14.68 -3.20 -16.72
C GLY A 122 13.74 -3.06 -15.55
N VAL A 123 13.71 -1.87 -14.95
CA VAL A 123 12.94 -1.60 -13.75
C VAL A 123 12.12 -0.33 -13.97
N ALA A 124 10.80 -0.47 -14.00
CA ALA A 124 9.89 0.68 -14.05
C ALA A 124 9.65 1.11 -12.60
N ALA A 125 9.00 2.25 -12.43
CA ALA A 125 8.58 2.76 -11.14
C ALA A 125 7.07 3.00 -11.19
N PHE A 126 6.38 2.89 -10.06
CA PHE A 126 4.96 3.21 -9.93
C PHE A 126 4.73 3.80 -8.54
N GLU A 127 3.68 4.59 -8.38
CA GLU A 127 3.34 5.34 -7.20
C GLU A 127 1.91 5.06 -6.74
N VAL A 128 1.64 5.37 -5.46
CA VAL A 128 0.34 5.32 -4.83
C VAL A 128 0.20 6.53 -3.88
N ASP A 129 -0.97 7.18 -3.85
CA ASP A 129 -1.38 8.27 -2.97
C ASP A 129 -2.86 8.04 -2.65
N VAL A 130 -3.23 7.90 -1.37
CA VAL A 130 -4.60 7.62 -0.96
C VAL A 130 -4.93 8.57 0.17
N ILE A 131 -6.00 9.33 -0.01
CA ILE A 131 -6.57 10.19 0.99
C ILE A 131 -7.60 9.34 1.73
N VAL A 132 -8.00 9.84 2.87
CA VAL A 132 -8.89 9.19 3.81
C VAL A 132 -9.70 10.31 4.42
N MET A 133 -11.00 10.09 4.49
CA MET A 133 -11.98 11.04 4.94
C MET A 133 -12.96 10.31 5.85
N ASN A 134 -13.88 11.04 6.45
CA ASN A 134 -14.96 10.43 7.22
C ASN A 134 -16.09 10.23 6.19
N SER A 135 -17.21 9.60 6.56
CA SER A 135 -18.28 9.33 5.60
C SER A 135 -18.97 10.61 5.05
N GLU A 136 -18.64 11.82 5.53
CA GLU A 136 -19.15 13.07 4.98
C GLU A 136 -18.25 13.56 3.85
N GLY A 137 -17.03 13.02 3.72
CA GLY A 137 -16.01 13.46 2.78
C GLY A 137 -15.02 14.44 3.43
N ASN A 138 -15.16 14.76 4.72
CA ASN A 138 -14.17 15.60 5.41
C ASN A 138 -12.88 14.80 5.57
N THR A 139 -11.82 15.27 4.93
CA THR A 139 -10.51 14.63 4.88
C THR A 139 -9.88 14.67 6.28
N ILE A 140 -9.16 13.61 6.65
CA ILE A 140 -8.58 13.44 7.97
C ILE A 140 -7.16 12.85 7.94
N LEU A 141 -6.89 11.94 7.01
CA LEU A 141 -5.66 11.18 6.89
C LEU A 141 -5.29 11.15 5.39
N GLN A 142 -4.00 11.16 5.04
CA GLN A 142 -3.54 11.02 3.65
C GLN A 142 -2.20 10.29 3.66
N THR A 143 -1.91 9.56 2.58
CA THR A 143 -0.70 8.77 2.41
C THR A 143 0.34 9.70 1.80
N PRO A 144 1.43 10.04 2.50
CA PRO A 144 2.37 11.03 2.01
C PRO A 144 3.11 10.56 0.76
N GLN A 145 3.46 11.53 -0.08
CA GLN A 145 4.05 11.22 -1.35
C GLN A 145 5.53 10.94 -1.14
N ASN A 146 5.87 9.67 -1.37
CA ASN A 146 7.09 8.86 -1.45
C ASN A 146 6.77 7.38 -1.56
N ALA A 147 5.51 6.99 -1.28
CA ALA A 147 4.97 5.66 -1.44
C ALA A 147 5.04 5.25 -2.93
N ILE A 148 6.23 4.81 -3.32
CA ILE A 148 6.65 4.47 -4.66
C ILE A 148 7.36 3.14 -4.56
N PHE A 149 7.23 2.36 -5.62
CA PHE A 149 7.86 1.06 -5.77
C PHE A 149 8.52 1.02 -7.15
N PHE A 150 9.29 -0.03 -7.38
CA PHE A 150 10.11 -0.22 -8.55
C PHE A 150 9.89 -1.64 -9.01
N LYS A 151 9.28 -1.87 -10.18
CA LYS A 151 8.92 -3.22 -10.60
C LYS A 151 9.84 -3.59 -11.74
N THR A 152 10.50 -4.72 -11.60
CA THR A 152 11.50 -5.20 -12.53
C THR A 152 10.78 -6.13 -13.49
N CYS A 153 10.73 -5.76 -14.77
CA CYS A 153 10.17 -6.59 -15.83
C CYS A 153 11.26 -6.99 -16.83
N LEU A 154 10.92 -7.96 -17.66
CA LEU A 154 11.72 -8.44 -18.77
C LEU A 154 10.81 -8.51 -19.99
N GLN A 155 11.37 -8.55 -21.19
CA GLN A 155 10.65 -8.69 -22.44
C GLN A 155 10.00 -10.07 -22.52
N ALA A 156 8.71 -10.12 -22.85
CA ALA A 156 7.93 -11.33 -23.07
C ALA A 156 6.71 -10.97 -23.93
N GLU A 157 6.09 -11.99 -24.51
CA GLU A 157 4.86 -12.01 -25.27
C GLU A 157 4.35 -13.45 -25.14
#